data_8GAN
#
_entry.id   8GAN
#
loop_
_entity.id
_entity.type
_entity.pdbx_description
1 polymer Cas7
2 polymer Cas11
3 polymer Cas8
4 polymer 'crRNA (43-MER)'
5 polymer 'Target strand DNA (53-MER)'
6 polymer Cas5
7 polymer "Proximal Non target strand DNA (5'-D(P*AP*TP*GP*AP*AP*CP*TP*TP*CP*AP*AP*AP*AP*AP*AP*AP*AP*AP*A)-3')"
8 polymer "Distal Non target strand DNA (5'-D(P*AP*TP*TP*AP*TP*AP*TP*TP*AP*AP*TP*AP*TP*TP*AP*TP*AP*TP*TP*TP*A)-3')"
#
loop_
_entity_poly.entity_id
_entity_poly.type
_entity_poly.pdbx_seq_one_letter_code
_entity_poly.pdbx_strand_id
1 'polypeptide(L)'
;TIEKRYDFVFLFDVQDGNPNGDPDAGNLPRIDPQTGEGLVTDVCLKRKVRNFIQMTQNDEHHDIFIREKGILNNLIDEAH
EQENVKGKEKGEKTEAARQYMCSRYYDIRTFGAVMTTGKNAGQVRGPVQLTFSRSIDPIMTLEHSITRMAVTNEKDASET
GDNRTMGRKFTVPYGLYRCHGFISTHFAKQTGFSENDLELFWQALVNMFDHDHSAARGQMNARGLYVFEHSNNLGDAPAD
SLFKRIQVVKKDGVEVVRSFDDYLVSVDDKNLEETKLLRKLGG
;
A,B,C,D,E,F,M
2 'polypeptide(L)'
;GLDRNRQDIGYVLGRLFAVLEKIQAEANPGLNATIADRYFGSASSTPIAVFGTLMRLLPHHLNKLEFEGRAVQLQWEIRQ
ILEHCQRFPNHLNLEQQGLFAIGYYHETQFLFTKDALKNLFNEA
;
G,I,J
3 'polypeptide(L)'
;MILHALTQYYQRKAESDGGIAQEGFENKEIPFIIVIDKQGNFIQLEDTRELKVKKKVGRTFLVPKGLGRSGSKSYEVSNL
LWDHYGYVLAYAGEKGQEQADKQHASFTAKVNELKQALPDDAGVTAVAAFLSSAEEKSKVMQAANWAECAKVKGCNLSFR
LVDEAVDLVCQSKAVREYVSQANQTQSDNAQKGICLVTGKAAPIARLHNAVKGVNAKPAPFASVNLSAFESYGKEQGFAF
PIGEQAMFEYTTALNTLLAGENRFRIGDVTTVCWGAKRTPLEESLASMINGGGKDNPDAHIDAVKALYKSLYNGQYCKPD
GEDKFYLLGLSPNSARIVVRFWHETTVAALSESIAAWYDDLQMVRGENSPYPEYMPLPRLLGNLVLDGKMENLPSDLIAQ
ITDAALNNRVLPVSLLQAALRRNKAEQKITYGRASLLKAYINRAIRAGRLKNMKELTMGLDRNRQDIGYVLGRLFAVLEK
IQAEANPGLNATIADRYFGSASSTPIAVFGTLMRLLPHHLNKLEFEGRAVQLQWEIRQILEHCQRFPNHLNLEQQGLFAI
GYYHETQFLFTKDALKNLFNEA
;
H
4 'polyribonucleotide' GUUGAAACAGGGUCAGCUUGCCGUAGGUGGCAUCGCCCUCGUC K
5 'polydeoxyribonucleotide'
;(DA)(DG)(DG)(DA)(DG)(DG)(DG)(DC)(DG)(DA)(DG)(DG)(DG)(DC)(DG)(DA)(DT)(DG)(DC)(DC)
(DA)(DC)(DC)(DT)(DA)(DC)(DG)(DG)(DC)(DA)(DA)(DG)(DC)(DT)(DG)(DA)(DC)(DC)(DC)(DT)
(DG)(DA)(DA)(DG)(DT)(DT)(DC)(DA)(DT)(DC)(DT)(DG)(DC)
;
L
6 'polypeptide(L)'
;RFILEISGDLACFTRSELKVERVSYPVITPSAARNILMAILWKPAIRWKVLKIEILKPIQWTNIRRNEVGTKMSERSGSL
YIEDNRQQRASMLLKDVAYRIHADFDMTSEAGESDNYVKFAEMFKRRAKKGQYFHQPYLGCREFPCDFRLLEKAEDGLPL
EDITQDFGFMLYDMDFSKSDPRDSNNAEPMFYQCKAVNGVITVPP
;
N
7 'polydeoxyribonucleotide' (DA)(DT)(DG)(DA)(DA)(DC)(DT)(DT)(DC)(DA)(DA)(DA)(DA)(DA)(DA)(DA)(DA)(DA)(DA) O
8 'polydeoxyribonucleotide'
;(DA)(DT)(DT)(DA)(DT)(DA)(DT)(DT)(DA)(DA)(DT)(DA)(DT)(DT)(DA)(DT)(DA)(DT)(DT)(DT)
(DA)
;
Q
#
loop_
_chem_comp.id
_chem_comp.type
_chem_comp.name
_chem_comp.formula
A RNA linking ADENOSINE-5'-MONOPHOSPHATE 'C10 H14 N5 O7 P'
C RNA linking CYTIDINE-5'-MONOPHOSPHATE 'C9 H14 N3 O8 P'
DA DNA linking 2'-DEOXYADENOSINE-5'-MONOPHOSPHATE 'C10 H14 N5 O6 P'
DC DNA linking 2'-DEOXYCYTIDINE-5'-MONOPHOSPHATE 'C9 H14 N3 O7 P'
DG DNA linking 2'-DEOXYGUANOSINE-5'-MONOPHOSPHATE 'C10 H14 N5 O7 P'
DT DNA linking THYMIDINE-5'-MONOPHOSPHATE 'C10 H15 N2 O8 P'
G RNA linking GUANOSINE-5'-MONOPHOSPHATE 'C10 H14 N5 O8 P'
U RNA linking URIDINE-5'-MONOPHOSPHATE 'C9 H13 N2 O9 P'
#
# COMPACT_ATOMS: atom_id res chain seq x y z
N THR A 1 30.92 -21.95 26.44
CA THR A 1 30.63 -20.70 25.75
C THR A 1 31.77 -20.33 24.80
N ILE A 2 31.41 -19.97 23.57
CA ILE A 2 32.41 -19.60 22.58
C ILE A 2 32.93 -18.20 22.88
N GLU A 3 34.12 -17.90 22.35
CA GLU A 3 34.76 -16.62 22.57
C GLU A 3 35.27 -15.96 21.29
N LYS A 4 35.16 -16.63 20.15
CA LYS A 4 35.62 -16.10 18.87
C LYS A 4 34.44 -15.72 17.99
N ARG A 5 34.69 -14.80 17.06
CA ARG A 5 33.69 -14.36 16.10
C ARG A 5 33.87 -15.13 14.80
N TYR A 6 32.75 -15.63 14.26
CA TYR A 6 32.77 -16.44 13.05
C TYR A 6 31.91 -15.76 11.99
N ASP A 7 32.51 -15.47 10.84
CA ASP A 7 31.83 -14.87 9.70
C ASP A 7 31.88 -15.86 8.54
N PHE A 8 30.93 -16.79 8.54
CA PHE A 8 30.91 -17.85 7.53
C PHE A 8 30.25 -17.35 6.25
N VAL A 9 30.78 -17.80 5.11
CA VAL A 9 30.23 -17.47 3.80
C VAL A 9 29.57 -18.71 3.22
N PHE A 10 28.33 -18.98 3.63
CA PHE A 10 27.63 -20.17 3.17
C PHE A 10 27.26 -20.04 1.70
N LEU A 11 27.58 -21.07 0.92
CA LEU A 11 27.29 -21.10 -0.52
C LEU A 11 26.57 -22.40 -0.83
N PHE A 12 25.37 -22.27 -1.41
CA PHE A 12 24.56 -23.44 -1.75
C PHE A 12 23.73 -23.11 -2.98
N ASP A 13 23.47 -24.14 -3.79
CA ASP A 13 22.69 -23.97 -5.02
C ASP A 13 21.50 -24.92 -5.03
N VAL A 14 20.88 -25.09 -6.20
CA VAL A 14 19.73 -25.97 -6.36
C VAL A 14 19.76 -26.54 -7.77
N GLN A 15 19.64 -27.86 -7.88
CA GLN A 15 19.68 -28.51 -9.18
C GLN A 15 18.38 -28.29 -9.95
N ASP A 16 17.27 -28.82 -9.42
CA ASP A 16 15.98 -28.67 -10.09
C ASP A 16 14.89 -28.80 -9.04
N GLY A 17 14.22 -27.69 -8.77
CA GLY A 17 13.15 -27.69 -7.78
C GLY A 17 12.88 -26.29 -7.26
N ASN A 18 12.01 -26.25 -6.26
CA ASN A 18 11.63 -24.99 -5.61
C ASN A 18 12.28 -24.92 -4.24
N PRO A 19 13.38 -24.18 -4.07
CA PRO A 19 14.04 -24.12 -2.76
C PRO A 19 13.21 -23.38 -1.73
N ASN A 20 13.45 -22.08 -1.59
CA ASN A 20 12.72 -21.23 -0.65
C ASN A 20 11.61 -20.53 -1.41
N GLY A 21 10.44 -21.18 -1.44
CA GLY A 21 9.32 -20.64 -2.18
C GLY A 21 8.52 -19.62 -1.40
N ASP A 22 7.85 -18.74 -2.15
CA ASP A 22 6.69 -17.98 -1.73
C ASP A 22 6.96 -16.86 -0.74
N PRO A 23 7.06 -15.62 -1.22
CA PRO A 23 6.79 -14.47 -0.35
C PRO A 23 5.34 -14.05 -0.50
N ASP A 24 4.45 -15.05 -0.49
CA ASP A 24 3.05 -14.91 -0.90
C ASP A 24 2.97 -14.53 -2.38
N ALA A 25 3.27 -15.54 -3.22
CA ALA A 25 3.24 -15.37 -4.67
C ALA A 25 2.77 -16.63 -5.39
N GLY A 26 2.12 -17.56 -4.68
CA GLY A 26 1.66 -18.82 -5.24
C GLY A 26 2.56 -19.99 -4.89
N ASN A 27 3.61 -20.19 -5.70
CA ASN A 27 4.53 -21.29 -5.46
C ASN A 27 5.87 -21.05 -6.16
N LEU A 28 6.26 -19.78 -6.29
CA LEU A 28 7.53 -19.46 -6.93
C LEU A 28 8.56 -19.05 -5.88
N PRO A 29 9.84 -19.36 -6.11
CA PRO A 29 10.87 -18.96 -5.16
C PRO A 29 11.07 -17.46 -5.16
N ARG A 30 11.61 -16.95 -4.05
CA ARG A 30 11.87 -15.53 -3.90
C ARG A 30 12.98 -15.08 -4.85
N ILE A 31 12.64 -14.20 -5.80
CA ILE A 31 13.59 -13.70 -6.78
C ILE A 31 13.58 -12.18 -6.76
N ASP A 32 14.70 -11.59 -7.17
CA ASP A 32 14.80 -10.14 -7.20
C ASP A 32 13.97 -9.59 -8.36
N PRO A 33 13.04 -8.67 -8.10
CA PRO A 33 12.22 -8.16 -9.21
C PRO A 33 12.99 -7.27 -10.17
N GLN A 34 13.85 -6.39 -9.64
CA GLN A 34 14.57 -5.45 -10.50
C GLN A 34 15.58 -6.16 -11.37
N THR A 35 16.26 -7.18 -10.83
CA THR A 35 17.29 -7.91 -11.57
C THR A 35 16.83 -9.31 -11.91
N GLY A 36 16.86 -10.24 -10.97
CA GLY A 36 16.44 -11.61 -11.22
C GLY A 36 17.18 -12.63 -10.39
N GLU A 37 17.92 -12.15 -9.39
CA GLU A 37 18.67 -13.03 -8.52
C GLU A 37 17.75 -13.73 -7.52
N GLY A 38 17.95 -15.03 -7.37
CA GLY A 38 17.14 -15.80 -6.44
C GLY A 38 17.52 -15.50 -4.99
N LEU A 39 16.51 -15.50 -4.12
CA LEU A 39 16.69 -15.23 -2.70
C LEU A 39 16.14 -16.38 -1.88
N VAL A 40 16.87 -16.75 -0.83
CA VAL A 40 16.49 -17.83 0.06
C VAL A 40 16.55 -17.33 1.49
N THR A 41 15.46 -17.50 2.23
CA THR A 41 15.41 -17.05 3.61
C THR A 41 16.25 -17.95 4.51
N ASP A 42 16.65 -17.41 5.66
CA ASP A 42 17.47 -18.16 6.60
C ASP A 42 16.65 -19.17 7.40
N VAL A 43 15.32 -19.03 7.44
CA VAL A 43 14.50 -19.94 8.21
C VAL A 43 14.49 -21.33 7.57
N CYS A 44 14.68 -21.40 6.25
CA CYS A 44 14.78 -22.71 5.60
C CYS A 44 16.03 -23.44 6.07
N LEU A 45 17.17 -22.75 6.11
CA LEU A 45 18.40 -23.36 6.61
C LEU A 45 18.26 -23.71 8.09
N LYS A 46 17.58 -22.87 8.85
CA LYS A 46 17.37 -23.16 10.27
C LYS A 46 16.54 -24.42 10.45
N ARG A 47 15.49 -24.58 9.64
CA ARG A 47 14.66 -25.78 9.74
C ARG A 47 15.40 -27.02 9.27
N LYS A 48 16.26 -26.87 8.24
CA LYS A 48 17.09 -28.00 7.82
C LYS A 48 18.05 -28.42 8.93
N VAL A 49 18.65 -27.44 9.62
CA VAL A 49 19.53 -27.75 10.74
C VAL A 49 18.75 -28.44 11.86
N ARG A 50 17.54 -27.95 12.13
CA ARG A 50 16.70 -28.57 13.16
C ARG A 50 16.37 -30.01 12.80
N ASN A 51 16.03 -30.28 11.54
CA ASN A 51 15.73 -31.64 11.12
C ASN A 51 16.97 -32.53 11.22
N PHE A 52 18.13 -32.02 10.84
CA PHE A 52 19.36 -32.79 10.97
C PHE A 52 19.65 -33.13 12.42
N ILE A 53 19.41 -32.18 13.33
CA ILE A 53 19.62 -32.44 14.75
C ILE A 53 18.61 -33.45 15.27
N GLN A 54 17.36 -33.35 14.80
CA GLN A 54 16.33 -34.30 15.24
C GLN A 54 16.65 -35.71 14.78
N MET A 55 17.25 -35.85 13.60
CA MET A 55 17.56 -37.17 13.07
C MET A 55 18.95 -37.67 13.49
N THR A 56 19.79 -36.82 14.05
CA THR A 56 21.14 -37.20 14.47
C THR A 56 21.43 -36.78 15.90
N GLN A 57 20.53 -37.14 16.82
CA GLN A 57 20.73 -36.87 18.24
C GLN A 57 19.85 -37.74 19.11
N ASN A 58 18.60 -37.31 19.33
CA ASN A 58 17.64 -38.02 20.17
C ASN A 58 18.19 -38.18 21.59
N ASP A 59 18.27 -37.05 22.29
CA ASP A 59 18.76 -37.00 23.65
C ASP A 59 18.22 -35.75 24.32
N GLU A 60 18.50 -35.63 25.62
CA GLU A 60 18.05 -34.48 26.39
C GLU A 60 19.10 -33.37 26.32
N HIS A 61 18.78 -32.24 26.95
CA HIS A 61 19.62 -31.04 26.98
C HIS A 61 19.86 -30.46 25.60
N HIS A 62 19.14 -30.91 24.58
CA HIS A 62 19.27 -30.44 23.21
C HIS A 62 17.91 -30.61 22.52
N ASP A 63 16.91 -29.90 23.03
CA ASP A 63 15.57 -29.96 22.46
C ASP A 63 15.57 -29.43 21.04
N ILE A 64 14.72 -30.02 20.21
CA ILE A 64 14.75 -29.80 18.76
C ILE A 64 13.54 -29.01 18.28
N PHE A 65 12.64 -28.60 19.18
CA PHE A 65 11.42 -27.87 18.84
C PHE A 65 10.55 -28.72 17.92
N ILE A 66 9.58 -29.43 18.50
CA ILE A 66 8.78 -30.40 17.78
C ILE A 66 7.96 -29.73 16.68
N ARG A 67 7.41 -30.55 15.77
CA ARG A 67 6.79 -30.07 14.54
C ARG A 67 5.37 -29.56 14.76
N GLU A 68 4.41 -30.17 14.07
CA GLU A 68 3.03 -29.68 14.11
C GLU A 68 2.40 -29.93 15.48
N LYS A 69 2.66 -31.08 16.08
CA LYS A 69 2.07 -31.42 17.36
C LYS A 69 2.88 -30.84 18.51
N GLY A 70 3.14 -29.54 18.47
CA GLY A 70 3.91 -28.89 19.51
C GLY A 70 3.45 -27.48 19.81
N ILE A 71 2.49 -27.36 20.74
CA ILE A 71 2.01 -26.05 21.15
C ILE A 71 3.09 -25.35 21.98
N LEU A 72 3.43 -24.12 21.59
CA LEU A 72 4.46 -23.38 22.30
C LEU A 72 4.04 -23.05 23.73
N ASN A 73 2.75 -22.77 23.94
CA ASN A 73 2.28 -22.48 25.29
C ASN A 73 2.41 -23.71 26.19
N ASN A 74 2.10 -24.89 25.65
CA ASN A 74 2.23 -26.12 26.42
C ASN A 74 3.69 -26.38 26.79
N LEU A 75 4.61 -26.18 25.85
CA LEU A 75 6.02 -26.39 26.13
C LEU A 75 6.53 -25.37 27.16
N ILE A 76 6.06 -24.12 27.06
CA ILE A 76 6.46 -23.11 28.04
C ILE A 76 5.94 -23.45 29.42
N ASP A 77 4.70 -23.92 29.50
CA ASP A 77 4.13 -24.31 30.80
C ASP A 77 4.86 -25.53 31.37
N GLU A 78 5.28 -26.45 30.50
CA GLU A 78 6.02 -27.62 30.97
C GLU A 78 7.41 -27.22 31.46
N ALA A 79 8.06 -26.28 30.78
CA ALA A 79 9.37 -25.82 31.22
C ALA A 79 9.29 -24.91 32.44
N HIS A 80 8.12 -24.33 32.72
CA HIS A 80 7.96 -23.48 33.89
C HIS A 80 7.84 -24.29 35.16
N GLU A 81 7.23 -25.47 35.09
CA GLU A 81 7.05 -26.34 36.25
C GLU A 81 8.30 -27.21 36.46
N GLN A 82 9.41 -26.54 36.75
CA GLN A 82 10.67 -27.22 36.97
C GLN A 82 11.31 -26.77 38.27
N GLU A 83 12.31 -25.89 38.19
CA GLU A 83 13.00 -25.38 39.37
C GLU A 83 12.46 -24.05 39.85
N ASN A 84 11.89 -23.24 38.97
CA ASN A 84 11.33 -21.94 39.33
C ASN A 84 9.83 -21.94 39.05
N VAL A 85 9.08 -22.59 39.93
CA VAL A 85 7.64 -22.67 39.77
C VAL A 85 6.98 -21.35 40.12
N LYS A 86 7.32 -20.80 41.29
CA LYS A 86 6.74 -19.54 41.74
C LYS A 86 7.66 -18.82 42.70
N GLY A 87 8.48 -19.56 43.44
CA GLY A 87 9.38 -18.98 44.41
C GLY A 87 10.62 -18.35 43.79
N LYS A 88 10.41 -17.32 42.96
CA LYS A 88 11.54 -16.63 42.34
C LYS A 88 11.26 -15.18 42.02
N GLU A 89 10.09 -14.64 42.38
CA GLU A 89 9.77 -13.22 42.20
C GLU A 89 9.82 -12.81 40.73
N LYS A 90 8.85 -13.32 39.97
CA LYS A 90 8.57 -13.01 38.57
C LYS A 90 9.75 -12.49 37.75
N GLY A 91 10.31 -11.35 38.15
CA GLY A 91 11.38 -10.70 37.42
C GLY A 91 12.56 -11.61 37.08
N GLU A 92 13.33 -12.01 38.10
CA GLU A 92 14.42 -12.94 37.87
C GLU A 92 13.92 -14.35 37.55
N LYS A 93 12.65 -14.64 37.85
CA LYS A 93 12.09 -15.93 37.47
C LYS A 93 12.08 -16.10 35.96
N THR A 94 11.76 -15.03 35.23
CA THR A 94 11.78 -15.10 33.77
C THR A 94 13.20 -15.36 33.25
N GLU A 95 14.19 -14.70 33.84
CA GLU A 95 15.57 -14.94 33.42
C GLU A 95 16.03 -16.35 33.75
N ALA A 96 15.62 -16.87 34.91
CA ALA A 96 15.98 -18.24 35.27
C ALA A 96 15.34 -19.24 34.31
N ALA A 97 14.07 -19.03 33.97
CA ALA A 97 13.41 -19.91 33.01
C ALA A 97 14.05 -19.81 31.64
N ARG A 98 14.46 -18.62 31.23
CA ARG A 98 15.14 -18.45 29.95
C ARG A 98 16.47 -19.19 29.93
N GLN A 99 17.23 -19.09 31.02
CA GLN A 99 18.51 -19.81 31.10
C GLN A 99 18.28 -21.32 31.10
N TYR A 100 17.24 -21.79 31.80
CA TYR A 100 16.94 -23.22 31.80
C TYR A 100 16.57 -23.70 30.41
N MET A 101 15.75 -22.93 29.69
CA MET A 101 15.38 -23.31 28.33
C MET A 101 16.57 -23.26 27.39
N CYS A 102 17.49 -22.31 27.59
CA CYS A 102 18.69 -22.25 26.77
C CYS A 102 19.58 -23.46 27.03
N SER A 103 19.70 -23.88 28.29
CA SER A 103 20.47 -25.07 28.62
C SER A 103 19.77 -26.34 28.19
N ARG A 104 18.45 -26.31 27.99
CA ARG A 104 17.69 -27.47 27.57
C ARG A 104 17.41 -27.51 26.07
N TYR A 105 17.10 -26.38 25.46
CA TYR A 105 16.79 -26.33 24.04
C TYR A 105 18.02 -25.97 23.23
N TYR A 106 18.11 -26.55 22.03
CA TYR A 106 19.19 -26.25 21.10
C TYR A 106 18.82 -25.20 20.07
N ASP A 107 17.56 -25.16 19.65
CA ASP A 107 17.13 -24.15 18.69
C ASP A 107 17.19 -22.75 19.30
N ILE A 108 16.77 -22.62 20.55
CA ILE A 108 16.83 -21.31 21.21
C ILE A 108 18.25 -20.96 21.58
N ARG A 109 19.12 -21.97 21.76
CA ARG A 109 20.51 -21.70 22.10
C ARG A 109 21.29 -21.23 20.88
N THR A 110 21.06 -21.86 19.73
CA THR A 110 21.76 -21.45 18.52
C THR A 110 21.11 -20.24 17.87
N PHE A 111 19.79 -20.30 17.68
CA PHE A 111 19.04 -19.20 17.09
C PHE A 111 18.18 -18.59 18.19
N GLY A 112 16.88 -18.85 18.20
CA GLY A 112 16.02 -18.29 19.24
C GLY A 112 14.59 -18.69 19.01
N ALA A 113 13.74 -18.31 19.97
CA ALA A 113 12.32 -18.62 19.91
C ALA A 113 11.56 -17.62 20.75
N VAL A 114 10.26 -17.55 20.52
CA VAL A 114 9.38 -16.64 21.28
C VAL A 114 8.89 -17.36 22.52
N MET A 115 9.25 -16.83 23.69
CA MET A 115 8.86 -17.39 24.98
C MET A 115 8.11 -16.37 25.81
N THR A 116 7.38 -15.47 25.16
CA THR A 116 6.64 -14.40 25.81
C THR A 116 5.14 -14.56 25.62
N THR A 117 4.66 -15.80 25.65
CA THR A 117 3.24 -16.07 25.47
C THR A 117 2.47 -15.82 26.76
N GLY A 118 1.75 -16.83 27.25
CA GLY A 118 1.03 -16.72 28.49
C GLY A 118 1.95 -16.55 29.68
N LYS A 119 2.60 -17.63 30.11
CA LYS A 119 3.59 -17.56 31.17
C LYS A 119 4.89 -17.02 30.60
N ASN A 120 5.10 -15.71 30.70
CA ASN A 120 6.28 -15.08 30.10
C ASN A 120 7.56 -15.54 30.81
N ALA A 121 8.62 -15.67 30.02
CA ALA A 121 9.91 -16.10 30.55
C ALA A 121 11.04 -15.38 29.83
N GLY A 122 10.80 -14.14 29.41
CA GLY A 122 11.82 -13.38 28.71
C GLY A 122 11.97 -13.82 27.26
N GLN A 123 13.01 -13.28 26.64
CA GLN A 123 13.31 -13.58 25.24
C GLN A 123 14.82 -13.71 25.08
N VAL A 124 15.22 -14.48 24.06
CA VAL A 124 16.62 -14.76 23.79
C VAL A 124 17.06 -13.93 22.58
N ARG A 125 18.11 -13.13 22.76
CA ARG A 125 18.61 -12.32 21.66
C ARG A 125 19.19 -13.20 20.55
N GLY A 126 19.87 -14.27 20.91
CA GLY A 126 20.40 -15.20 19.95
C GLY A 126 21.80 -14.83 19.48
N PRO A 127 22.73 -15.78 19.57
CA PRO A 127 24.10 -15.52 19.11
C PRO A 127 24.24 -15.63 17.60
N VAL A 128 24.08 -16.84 17.09
CA VAL A 128 24.17 -17.08 15.65
C VAL A 128 22.90 -16.55 14.99
N GLN A 129 23.07 -15.63 14.04
CA GLN A 129 21.95 -15.01 13.33
C GLN A 129 22.28 -15.01 11.84
N LEU A 130 21.69 -15.96 11.11
CA LEU A 130 21.89 -16.04 9.68
C LEU A 130 21.10 -14.94 8.97
N THR A 131 21.43 -14.73 7.70
CA THR A 131 20.81 -13.70 6.87
C THR A 131 20.10 -14.35 5.68
N PHE A 132 19.47 -13.51 4.87
CA PHE A 132 18.78 -13.98 3.69
C PHE A 132 19.77 -14.20 2.55
N SER A 133 19.64 -15.34 1.88
CA SER A 133 20.56 -15.67 0.79
C SER A 133 20.22 -14.86 -0.46
N ARG A 134 21.20 -14.78 -1.35
CA ARG A 134 21.03 -14.05 -2.62
C ARG A 134 22.03 -14.57 -3.63
N SER A 135 21.55 -14.91 -4.82
CA SER A 135 22.43 -15.39 -5.88
C SER A 135 23.07 -14.21 -6.62
N ILE A 136 23.97 -14.52 -7.54
CA ILE A 136 24.69 -13.53 -8.32
C ILE A 136 24.12 -13.43 -9.74
N ASP A 137 24.08 -14.54 -10.46
CA ASP A 137 23.54 -14.54 -11.81
C ASP A 137 22.02 -14.48 -11.76
N PRO A 138 21.38 -13.62 -12.56
CA PRO A 138 19.91 -13.55 -12.57
C PRO A 138 19.28 -14.87 -13.00
N ILE A 139 18.74 -15.62 -12.04
CA ILE A 139 18.13 -16.91 -12.36
C ILE A 139 16.79 -16.69 -13.05
N MET A 140 16.32 -17.75 -13.70
CA MET A 140 15.06 -17.74 -14.43
C MET A 140 14.12 -18.77 -13.81
N THR A 141 12.81 -18.50 -13.87
CA THR A 141 11.82 -19.41 -13.32
C THR A 141 11.29 -20.32 -14.42
N LEU A 142 11.42 -21.63 -14.22
CA LEU A 142 11.02 -22.60 -15.22
C LEU A 142 9.52 -22.87 -15.23
N GLU A 143 8.91 -22.98 -14.04
CA GLU A 143 7.49 -23.27 -13.90
C GLU A 143 7.12 -24.57 -14.60
N HIS A 144 7.32 -25.70 -13.92
CA HIS A 144 7.04 -27.02 -14.48
C HIS A 144 5.65 -27.44 -14.01
N SER A 145 4.63 -27.03 -14.76
CA SER A 145 3.25 -27.39 -14.42
C SER A 145 3.03 -28.87 -14.69
N ILE A 146 2.57 -29.58 -13.66
CA ILE A 146 2.30 -31.01 -13.77
C ILE A 146 0.85 -31.27 -13.36
N THR A 147 0.38 -32.47 -13.66
CA THR A 147 -1.02 -32.85 -13.48
C THR A 147 -1.16 -33.96 -12.47
N ARG A 148 -2.41 -34.33 -12.19
CA ARG A 148 -2.75 -35.43 -11.31
C ARG A 148 -4.01 -36.11 -11.83
N MET A 149 -4.01 -37.44 -11.83
CA MET A 149 -5.13 -38.23 -12.31
C MET A 149 -6.08 -38.63 -11.18
N ALA A 150 -6.19 -37.80 -10.14
CA ALA A 150 -7.07 -38.10 -9.02
C ALA A 150 -7.51 -36.78 -8.39
N VAL A 151 -8.82 -36.54 -8.36
CA VAL A 151 -9.34 -35.33 -7.75
C VAL A 151 -9.27 -35.43 -6.24
N THR A 152 -9.30 -34.27 -5.58
CA THR A 152 -9.22 -34.21 -4.12
C THR A 152 -10.61 -34.16 -3.50
N ASN A 153 -11.25 -32.99 -3.56
CA ASN A 153 -12.57 -32.81 -2.99
C ASN A 153 -13.66 -33.24 -3.96
N GLU A 154 -14.89 -33.36 -3.45
CA GLU A 154 -16.04 -33.76 -4.25
C GLU A 154 -16.83 -32.55 -4.76
N LYS A 155 -16.16 -31.44 -5.03
CA LYS A 155 -16.84 -30.23 -5.49
C LYS A 155 -17.33 -30.42 -6.93
N ASP A 156 -17.92 -29.35 -7.47
CA ASP A 156 -18.44 -29.39 -8.84
C ASP A 156 -17.35 -29.48 -9.88
N ALA A 157 -16.09 -29.21 -9.52
CA ALA A 157 -15.00 -29.30 -10.49
C ALA A 157 -14.69 -30.74 -10.87
N SER A 158 -15.08 -31.71 -10.04
CA SER A 158 -14.85 -33.13 -10.33
C SER A 158 -15.80 -33.57 -11.43
N GLU A 159 -15.29 -33.64 -12.66
CA GLU A 159 -16.11 -34.03 -13.79
C GLU A 159 -16.42 -35.52 -13.72
N THR A 160 -17.37 -35.95 -14.56
CA THR A 160 -17.75 -37.36 -14.59
C THR A 160 -16.66 -38.23 -15.18
N GLY A 161 -15.80 -37.66 -16.02
CA GLY A 161 -14.74 -38.41 -16.65
C GLY A 161 -13.44 -38.40 -15.88
N ASP A 162 -12.40 -37.82 -16.46
CA ASP A 162 -11.07 -37.80 -15.86
C ASP A 162 -11.07 -36.82 -14.69
N ASN A 163 -11.17 -37.36 -13.47
CA ASN A 163 -11.05 -36.54 -12.27
C ASN A 163 -9.63 -36.05 -12.10
N ARG A 164 -9.31 -34.88 -12.67
CA ARG A 164 -7.95 -34.38 -12.71
C ARG A 164 -7.83 -33.08 -11.92
N THR A 165 -6.65 -32.89 -11.31
CA THR A 165 -6.32 -31.67 -10.58
C THR A 165 -4.87 -31.34 -10.90
N MET A 166 -4.67 -30.45 -11.88
CA MET A 166 -3.34 -30.11 -12.39
C MET A 166 -2.56 -29.25 -11.41
N GLY A 167 -2.44 -27.97 -11.74
CA GLY A 167 -1.66 -27.04 -10.95
C GLY A 167 -0.28 -26.81 -11.53
N ARG A 168 0.60 -26.25 -10.70
CA ARG A 168 1.95 -25.93 -11.12
C ARG A 168 2.94 -26.34 -10.03
N LYS A 169 4.12 -26.80 -10.46
CA LYS A 169 5.20 -27.18 -9.57
C LYS A 169 6.47 -26.48 -10.08
N PHE A 170 6.78 -25.34 -9.48
CA PHE A 170 7.86 -24.51 -9.99
C PHE A 170 9.21 -25.17 -9.76
N THR A 171 10.15 -24.88 -10.67
CA THR A 171 11.49 -25.44 -10.61
C THR A 171 12.50 -24.34 -10.91
N VAL A 172 13.75 -24.60 -10.53
CA VAL A 172 14.84 -23.65 -10.74
C VAL A 172 16.02 -24.38 -11.37
N PRO A 173 16.59 -23.88 -12.46
CA PRO A 173 17.70 -24.60 -13.09
C PRO A 173 19.00 -24.48 -12.33
N TYR A 174 19.36 -23.29 -11.85
CA TYR A 174 20.58 -23.09 -11.09
C TYR A 174 20.47 -21.78 -10.34
N GLY A 175 21.46 -21.53 -9.48
CA GLY A 175 21.50 -20.31 -8.70
C GLY A 175 22.23 -20.48 -7.37
N LEU A 176 23.53 -20.21 -7.38
CA LEU A 176 24.34 -20.32 -6.16
C LEU A 176 23.94 -19.21 -5.20
N TYR A 177 23.10 -19.54 -4.23
CA TYR A 177 22.62 -18.57 -3.25
C TYR A 177 23.74 -18.21 -2.29
N ARG A 178 24.38 -17.07 -2.53
CA ARG A 178 25.48 -16.62 -1.68
C ARG A 178 24.94 -16.18 -0.32
N CYS A 179 24.82 -17.12 0.61
CA CYS A 179 24.29 -16.82 1.93
C CYS A 179 25.34 -16.13 2.80
N HIS A 180 24.86 -15.43 3.81
CA HIS A 180 25.73 -14.72 4.74
C HIS A 180 25.24 -14.96 6.16
N GLY A 181 26.11 -14.67 7.12
CA GLY A 181 25.78 -14.85 8.52
C GLY A 181 26.91 -14.48 9.47
N PHE A 182 26.56 -14.02 10.66
CA PHE A 182 27.53 -13.60 11.66
C PHE A 182 27.18 -14.24 13.00
N ILE A 183 28.22 -14.52 13.79
CA ILE A 183 28.08 -15.15 15.10
C ILE A 183 28.70 -14.22 16.14
N SER A 184 27.95 -13.94 17.19
CA SER A 184 28.40 -13.08 18.27
C SER A 184 28.87 -13.93 19.45
N THR A 185 29.39 -13.26 20.48
CA THR A 185 29.90 -13.93 21.67
C THR A 185 29.24 -13.48 22.96
N HIS A 186 28.78 -12.23 23.05
CA HIS A 186 28.15 -11.75 24.28
C HIS A 186 26.86 -12.52 24.55
N PHE A 187 26.00 -12.66 23.54
CA PHE A 187 24.77 -13.41 23.72
C PHE A 187 25.05 -14.91 23.85
N ALA A 188 26.14 -15.38 23.23
CA ALA A 188 26.49 -16.79 23.35
C ALA A 188 26.94 -17.13 24.77
N LYS A 189 27.57 -16.19 25.46
CA LYS A 189 27.96 -16.44 26.84
C LYS A 189 26.76 -16.50 27.77
N GLN A 190 25.66 -15.84 27.41
CA GLN A 190 24.47 -15.87 28.25
C GLN A 190 23.61 -17.10 27.93
N THR A 191 23.48 -17.44 26.65
CA THR A 191 22.67 -18.59 26.24
C THR A 191 23.40 -19.91 26.43
N GLY A 192 24.69 -19.89 26.69
CA GLY A 192 25.43 -21.13 26.89
C GLY A 192 25.86 -21.81 25.60
N PHE A 193 26.05 -21.05 24.53
CA PHE A 193 26.47 -21.62 23.25
C PHE A 193 27.93 -22.04 23.31
N SER A 194 28.19 -23.28 23.70
CA SER A 194 29.55 -23.77 23.84
C SER A 194 30.14 -24.10 22.47
N GLU A 195 31.40 -24.54 22.47
CA GLU A 195 32.07 -24.88 21.22
C GLU A 195 31.53 -26.18 20.63
N ASN A 196 31.05 -27.10 21.47
CA ASN A 196 30.46 -28.32 20.96
C ASN A 196 29.18 -28.03 20.19
N ASP A 197 28.35 -27.12 20.69
CA ASP A 197 27.16 -26.71 19.97
C ASP A 197 27.53 -26.01 18.66
N LEU A 198 28.62 -25.25 18.66
CA LEU A 198 29.07 -24.60 17.43
C LEU A 198 29.52 -25.63 16.39
N GLU A 199 30.25 -26.65 16.83
CA GLU A 199 30.67 -27.71 15.92
C GLU A 199 29.47 -28.49 15.39
N LEU A 200 28.48 -28.74 16.25
CA LEU A 200 27.27 -29.42 15.80
C LEU A 200 26.51 -28.57 14.77
N PHE A 201 26.46 -27.26 15.00
CA PHE A 201 25.80 -26.36 14.05
C PHE A 201 26.54 -26.34 12.72
N TRP A 202 27.88 -26.36 12.76
CA TRP A 202 28.65 -26.41 11.53
C TRP A 202 28.39 -27.71 10.77
N GLN A 203 28.39 -28.83 11.49
CA GLN A 203 28.11 -30.13 10.85
C GLN A 203 26.71 -30.15 10.26
N ALA A 204 25.75 -29.53 10.94
CA ALA A 204 24.39 -29.47 10.41
C ALA A 204 24.34 -28.62 9.15
N LEU A 205 24.95 -27.43 9.18
CA LEU A 205 24.99 -26.58 7.99
C LEU A 205 25.69 -27.27 6.83
N VAL A 206 26.65 -28.15 7.12
CA VAL A 206 27.37 -28.84 6.06
C VAL A 206 26.52 -29.97 5.47
N ASN A 207 25.90 -30.78 6.33
CA ASN A 207 25.23 -32.00 5.91
C ASN A 207 23.71 -31.93 6.12
N MET A 208 23.11 -30.77 5.88
CA MET A 208 21.65 -30.67 5.90
C MET A 208 21.02 -30.87 4.54
N PHE A 209 21.76 -30.63 3.46
CA PHE A 209 21.24 -30.79 2.10
C PHE A 209 21.32 -32.22 1.60
N ASP A 210 21.67 -33.18 2.47
CA ASP A 210 21.73 -34.59 2.09
C ASP A 210 20.57 -35.41 2.63
N HIS A 211 19.88 -34.93 3.67
CA HIS A 211 18.74 -35.62 4.26
C HIS A 211 17.43 -34.87 4.08
N ASP A 212 17.40 -33.58 4.40
CA ASP A 212 16.20 -32.78 4.24
C ASP A 212 15.91 -32.54 2.76
N HIS A 213 15.16 -33.44 2.14
CA HIS A 213 14.82 -33.35 0.73
C HIS A 213 13.34 -33.64 0.54
N SER A 214 12.80 -33.16 -0.58
CA SER A 214 11.40 -33.35 -0.90
C SER A 214 11.24 -33.31 -2.42
N ALA A 215 9.99 -33.41 -2.87
CA ALA A 215 9.70 -33.37 -4.30
C ALA A 215 9.64 -31.95 -4.83
N ALA A 216 9.19 -30.99 -4.01
CA ALA A 216 9.11 -29.61 -4.47
C ALA A 216 10.49 -28.97 -4.53
N ARG A 217 11.33 -29.19 -3.51
CA ARG A 217 12.66 -28.62 -3.50
C ARG A 217 13.63 -29.35 -4.42
N GLY A 218 13.34 -30.60 -4.76
CA GLY A 218 14.19 -31.36 -5.65
C GLY A 218 15.53 -31.73 -5.03
N GLN A 219 16.62 -31.42 -5.72
CA GLN A 219 17.96 -31.75 -5.26
C GLN A 219 18.71 -30.45 -4.97
N MET A 220 19.14 -30.29 -3.72
CA MET A 220 19.92 -29.13 -3.31
C MET A 220 21.19 -29.59 -2.61
N ASN A 221 22.27 -28.83 -2.80
CA ASN A 221 23.56 -29.15 -2.22
C ASN A 221 24.25 -27.88 -1.76
N ALA A 222 25.19 -28.04 -0.84
CA ALA A 222 25.97 -26.93 -0.30
C ALA A 222 27.34 -26.93 -0.97
N ARG A 223 27.71 -25.79 -1.55
CA ARG A 223 28.99 -25.66 -2.24
C ARG A 223 30.14 -25.61 -1.25
N GLY A 224 30.41 -24.42 -0.69
CA GLY A 224 31.48 -24.25 0.25
C GLY A 224 31.03 -23.48 1.47
N LEU A 225 31.85 -23.54 2.51
CA LEU A 225 31.58 -22.85 3.78
C LEU A 225 32.91 -22.32 4.31
N TYR A 226 33.19 -21.06 4.05
CA TYR A 226 34.43 -20.41 4.48
C TYR A 226 34.13 -19.60 5.74
N VAL A 227 34.50 -20.15 6.89
CA VAL A 227 34.26 -19.50 8.17
C VAL A 227 35.44 -18.58 8.50
N PHE A 228 35.15 -17.34 8.85
CA PHE A 228 36.17 -16.36 9.20
C PHE A 228 36.25 -16.30 10.72
N GLU A 229 37.11 -17.13 11.29
CA GLU A 229 37.30 -17.18 12.74
C GLU A 229 38.19 -16.03 13.18
N HIS A 230 37.67 -15.19 14.08
CA HIS A 230 38.43 -14.04 14.57
C HIS A 230 39.33 -14.45 15.72
N SER A 231 39.87 -13.46 16.45
CA SER A 231 40.75 -13.70 17.58
C SER A 231 40.20 -13.18 18.90
N ASN A 232 39.38 -12.14 18.87
CA ASN A 232 38.80 -11.59 20.09
C ASN A 232 37.34 -11.23 19.88
N ASN A 233 36.76 -10.50 20.84
CA ASN A 233 35.36 -10.09 20.77
C ASN A 233 35.20 -8.67 20.23
N LEU A 234 36.29 -8.03 19.80
CA LEU A 234 36.24 -6.68 19.28
C LEU A 234 36.05 -6.72 17.76
N GLY A 235 36.07 -5.53 17.16
CA GLY A 235 35.91 -5.41 15.72
C GLY A 235 37.19 -4.99 15.02
N ASP A 236 37.77 -5.90 14.25
CA ASP A 236 39.02 -5.59 13.54
C ASP A 236 38.75 -4.79 12.27
N ALA A 237 38.09 -5.41 11.29
CA ALA A 237 37.79 -4.78 10.02
C ALA A 237 36.31 -4.97 9.71
N PRO A 238 35.70 -4.03 8.98
CA PRO A 238 34.29 -4.20 8.59
C PRO A 238 34.08 -5.50 7.83
N ALA A 239 32.95 -6.15 8.12
CA ALA A 239 32.64 -7.43 7.50
C ALA A 239 32.24 -7.30 6.04
N ASP A 240 31.96 -6.08 5.55
CA ASP A 240 31.58 -5.91 4.16
C ASP A 240 32.71 -6.33 3.23
N SER A 241 33.89 -5.74 3.39
CA SER A 241 35.03 -6.14 2.57
C SER A 241 35.45 -7.58 2.85
N LEU A 242 35.27 -8.04 4.08
CA LEU A 242 35.62 -9.42 4.43
C LEU A 242 34.80 -10.41 3.60
N PHE A 243 33.49 -10.16 3.49
CA PHE A 243 32.63 -11.00 2.67
C PHE A 243 32.78 -10.72 1.18
N LYS A 244 33.28 -9.54 0.82
CA LYS A 244 33.52 -9.21 -0.57
C LYS A 244 34.80 -9.82 -1.12
N ARG A 245 35.70 -10.27 -0.24
CA ARG A 245 36.93 -10.90 -0.71
C ARG A 245 36.65 -12.23 -1.41
N ILE A 246 35.60 -12.94 -1.00
CA ILE A 246 35.23 -14.20 -1.63
C ILE A 246 34.13 -13.93 -2.66
N GLN A 247 34.50 -13.29 -3.76
CA GLN A 247 33.53 -12.95 -4.79
C GLN A 247 33.24 -14.16 -5.68
N VAL A 248 32.01 -14.23 -6.18
CA VAL A 248 31.57 -15.29 -7.07
C VAL A 248 30.94 -14.63 -8.29
N VAL A 249 31.63 -14.71 -9.44
CA VAL A 249 31.13 -14.10 -10.66
C VAL A 249 31.09 -15.15 -11.76
N LYS A 250 30.87 -14.71 -12.99
CA LYS A 250 30.81 -15.63 -14.12
C LYS A 250 32.21 -16.07 -14.53
N LYS A 251 32.27 -17.16 -15.30
CA LYS A 251 33.54 -17.70 -15.76
C LYS A 251 33.98 -17.02 -17.05
N ASP A 252 33.97 -17.77 -18.16
CA ASP A 252 34.40 -17.24 -19.44
C ASP A 252 33.21 -16.64 -20.19
N GLY A 253 33.20 -16.78 -21.52
CA GLY A 253 32.13 -16.25 -22.33
C GLY A 253 30.88 -17.10 -22.31
N VAL A 254 30.12 -17.02 -21.22
CA VAL A 254 28.88 -17.77 -21.06
C VAL A 254 27.77 -16.82 -20.64
N GLU A 255 26.55 -17.14 -21.04
CA GLU A 255 25.39 -16.31 -20.71
C GLU A 255 24.84 -16.64 -19.33
N VAL A 256 24.54 -17.91 -19.06
CA VAL A 256 24.03 -18.34 -17.76
C VAL A 256 24.97 -19.39 -17.17
N VAL A 257 24.52 -20.08 -16.13
CA VAL A 257 25.31 -21.10 -15.46
C VAL A 257 24.42 -22.32 -15.22
N ARG A 258 25.01 -23.50 -15.32
CA ARG A 258 24.28 -24.75 -15.16
C ARG A 258 24.77 -25.60 -14.00
N SER A 259 26.06 -25.61 -13.72
CA SER A 259 26.61 -26.41 -12.63
C SER A 259 27.84 -25.69 -12.07
N PHE A 260 28.68 -26.43 -11.35
CA PHE A 260 29.89 -25.84 -10.78
C PHE A 260 30.97 -25.60 -11.82
N ASP A 261 30.86 -26.20 -13.01
CA ASP A 261 31.85 -26.00 -14.06
C ASP A 261 31.68 -24.66 -14.78
N ASP A 262 30.71 -23.85 -14.40
CA ASP A 262 30.48 -22.55 -15.02
C ASP A 262 30.73 -21.39 -14.07
N TYR A 263 31.05 -21.65 -12.81
CA TYR A 263 31.35 -20.62 -11.83
C TYR A 263 32.83 -20.63 -11.49
N LEU A 264 33.35 -19.47 -11.11
CA LEU A 264 34.75 -19.30 -10.73
C LEU A 264 34.78 -18.62 -9.36
N VAL A 265 34.75 -19.41 -8.30
CA VAL A 265 34.77 -18.89 -6.93
C VAL A 265 36.16 -18.34 -6.67
N SER A 266 36.33 -17.03 -6.81
CA SER A 266 37.61 -16.38 -6.60
C SER A 266 37.87 -16.27 -5.10
N VAL A 267 38.81 -17.07 -4.60
CA VAL A 267 39.18 -17.08 -3.19
C VAL A 267 40.64 -16.63 -3.11
N ASP A 268 40.86 -15.41 -2.66
CA ASP A 268 42.20 -14.82 -2.54
C ASP A 268 42.38 -14.36 -1.09
N ASP A 269 42.73 -15.30 -0.22
CA ASP A 269 42.96 -15.00 1.19
C ASP A 269 44.34 -14.37 1.33
N LYS A 270 44.41 -13.05 1.20
CA LYS A 270 45.66 -12.32 1.27
C LYS A 270 45.67 -11.29 2.38
N ASN A 271 44.64 -10.46 2.47
CA ASN A 271 44.58 -9.39 3.46
C ASN A 271 43.81 -9.77 4.71
N LEU A 272 43.28 -10.99 4.78
CA LEU A 272 42.52 -11.45 5.94
C LEU A 272 43.37 -12.27 6.90
N GLU A 273 44.70 -12.18 6.79
CA GLU A 273 45.62 -12.93 7.63
C GLU A 273 46.19 -12.07 8.76
N GLU A 274 45.53 -10.98 9.11
CA GLU A 274 46.00 -10.11 10.19
C GLU A 274 45.76 -10.76 11.54
N THR A 275 44.51 -10.78 11.99
CA THR A 275 44.12 -11.38 13.26
C THR A 275 42.92 -12.30 13.08
N LYS A 276 42.80 -12.92 11.91
CA LYS A 276 41.67 -13.79 11.61
C LYS A 276 42.18 -15.12 11.06
N LEU A 277 41.31 -16.11 11.07
CA LEU A 277 41.61 -17.46 10.61
C LEU A 277 40.71 -17.79 9.41
N LEU A 278 40.90 -19.00 8.87
CA LEU A 278 40.12 -19.45 7.73
C LEU A 278 40.06 -20.97 7.74
N ARG A 279 38.88 -21.53 7.51
CA ARG A 279 38.69 -22.97 7.47
C ARG A 279 37.68 -23.32 6.38
N LYS A 280 37.79 -24.54 5.86
CA LYS A 280 36.91 -25.03 4.81
C LYS A 280 36.26 -26.33 5.29
N LEU A 281 34.94 -26.31 5.42
CA LEU A 281 34.17 -27.48 5.87
C LEU A 281 33.34 -28.10 4.78
N GLY A 282 32.67 -27.29 3.95
CA GLY A 282 31.85 -27.81 2.88
C GLY A 282 32.56 -27.84 1.54
N GLY A 283 33.49 -26.91 1.35
CA GLY A 283 34.24 -26.83 0.11
C GLY A 283 35.74 -26.94 0.29
N THR B 1 24.31 52.34 19.67
CA THR B 1 22.91 52.25 19.27
C THR B 1 22.77 52.30 17.75
N ILE B 2 21.99 51.38 17.20
CA ILE B 2 21.78 51.32 15.76
C ILE B 2 20.83 52.45 15.34
N GLU B 3 20.92 52.81 14.06
CA GLU B 3 20.09 53.87 13.50
C GLU B 3 19.35 53.47 12.23
N LYS B 4 19.58 52.28 11.69
CA LYS B 4 18.96 51.82 10.47
C LYS B 4 17.92 50.76 10.77
N ARG B 5 16.96 50.62 9.86
CA ARG B 5 15.90 49.62 9.96
C ARG B 5 16.29 48.39 9.13
N TYR B 6 16.14 47.21 9.72
CA TYR B 6 16.52 45.96 9.09
C TYR B 6 15.30 45.06 8.99
N ASP B 7 14.97 44.65 7.76
CA ASP B 7 13.86 43.75 7.48
C ASP B 7 14.44 42.48 6.87
N PHE B 8 14.88 41.56 7.75
CA PHE B 8 15.51 40.34 7.30
C PHE B 8 14.47 39.29 6.93
N VAL B 9 14.75 38.52 5.87
CA VAL B 9 13.88 37.44 5.44
C VAL B 9 14.55 36.11 5.77
N PHE B 10 14.41 35.66 7.02
CA PHE B 10 15.05 34.43 7.45
C PHE B 10 14.38 33.22 6.80
N LEU B 11 15.20 32.34 6.21
CA LEU B 11 14.72 31.13 5.55
C LEU B 11 15.47 29.94 6.12
N PHE B 12 14.74 28.96 6.65
CA PHE B 12 15.35 27.78 7.23
C PHE B 12 14.39 26.60 7.07
N ASP B 13 14.97 25.41 6.90
CA ASP B 13 14.18 24.20 6.72
C ASP B 13 14.54 23.15 7.77
N VAL B 14 14.12 21.91 7.55
CA VAL B 14 14.38 20.82 8.46
C VAL B 14 14.51 19.53 7.64
N GLN B 15 15.59 18.78 7.88
CA GLN B 15 15.82 17.56 7.14
C GLN B 15 14.91 16.43 7.63
N ASP B 16 15.06 16.04 8.88
CA ASP B 16 14.26 14.94 9.43
C ASP B 16 14.21 15.10 10.95
N GLY B 17 13.07 15.49 11.47
CA GLY B 17 12.90 15.66 12.90
C GLY B 17 11.73 16.55 13.22
N ASN B 18 11.61 16.87 14.51
CA ASN B 18 10.53 17.72 15.01
C ASN B 18 11.10 19.09 15.35
N PRO B 19 10.94 20.10 14.50
CA PRO B 19 11.51 21.42 14.80
C PRO B 19 10.82 22.11 15.97
N ASN B 20 9.81 22.93 15.67
CA ASN B 20 9.05 23.64 16.69
C ASN B 20 7.78 22.83 16.97
N GLY B 21 7.87 21.92 17.95
CA GLY B 21 6.75 21.06 18.25
C GLY B 21 5.76 21.70 19.20
N ASP B 22 4.53 21.19 19.18
CA ASP B 22 3.45 21.79 19.96
C ASP B 22 3.18 20.96 21.20
N PRO B 23 3.32 21.52 22.41
CA PRO B 23 2.93 20.76 23.61
C PRO B 23 1.44 20.52 23.71
N ASP B 24 0.61 21.45 23.22
CA ASP B 24 -0.84 21.31 23.19
C ASP B 24 -1.31 20.33 22.13
N ALA B 25 -0.40 19.57 21.54
CA ALA B 25 -0.72 18.65 20.45
C ALA B 25 -0.03 17.30 20.61
N GLY B 26 0.52 17.01 21.77
CA GLY B 26 1.29 15.80 21.97
C GLY B 26 2.77 15.96 21.66
N ASN B 27 3.15 15.82 20.40
CA ASN B 27 4.54 15.94 20.00
C ASN B 27 4.67 16.23 18.51
N LEU B 28 3.67 16.90 17.93
CA LEU B 28 3.71 17.22 16.51
C LEU B 28 4.04 18.69 16.30
N PRO B 29 4.77 19.03 15.22
CA PRO B 29 5.08 20.43 14.96
C PRO B 29 3.85 21.22 14.58
N ARG B 30 3.91 22.53 14.78
CA ARG B 30 2.81 23.42 14.46
C ARG B 30 2.59 23.49 12.95
N ILE B 31 1.43 23.04 12.48
CA ILE B 31 1.10 23.02 11.07
C ILE B 31 -0.23 23.72 10.87
N ASP B 32 -0.41 24.26 9.66
CA ASP B 32 -1.66 24.95 9.34
C ASP B 32 -2.78 23.93 9.18
N PRO B 33 -3.89 24.07 9.91
CA PRO B 33 -4.97 23.08 9.78
C PRO B 33 -5.71 23.17 8.46
N GLN B 34 -6.00 24.39 7.98
CA GLN B 34 -6.79 24.52 6.76
C GLN B 34 -6.00 24.14 5.52
N THR B 35 -4.68 24.36 5.52
CA THR B 35 -3.84 24.01 4.37
C THR B 35 -2.88 22.89 4.73
N GLY B 36 -1.80 23.18 5.44
CA GLY B 36 -0.84 22.14 5.80
C GLY B 36 0.58 22.67 5.91
N GLU B 37 0.73 23.99 5.90
CA GLU B 37 2.05 24.61 5.98
C GLU B 37 2.57 24.56 7.41
N GLY B 38 3.83 24.18 7.56
CA GLY B 38 4.42 24.10 8.88
C GLY B 38 4.72 25.48 9.44
N LEU B 39 4.56 25.62 10.75
CA LEU B 39 4.79 26.86 11.46
C LEU B 39 5.81 26.66 12.56
N VAL B 40 6.70 27.64 12.72
CA VAL B 40 7.74 27.59 13.73
C VAL B 40 7.72 28.92 14.49
N THR B 41 7.65 28.82 15.82
CA THR B 41 7.61 30.02 16.65
C THR B 41 8.98 30.69 16.69
N ASP B 42 8.98 31.98 17.02
CA ASP B 42 10.23 32.73 17.10
C ASP B 42 11.01 32.45 18.38
N VAL B 43 10.36 31.88 19.39
CA VAL B 43 11.05 31.62 20.64
C VAL B 43 12.09 30.51 20.45
N CYS B 44 11.86 29.59 19.51
CA CYS B 44 12.86 28.57 19.22
C CYS B 44 14.13 29.21 18.66
N LEU B 45 13.99 30.13 17.70
CA LEU B 45 15.14 30.83 17.16
C LEU B 45 15.81 31.69 18.23
N LYS B 46 15.01 32.30 19.11
CA LYS B 46 15.58 33.10 20.20
C LYS B 46 16.41 32.24 21.14
N ARG B 47 15.91 31.03 21.48
CA ARG B 47 16.67 30.16 22.36
C ARG B 47 17.91 29.60 21.66
N LYS B 48 17.84 29.35 20.35
CA LYS B 48 19.02 28.95 19.62
C LYS B 48 20.08 30.05 19.64
N VAL B 49 19.65 31.30 19.46
CA VAL B 49 20.58 32.43 19.52
C VAL B 49 21.18 32.54 20.93
N ARG B 50 20.35 32.34 21.96
CA ARG B 50 20.84 32.40 23.33
C ARG B 50 21.88 31.31 23.58
N ASN B 51 21.63 30.10 23.08
CA ASN B 51 22.59 29.02 23.27
C ASN B 51 23.89 29.30 22.52
N PHE B 52 23.79 29.85 21.30
CA PHE B 52 24.99 30.22 20.56
C PHE B 52 25.80 31.26 21.30
N ILE B 53 25.12 32.25 21.90
CA ILE B 53 25.82 33.28 22.66
C ILE B 53 26.46 32.68 23.91
N GLN B 54 25.75 31.75 24.57
CA GLN B 54 26.30 31.13 25.77
C GLN B 54 27.53 30.30 25.46
N MET B 55 27.56 29.67 24.28
CA MET B 55 28.70 28.85 23.91
C MET B 55 29.80 29.61 23.18
N THR B 56 29.54 30.86 22.76
CA THR B 56 30.53 31.65 22.03
C THR B 56 30.66 33.04 22.65
N GLN B 57 30.88 33.10 23.96
CA GLN B 57 31.10 34.37 24.63
C GLN B 57 31.76 34.16 25.99
N ASN B 58 30.96 33.88 27.02
CA ASN B 58 31.42 33.70 28.40
C ASN B 58 32.17 34.94 28.88
N ASP B 59 31.40 36.01 29.08
CA ASP B 59 31.94 37.28 29.54
C ASP B 59 30.81 38.07 30.20
N GLU B 60 31.17 39.22 30.76
CA GLU B 60 30.20 40.08 31.41
C GLU B 60 29.61 41.05 30.39
N HIS B 61 28.67 41.89 30.86
CA HIS B 61 27.96 42.87 30.06
C HIS B 61 27.17 42.25 28.92
N HIS B 62 27.00 40.92 28.91
CA HIS B 62 26.26 40.21 27.88
C HIS B 62 25.69 38.94 28.54
N ASP B 63 24.81 39.14 29.51
CA ASP B 63 24.18 38.02 30.19
C ASP B 63 23.32 37.22 29.23
N ILE B 64 23.28 35.90 29.45
CA ILE B 64 22.68 34.97 28.51
C ILE B 64 21.39 34.36 29.01
N PHE B 65 20.93 34.77 30.20
CA PHE B 65 19.71 34.22 30.81
C PHE B 65 19.85 32.72 31.04
N ILE B 66 20.26 32.34 32.25
CA ILE B 66 20.59 30.95 32.57
C ILE B 66 19.38 30.05 32.41
N ARG B 67 19.62 28.74 32.36
CA ARG B 67 18.59 27.75 32.08
C ARG B 67 18.41 26.83 33.28
N GLU B 68 17.17 26.39 33.50
CA GLU B 68 16.82 25.46 34.57
C GLU B 68 17.07 26.07 35.95
N LYS B 69 18.34 26.27 36.30
CA LYS B 69 18.70 26.82 37.61
C LYS B 69 18.89 28.33 37.52
N GLY B 70 17.80 29.02 37.20
CA GLY B 70 17.82 30.47 37.15
C GLY B 70 16.48 31.10 37.49
N ILE B 71 16.26 31.36 38.77
CA ILE B 71 15.03 32.02 39.20
C ILE B 71 15.07 33.48 38.79
N LEU B 72 14.01 33.93 38.10
CA LEU B 72 13.97 35.31 37.64
C LEU B 72 13.91 36.30 38.80
N ASN B 73 13.21 35.93 39.88
CA ASN B 73 13.15 36.81 41.04
C ASN B 73 14.52 36.97 41.68
N ASN B 74 15.30 35.88 41.75
CA ASN B 74 16.64 35.96 42.32
C ASN B 74 17.54 36.84 41.48
N LEU B 75 17.47 36.69 40.15
CA LEU B 75 18.29 37.54 39.28
C LEU B 75 17.88 39.00 39.37
N ILE B 76 16.57 39.27 39.48
CA ILE B 76 16.10 40.65 39.63
C ILE B 76 16.58 41.24 40.94
N ASP B 77 16.53 40.46 42.03
CA ASP B 77 17.01 40.95 43.31
C ASP B 77 18.51 41.18 43.30
N GLU B 78 19.25 40.33 42.57
CA GLU B 78 20.70 40.51 42.46
C GLU B 78 21.04 41.76 41.65
N ALA B 79 20.27 42.02 40.58
CA ALA B 79 20.50 43.21 39.78
C ALA B 79 20.02 44.48 40.47
N HIS B 80 19.12 44.35 41.45
CA HIS B 80 18.63 45.52 42.17
C HIS B 80 19.65 46.03 43.18
N GLU B 81 20.43 45.12 43.78
CA GLU B 81 21.44 45.50 44.77
C GLU B 81 22.74 45.87 44.08
N GLN B 82 22.67 46.94 43.29
CA GLN B 82 23.84 47.44 42.57
C GLN B 82 24.04 48.93 42.83
N GLU B 83 23.64 49.76 41.87
CA GLU B 83 23.80 51.21 41.99
C GLU B 83 22.55 51.91 42.50
N ASN B 84 21.37 51.34 42.28
CA ASN B 84 20.11 51.91 42.73
C ASN B 84 19.44 50.96 43.71
N VAL B 85 19.97 50.92 44.94
CA VAL B 85 19.42 50.03 45.96
C VAL B 85 18.09 50.58 46.48
N LYS B 86 18.07 51.85 46.86
CA LYS B 86 16.87 52.46 47.41
C LYS B 86 16.86 53.96 47.14
N GLY B 87 18.03 54.57 47.12
CA GLY B 87 18.14 56.01 46.94
C GLY B 87 17.91 56.46 45.52
N LYS B 88 16.70 56.22 45.00
CA LYS B 88 16.37 56.64 43.64
C LYS B 88 14.90 56.94 43.44
N GLU B 89 14.06 56.87 44.48
CA GLU B 89 12.64 57.22 44.41
C GLU B 89 11.89 56.35 43.38
N LYS B 90 11.75 55.06 43.74
CA LYS B 90 10.98 54.04 43.04
C LYS B 90 10.78 54.27 41.54
N GLY B 91 10.10 55.37 41.19
CA GLY B 91 9.76 55.68 39.80
C GLY B 91 10.92 55.60 38.84
N GLU B 92 11.85 56.55 38.93
CA GLU B 92 13.05 56.51 38.10
C GLU B 92 14.00 55.40 38.50
N LYS B 93 13.83 54.83 39.70
CA LYS B 93 14.63 53.67 40.09
C LYS B 93 14.36 52.49 39.18
N THR B 94 13.09 52.28 38.81
CA THR B 94 12.76 51.20 37.89
C THR B 94 13.41 51.40 36.53
N GLU B 95 13.39 52.64 36.03
CA GLU B 95 14.02 52.92 34.74
C GLU B 95 15.53 52.74 34.81
N ALA B 96 16.15 53.15 35.92
CA ALA B 96 17.58 52.97 36.08
C ALA B 96 17.95 51.49 36.13
N ALA B 97 17.17 50.69 36.85
CA ALA B 97 17.42 49.25 36.90
C ALA B 97 17.21 48.61 35.53
N ARG B 98 16.21 49.07 34.80
CA ARG B 98 15.97 48.55 33.45
C ARG B 98 17.14 48.88 32.52
N GLN B 99 17.66 50.10 32.61
CA GLN B 99 18.81 50.47 31.79
C GLN B 99 20.05 49.67 32.19
N TYR B 100 20.25 49.44 33.48
CA TYR B 100 21.38 48.64 33.93
C TYR B 100 21.27 47.20 33.43
N MET B 101 20.07 46.62 33.49
CA MET B 101 19.88 45.27 32.99
C MET B 101 20.05 45.20 31.48
N CYS B 102 19.63 46.24 30.75
CA CYS B 102 19.84 46.26 29.31
C CYS B 102 21.33 46.36 28.97
N SER B 103 22.08 47.15 29.73
CA SER B 103 23.52 47.23 29.52
C SER B 103 24.25 45.98 29.98
N ARG B 104 23.63 45.19 30.86
CA ARG B 104 24.24 43.97 31.36
C ARG B 104 23.75 42.71 30.64
N TYR B 105 22.46 42.62 30.34
CA TYR B 105 21.90 41.45 29.69
C TYR B 105 21.86 41.64 28.18
N TYR B 106 22.08 40.55 27.46
CA TYR B 106 21.98 40.54 26.00
C TYR B 106 20.63 40.08 25.49
N ASP B 107 19.97 39.14 26.19
CA ASP B 107 18.66 38.69 25.77
C ASP B 107 17.63 39.80 25.90
N ILE B 108 17.68 40.58 26.98
CA ILE B 108 16.74 41.68 27.15
C ILE B 108 17.10 42.84 26.23
N ARG B 109 18.37 42.95 25.83
CA ARG B 109 18.78 44.02 24.93
C ARG B 109 18.35 43.73 23.50
N THR B 110 18.49 42.49 23.05
CA THR B 110 18.07 42.13 21.69
C THR B 110 16.58 41.88 21.62
N PHE B 111 16.06 41.04 22.53
CA PHE B 111 14.63 40.75 22.56
C PHE B 111 14.07 41.39 23.82
N GLY B 112 13.78 40.64 24.87
CA GLY B 112 13.24 41.22 26.08
C GLY B 112 12.95 40.14 27.10
N ALA B 113 12.56 40.59 28.29
CA ALA B 113 12.25 39.68 29.39
C ALA B 113 11.31 40.39 30.35
N VAL B 114 10.67 39.59 31.21
CA VAL B 114 9.73 40.11 32.20
C VAL B 114 10.51 40.46 33.46
N MET B 115 10.51 41.73 33.83
CA MET B 115 11.21 42.22 35.01
C MET B 115 10.24 42.93 35.96
N THR B 116 8.99 42.48 35.97
CA THR B 116 7.94 43.08 36.79
C THR B 116 7.43 42.11 37.85
N THR B 117 8.34 41.33 38.42
CA THR B 117 7.96 40.36 39.44
C THR B 117 7.79 41.04 40.80
N GLY B 118 8.53 40.57 41.80
CA GLY B 118 8.49 41.16 43.12
C GLY B 118 9.03 42.58 43.12
N LYS B 119 10.35 42.72 43.07
CA LYS B 119 10.97 44.03 42.94
C LYS B 119 10.86 44.52 41.50
N ASN B 120 9.82 45.31 41.21
CA ASN B 120 9.57 45.74 39.85
C ASN B 120 10.67 46.69 39.37
N ALA B 121 10.98 46.60 38.08
CA ALA B 121 12.02 47.43 37.47
C ALA B 121 11.64 47.79 36.05
N GLY B 122 10.34 47.94 35.79
CA GLY B 122 9.88 48.28 34.47
C GLY B 122 9.92 47.10 33.52
N GLN B 123 9.69 47.41 32.24
CA GLN B 123 9.70 46.41 31.19
C GLN B 123 10.36 46.98 29.94
N VAL B 124 10.91 46.09 29.12
CA VAL B 124 11.63 46.47 27.91
C VAL B 124 10.75 46.17 26.71
N ARG B 125 10.50 47.21 25.89
CA ARG B 125 9.69 47.02 24.69
C ARG B 125 10.38 46.10 23.69
N GLY B 126 11.70 46.21 23.56
CA GLY B 126 12.46 45.36 22.68
C GLY B 126 12.56 45.89 21.27
N PRO B 127 13.78 45.99 20.76
CA PRO B 127 13.96 46.47 19.38
C PRO B 127 13.70 45.37 18.35
N VAL B 128 14.56 44.36 18.33
CA VAL B 128 14.42 43.23 17.41
C VAL B 128 13.26 42.36 17.89
N GLN B 129 12.26 42.18 17.03
CA GLN B 129 11.08 41.38 17.35
C GLN B 129 10.80 40.44 16.18
N LEU B 130 11.20 39.18 16.32
CA LEU B 130 10.95 38.19 15.29
C LEU B 130 9.48 37.78 15.29
N THR B 131 9.08 37.11 14.21
CA THR B 131 7.70 36.66 14.02
C THR B 131 7.67 35.14 13.92
N PHE B 132 6.46 34.61 13.77
CA PHE B 132 6.27 33.17 13.64
C PHE B 132 6.55 32.74 12.20
N SER B 133 7.31 31.67 12.05
CA SER B 133 7.66 31.18 10.72
C SER B 133 6.47 30.46 10.09
N ARG B 134 6.53 30.32 8.76
CA ARG B 134 5.49 29.65 8.00
C ARG B 134 6.07 29.18 6.68
N SER B 135 5.83 27.91 6.36
CA SER B 135 6.31 27.36 5.10
C SER B 135 5.33 27.68 3.98
N ILE B 136 5.71 27.31 2.76
CA ILE B 136 4.90 27.54 1.56
C ILE B 136 4.21 26.27 1.11
N ASP B 137 4.97 25.22 0.85
CA ASP B 137 4.38 23.96 0.42
C ASP B 137 3.74 23.26 1.61
N PRO B 138 2.51 22.74 1.47
CA PRO B 138 1.88 22.03 2.59
C PRO B 138 2.66 20.79 3.00
N ILE B 139 3.36 20.88 4.13
CA ILE B 139 4.16 19.75 4.59
C ILE B 139 3.26 18.67 5.16
N MET B 140 3.82 17.46 5.28
CA MET B 140 3.11 16.30 5.80
C MET B 140 3.81 15.80 7.06
N THR B 141 3.05 15.23 7.98
CA THR B 141 3.60 14.72 9.23
C THR B 141 3.89 13.23 9.09
N LEU B 142 5.15 12.85 9.31
CA LEU B 142 5.56 11.46 9.14
C LEU B 142 5.20 10.58 10.33
N GLU B 143 5.38 11.10 11.54
CA GLU B 143 5.13 10.36 12.77
C GLU B 143 5.92 9.06 12.81
N HIS B 144 7.17 9.14 13.26
CA HIS B 144 8.07 7.98 13.32
C HIS B 144 8.02 7.43 14.75
N SER B 145 7.05 6.56 15.01
CA SER B 145 6.91 5.96 16.32
C SER B 145 8.04 4.97 16.56
N ILE B 146 8.78 5.16 17.66
CA ILE B 146 9.89 4.30 18.01
C ILE B 146 9.66 3.75 19.42
N THR B 147 10.45 2.73 19.78
CA THR B 147 10.26 1.98 21.01
C THR B 147 11.48 2.16 21.92
N ARG B 148 11.37 1.55 23.11
CA ARG B 148 12.45 1.54 24.09
C ARG B 148 12.40 0.21 24.84
N MET B 149 13.57 -0.41 25.03
CA MET B 149 13.69 -1.68 25.72
C MET B 149 13.97 -1.51 27.21
N ALA B 150 13.48 -0.43 27.82
CA ALA B 150 13.71 -0.18 29.23
C ALA B 150 12.55 0.66 29.76
N VAL B 151 11.84 0.13 30.76
CA VAL B 151 10.73 0.87 31.35
C VAL B 151 11.27 1.97 32.25
N THR B 152 10.43 2.97 32.50
CA THR B 152 10.82 4.10 33.34
C THR B 152 10.41 3.85 34.79
N ASN B 153 9.22 4.31 35.17
CA ASN B 153 8.72 4.12 36.53
C ASN B 153 8.06 2.75 36.65
N GLU B 154 7.62 2.43 37.87
CA GLU B 154 6.93 1.16 38.14
C GLU B 154 5.56 1.20 37.49
N LYS B 155 5.54 0.85 36.21
CA LYS B 155 4.30 0.87 35.43
C LYS B 155 3.36 -0.24 35.87
N ASP B 156 2.06 0.04 35.81
CA ASP B 156 1.06 -0.96 36.17
C ASP B 156 0.98 -2.08 35.13
N ALA B 157 1.42 -1.83 33.90
CA ALA B 157 1.40 -2.83 32.86
C ALA B 157 2.73 -3.56 32.69
N SER B 158 3.82 -3.03 33.26
CA SER B 158 5.13 -3.66 33.19
C SER B 158 5.11 -4.90 34.06
N GLU B 159 4.67 -6.01 33.47
CA GLU B 159 4.55 -7.27 34.19
C GLU B 159 5.89 -7.98 34.29
N THR B 160 5.99 -9.17 33.72
CA THR B 160 7.20 -9.98 33.79
C THR B 160 7.95 -10.07 32.47
N GLY B 161 7.34 -9.67 31.37
CA GLY B 161 7.98 -9.78 30.07
C GLY B 161 8.95 -8.66 29.77
N ASP B 162 8.89 -8.13 28.54
CA ASP B 162 9.79 -7.07 28.12
C ASP B 162 9.32 -5.73 28.66
N ASN B 163 10.12 -5.12 29.53
CA ASN B 163 9.82 -3.80 30.09
C ASN B 163 10.04 -2.77 28.99
N ARG B 164 9.00 -2.51 28.21
CA ARG B 164 9.08 -1.63 27.06
C ARG B 164 8.21 -0.40 27.26
N THR B 165 8.67 0.72 26.69
CA THR B 165 7.94 1.99 26.72
C THR B 165 8.14 2.64 25.35
N MET B 166 7.18 2.42 24.45
CA MET B 166 7.28 2.89 23.08
C MET B 166 7.07 4.39 22.98
N GLY B 167 5.91 4.79 22.46
CA GLY B 167 5.62 6.18 22.20
C GLY B 167 5.81 6.55 20.75
N ARG B 168 5.88 7.86 20.51
CA ARG B 168 6.03 8.42 19.18
C ARG B 168 7.16 9.44 19.18
N LYS B 169 7.82 9.56 18.04
CA LYS B 169 8.83 10.58 17.81
C LYS B 169 8.58 11.17 16.43
N PHE B 170 7.87 12.28 16.38
CA PHE B 170 7.42 12.84 15.11
C PHE B 170 8.60 13.38 14.30
N THR B 171 8.47 13.32 12.98
CA THR B 171 9.50 13.79 12.08
C THR B 171 8.86 14.58 10.94
N VAL B 172 9.68 15.37 10.26
CA VAL B 172 9.22 16.20 9.15
C VAL B 172 10.16 15.99 7.97
N PRO B 173 9.64 15.72 6.77
CA PRO B 173 10.54 15.48 5.63
C PRO B 173 11.16 16.75 5.09
N TYR B 174 10.37 17.81 4.93
CA TYR B 174 10.90 19.08 4.44
C TYR B 174 9.91 20.19 4.79
N GLY B 175 10.32 21.42 4.52
CA GLY B 175 9.49 22.58 4.80
C GLY B 175 10.29 23.83 5.09
N LEU B 176 10.57 24.61 4.05
CA LEU B 176 11.32 25.85 4.20
C LEU B 176 10.44 26.87 4.93
N TYR B 177 10.68 27.01 6.24
CA TYR B 177 9.90 27.92 7.08
C TYR B 177 10.30 29.35 6.74
N ARG B 178 9.49 30.03 5.93
CA ARG B 178 9.75 31.41 5.56
C ARG B 178 9.53 32.33 6.75
N CYS B 179 10.56 32.53 7.56
CA CYS B 179 10.45 33.36 8.74
C CYS B 179 10.50 34.84 8.37
N HIS B 180 9.98 35.67 9.27
CA HIS B 180 9.95 37.11 9.07
C HIS B 180 10.36 37.80 10.36
N GLY B 181 10.71 39.08 10.25
CA GLY B 181 11.13 39.85 11.40
C GLY B 181 11.50 41.28 11.07
N PHE B 182 11.28 42.19 12.01
CA PHE B 182 11.59 43.60 11.82
C PHE B 182 12.38 44.12 13.01
N ILE B 183 13.25 45.09 12.74
CA ILE B 183 14.11 45.69 13.76
C ILE B 183 13.83 47.19 13.79
N SER B 184 13.57 47.71 14.99
CA SER B 184 13.30 49.12 15.18
C SER B 184 14.56 49.84 15.69
N THR B 185 14.45 51.16 15.82
CA THR B 185 15.56 51.99 16.27
C THR B 185 15.26 52.79 17.52
N HIS B 186 14.02 53.21 17.73
CA HIS B 186 13.68 54.00 18.91
C HIS B 186 13.92 53.22 20.19
N PHE B 187 13.43 51.97 20.24
CA PHE B 187 13.66 51.14 21.41
C PHE B 187 15.11 50.69 21.50
N ALA B 188 15.78 50.56 20.35
CA ALA B 188 17.19 50.19 20.37
C ALA B 188 18.06 51.29 20.96
N LYS B 189 17.66 52.56 20.76
CA LYS B 189 18.42 53.66 21.36
C LYS B 189 18.26 53.70 22.87
N GLN B 190 17.14 53.19 23.39
CA GLN B 190 16.93 53.18 24.83
C GLN B 190 17.57 51.94 25.48
N THR B 191 17.48 50.78 24.83
CA THR B 191 18.05 49.56 25.38
C THR B 191 19.55 49.46 25.13
N GLY B 192 20.13 50.32 24.30
CA GLY B 192 21.55 50.26 24.03
C GLY B 192 21.96 49.23 23.01
N PHE B 193 21.07 48.88 22.08
CA PHE B 193 21.40 47.90 21.06
C PHE B 193 22.35 48.49 20.03
N SER B 194 23.65 48.34 20.26
CA SER B 194 24.66 48.90 19.37
C SER B 194 24.80 48.04 18.12
N GLU B 195 25.68 48.48 17.21
CA GLU B 195 25.90 47.74 15.97
C GLU B 195 26.66 46.44 16.22
N ASN B 196 27.51 46.40 17.25
CA ASN B 196 28.21 45.17 17.58
C ASN B 196 27.23 44.09 18.03
N ASP B 197 26.24 44.45 18.85
CA ASP B 197 25.22 43.51 19.25
C ASP B 197 24.39 43.06 18.05
N LEU B 198 24.15 43.96 17.09
CA LEU B 198 23.42 43.57 15.88
C LEU B 198 24.22 42.58 15.05
N GLU B 199 25.52 42.80 14.92
CA GLU B 199 26.37 41.85 14.18
C GLU B 199 26.43 40.51 14.89
N LEU B 200 26.50 40.53 16.22
CA LEU B 200 26.49 39.27 16.98
C LEU B 200 25.17 38.54 16.79
N PHE B 201 24.05 39.27 16.78
CA PHE B 201 22.75 38.65 16.56
C PHE B 201 22.66 38.06 15.16
N TRP B 202 23.21 38.75 14.15
CA TRP B 202 23.22 38.21 12.80
C TRP B 202 24.05 36.94 12.72
N GLN B 203 25.23 36.94 13.34
CA GLN B 203 26.08 35.75 13.35
C GLN B 203 25.38 34.59 14.07
N ALA B 204 24.65 34.89 15.14
CA ALA B 204 23.91 33.85 15.85
C ALA B 204 22.81 33.28 14.97
N LEU B 205 22.02 34.16 14.34
CA LEU B 205 20.96 33.70 13.45
C LEU B 205 21.51 32.88 12.29
N VAL B 206 22.74 33.18 11.87
CA VAL B 206 23.34 32.44 10.76
C VAL B 206 23.83 31.08 11.22
N ASN B 207 24.54 31.03 12.34
CA ASN B 207 25.22 29.82 12.80
C ASN B 207 24.63 29.24 14.07
N MET B 208 23.30 29.29 14.21
CA MET B 208 22.64 28.62 15.33
C MET B 208 22.19 27.20 14.99
N PHE B 209 21.98 26.90 13.72
CA PHE B 209 21.54 25.57 13.30
C PHE B 209 22.70 24.59 13.14
N ASP B 210 23.91 24.96 13.56
CA ASP B 210 25.05 24.08 13.50
C ASP B 210 25.47 23.52 14.84
N HIS B 211 25.06 24.14 15.94
CA HIS B 211 25.38 23.69 17.29
C HIS B 211 24.16 23.23 18.06
N ASP B 212 23.10 24.05 18.09
CA ASP B 212 21.88 23.69 18.79
C ASP B 212 21.15 22.56 18.06
N HIS B 213 21.47 21.32 18.40
CA HIS B 213 20.87 20.16 17.76
C HIS B 213 20.50 19.14 18.83
N SER B 214 19.55 18.27 18.47
CA SER B 214 19.08 17.23 19.38
C SER B 214 18.56 16.06 18.55
N ALA B 215 18.02 15.05 19.24
CA ALA B 215 17.49 13.89 18.56
C ALA B 215 16.07 14.12 18.06
N ALA B 216 15.28 14.93 18.78
CA ALA B 216 13.91 15.18 18.35
C ALA B 216 13.87 16.13 17.16
N ARG B 217 14.68 17.19 17.18
CA ARG B 217 14.70 18.13 16.07
C ARG B 217 15.48 17.61 14.87
N GLY B 218 16.37 16.64 15.07
CA GLY B 218 17.13 16.08 13.97
C GLY B 218 18.15 17.03 13.39
N GLN B 219 18.13 17.22 12.08
CA GLN B 219 19.06 18.09 11.38
C GLN B 219 18.30 19.27 10.80
N MET B 220 18.67 20.47 11.21
CA MET B 220 18.08 21.70 10.70
C MET B 220 19.17 22.63 10.22
N ASN B 221 18.88 23.38 9.17
CA ASN B 221 19.83 24.31 8.58
C ASN B 221 19.11 25.58 8.14
N ALA B 222 19.88 26.65 8.02
CA ALA B 222 19.37 27.95 7.58
C ALA B 222 19.72 28.15 6.12
N ARG B 223 18.70 28.44 5.30
CA ARG B 223 18.91 28.63 3.87
C ARG B 223 19.59 29.97 3.60
N GLY B 224 18.81 31.05 3.55
CA GLY B 224 19.34 32.36 3.29
C GLY B 224 18.83 33.38 4.28
N LEU B 225 19.49 34.53 4.30
CA LEU B 225 19.13 35.63 5.19
C LEU B 225 19.34 36.94 4.43
N TYR B 226 18.26 37.47 3.85
CA TYR B 226 18.30 38.70 3.08
C TYR B 226 17.82 39.84 3.96
N VAL B 227 18.76 40.62 4.49
CA VAL B 227 18.45 41.73 5.37
C VAL B 227 18.21 42.99 4.52
N PHE B 228 17.10 43.67 4.78
CA PHE B 228 16.73 44.89 4.07
C PHE B 228 17.14 46.08 4.94
N GLU B 229 18.37 46.55 4.75
CA GLU B 229 18.88 47.68 5.52
C GLU B 229 18.34 48.97 4.94
N HIS B 230 17.65 49.75 5.76
CA HIS B 230 17.07 51.02 5.32
C HIS B 230 18.11 52.14 5.41
N SER B 231 17.65 53.39 5.29
CA SER B 231 18.52 54.55 5.35
C SER B 231 18.21 55.47 6.53
N ASN B 232 16.97 55.51 6.98
CA ASN B 232 16.59 56.37 8.10
C ASN B 232 15.65 55.65 9.04
N ASN B 233 15.04 56.40 9.97
CA ASN B 233 14.11 55.83 10.93
C ASN B 233 12.65 55.99 10.51
N LEU B 234 12.41 56.53 9.33
CA LEU B 234 11.06 56.73 8.82
C LEU B 234 10.60 55.51 8.03
N GLY B 235 9.40 55.62 7.46
CA GLY B 235 8.84 54.54 6.67
C GLY B 235 8.78 54.87 5.19
N ASP B 236 9.59 54.17 4.39
CA ASP B 236 9.61 54.42 2.95
C ASP B 236 8.46 53.72 2.25
N ALA B 237 8.48 52.39 2.23
CA ALA B 237 7.46 51.60 1.59
C ALA B 237 6.95 50.54 2.56
N PRO B 238 5.69 50.13 2.43
CA PRO B 238 5.17 49.06 3.29
C PRO B 238 6.02 47.79 3.18
N ALA B 239 6.22 47.14 4.32
CA ALA B 239 7.05 45.94 4.38
C ALA B 239 6.38 44.73 3.75
N ASP B 240 5.07 44.79 3.48
CA ASP B 240 4.37 43.66 2.88
C ASP B 240 4.94 43.35 1.49
N SER B 241 4.94 44.33 0.60
CA SER B 241 5.51 44.13 -0.73
C SER B 241 7.01 43.89 -0.66
N LEU B 242 7.69 44.49 0.32
CA LEU B 242 9.12 44.28 0.48
C LEU B 242 9.44 42.82 0.75
N PHE B 243 8.68 42.19 1.65
CA PHE B 243 8.86 40.77 1.92
C PHE B 243 8.25 39.89 0.84
N LYS B 244 7.31 40.41 0.04
CA LYS B 244 6.73 39.66 -1.06
C LYS B 244 7.64 39.62 -2.28
N ARG B 245 8.63 40.52 -2.36
CA ARG B 245 9.53 40.51 -3.50
C ARG B 245 10.39 39.25 -3.52
N ILE B 246 10.71 38.68 -2.36
CA ILE B 246 11.49 37.46 -2.27
C ILE B 246 10.55 36.28 -2.11
N GLN B 247 9.82 35.95 -3.17
CA GLN B 247 8.87 34.86 -3.12
C GLN B 247 9.57 33.51 -3.26
N VAL B 248 9.00 32.49 -2.63
CA VAL B 248 9.52 31.12 -2.69
C VAL B 248 8.35 30.22 -3.06
N VAL B 249 8.37 29.70 -4.28
CA VAL B 249 7.30 28.83 -4.76
C VAL B 249 7.90 27.51 -5.26
N LYS B 250 7.08 26.70 -5.91
CA LYS B 250 7.56 25.42 -6.43
C LYS B 250 8.39 25.63 -7.70
N LYS B 251 9.15 24.59 -8.06
CA LYS B 251 10.00 24.65 -9.24
C LYS B 251 9.24 24.24 -10.48
N ASP B 252 9.59 23.08 -11.06
CA ASP B 252 8.92 22.60 -12.26
C ASP B 252 7.73 21.71 -11.90
N GLY B 253 7.48 20.68 -12.70
CA GLY B 253 6.37 19.78 -12.46
C GLY B 253 6.64 18.78 -11.36
N VAL B 254 6.55 19.24 -10.10
CA VAL B 254 6.77 18.38 -8.95
C VAL B 254 5.62 18.58 -7.98
N GLU B 255 5.30 17.51 -7.23
CA GLU B 255 4.22 17.55 -6.26
C GLU B 255 4.68 18.15 -4.93
N VAL B 256 5.74 17.61 -4.34
CA VAL B 256 6.27 18.10 -3.09
C VAL B 256 7.71 18.53 -3.28
N VAL B 257 8.43 18.76 -2.18
CA VAL B 257 9.81 19.18 -2.21
C VAL B 257 10.60 18.35 -1.19
N ARG B 258 11.84 18.02 -1.54
CA ARG B 258 12.70 17.20 -0.68
C ARG B 258 13.96 17.91 -0.22
N SER B 259 14.55 18.77 -1.03
CA SER B 259 15.77 19.47 -0.66
C SER B 259 15.78 20.83 -1.36
N PHE B 260 16.96 21.44 -1.45
CA PHE B 260 17.07 22.74 -2.11
C PHE B 260 16.99 22.64 -3.62
N ASP B 261 17.15 21.44 -4.19
CA ASP B 261 17.09 21.26 -5.62
C ASP B 261 15.65 21.25 -6.16
N ASP B 262 14.65 21.42 -5.28
CA ASP B 262 13.26 21.44 -5.68
C ASP B 262 12.59 22.79 -5.47
N TYR B 263 13.29 23.75 -4.89
CA TYR B 263 12.78 25.10 -4.67
C TYR B 263 13.48 26.09 -5.59
N LEU B 264 12.76 27.16 -5.93
CA LEU B 264 13.28 28.22 -6.79
C LEU B 264 13.06 29.55 -6.08
N VAL B 265 14.04 29.96 -5.27
CA VAL B 265 13.97 31.20 -4.51
C VAL B 265 14.12 32.35 -5.50
N SER B 266 12.98 32.92 -5.91
CA SER B 266 12.98 34.03 -6.87
C SER B 266 13.41 35.30 -6.15
N VAL B 267 14.61 35.78 -6.44
CA VAL B 267 15.15 36.99 -5.85
C VAL B 267 15.35 37.98 -6.98
N ASP B 268 14.49 38.99 -7.07
CA ASP B 268 14.54 40.02 -8.10
C ASP B 268 14.60 41.38 -7.41
N ASP B 269 15.80 41.77 -7.00
CA ASP B 269 16.02 43.06 -6.34
C ASP B 269 16.06 44.14 -7.41
N LYS B 270 14.89 44.68 -7.74
CA LYS B 270 14.76 45.71 -8.77
C LYS B 270 14.17 47.00 -8.25
N ASN B 271 13.06 46.92 -7.52
CA ASN B 271 12.37 48.10 -7.02
C ASN B 271 12.75 48.47 -5.59
N LEU B 272 13.62 47.68 -4.95
CA LEU B 272 14.04 47.95 -3.59
C LEU B 272 15.37 48.70 -3.52
N GLU B 273 15.77 49.33 -4.61
CA GLU B 273 17.03 50.07 -4.69
C GLU B 273 16.82 51.58 -4.55
N GLU B 274 15.69 52.00 -3.99
CA GLU B 274 15.41 53.42 -3.82
C GLU B 274 16.25 54.00 -2.69
N THR B 275 15.91 53.68 -1.45
CA THR B 275 16.63 54.14 -0.27
C THR B 275 16.90 52.99 0.68
N LYS B 276 17.09 51.80 0.14
CA LYS B 276 17.32 50.58 0.92
C LYS B 276 18.61 49.92 0.46
N LEU B 277 19.06 48.96 1.25
CA LEU B 277 20.24 48.15 0.93
C LEU B 277 19.85 46.67 0.93
N LEU B 278 20.83 45.83 0.63
CA LEU B 278 20.61 44.39 0.59
C LEU B 278 21.93 43.67 0.86
N ARG B 279 21.88 42.66 1.72
CA ARG B 279 23.06 41.87 2.05
C ARG B 279 22.66 40.40 2.20
N LYS B 280 23.62 39.52 1.97
CA LYS B 280 23.42 38.08 2.08
C LYS B 280 24.44 37.52 3.06
N LEU B 281 23.94 36.96 4.16
CA LEU B 281 24.77 36.37 5.20
C LEU B 281 24.69 34.85 5.26
N GLY B 282 23.50 34.28 5.13
CA GLY B 282 23.34 32.84 5.18
C GLY B 282 23.27 32.21 3.81
N GLY B 283 22.77 32.96 2.83
CA GLY B 283 22.65 32.46 1.47
C GLY B 283 23.40 33.31 0.45
N THR C 1 37.49 16.48 28.17
CA THR C 1 36.45 17.19 27.44
C THR C 1 36.94 17.61 26.05
N ILE C 2 36.13 17.33 25.03
CA ILE C 2 36.50 17.69 23.67
C ILE C 2 36.32 19.20 23.46
N GLU C 3 37.03 19.73 22.47
CA GLU C 3 36.98 21.14 22.15
C GLU C 3 36.70 21.44 20.68
N LYS C 4 36.63 20.43 19.82
CA LYS C 4 36.41 20.62 18.40
C LYS C 4 35.00 20.16 18.03
N ARG C 5 34.49 20.71 16.92
CA ARG C 5 33.19 20.37 16.40
C ARG C 5 33.34 19.32 15.30
N TYR C 6 32.52 18.27 15.37
CA TYR C 6 32.59 17.15 14.44
C TYR C 6 31.25 17.02 13.71
N ASP C 7 31.29 17.09 12.38
CA ASP C 7 30.12 16.95 11.52
C ASP C 7 30.32 15.71 10.66
N PHE C 8 30.00 14.55 11.22
CA PHE C 8 30.21 13.29 10.52
C PHE C 8 29.06 12.99 9.56
N VAL C 9 29.40 12.43 8.41
CA VAL C 9 28.42 12.03 7.40
C VAL C 9 28.32 10.51 7.39
N PHE C 10 27.55 9.95 8.30
CA PHE C 10 27.43 8.50 8.41
C PHE C 10 26.65 7.95 7.21
N LEU C 11 27.21 6.93 6.57
CA LEU C 11 26.58 6.28 5.42
C LEU C 11 26.52 4.78 5.68
N PHE C 12 25.32 4.22 5.63
CA PHE C 12 25.13 2.79 5.86
C PHE C 12 23.93 2.31 5.05
N ASP C 13 24.00 1.06 4.61
CA ASP C 13 22.93 0.46 3.82
C ASP C 13 22.41 -0.82 4.46
N VAL C 14 21.66 -1.61 3.71
CA VAL C 14 21.09 -2.86 4.20
C VAL C 14 21.00 -3.83 3.03
N GLN C 15 21.51 -5.04 3.23
CA GLN C 15 21.51 -6.04 2.16
C GLN C 15 20.12 -6.64 1.97
N ASP C 16 19.60 -7.31 3.00
CA ASP C 16 18.28 -7.94 2.91
C ASP C 16 17.73 -8.09 4.32
N GLY C 17 16.71 -7.31 4.64
CA GLY C 17 16.10 -7.38 5.95
C GLY C 17 15.35 -6.11 6.27
N ASN C 18 14.88 -6.05 7.51
CA ASN C 18 14.13 -4.90 8.02
C ASN C 18 15.01 -4.10 8.96
N PRO C 19 15.60 -2.99 8.52
CA PRO C 19 16.48 -2.22 9.41
C PRO C 19 15.73 -1.54 10.54
N ASN C 20 15.33 -0.29 10.32
CA ASN C 20 14.58 0.49 11.32
C ASN C 20 13.09 0.37 10.96
N GLY C 21 12.44 -0.64 11.52
CA GLY C 21 11.04 -0.87 11.22
C GLY C 21 10.11 -0.03 12.07
N ASP C 22 8.90 0.18 11.53
CA ASP C 22 7.96 1.12 12.13
C ASP C 22 6.88 0.38 12.87
N PRO C 23 6.80 0.48 14.20
CA PRO C 23 5.64 -0.07 14.92
C PRO C 23 4.34 0.60 14.53
N ASP C 24 4.39 1.80 13.95
CA ASP C 24 3.18 2.47 13.48
C ASP C 24 2.53 1.74 12.32
N ALA C 25 3.28 0.92 11.58
CA ALA C 25 2.78 0.30 10.37
C ALA C 25 3.17 -1.18 10.30
N GLY C 26 2.89 -1.91 11.37
CA GLY C 26 2.97 -3.36 11.30
C GLY C 26 4.38 -3.89 11.45
N ASN C 27 5.12 -3.94 10.34
CA ASN C 27 6.50 -4.45 10.38
C ASN C 27 7.29 -3.96 9.17
N LEU C 28 6.95 -2.77 8.66
CA LEU C 28 7.67 -2.24 7.51
C LEU C 28 8.61 -1.12 7.93
N PRO C 29 9.75 -0.97 7.27
CA PRO C 29 10.68 0.11 7.62
C PRO C 29 10.10 1.46 7.25
N ARG C 30 10.61 2.49 7.94
CA ARG C 30 10.17 3.86 7.69
C ARG C 30 10.59 4.33 6.31
N ILE C 31 9.62 4.63 5.45
CA ILE C 31 9.89 5.07 4.09
C ILE C 31 9.14 6.37 3.83
N ASP C 32 9.66 7.15 2.91
CA ASP C 32 9.03 8.42 2.56
C ASP C 32 7.75 8.16 1.76
N PRO C 33 6.60 8.67 2.21
CA PRO C 33 5.36 8.40 1.46
C PRO C 33 5.29 9.12 0.12
N GLN C 34 5.71 10.39 0.07
CA GLN C 34 5.60 11.15 -1.16
C GLN C 34 6.57 10.68 -2.24
N THR C 35 7.76 10.22 -1.83
CA THR C 35 8.77 9.74 -2.78
C THR C 35 8.98 8.25 -2.63
N GLY C 36 9.73 7.80 -1.63
CA GLY C 36 9.97 6.39 -1.44
C GLY C 36 11.32 6.09 -0.81
N GLU C 37 11.98 7.14 -0.30
CA GLU C 37 13.28 6.98 0.33
C GLU C 37 13.13 6.39 1.72
N GLY C 38 13.98 5.41 2.02
CA GLY C 38 13.94 4.77 3.33
C GLY C 38 14.52 5.68 4.40
N LEU C 39 13.92 5.60 5.60
CA LEU C 39 14.34 6.41 6.73
C LEU C 39 14.68 5.49 7.90
N VAL C 40 15.74 5.84 8.62
CA VAL C 40 16.22 5.08 9.77
C VAL C 40 16.42 6.04 10.93
N THR C 41 15.80 5.74 12.07
CA THR C 41 15.92 6.59 13.24
C THR C 41 17.31 6.46 13.86
N ASP C 42 17.70 7.48 14.63
CA ASP C 42 19.00 7.48 15.27
C ASP C 42 19.05 6.59 16.51
N VAL C 43 17.89 6.23 17.06
CA VAL C 43 17.88 5.40 18.25
C VAL C 43 18.36 3.99 17.94
N CYS C 44 18.19 3.53 16.70
CA CYS C 44 18.74 2.22 16.31
C CYS C 44 20.26 2.25 16.35
N LEU C 45 20.87 3.30 15.79
CA LEU C 45 22.32 3.42 15.85
C LEU C 45 22.80 3.60 17.29
N LYS C 46 22.03 4.33 18.10
CA LYS C 46 22.40 4.49 19.50
C LYS C 46 22.38 3.16 20.24
N ARG C 47 21.37 2.33 19.98
CA ARG C 47 21.30 1.03 20.63
C ARG C 47 22.39 0.09 20.11
N LYS C 48 22.74 0.18 18.84
CA LYS C 48 23.86 -0.60 18.32
C LYS C 48 25.16 -0.20 19.00
N VAL C 49 25.37 1.11 19.19
CA VAL C 49 26.57 1.59 19.88
C VAL C 49 26.56 1.10 21.33
N ARG C 50 25.40 1.13 21.98
CA ARG C 50 25.30 0.65 23.36
C ARG C 50 25.63 -0.84 23.44
N ASN C 51 25.13 -1.64 22.49
CA ASN C 51 25.44 -3.07 22.50
C ASN C 51 26.92 -3.31 22.25
N PHE C 52 27.52 -2.55 21.33
CA PHE C 52 28.96 -2.70 21.08
C PHE C 52 29.76 -2.35 22.33
N ILE C 53 29.36 -1.31 23.06
CA ILE C 53 30.05 -0.96 24.29
C ILE C 53 29.85 -2.03 25.35
N GLN C 54 28.65 -2.60 25.43
CA GLN C 54 28.39 -3.64 26.42
C GLN C 54 29.20 -4.88 26.14
N MET C 55 29.45 -5.19 24.86
CA MET C 55 30.21 -6.38 24.51
C MET C 55 31.70 -6.12 24.39
N THR C 56 32.15 -4.86 24.41
CA THR C 56 33.57 -4.53 24.29
C THR C 56 33.99 -3.55 25.37
N GLN C 57 33.68 -3.89 26.63
CA GLN C 57 34.12 -3.06 27.76
C GLN C 57 34.06 -3.84 29.06
N ASN C 58 32.88 -3.89 29.69
CA ASN C 58 32.65 -4.55 30.97
C ASN C 58 33.59 -3.98 32.05
N ASP C 59 33.29 -2.74 32.42
CA ASP C 59 34.05 -2.04 33.44
C ASP C 59 33.18 -0.94 34.03
N GLU C 60 33.72 -0.28 35.05
CA GLU C 60 33.00 0.80 35.71
C GLU C 60 33.30 2.14 35.03
N HIS C 61 32.66 3.19 35.49
CA HIS C 61 32.77 4.56 34.96
C HIS C 61 32.30 4.66 33.51
N HIS C 62 31.64 3.62 32.98
CA HIS C 62 31.14 3.59 31.62
C HIS C 62 29.91 2.68 31.59
N ASP C 63 28.87 3.09 32.33
CA ASP C 63 27.64 2.31 32.39
C ASP C 63 26.99 2.26 31.01
N ILE C 64 26.34 1.13 30.73
CA ILE C 64 25.85 0.83 29.40
C ILE C 64 24.33 0.85 29.31
N PHE C 65 23.64 1.18 30.41
CA PHE C 65 22.18 1.21 30.45
C PHE C 65 21.61 -0.18 30.15
N ILE C 66 21.33 -0.96 31.20
CA ILE C 66 20.94 -2.35 31.07
C ILE C 66 19.63 -2.48 30.29
N ARG C 67 19.28 -3.71 29.92
CA ARG C 67 18.08 -4.00 29.16
C ARG C 67 16.95 -4.45 30.08
N GLU C 68 15.75 -4.53 29.53
CA GLU C 68 14.50 -4.98 30.15
C GLU C 68 14.39 -4.68 31.64
N LYS C 69 14.81 -5.61 32.50
CA LYS C 69 14.60 -5.52 33.94
C LYS C 69 15.24 -4.29 34.57
N GLY C 70 16.06 -3.54 33.84
CA GLY C 70 16.66 -2.32 34.33
C GLY C 70 15.67 -1.20 34.55
N ILE C 71 15.08 -1.13 35.73
CA ILE C 71 14.15 -0.06 36.06
C ILE C 71 14.93 1.24 36.22
N LEU C 72 14.50 2.29 35.51
CA LEU C 72 15.19 3.57 35.59
C LEU C 72 15.08 4.19 36.98
N ASN C 73 13.94 4.01 37.64
CA ASN C 73 13.78 4.54 38.99
C ASN C 73 14.74 3.86 39.96
N ASN C 74 14.92 2.54 39.82
CA ASN C 74 15.85 1.83 40.69
C ASN C 74 17.28 2.29 40.47
N LEU C 75 17.68 2.48 39.21
CA LEU C 75 19.02 2.96 38.92
C LEU C 75 19.23 4.38 39.44
N ILE C 76 18.21 5.23 39.33
CA ILE C 76 18.31 6.59 39.83
C ILE C 76 18.44 6.59 41.35
N ASP C 77 17.66 5.74 42.03
CA ASP C 77 17.75 5.65 43.49
C ASP C 77 19.11 5.09 43.92
N GLU C 78 19.66 4.16 43.14
CA GLU C 78 20.98 3.62 43.47
C GLU C 78 22.07 4.66 43.27
N ALA C 79 21.95 5.48 42.22
CA ALA C 79 22.92 6.55 41.98
C ALA C 79 22.75 7.70 42.95
N HIS C 80 21.57 7.85 43.56
CA HIS C 80 21.35 8.94 44.51
C HIS C 80 22.02 8.64 45.85
N GLU C 81 22.07 7.37 46.26
CA GLU C 81 22.67 6.98 47.53
C GLU C 81 24.18 6.79 47.37
N GLN C 82 24.85 7.88 47.03
CA GLN C 82 26.30 7.87 46.85
C GLN C 82 26.96 8.98 47.67
N GLU C 83 27.32 10.08 47.02
CA GLU C 83 27.98 11.19 47.68
C GLU C 83 27.01 12.30 48.10
N ASN C 84 25.89 12.45 47.40
CA ASN C 84 24.90 13.46 47.71
C ASN C 84 23.58 12.79 48.07
N VAL C 85 23.54 12.25 49.30
CA VAL C 85 22.34 11.57 49.76
C VAL C 85 21.24 12.57 50.10
N LYS C 86 21.58 13.58 50.90
CA LYS C 86 20.60 14.58 51.31
C LYS C 86 21.30 15.90 51.60
N GLY C 87 22.53 15.84 52.11
CA GLY C 87 23.25 17.03 52.49
C GLY C 87 23.79 17.82 51.33
N LYS C 88 22.90 18.33 50.48
CA LYS C 88 23.31 19.13 49.33
C LYS C 88 22.28 20.15 48.89
N GLU C 89 21.15 20.29 49.60
CA GLU C 89 20.14 21.30 49.31
C GLU C 89 19.57 21.15 47.90
N LYS C 90 18.80 20.07 47.71
CA LYS C 90 18.03 19.73 46.52
C LYS C 90 18.52 20.34 45.21
N GLY C 91 18.54 21.68 45.12
CA GLY C 91 18.90 22.38 43.91
C GLY C 91 20.23 21.94 43.30
N GLU C 92 21.34 22.27 43.95
CA GLU C 92 22.63 21.80 43.46
C GLU C 92 22.83 20.31 43.67
N LYS C 93 22.01 19.66 44.50
CA LYS C 93 22.06 18.22 44.64
C LYS C 93 21.72 17.54 43.31
N THR C 94 20.72 18.06 42.60
CA THR C 94 20.38 17.51 41.30
C THR C 94 21.52 17.63 40.31
N GLU C 95 22.19 18.79 40.30
CA GLU C 95 23.32 18.98 39.40
C GLU C 95 24.48 18.07 39.76
N ALA C 96 24.73 17.88 41.07
CA ALA C 96 25.80 16.98 41.49
C ALA C 96 25.50 15.54 41.09
N ALA C 97 24.24 15.11 41.26
CA ALA C 97 23.87 13.76 40.84
C ALA C 97 23.96 13.61 39.34
N ARG C 98 23.60 14.64 38.58
CA ARG C 98 23.72 14.60 37.13
C ARG C 98 25.18 14.47 36.71
N GLN C 99 26.07 15.24 37.35
CA GLN C 99 27.49 15.14 37.04
C GLN C 99 28.05 13.77 37.40
N TYR C 100 27.62 13.22 38.53
CA TYR C 100 28.08 11.89 38.92
C TYR C 100 27.61 10.84 37.93
N MET C 101 26.35 10.93 37.47
CA MET C 101 25.86 9.98 36.48
C MET C 101 26.56 10.15 35.14
N CYS C 102 26.90 11.38 34.76
CA CYS C 102 27.64 11.60 33.53
C CYS C 102 29.04 11.01 33.63
N SER C 103 29.69 11.15 34.78
CA SER C 103 31.00 10.55 34.97
C SER C 103 30.93 9.04 35.10
N ARG C 104 29.77 8.49 35.45
CA ARG C 104 29.60 7.05 35.62
C ARG C 104 28.96 6.38 34.40
N TYR C 105 27.98 7.02 33.77
CA TYR C 105 27.30 6.44 32.62
C TYR C 105 27.92 6.93 31.33
N TYR C 106 27.95 6.05 30.33
CA TYR C 106 28.44 6.39 29.00
C TYR C 106 27.32 6.78 28.04
N ASP C 107 26.14 6.17 28.16
CA ASP C 107 25.03 6.54 27.30
C ASP C 107 24.56 7.96 27.56
N ILE C 108 24.50 8.36 28.84
CA ILE C 108 24.08 9.72 29.15
C ILE C 108 25.20 10.71 28.84
N ARG C 109 26.45 10.25 28.83
CA ARG C 109 27.57 11.13 28.51
C ARG C 109 27.64 11.41 27.02
N THR C 110 27.44 10.37 26.19
CA THR C 110 27.49 10.56 24.74
C THR C 110 26.17 11.11 24.22
N PHE C 111 25.05 10.48 24.60
CA PHE C 111 23.73 10.92 24.18
C PHE C 111 23.03 11.50 25.40
N GLY C 112 22.08 10.79 26.00
CA GLY C 112 21.40 11.30 27.17
C GLY C 112 20.34 10.31 27.63
N ALA C 113 19.72 10.64 28.76
CA ALA C 113 18.69 9.81 29.34
C ALA C 113 17.80 10.67 30.24
N VAL C 114 16.63 10.15 30.55
CA VAL C 114 15.67 10.85 31.41
C VAL C 114 15.96 10.48 32.86
N MET C 115 16.33 11.49 33.65
CA MET C 115 16.64 11.31 35.07
C MET C 115 15.75 12.20 35.94
N THR C 116 14.52 12.44 35.49
CA THR C 116 13.58 13.30 36.17
C THR C 116 12.36 12.52 36.64
N THR C 117 12.57 11.28 37.09
CA THR C 117 11.48 10.44 37.57
C THR C 117 11.09 10.81 39.00
N GLY C 118 11.12 9.85 39.91
CA GLY C 118 10.82 10.10 41.30
C GLY C 118 11.82 11.03 41.95
N LYS C 119 13.00 10.50 42.27
CA LYS C 119 14.09 11.32 42.79
C LYS C 119 14.75 12.08 41.65
N ASN C 120 14.31 13.32 41.42
CA ASN C 120 14.80 14.10 40.29
C ASN C 120 16.27 14.44 40.47
N ALA C 121 17.00 14.48 39.35
CA ALA C 121 18.42 14.79 39.37
C ALA C 121 18.81 15.59 38.13
N GLY C 122 17.89 16.40 37.64
CA GLY C 122 18.15 17.19 36.45
C GLY C 122 18.09 16.37 35.18
N GLN C 123 18.50 17.01 34.09
CA GLN C 123 18.52 16.37 32.78
C GLN C 123 19.78 16.79 32.04
N VAL C 124 20.20 15.93 31.10
CA VAL C 124 21.43 16.14 30.34
C VAL C 124 21.04 16.58 28.93
N ARG C 125 21.57 17.74 28.51
CA ARG C 125 21.28 18.23 27.17
C ARG C 125 21.87 17.32 26.10
N GLY C 126 23.07 16.79 26.34
CA GLY C 126 23.69 15.87 25.44
C GLY C 126 24.54 16.55 24.38
N PRO C 127 25.80 16.13 24.25
CA PRO C 127 26.68 16.73 23.23
C PRO C 127 26.42 16.15 21.85
N VAL C 128 26.74 14.87 21.67
CA VAL C 128 26.52 14.19 20.40
C VAL C 128 25.04 13.93 20.23
N GLN C 129 24.47 14.45 19.15
CA GLN C 129 23.04 14.30 18.85
C GLN C 129 22.89 13.88 17.39
N LEU C 130 22.67 12.59 17.16
CA LEU C 130 22.47 12.10 15.81
C LEU C 130 21.08 12.48 15.30
N THR C 131 20.89 12.33 13.99
CA THR C 131 19.65 12.69 13.32
C THR C 131 19.05 11.44 12.66
N PHE C 132 17.89 11.62 12.05
CA PHE C 132 17.22 10.53 11.35
C PHE C 132 17.84 10.33 9.98
N SER C 133 18.10 9.07 9.64
CA SER C 133 18.71 8.76 8.35
C SER C 133 17.69 8.88 7.23
N ARG C 134 18.20 9.00 6.00
CA ARG C 134 17.36 9.12 4.82
C ARG C 134 18.17 8.71 3.60
N SER C 135 17.60 7.81 2.78
CA SER C 135 18.26 7.35 1.58
C SER C 135 18.02 8.35 0.44
N ILE C 136 18.65 8.10 -0.70
CA ILE C 136 18.54 8.96 -1.88
C ILE C 136 17.63 8.32 -2.92
N ASP C 137 17.94 7.11 -3.35
CA ASP C 137 17.12 6.43 -4.34
C ASP C 137 15.84 5.90 -3.68
N PRO C 138 14.67 6.10 -4.30
CA PRO C 138 13.43 5.59 -3.70
C PRO C 138 13.43 4.08 -3.59
N ILE C 139 13.62 3.57 -2.38
CA ILE C 139 13.66 2.12 -2.18
C ILE C 139 12.25 1.54 -2.29
N MET C 140 12.20 0.22 -2.47
CA MET C 140 10.94 -0.51 -2.59
C MET C 140 10.85 -1.53 -1.48
N THR C 141 9.63 -1.82 -1.05
CA THR C 141 9.40 -2.79 0.03
C THR C 141 9.10 -4.16 -0.58
N LEU C 142 9.91 -5.16 -0.21
CA LEU C 142 9.78 -6.49 -0.77
C LEU C 142 8.67 -7.30 -0.10
N GLU C 143 8.55 -7.21 1.22
CA GLU C 143 7.57 -7.95 2.00
C GLU C 143 7.69 -9.45 1.76
N HIS C 144 8.61 -10.09 2.49
CA HIS C 144 8.86 -11.53 2.35
C HIS C 144 8.05 -12.26 3.42
N SER C 145 6.80 -12.56 3.09
CA SER C 145 5.94 -13.29 4.02
C SER C 145 6.40 -14.73 4.16
N ILE C 146 6.66 -15.16 5.39
CA ILE C 146 7.11 -16.52 5.67
C ILE C 146 6.14 -17.15 6.68
N THR C 147 6.26 -18.47 6.82
CA THR C 147 5.35 -19.26 7.62
C THR C 147 6.06 -19.90 8.79
N ARG C 148 5.28 -20.61 9.62
CA ARG C 148 5.79 -21.37 10.75
C ARG C 148 4.94 -22.61 10.92
N MET C 149 5.59 -23.75 11.17
CA MET C 149 4.91 -25.03 11.35
C MET C 149 4.64 -25.33 12.82
N ALA C 150 4.44 -24.30 13.64
CA ALA C 150 4.17 -24.49 15.06
C ALA C 150 3.33 -23.32 15.56
N VAL C 151 2.14 -23.61 16.08
CA VAL C 151 1.28 -22.57 16.61
C VAL C 151 1.81 -22.09 17.96
N THR C 152 1.42 -20.88 18.35
CA THR C 152 1.84 -20.34 19.64
C THR C 152 0.89 -20.78 20.73
N ASN C 153 -0.23 -20.07 20.89
CA ASN C 153 -1.23 -20.41 21.89
C ASN C 153 -2.21 -21.42 21.33
N GLU C 154 -2.76 -22.25 22.22
CA GLU C 154 -3.69 -23.29 21.81
C GLU C 154 -5.05 -22.72 21.39
N LYS C 155 -5.36 -21.48 21.78
CA LYS C 155 -6.64 -20.89 21.41
C LYS C 155 -6.68 -20.56 19.92
N ASP C 156 -5.63 -19.92 19.41
CA ASP C 156 -5.54 -19.60 17.99
C ASP C 156 -5.18 -20.80 17.13
N ALA C 157 -4.91 -21.96 17.74
CA ALA C 157 -4.58 -23.14 16.97
C ALA C 157 -5.80 -23.63 16.19
N SER C 158 -5.54 -24.22 15.02
CA SER C 158 -6.61 -24.72 14.19
C SER C 158 -7.29 -25.92 14.86
N GLU C 159 -8.53 -26.19 14.43
CA GLU C 159 -9.30 -27.31 14.96
C GLU C 159 -8.74 -28.67 14.51
N THR C 160 -7.65 -28.69 13.74
CA THR C 160 -7.09 -29.94 13.24
C THR C 160 -5.72 -30.19 13.83
N GLY C 161 -4.80 -30.71 13.03
CA GLY C 161 -3.45 -30.98 13.48
C GLY C 161 -2.42 -30.07 12.83
N ASP C 162 -2.79 -29.44 11.73
CA ASP C 162 -1.90 -28.53 11.01
C ASP C 162 -1.90 -27.20 11.74
N ASN C 163 -0.97 -27.06 12.68
CA ASN C 163 -0.83 -25.85 13.49
C ASN C 163 0.20 -24.94 12.82
N ARG C 164 -0.28 -23.91 12.13
CA ARG C 164 0.59 -22.97 11.43
C ARG C 164 0.27 -21.54 11.85
N THR C 165 1.31 -20.71 11.87
CA THR C 165 1.20 -19.28 12.17
C THR C 165 2.15 -18.55 11.23
N MET C 166 1.60 -18.08 10.11
CA MET C 166 2.38 -17.43 9.05
C MET C 166 2.86 -16.05 9.47
N GLY C 167 2.27 -15.03 8.86
CA GLY C 167 2.67 -13.67 9.07
C GLY C 167 3.54 -13.14 7.95
N ARG C 168 4.21 -12.03 8.23
CA ARG C 168 5.08 -11.42 7.22
C ARG C 168 6.38 -10.96 7.87
N LYS C 169 7.46 -11.06 7.10
CA LYS C 169 8.79 -10.65 7.52
C LYS C 169 9.35 -9.74 6.42
N PHE C 170 9.22 -8.43 6.61
CA PHE C 170 9.56 -7.48 5.56
C PHE C 170 11.07 -7.45 5.33
N THR C 171 11.44 -7.16 4.08
CA THR C 171 12.84 -7.10 3.69
C THR C 171 13.06 -5.88 2.80
N VAL C 172 14.31 -5.48 2.68
CA VAL C 172 14.70 -4.32 1.87
C VAL C 172 15.85 -4.72 0.96
N PRO C 173 15.78 -4.44 -0.35
CA PRO C 173 16.88 -4.86 -1.24
C PRO C 173 18.10 -3.98 -1.11
N TYR C 174 17.94 -2.66 -1.05
CA TYR C 174 19.06 -1.76 -0.90
C TYR C 174 18.54 -0.41 -0.43
N GLY C 175 19.48 0.49 -0.12
CA GLY C 175 19.13 1.82 0.34
C GLY C 175 20.18 2.42 1.26
N LEU C 176 21.13 3.15 0.68
CA LEU C 176 22.18 3.80 1.45
C LEU C 176 21.58 4.93 2.26
N TYR C 177 21.32 4.67 3.54
CA TYR C 177 20.71 5.65 4.43
C TYR C 177 21.73 6.73 4.75
N ARG C 178 21.65 7.87 4.07
CA ARG C 178 22.56 8.98 4.30
C ARG C 178 22.28 9.62 5.66
N CYS C 179 22.90 9.11 6.71
CA CYS C 179 22.68 9.62 8.05
C CYS C 179 23.45 10.92 8.26
N HIS C 180 22.99 11.70 9.24
CA HIS C 180 23.61 12.97 9.59
C HIS C 180 23.73 13.08 11.09
N GLY C 181 24.58 14.00 11.55
CA GLY C 181 24.78 14.21 12.97
C GLY C 181 25.80 15.29 13.27
N PHE C 182 25.60 15.97 14.40
CA PHE C 182 26.49 17.05 14.82
C PHE C 182 26.89 16.86 16.27
N ILE C 183 28.10 17.30 16.60
CA ILE C 183 28.66 17.16 17.94
C ILE C 183 29.01 18.56 18.45
N SER C 184 28.54 18.88 19.65
CA SER C 184 28.80 20.17 20.27
C SER C 184 29.94 20.04 21.28
N THR C 185 30.31 21.19 21.86
CA THR C 185 31.40 21.24 22.84
C THR C 185 30.99 21.81 24.19
N HIS C 186 30.02 22.73 24.22
CA HIS C 186 29.60 23.33 25.49
C HIS C 186 29.00 22.27 26.41
N PHE C 187 28.07 21.47 25.88
CA PHE C 187 27.48 20.41 26.68
C PHE C 187 28.48 19.29 26.95
N ALA C 188 29.43 19.08 26.04
CA ALA C 188 30.45 18.07 26.27
C ALA C 188 31.38 18.45 27.41
N LYS C 189 31.63 19.75 27.60
CA LYS C 189 32.46 20.18 28.72
C LYS C 189 31.77 19.98 30.05
N GLN C 190 30.43 20.00 30.07
CA GLN C 190 29.69 19.79 31.30
C GLN C 190 29.48 18.32 31.60
N THR C 191 29.19 17.52 30.56
CA THR C 191 28.98 16.09 30.75
C THR C 191 30.28 15.29 30.86
N GLY C 192 31.42 15.92 30.56
CA GLY C 192 32.69 15.21 30.66
C GLY C 192 33.02 14.34 29.47
N PHE C 193 32.50 14.69 28.28
CA PHE C 193 32.77 13.91 27.08
C PHE C 193 34.20 14.14 26.61
N SER C 194 35.14 13.33 27.08
CA SER C 194 36.54 13.48 26.74
C SER C 194 36.80 12.95 25.33
N GLU C 195 38.07 13.05 24.89
CA GLU C 195 38.43 12.57 23.56
C GLU C 195 38.46 11.06 23.50
N ASN C 196 38.74 10.39 24.61
CA ASN C 196 38.71 8.93 24.63
C ASN C 196 37.30 8.42 24.41
N ASP C 197 36.31 9.04 25.05
CA ASP C 197 34.91 8.68 24.80
C ASP C 197 34.52 8.95 23.36
N LEU C 198 35.04 10.03 22.76
CA LEU C 198 34.75 10.32 21.37
C LEU C 198 35.34 9.25 20.44
N GLU C 199 36.57 8.82 20.72
CA GLU C 199 37.18 7.75 19.92
C GLU C 199 36.42 6.45 20.09
N LEU C 200 35.97 6.14 21.31
CA LEU C 200 35.18 4.94 21.54
C LEU C 200 33.85 5.01 20.78
N PHE C 201 33.22 6.19 20.76
CA PHE C 201 31.98 6.36 20.00
C PHE C 201 32.21 6.20 18.51
N TRP C 202 33.34 6.71 18.00
CA TRP C 202 33.65 6.53 16.59
C TRP C 202 33.87 5.06 16.26
N GLN C 203 34.63 4.35 17.11
CA GLN C 203 34.85 2.92 16.89
C GLN C 203 33.53 2.14 16.94
N ALA C 204 32.63 2.53 17.84
CA ALA C 204 31.33 1.88 17.91
C ALA C 204 30.51 2.14 16.65
N LEU C 205 30.45 3.40 16.21
CA LEU C 205 29.73 3.72 14.98
C LEU C 205 30.32 2.99 13.77
N VAL C 206 31.63 2.72 13.80
CA VAL C 206 32.26 2.03 12.68
C VAL C 206 31.96 0.54 12.71
N ASN C 207 32.08 -0.09 13.89
CA ASN C 207 32.00 -1.54 14.01
C ASN C 207 30.78 -1.99 14.81
N MET C 208 29.64 -1.32 14.63
CA MET C 208 28.40 -1.79 15.22
C MET C 208 27.58 -2.69 14.31
N PHE C 209 27.79 -2.58 12.99
CA PHE C 209 27.05 -3.40 12.03
C PHE C 209 27.69 -4.77 11.81
N ASP C 210 28.68 -5.14 12.61
CA ASP C 210 29.32 -6.44 12.52
C ASP C 210 28.91 -7.39 13.63
N HIS C 211 28.40 -6.90 14.75
CA HIS C 211 27.96 -7.72 15.86
C HIS C 211 26.46 -7.64 16.10
N ASP C 212 25.90 -6.44 16.16
CA ASP C 212 24.47 -6.28 16.36
C ASP C 212 23.70 -6.71 15.12
N HIS C 213 23.35 -7.99 15.04
CA HIS C 213 22.63 -8.54 13.91
C HIS C 213 21.50 -9.44 14.40
N SER C 214 20.51 -9.63 13.54
CA SER C 214 19.34 -10.45 13.85
C SER C 214 18.78 -11.01 12.56
N ALA C 215 17.66 -11.74 12.68
CA ALA C 215 17.02 -12.31 11.51
C ALA C 215 16.12 -11.31 10.80
N ALA C 216 15.51 -10.39 11.54
CA ALA C 216 14.63 -9.40 10.92
C ALA C 216 15.44 -8.34 10.18
N ARG C 217 16.53 -7.86 10.79
CA ARG C 217 17.35 -6.84 10.15
C ARG C 217 18.20 -7.43 9.02
N GLY C 218 18.54 -8.71 9.10
CA GLY C 218 19.37 -9.34 8.10
C GLY C 218 20.82 -8.93 8.17
N GLN C 219 21.38 -8.49 7.05
CA GLN C 219 22.77 -8.07 6.97
C GLN C 219 22.83 -6.58 6.69
N MET C 220 23.46 -5.83 7.59
CA MET C 220 23.64 -4.40 7.43
C MET C 220 25.12 -4.06 7.62
N ASN C 221 25.57 -3.06 6.86
CA ASN C 221 26.97 -2.64 6.91
C ASN C 221 27.04 -1.12 6.80
N ALA C 222 28.15 -0.57 7.27
CA ALA C 222 28.40 0.87 7.22
C ALA C 222 29.35 1.17 6.07
N ARG C 223 28.93 2.08 5.19
CA ARG C 223 29.73 2.43 4.02
C ARG C 223 30.94 3.28 4.43
N GLY C 224 30.72 4.59 4.59
CA GLY C 224 31.80 5.48 4.96
C GLY C 224 31.38 6.39 6.10
N LEU C 225 32.38 7.03 6.70
CA LEU C 225 32.18 7.96 7.82
C LEU C 225 33.16 9.11 7.65
N TYR C 226 32.70 10.21 7.06
CA TYR C 226 33.52 11.39 6.82
C TYR C 226 33.24 12.41 7.91
N VAL C 227 34.13 12.49 8.90
CA VAL C 227 33.96 13.41 10.02
C VAL C 227 34.58 14.74 9.66
N PHE C 228 33.83 15.82 9.87
CA PHE C 228 34.29 17.19 9.58
C PHE C 228 34.76 17.80 10.90
N GLU C 229 36.03 17.62 11.20
CA GLU C 229 36.61 18.16 12.42
C GLU C 229 36.91 19.65 12.25
N HIS C 230 36.32 20.48 13.10
CA HIS C 230 36.52 21.92 13.02
C HIS C 230 37.78 22.34 13.77
N SER C 231 37.93 23.64 14.00
CA SER C 231 39.11 24.17 14.69
C SER C 231 38.76 24.86 16.00
N ASN C 232 37.56 25.43 16.12
CA ASN C 232 37.16 26.10 17.34
C ASN C 232 35.71 25.77 17.70
N ASN C 233 35.15 26.50 18.65
CA ASN C 233 33.78 26.30 19.09
C ASN C 233 32.79 27.25 18.42
N LEU C 234 33.26 28.06 17.47
CA LEU C 234 32.41 29.01 16.77
C LEU C 234 31.85 28.37 15.50
N GLY C 235 31.12 29.17 14.73
CA GLY C 235 30.53 28.70 13.50
C GLY C 235 31.18 29.31 12.27
N ASP C 236 31.89 28.50 11.50
CA ASP C 236 32.57 28.98 10.30
C ASP C 236 31.60 29.12 9.13
N ALA C 237 31.10 27.98 8.64
CA ALA C 237 30.17 27.95 7.52
C ALA C 237 28.96 27.12 7.88
N PRO C 238 27.80 27.42 7.31
CA PRO C 238 26.61 26.60 7.57
C PRO C 238 26.85 25.14 7.21
N ALA C 239 26.33 24.24 8.06
CA ALA C 239 26.52 22.82 7.87
C ALA C 239 25.73 22.26 6.69
N ASP C 240 24.76 23.01 6.16
CA ASP C 240 23.98 22.53 5.03
C ASP C 240 24.85 22.28 3.82
N SER C 241 25.59 23.29 3.37
CA SER C 241 26.50 23.10 2.25
C SER C 241 27.63 22.13 2.59
N LEU C 242 28.05 22.11 3.85
CA LEU C 242 29.10 21.18 4.27
C LEU C 242 28.67 19.74 4.05
N PHE C 243 27.45 19.41 4.44
CA PHE C 243 26.92 18.06 4.22
C PHE C 243 26.49 17.84 2.78
N LYS C 244 26.23 18.91 2.03
CA LYS C 244 25.86 18.79 0.62
C LYS C 244 27.08 18.58 -0.28
N ARG C 245 28.29 18.85 0.22
CA ARG C 245 29.48 18.62 -0.58
C ARG C 245 29.71 17.14 -0.85
N ILE C 246 29.30 16.27 0.07
CA ILE C 246 29.44 14.84 -0.10
C ILE C 246 28.12 14.27 -0.62
N GLN C 247 27.79 14.57 -1.87
CA GLN C 247 26.54 14.11 -2.46
C GLN C 247 26.66 12.65 -2.90
N VAL C 248 25.53 11.94 -2.84
CA VAL C 248 25.44 10.56 -3.26
C VAL C 248 24.25 10.44 -4.21
N VAL C 249 24.53 10.25 -5.50
CA VAL C 249 23.49 10.14 -6.50
C VAL C 249 23.66 8.84 -7.28
N LYS C 250 22.92 8.69 -8.37
CA LYS C 250 23.01 7.48 -9.18
C LYS C 250 24.28 7.51 -10.04
N LYS C 251 24.63 6.33 -10.55
CA LYS C 251 25.82 6.19 -11.39
C LYS C 251 25.50 6.49 -12.85
N ASP C 252 25.55 5.47 -13.70
CA ASP C 252 25.27 5.63 -15.11
C ASP C 252 23.79 5.40 -15.41
N GLY C 253 23.49 4.82 -16.56
CA GLY C 253 22.11 4.57 -16.94
C GLY C 253 21.51 3.37 -16.26
N VAL C 254 21.14 3.53 -14.99
CA VAL C 254 20.54 2.46 -14.20
C VAL C 254 19.27 3.00 -13.54
N GLU C 255 18.30 2.11 -13.34
CA GLU C 255 17.04 2.48 -12.72
C GLU C 255 17.13 2.48 -11.19
N VAL C 256 17.58 1.38 -10.60
CA VAL C 256 17.73 1.27 -9.16
C VAL C 256 19.18 0.96 -8.82
N VAL C 257 19.44 0.56 -7.57
CA VAL C 257 20.77 0.22 -7.11
C VAL C 257 20.71 -1.06 -6.31
N ARG C 258 21.75 -1.89 -6.43
CA ARG C 258 21.80 -3.17 -5.75
C ARG C 258 22.95 -3.30 -4.76
N SER C 259 24.10 -2.71 -5.04
CA SER C 259 25.25 -2.80 -4.14
C SER C 259 26.06 -1.52 -4.28
N PHE C 260 27.32 -1.56 -3.86
CA PHE C 260 28.18 -0.39 -3.94
C PHE C 260 28.66 -0.12 -5.36
N ASP C 261 28.54 -1.10 -6.26
CA ASP C 261 28.97 -0.92 -7.64
C ASP C 261 27.97 -0.11 -8.46
N ASP C 262 26.88 0.35 -7.87
CA ASP C 262 25.88 1.14 -8.57
C ASP C 262 25.78 2.57 -8.05
N TYR C 263 26.52 2.91 -7.00
CA TYR C 263 26.54 4.25 -6.44
C TYR C 263 27.87 4.94 -6.74
N LEU C 264 27.83 6.26 -6.83
CA LEU C 264 29.01 7.08 -7.09
C LEU C 264 29.07 8.16 -6.01
N VAL C 265 29.74 7.84 -4.91
CA VAL C 265 29.88 8.78 -3.78
C VAL C 265 30.83 9.88 -4.22
N SER C 266 30.28 11.01 -4.67
CA SER C 266 31.09 12.14 -5.11
C SER C 266 31.67 12.85 -3.90
N VAL C 267 32.97 12.72 -3.70
CA VAL C 267 33.68 13.35 -2.59
C VAL C 267 34.68 14.32 -3.20
N ASP C 268 34.39 15.62 -3.12
CA ASP C 268 35.25 16.67 -3.66
C ASP C 268 35.56 17.64 -2.54
N ASP C 269 36.57 17.29 -1.73
CA ASP C 269 37.01 18.13 -0.61
C ASP C 269 37.88 19.25 -1.17
N LYS C 270 37.24 20.35 -1.55
CA LYS C 270 37.94 21.49 -2.14
C LYS C 270 37.75 22.77 -1.35
N ASN C 271 36.51 23.10 -0.99
CA ASN C 271 36.22 24.34 -0.28
C ASN C 271 36.11 24.16 1.22
N LEU C 272 36.29 22.94 1.73
CA LEU C 272 36.21 22.67 3.16
C LEU C 272 37.60 22.63 3.81
N GLU C 273 38.61 23.19 3.16
CA GLU C 273 39.97 23.20 3.68
C GLU C 273 40.35 24.56 4.28
N GLU C 274 39.35 25.35 4.67
CA GLU C 274 39.61 26.65 5.28
C GLU C 274 40.11 26.49 6.70
N THR C 275 39.21 26.15 7.62
CA THR C 275 39.55 25.93 9.03
C THR C 275 38.95 24.62 9.53
N LYS C 276 38.86 23.62 8.65
CA LYS C 276 38.23 22.34 8.97
C LYS C 276 39.14 21.21 8.51
N LEU C 277 38.93 20.03 9.10
CA LEU C 277 39.71 18.84 8.80
C LEU C 277 38.80 17.78 8.17
N LEU C 278 39.40 16.63 7.84
CA LEU C 278 38.65 15.55 7.22
C LEU C 278 39.37 14.24 7.53
N ARG C 279 38.59 13.23 7.91
CA ARG C 279 39.13 11.91 8.22
C ARG C 279 38.16 10.84 7.73
N LYS C 280 38.71 9.66 7.44
CA LYS C 280 37.93 8.52 6.96
C LYS C 280 38.16 7.34 7.88
N LEU C 281 37.10 6.89 8.55
CA LEU C 281 37.16 5.77 9.47
C LEU C 281 36.48 4.52 8.95
N GLY C 282 35.30 4.66 8.34
CA GLY C 282 34.58 3.51 7.82
C GLY C 282 34.80 3.30 6.34
N GLY C 283 35.07 4.38 5.60
CA GLY C 283 35.29 4.30 4.18
C GLY C 283 36.64 4.85 3.75
N THR D 1 11.28 -51.10 9.78
CA THR D 1 11.83 -49.77 9.51
C THR D 1 13.29 -49.85 9.10
N ILE D 2 13.64 -49.16 8.01
CA ILE D 2 15.02 -49.17 7.54
C ILE D 2 15.88 -48.29 8.43
N GLU D 3 17.19 -48.55 8.40
CA GLU D 3 18.14 -47.80 9.20
C GLU D 3 19.33 -47.26 8.41
N LYS D 4 19.45 -47.59 7.14
CA LYS D 4 20.56 -47.15 6.31
C LYS D 4 20.10 -46.09 5.31
N ARG D 5 21.04 -45.27 4.87
CA ARG D 5 20.78 -44.22 3.88
C ARG D 5 21.15 -44.74 2.50
N TYR D 6 20.27 -44.52 1.53
CA TYR D 6 20.44 -45.00 0.17
C TYR D 6 20.44 -43.82 -0.79
N ASP D 7 21.52 -43.68 -1.55
CA ASP D 7 21.66 -42.63 -2.56
C ASP D 7 21.77 -43.30 -3.92
N PHE D 8 20.63 -43.62 -4.51
CA PHE D 8 20.59 -44.32 -5.78
C PHE D 8 20.76 -43.36 -6.94
N VAL D 9 21.49 -43.80 -7.97
CA VAL D 9 21.69 -43.01 -9.18
C VAL D 9 20.90 -43.64 -10.31
N PHE D 10 19.61 -43.33 -10.38
CA PHE D 10 18.74 -43.91 -11.40
C PHE D 10 19.09 -43.37 -12.78
N LEU D 11 19.27 -44.26 -13.74
CA LEU D 11 19.59 -43.90 -15.12
C LEU D 11 18.61 -44.58 -16.05
N PHE D 12 17.91 -43.78 -16.86
CA PHE D 12 16.93 -44.31 -17.79
C PHE D 12 16.86 -43.41 -19.01
N ASP D 13 16.58 -44.01 -20.16
CA ASP D 13 16.50 -43.27 -21.41
C ASP D 13 15.15 -43.49 -22.09
N VAL D 14 15.05 -43.12 -23.36
CA VAL D 14 13.82 -43.26 -24.13
C VAL D 14 14.19 -43.51 -25.59
N GLN D 15 13.60 -44.56 -26.17
CA GLN D 15 13.91 -44.91 -27.56
C GLN D 15 13.24 -43.95 -28.53
N ASP D 16 11.90 -43.92 -28.55
CA ASP D 16 11.17 -43.05 -29.46
C ASP D 16 9.79 -42.79 -28.85
N GLY D 17 9.56 -41.57 -28.41
CA GLY D 17 8.29 -41.21 -27.82
C GLY D 17 8.42 -39.99 -26.95
N ASN D 18 7.31 -39.67 -26.27
CA ASN D 18 7.23 -38.54 -25.37
C ASN D 18 7.24 -39.03 -23.92
N PRO D 19 8.37 -38.98 -23.22
CA PRO D 19 8.40 -39.48 -21.84
C PRO D 19 7.60 -38.62 -20.88
N ASN D 20 8.25 -37.66 -20.24
CA ASN D 20 7.61 -36.74 -19.30
C ASN D 20 7.28 -35.46 -20.06
N GLY D 21 6.08 -35.42 -20.64
CA GLY D 21 5.68 -34.28 -21.42
C GLY D 21 5.10 -33.16 -20.58
N ASP D 22 5.18 -31.94 -21.14
CA ASP D 22 4.86 -30.74 -20.38
C ASP D 22 3.50 -30.19 -20.79
N PRO D 23 2.53 -30.12 -19.88
CA PRO D 23 1.27 -29.45 -20.20
C PRO D 23 1.44 -27.95 -20.41
N ASP D 24 2.51 -27.36 -19.88
CA ASP D 24 2.76 -25.93 -20.07
C ASP D 24 3.17 -25.59 -21.50
N ALA D 25 3.33 -26.59 -22.38
CA ALA D 25 3.86 -26.31 -23.70
C ALA D 25 3.22 -27.18 -24.79
N GLY D 26 1.99 -27.65 -24.60
CA GLY D 26 1.34 -28.39 -25.66
C GLY D 26 1.48 -29.89 -25.51
N ASN D 27 2.59 -30.45 -26.00
CA ASN D 27 2.81 -31.89 -25.92
C ASN D 27 4.29 -32.23 -26.08
N LEU D 28 5.17 -31.32 -25.67
CA LEU D 28 6.60 -31.56 -25.77
C LEU D 28 7.19 -31.92 -24.41
N PRO D 29 8.20 -32.78 -24.37
CA PRO D 29 8.83 -33.12 -23.09
C PRO D 29 9.59 -31.93 -22.52
N ARG D 30 9.78 -31.97 -21.19
CA ARG D 30 10.51 -30.91 -20.50
C ARG D 30 11.98 -30.91 -20.89
N ILE D 31 12.43 -29.83 -21.53
CA ILE D 31 13.82 -29.71 -21.98
C ILE D 31 14.40 -28.42 -21.43
N ASP D 32 15.72 -28.40 -21.29
CA ASP D 32 16.40 -27.21 -20.79
C ASP D 32 16.41 -26.13 -21.87
N PRO D 33 15.90 -24.93 -21.58
CA PRO D 33 15.89 -23.89 -22.63
C PRO D 33 17.25 -23.36 -22.97
N GLN D 34 18.11 -23.13 -21.96
CA GLN D 34 19.41 -22.52 -22.22
C GLN D 34 20.36 -23.49 -22.92
N THR D 35 20.26 -24.78 -22.63
CA THR D 35 21.11 -25.79 -23.25
C THR D 35 20.31 -26.69 -24.17
N GLY D 36 19.58 -27.67 -23.63
CA GLY D 36 18.80 -28.57 -24.46
C GLY D 36 18.66 -29.96 -23.86
N GLU D 37 19.04 -30.08 -22.58
CA GLU D 37 18.97 -31.37 -21.90
C GLU D 37 17.53 -31.68 -21.50
N GLY D 38 17.11 -32.91 -21.76
CA GLY D 38 15.76 -33.31 -21.41
C GLY D 38 15.60 -33.50 -19.91
N LEU D 39 14.42 -33.15 -19.41
CA LEU D 39 14.10 -33.26 -18.00
C LEU D 39 12.86 -34.11 -17.81
N VAL D 40 12.88 -34.96 -16.78
CA VAL D 40 11.77 -35.85 -16.47
C VAL D 40 11.44 -35.70 -14.99
N THR D 41 10.18 -35.43 -14.68
CA THR D 41 9.76 -35.26 -13.30
C THR D 41 9.73 -36.60 -12.58
N ASP D 42 9.80 -36.54 -11.25
CA ASP D 42 9.79 -37.75 -10.44
C ASP D 42 8.39 -38.34 -10.30
N VAL D 43 7.34 -37.56 -10.57
CA VAL D 43 5.99 -38.07 -10.43
C VAL D 43 5.69 -39.13 -11.48
N CYS D 44 6.35 -39.06 -12.64
CA CYS D 44 6.18 -40.11 -13.64
C CYS D 44 6.73 -41.43 -13.14
N LEU D 45 7.92 -41.41 -12.54
CA LEU D 45 8.48 -42.63 -11.97
C LEU D 45 7.64 -43.12 -10.80
N LYS D 46 7.10 -42.20 -10.00
CA LYS D 46 6.23 -42.59 -8.89
C LYS D 46 4.97 -43.28 -9.40
N ARG D 47 4.36 -42.75 -10.46
CA ARG D 47 3.18 -43.37 -11.02
C ARG D 47 3.50 -44.71 -11.67
N LYS D 48 4.66 -44.84 -12.30
CA LYS D 48 5.07 -46.13 -12.84
C LYS D 48 5.24 -47.16 -11.72
N VAL D 49 5.84 -46.75 -10.61
CA VAL D 49 5.99 -47.64 -9.46
C VAL D 49 4.62 -48.03 -8.91
N ARG D 50 3.70 -47.07 -8.83
CA ARG D 50 2.36 -47.36 -8.36
C ARG D 50 1.65 -48.35 -9.26
N ASN D 51 1.79 -48.20 -10.58
CA ASN D 51 1.16 -49.13 -11.51
C ASN D 51 1.78 -50.52 -11.39
N PHE D 52 3.11 -50.59 -11.23
CA PHE D 52 3.75 -51.88 -11.04
C PHE D 52 3.26 -52.56 -9.76
N ILE D 53 3.08 -51.79 -8.69
CA ILE D 53 2.57 -52.37 -7.45
C ILE D 53 1.12 -52.81 -7.62
N GLN D 54 0.32 -52.03 -8.34
CA GLN D 54 -1.08 -52.40 -8.56
C GLN D 54 -1.19 -53.68 -9.38
N MET D 55 -0.27 -53.89 -10.31
CA MET D 55 -0.32 -55.08 -11.16
C MET D 55 0.45 -56.26 -10.58
N THR D 56 1.25 -56.06 -9.54
CA THR D 56 2.04 -57.13 -8.93
C THR D 56 1.85 -57.16 -7.42
N GLN D 57 0.61 -57.18 -6.96
CA GLN D 57 0.31 -57.29 -5.54
C GLN D 57 -1.12 -57.75 -5.31
N ASN D 58 -2.06 -56.80 -5.31
CA ASN D 58 -3.49 -57.06 -5.06
C ASN D 58 -3.67 -57.72 -3.69
N ASP D 59 -3.45 -56.92 -2.65
CA ASP D 59 -3.57 -57.36 -1.27
C ASP D 59 -3.79 -56.15 -0.39
N GLU D 60 -4.03 -56.41 0.89
CA GLU D 60 -4.26 -55.36 1.86
C GLU D 60 -2.93 -54.91 2.46
N HIS D 61 -2.99 -53.90 3.33
CA HIS D 61 -1.85 -53.30 4.00
C HIS D 61 -0.85 -52.69 3.03
N HIS D 62 -1.22 -52.54 1.75
CA HIS D 62 -0.36 -51.97 0.72
C HIS D 62 -1.27 -51.31 -0.32
N ASP D 63 -2.02 -50.30 0.10
CA ASP D 63 -2.91 -49.59 -0.80
C ASP D 63 -2.12 -48.89 -1.89
N ILE D 64 -2.72 -48.83 -3.09
CA ILE D 64 -2.02 -48.40 -4.28
C ILE D 64 -2.51 -47.04 -4.78
N PHE D 65 -3.44 -46.41 -4.08
CA PHE D 65 -4.01 -45.12 -4.48
C PHE D 65 -4.70 -45.24 -5.83
N ILE D 66 -6.01 -45.47 -5.83
CA ILE D 66 -6.77 -45.78 -7.04
C ILE D 66 -6.72 -44.61 -8.02
N ARG D 67 -7.12 -44.88 -9.26
CA ARG D 67 -6.90 -43.97 -10.38
C ARG D 67 -7.95 -42.87 -10.45
N GLU D 68 -8.73 -42.86 -11.53
CA GLU D 68 -9.69 -41.78 -11.77
C GLU D 68 -10.85 -41.85 -10.78
N LYS D 69 -11.38 -43.04 -10.52
CA LYS D 69 -12.51 -43.20 -9.62
C LYS D 69 -12.03 -43.39 -8.18
N GLY D 70 -11.34 -42.36 -7.67
CA GLY D 70 -10.87 -42.37 -6.31
C GLY D 70 -10.82 -40.99 -5.68
N ILE D 71 -11.93 -40.57 -5.06
CA ILE D 71 -11.97 -39.29 -4.38
C ILE D 71 -11.14 -39.38 -3.10
N LEU D 72 -10.22 -38.44 -2.93
CA LEU D 72 -9.37 -38.44 -1.74
C LEU D 72 -10.16 -38.20 -0.48
N ASN D 73 -11.19 -37.35 -0.53
CA ASN D 73 -12.02 -37.11 0.64
C ASN D 73 -12.76 -38.37 1.05
N ASN D 74 -13.26 -39.14 0.08
CA ASN D 74 -13.96 -40.38 0.40
C ASN D 74 -13.02 -41.40 1.03
N LEU D 75 -11.80 -41.51 0.51
CA LEU D 75 -10.83 -42.44 1.09
C LEU D 75 -10.43 -42.00 2.49
N ILE D 76 -10.28 -40.70 2.72
CA ILE D 76 -9.94 -40.21 4.04
C ILE D 76 -11.07 -40.48 5.02
N ASP D 77 -12.32 -40.27 4.59
CA ASP D 77 -13.45 -40.56 5.47
C ASP D 77 -13.58 -42.04 5.76
N GLU D 78 -13.25 -42.89 4.78
CA GLU D 78 -13.29 -44.33 5.00
C GLU D 78 -12.19 -44.77 5.96
N ALA D 79 -11.00 -44.16 5.85
CA ALA D 79 -9.91 -44.49 6.77
C ALA D 79 -10.13 -43.90 8.15
N HIS D 80 -10.97 -42.87 8.28
CA HIS D 80 -11.23 -42.27 9.58
C HIS D 80 -12.17 -43.13 10.41
N GLU D 81 -13.11 -43.82 9.77
CA GLU D 81 -14.08 -44.66 10.46
C GLU D 81 -13.49 -46.07 10.70
N GLN D 82 -12.41 -46.09 11.49
CA GLN D 82 -11.74 -47.35 11.81
C GLN D 82 -11.57 -47.51 13.31
N GLU D 83 -10.36 -47.23 13.81
CA GLU D 83 -10.07 -47.35 15.23
C GLU D 83 -10.18 -46.03 15.98
N ASN D 84 -9.97 -44.90 15.31
CA ASN D 84 -10.05 -43.58 15.92
C ASN D 84 -11.17 -42.79 15.26
N VAL D 85 -12.42 -43.13 15.62
CA VAL D 85 -13.57 -42.45 15.05
C VAL D 85 -13.73 -41.06 15.64
N LYS D 86 -13.71 -40.97 16.97
CA LYS D 86 -13.88 -39.68 17.65
C LYS D 86 -13.22 -39.69 19.02
N GLY D 87 -13.12 -40.87 19.64
CA GLY D 87 -12.54 -40.98 20.96
C GLY D 87 -11.03 -40.95 20.96
N LYS D 88 -10.45 -39.84 20.52
CA LYS D 88 -9.00 -39.70 20.50
C LYS D 88 -8.52 -38.27 20.64
N GLU D 89 -9.41 -37.29 20.83
CA GLU D 89 -9.04 -35.89 21.08
C GLU D 89 -8.23 -35.31 19.90
N LYS D 90 -8.93 -35.14 18.78
CA LYS D 90 -8.47 -34.48 17.55
C LYS D 90 -6.95 -34.49 17.33
N GLY D 91 -6.21 -33.87 18.23
CA GLY D 91 -4.76 -33.73 18.10
C GLY D 91 -4.03 -35.02 17.80
N GLU D 92 -3.95 -35.92 18.79
CA GLU D 92 -3.33 -37.21 18.55
C GLU D 92 -4.19 -38.11 17.67
N LYS D 93 -5.47 -37.79 17.48
CA LYS D 93 -6.29 -38.53 16.53
C LYS D 93 -5.75 -38.40 15.12
N THR D 94 -5.29 -37.21 14.74
CA THR D 94 -4.70 -37.02 13.41
C THR D 94 -3.44 -37.87 13.25
N GLU D 95 -2.59 -37.91 14.29
CA GLU D 95 -1.38 -38.71 14.22
C GLU D 95 -1.70 -40.20 14.14
N ALA D 96 -2.72 -40.65 14.89
CA ALA D 96 -3.10 -42.05 14.84
C ALA D 96 -3.65 -42.42 13.47
N ALA D 97 -4.47 -41.54 12.88
CA ALA D 97 -4.97 -41.80 11.53
C ALA D 97 -3.85 -41.80 10.50
N ARG D 98 -2.88 -40.91 10.67
CA ARG D 98 -1.72 -40.88 9.76
C ARG D 98 -0.91 -42.17 9.86
N GLN D 99 -0.70 -42.66 11.08
CA GLN D 99 0.03 -43.92 11.26
C GLN D 99 -0.75 -45.09 10.68
N TYR D 100 -2.08 -45.10 10.86
CA TYR D 100 -2.89 -46.16 10.29
C TYR D 100 -2.83 -46.14 8.76
N MET D 101 -2.90 -44.95 8.17
CA MET D 101 -2.80 -44.86 6.71
C MET D 101 -1.42 -45.24 6.21
N CYS D 102 -0.37 -44.92 6.97
CA CYS D 102 0.98 -45.33 6.58
C CYS D 102 1.12 -46.85 6.65
N SER D 103 0.54 -47.48 7.67
CA SER D 103 0.57 -48.93 7.76
C SER D 103 -0.34 -49.60 6.75
N ARG D 104 -1.33 -48.87 6.21
CA ARG D 104 -2.25 -49.41 5.22
C ARG D 104 -1.88 -49.05 3.79
N TYR D 105 -1.44 -47.82 3.55
CA TYR D 105 -1.10 -47.37 2.20
C TYR D 105 0.39 -47.54 1.94
N TYR D 106 0.72 -47.87 0.69
CA TYR D 106 2.10 -47.99 0.26
C TYR D 106 2.64 -46.74 -0.40
N ASP D 107 1.78 -46.01 -1.12
CA ASP D 107 2.22 -44.77 -1.75
C ASP D 107 2.58 -43.72 -0.71
N ILE D 108 1.78 -43.60 0.35
CA ILE D 108 2.07 -42.63 1.40
C ILE D 108 3.23 -43.12 2.26
N ARG D 109 3.47 -44.42 2.31
CA ARG D 109 4.59 -44.96 3.08
C ARG D 109 5.92 -44.74 2.37
N THR D 110 5.94 -44.95 1.06
CA THR D 110 7.18 -44.75 0.31
C THR D 110 7.38 -43.27 -0.04
N PHE D 111 6.35 -42.63 -0.60
CA PHE D 111 6.41 -41.23 -0.95
C PHE D 111 5.49 -40.48 0.00
N GLY D 112 4.32 -40.05 -0.43
CA GLY D 112 3.42 -39.33 0.46
C GLY D 112 2.17 -38.92 -0.29
N ALA D 113 1.23 -38.35 0.47
CA ALA D 113 -0.03 -37.89 -0.08
C ALA D 113 -0.60 -36.81 0.82
N VAL D 114 -1.56 -36.06 0.27
CA VAL D 114 -2.21 -34.99 1.01
C VAL D 114 -3.41 -35.56 1.76
N MET D 115 -3.38 -35.49 3.08
CA MET D 115 -4.45 -36.01 3.93
C MET D 115 -5.00 -34.91 4.84
N THR D 116 -4.97 -33.67 4.35
CA THR D 116 -5.42 -32.51 5.10
C THR D 116 -6.64 -31.86 4.46
N THR D 117 -7.54 -32.68 3.92
CA THR D 117 -8.75 -32.17 3.28
C THR D 117 -9.80 -31.80 4.31
N GLY D 118 -10.99 -32.39 4.19
CA GLY D 118 -12.05 -32.15 5.15
C GLY D 118 -11.70 -32.66 6.53
N LYS D 119 -11.79 -33.98 6.72
CA LYS D 119 -11.36 -34.59 7.98
C LYS D 119 -9.84 -34.69 8.01
N ASN D 120 -9.20 -33.70 8.61
CA ASN D 120 -7.74 -33.65 8.62
C ASN D 120 -7.16 -34.79 9.44
N ALA D 121 -6.00 -35.29 8.99
CA ALA D 121 -5.33 -36.39 9.66
C ALA D 121 -3.82 -36.22 9.57
N GLY D 122 -3.36 -34.98 9.57
CA GLY D 122 -1.95 -34.71 9.48
C GLY D 122 -1.40 -34.91 8.07
N GLN D 123 -0.08 -34.85 7.98
CA GLN D 123 0.62 -35.03 6.72
C GLN D 123 1.88 -35.85 6.94
N VAL D 124 2.31 -36.53 5.88
CA VAL D 124 3.48 -37.41 5.91
C VAL D 124 4.64 -36.72 5.25
N ARG D 125 5.76 -36.59 5.97
CA ARG D 125 6.95 -35.96 5.40
C ARG D 125 7.51 -36.80 4.25
N GLY D 126 7.50 -38.12 4.40
CA GLY D 126 7.97 -39.01 3.37
C GLY D 126 9.45 -39.30 3.47
N PRO D 127 9.81 -40.59 3.47
CA PRO D 127 11.22 -40.96 3.53
C PRO D 127 11.90 -40.87 2.17
N VAL D 128 11.49 -41.73 1.25
CA VAL D 128 12.05 -41.73 -0.10
C VAL D 128 11.49 -40.53 -0.86
N GLN D 129 12.39 -39.68 -1.34
CA GLN D 129 12.01 -38.46 -2.08
C GLN D 129 12.88 -38.37 -3.33
N LEU D 130 12.31 -38.76 -4.47
CA LEU D 130 13.02 -38.67 -5.73
C LEU D 130 13.10 -37.23 -6.20
N THR D 131 13.97 -36.99 -7.18
CA THR D 131 14.21 -35.66 -7.73
C THR D 131 13.85 -35.66 -9.21
N PHE D 132 14.00 -34.49 -9.83
CA PHE D 132 13.72 -34.34 -11.25
C PHE D 132 14.91 -34.83 -12.07
N SER D 133 14.62 -35.61 -13.11
CA SER D 133 15.69 -36.16 -13.94
C SER D 133 16.24 -35.09 -14.87
N ARG D 134 17.44 -35.34 -15.38
CA ARG D 134 18.10 -34.43 -16.31
C ARG D 134 19.13 -35.19 -17.11
N SER D 135 19.09 -35.03 -18.43
CA SER D 135 20.04 -35.69 -19.31
C SER D 135 21.34 -34.88 -19.39
N ILE D 136 22.33 -35.44 -20.07
CA ILE D 136 23.63 -34.81 -20.24
C ILE D 136 23.79 -34.20 -21.62
N ASP D 137 23.61 -35.00 -22.66
CA ASP D 137 23.71 -34.50 -24.02
C ASP D 137 22.47 -33.69 -24.38
N PRO D 138 22.61 -32.51 -24.99
CA PRO D 138 21.43 -31.72 -25.38
C PRO D 138 20.56 -32.44 -26.39
N ILE D 139 19.42 -32.98 -25.93
CA ILE D 139 18.55 -33.72 -26.83
C ILE D 139 17.81 -32.76 -27.75
N MET D 140 17.26 -33.30 -28.83
CA MET D 140 16.52 -32.55 -29.82
C MET D 140 15.09 -33.06 -29.89
N THR D 141 14.15 -32.17 -30.20
CA THR D 141 12.75 -32.56 -30.30
C THR D 141 12.40 -32.87 -31.75
N LEU D 142 11.90 -34.08 -31.98
CA LEU D 142 11.59 -34.53 -33.33
C LEU D 142 10.25 -34.01 -33.84
N GLU D 143 9.23 -34.01 -32.98
CA GLU D 143 7.88 -33.57 -33.35
C GLU D 143 7.34 -34.38 -34.53
N HIS D 144 6.79 -35.56 -34.25
CA HIS D 144 6.26 -36.44 -35.28
C HIS D 144 4.76 -36.19 -35.39
N SER D 145 4.38 -35.20 -36.20
CA SER D 145 2.98 -34.88 -36.40
C SER D 145 2.30 -35.98 -37.22
N ILE D 146 1.22 -36.54 -36.67
CA ILE D 146 0.47 -37.61 -37.33
C ILE D 146 -0.99 -37.17 -37.46
N THR D 147 -1.73 -37.91 -38.28
CA THR D 147 -3.10 -37.56 -38.64
C THR D 147 -4.07 -38.62 -38.13
N ARG D 148 -5.36 -38.36 -38.37
CA ARG D 148 -6.43 -39.28 -38.05
C ARG D 148 -7.53 -39.13 -39.10
N MET D 149 -8.05 -40.27 -39.55
CA MET D 149 -9.10 -40.30 -40.57
C MET D 149 -10.50 -40.37 -39.95
N ALA D 150 -10.68 -39.79 -38.77
CA ALA D 150 -11.98 -39.80 -38.10
C ALA D 150 -12.07 -38.57 -37.21
N VAL D 151 -13.06 -37.72 -37.46
CA VAL D 151 -13.26 -36.53 -36.65
C VAL D 151 -13.85 -36.92 -35.30
N THR D 152 -13.68 -36.04 -34.31
CA THR D 152 -14.17 -36.29 -32.96
C THR D 152 -15.50 -35.58 -32.74
N ASN D 153 -15.45 -34.29 -32.42
CA ASN D 153 -16.65 -33.50 -32.21
C ASN D 153 -17.07 -32.79 -33.49
N GLU D 154 -18.34 -32.37 -33.52
CA GLU D 154 -18.90 -31.65 -34.67
C GLU D 154 -18.38 -30.22 -34.65
N LYS D 155 -17.15 -30.05 -35.11
CA LYS D 155 -16.51 -28.75 -35.14
C LYS D 155 -16.76 -28.10 -36.50
N ASP D 156 -15.84 -27.24 -36.95
CA ASP D 156 -16.00 -26.51 -38.20
C ASP D 156 -15.18 -27.11 -39.35
N ALA D 157 -14.47 -28.20 -39.10
CA ALA D 157 -13.67 -28.85 -40.14
C ALA D 157 -14.32 -30.10 -40.71
N SER D 158 -15.18 -30.78 -39.96
CA SER D 158 -15.87 -31.98 -40.43
C SER D 158 -16.96 -31.55 -41.41
N GLU D 159 -16.53 -31.29 -42.65
CA GLU D 159 -17.45 -30.81 -43.68
C GLU D 159 -17.99 -31.95 -44.52
N THR D 160 -17.51 -32.06 -45.76
CA THR D 160 -17.99 -33.06 -46.70
C THR D 160 -16.99 -34.18 -46.94
N GLY D 161 -15.71 -33.86 -47.08
CA GLY D 161 -14.72 -34.85 -47.40
C GLY D 161 -14.30 -35.72 -46.23
N ASP D 162 -13.03 -36.14 -46.23
CA ASP D 162 -12.52 -37.01 -45.18
C ASP D 162 -12.44 -36.22 -43.87
N ASN D 163 -13.28 -36.59 -42.91
CA ASN D 163 -13.30 -35.93 -41.61
C ASN D 163 -12.01 -36.25 -40.88
N ARG D 164 -11.06 -35.31 -40.88
CA ARG D 164 -9.72 -35.55 -40.38
C ARG D 164 -9.43 -34.65 -39.19
N THR D 165 -8.63 -35.17 -38.26
CA THR D 165 -8.17 -34.43 -37.09
C THR D 165 -6.70 -34.82 -36.85
N MET D 166 -5.79 -33.99 -37.35
CA MET D 166 -4.36 -34.30 -37.35
C MET D 166 -3.74 -34.13 -35.96
N GLY D 167 -3.04 -33.02 -35.77
CA GLY D 167 -2.34 -32.74 -34.53
C GLY D 167 -0.87 -33.14 -34.59
N ARG D 168 -0.27 -33.23 -33.41
CA ARG D 168 1.14 -33.57 -33.28
C ARG D 168 1.32 -34.62 -32.20
N LYS D 169 2.31 -35.50 -32.42
CA LYS D 169 2.69 -36.52 -31.44
C LYS D 169 4.20 -36.47 -31.32
N PHE D 170 4.68 -35.75 -30.30
CA PHE D 170 6.10 -35.48 -30.16
C PHE D 170 6.86 -36.76 -29.82
N THR D 171 8.12 -36.83 -30.27
CA THR D 171 8.97 -37.98 -30.04
C THR D 171 10.36 -37.50 -29.65
N VAL D 172 11.13 -38.40 -29.06
CA VAL D 172 12.49 -38.10 -28.61
C VAL D 172 13.43 -39.20 -29.11
N PRO D 173 14.54 -38.87 -29.75
CA PRO D 173 15.43 -39.93 -30.26
C PRO D 173 16.23 -40.60 -29.17
N TYR D 174 16.81 -39.84 -28.25
CA TYR D 174 17.58 -40.42 -27.15
C TYR D 174 17.71 -39.38 -26.05
N GLY D 175 18.27 -39.81 -24.92
CA GLY D 175 18.47 -38.92 -23.78
C GLY D 175 18.46 -39.66 -22.46
N LEU D 176 19.64 -40.08 -22.00
CA LEU D 176 19.77 -40.79 -20.73
C LEU D 176 19.49 -39.81 -19.60
N TYR D 177 18.27 -39.85 -19.07
CA TYR D 177 17.86 -38.95 -18.00
C TYR D 177 18.55 -39.37 -16.70
N ARG D 178 19.62 -38.68 -16.34
CA ARG D 178 20.36 -38.98 -15.12
C ARG D 178 19.54 -38.58 -13.91
N CYS D 179 18.69 -39.48 -13.42
CA CYS D 179 17.83 -39.20 -12.29
C CYS D 179 18.62 -39.27 -10.97
N HIS D 180 18.09 -38.62 -9.95
CA HIS D 180 18.71 -38.60 -8.64
C HIS D 180 17.64 -38.81 -7.58
N GLY D 181 18.08 -39.17 -6.38
CA GLY D 181 17.16 -39.40 -5.28
C GLY D 181 17.86 -39.81 -3.99
N PHE D 182 17.27 -39.44 -2.85
CA PHE D 182 17.82 -39.75 -1.54
C PHE D 182 16.74 -40.35 -0.66
N ILE D 183 17.16 -41.24 0.23
CA ILE D 183 16.27 -41.93 1.15
C ILE D 183 16.73 -41.64 2.58
N SER D 184 15.78 -41.20 3.42
CA SER D 184 16.06 -40.89 4.81
C SER D 184 15.64 -42.06 5.70
N THR D 185 15.91 -41.92 7.00
CA THR D 185 15.58 -42.94 7.98
C THR D 185 14.69 -42.46 9.11
N HIS D 186 14.77 -41.19 9.49
CA HIS D 186 13.95 -40.67 10.58
C HIS D 186 12.47 -40.73 10.21
N PHE D 187 12.11 -40.25 9.02
CA PHE D 187 10.73 -40.31 8.57
C PHE D 187 10.32 -41.74 8.25
N ALA D 188 11.27 -42.58 7.83
CA ALA D 188 10.95 -43.98 7.55
C ALA D 188 10.61 -44.73 8.83
N LYS D 189 11.22 -44.36 9.96
CA LYS D 189 10.89 -45.00 11.22
C LYS D 189 9.49 -44.63 11.70
N GLN D 190 9.00 -43.45 11.30
CA GLN D 190 7.66 -43.04 11.70
C GLN D 190 6.60 -43.59 10.75
N THR D 191 6.88 -43.60 9.45
CA THR D 191 5.92 -44.10 8.48
C THR D 191 5.91 -45.62 8.39
N GLY D 192 6.89 -46.30 8.99
CA GLY D 192 6.92 -47.75 8.94
C GLY D 192 7.52 -48.32 7.68
N PHE D 193 8.42 -47.58 7.02
CA PHE D 193 9.05 -48.06 5.79
C PHE D 193 10.07 -49.15 6.11
N SER D 194 9.62 -50.40 6.11
CA SER D 194 10.50 -51.52 6.43
C SER D 194 11.41 -51.85 5.26
N GLU D 195 12.27 -52.86 5.45
CA GLU D 195 13.18 -53.25 4.39
C GLU D 195 12.47 -54.00 3.27
N ASN D 196 11.37 -54.67 3.58
CA ASN D 196 10.59 -55.33 2.53
C ASN D 196 9.98 -54.32 1.59
N ASP D 197 9.45 -53.22 2.13
CA ASP D 197 8.93 -52.15 1.29
C ASP D 197 10.04 -51.52 0.45
N LEU D 198 11.24 -51.40 1.02
CA LEU D 198 12.37 -50.86 0.26
C LEU D 198 12.75 -51.78 -0.89
N GLU D 199 12.77 -53.10 -0.65
CA GLU D 199 13.06 -54.04 -1.72
C GLU D 199 11.98 -54.02 -2.79
N LEU D 200 10.72 -53.89 -2.39
CA LEU D 200 9.63 -53.79 -3.36
C LEU D 200 9.77 -52.51 -4.18
N PHE D 201 10.15 -51.41 -3.55
CA PHE D 201 10.36 -50.15 -4.28
C PHE D 201 11.52 -50.27 -5.26
N TRP D 202 12.59 -50.97 -4.86
CA TRP D 202 13.71 -51.18 -5.78
C TRP D 202 13.28 -52.02 -6.97
N GLN D 203 12.55 -53.11 -6.72
CA GLN D 203 12.06 -53.95 -7.80
C GLN D 203 11.15 -53.16 -8.74
N ALA D 204 10.31 -52.29 -8.18
CA ALA D 204 9.44 -51.47 -9.00
C ALA D 204 10.24 -50.50 -9.86
N LEU D 205 11.21 -49.80 -9.26
CA LEU D 205 12.06 -48.89 -10.01
C LEU D 205 12.83 -49.62 -11.10
N VAL D 206 13.16 -50.90 -10.88
CA VAL D 206 13.91 -51.65 -11.87
C VAL D 206 13.00 -52.08 -13.02
N ASN D 207 11.82 -52.62 -12.69
CA ASN D 207 10.95 -53.25 -13.68
C ASN D 207 9.64 -52.48 -13.89
N MET D 208 9.70 -51.14 -13.88
CA MET D 208 8.54 -50.35 -14.22
C MET D 208 8.49 -49.95 -15.69
N PHE D 209 9.64 -49.94 -16.37
CA PHE D 209 9.69 -49.58 -17.78
C PHE D 209 9.40 -50.75 -18.70
N ASP D 210 8.95 -51.89 -18.16
CA ASP D 210 8.59 -53.05 -18.96
C ASP D 210 7.09 -53.27 -19.08
N HIS D 211 6.29 -52.69 -18.18
CA HIS D 211 4.85 -52.83 -18.20
C HIS D 211 4.14 -51.50 -18.47
N ASP D 212 4.50 -50.45 -17.75
CA ASP D 212 3.90 -49.13 -17.95
C ASP D 212 4.36 -48.53 -19.28
N HIS D 213 3.63 -48.82 -20.35
CA HIS D 213 3.96 -48.33 -21.67
C HIS D 213 2.69 -47.81 -22.35
N SER D 214 2.90 -46.94 -23.34
CA SER D 214 1.81 -46.34 -24.09
C SER D 214 2.30 -45.97 -25.47
N ALA D 215 1.42 -45.36 -26.27
CA ALA D 215 1.79 -44.93 -27.61
C ALA D 215 2.52 -43.60 -27.61
N ALA D 216 2.19 -42.71 -26.67
CA ALA D 216 2.86 -41.41 -26.62
C ALA D 216 4.28 -41.53 -26.07
N ARG D 217 4.46 -42.32 -25.02
CA ARG D 217 5.79 -42.49 -24.43
C ARG D 217 6.66 -43.45 -25.24
N GLY D 218 6.06 -44.31 -26.06
CA GLY D 218 6.83 -45.22 -26.88
C GLY D 218 7.52 -46.30 -26.08
N GLN D 219 8.83 -46.47 -26.29
CA GLN D 219 9.62 -47.49 -25.62
C GLN D 219 10.62 -46.81 -24.70
N MET D 220 10.54 -47.10 -23.42
CA MET D 220 11.47 -46.57 -22.43
C MET D 220 12.05 -47.72 -21.61
N ASN D 221 13.32 -47.57 -21.22
CA ASN D 221 14.01 -48.59 -20.47
C ASN D 221 14.90 -47.93 -19.42
N ALA D 222 15.24 -48.70 -18.38
CA ALA D 222 16.10 -48.24 -17.31
C ALA D 222 17.50 -48.79 -17.52
N ARG D 223 18.50 -47.91 -17.55
CA ARG D 223 19.87 -48.32 -17.77
C ARG D 223 20.44 -49.01 -16.54
N GLY D 224 20.91 -48.24 -15.57
CA GLY D 224 21.48 -48.79 -14.36
C GLY D 224 20.91 -48.12 -13.12
N LEU D 225 21.14 -48.76 -11.98
CA LEU D 225 20.68 -48.26 -10.69
C LEU D 225 21.77 -48.57 -9.66
N TYR D 226 22.61 -47.59 -9.38
CA TYR D 226 23.71 -47.73 -8.43
C TYR D 226 23.28 -47.10 -7.11
N VAL D 227 22.90 -47.95 -6.16
CA VAL D 227 22.44 -47.50 -4.85
C VAL D 227 23.63 -47.37 -3.92
N PHE D 228 23.75 -46.23 -3.25
CA PHE D 228 24.84 -45.96 -2.31
C PHE D 228 24.31 -46.21 -0.90
N GLU D 229 24.45 -47.46 -0.44
CA GLU D 229 23.99 -47.84 0.89
C GLU D 229 25.01 -47.38 1.93
N HIS D 230 24.56 -46.56 2.87
CA HIS D 230 25.44 -46.05 3.92
C HIS D 230 25.54 -47.05 5.07
N SER D 231 26.08 -46.58 6.20
CA SER D 231 26.26 -47.43 7.38
C SER D 231 25.47 -46.95 8.59
N ASN D 232 25.23 -45.65 8.70
CA ASN D 232 24.48 -45.11 9.83
C ASN D 232 23.49 -44.04 9.36
N ASN D 233 22.93 -43.30 10.31
CA ASN D 233 21.97 -42.24 10.00
C ASN D 233 22.61 -40.85 9.95
N LEU D 234 23.94 -40.78 10.11
CA LEU D 234 24.65 -39.52 10.08
C LEU D 234 25.10 -39.19 8.66
N GLY D 235 25.83 -38.09 8.53
CA GLY D 235 26.34 -37.67 7.23
C GLY D 235 27.83 -37.81 7.11
N ASP D 236 28.27 -38.74 6.25
CA ASP D 236 29.70 -38.97 6.07
C ASP D 236 30.31 -37.94 5.14
N ALA D 237 29.93 -37.97 3.86
CA ALA D 237 30.44 -37.07 2.86
C ALA D 237 29.28 -36.44 2.11
N PRO D 238 29.45 -35.21 1.61
CA PRO D 238 28.38 -34.58 0.81
C PRO D 238 27.99 -35.45 -0.38
N ALA D 239 26.69 -35.49 -0.65
CA ALA D 239 26.17 -36.33 -1.74
C ALA D 239 26.50 -35.76 -3.12
N ASP D 240 26.95 -34.51 -3.20
CA ASP D 240 27.27 -33.92 -4.50
C ASP D 240 28.40 -34.68 -5.17
N SER D 241 29.54 -34.80 -4.50
CA SER D 241 30.66 -35.56 -5.05
C SER D 241 30.32 -37.04 -5.19
N LEU D 242 29.49 -37.56 -4.29
CA LEU D 242 29.08 -38.96 -4.36
C LEU D 242 28.35 -39.25 -5.67
N PHE D 243 27.41 -38.37 -6.04
CA PHE D 243 26.71 -38.52 -7.31
C PHE D 243 27.54 -38.09 -8.50
N LYS D 244 28.58 -37.28 -8.27
CA LYS D 244 29.48 -36.86 -9.35
C LYS D 244 30.50 -37.93 -9.70
N ARG D 245 30.71 -38.91 -8.82
CA ARG D 245 31.66 -39.99 -9.11
C ARG D 245 31.19 -40.85 -10.28
N ILE D 246 29.87 -40.99 -10.45
CA ILE D 246 29.32 -41.78 -11.55
C ILE D 246 28.94 -40.83 -12.68
N GLN D 247 29.95 -40.27 -13.35
CA GLN D 247 29.70 -39.33 -14.43
C GLN D 247 29.34 -40.07 -15.71
N VAL D 248 28.52 -39.42 -16.53
CA VAL D 248 28.09 -39.95 -17.82
C VAL D 248 28.33 -38.87 -18.85
N VAL D 249 29.33 -39.07 -19.72
CA VAL D 249 29.67 -38.09 -20.75
C VAL D 249 29.66 -38.77 -22.11
N LYS D 250 30.15 -38.08 -23.13
CA LYS D 250 30.20 -38.63 -24.47
C LYS D 250 31.34 -39.64 -24.60
N LYS D 251 31.27 -40.45 -25.65
CA LYS D 251 32.28 -41.47 -25.90
C LYS D 251 33.44 -40.89 -26.70
N ASP D 252 33.59 -41.33 -27.95
CA ASP D 252 34.67 -40.86 -28.81
C ASP D 252 34.23 -39.64 -29.61
N GLY D 253 34.71 -39.52 -30.84
CA GLY D 253 34.37 -38.40 -31.68
C GLY D 253 32.99 -38.51 -32.31
N VAL D 254 31.96 -38.23 -31.51
CA VAL D 254 30.57 -38.29 -31.97
C VAL D 254 29.87 -37.00 -31.56
N GLU D 255 28.90 -36.60 -32.38
CA GLU D 255 28.14 -35.38 -32.11
C GLU D 255 27.00 -35.64 -31.13
N VAL D 256 26.14 -36.61 -31.42
CA VAL D 256 25.02 -36.94 -30.54
C VAL D 256 25.14 -38.40 -30.12
N VAL D 257 24.07 -38.94 -29.54
CA VAL D 257 24.03 -40.32 -29.07
C VAL D 257 22.72 -40.94 -29.52
N ARG D 258 22.78 -42.23 -29.86
CA ARG D 258 21.61 -42.97 -30.34
C ARG D 258 21.21 -44.13 -29.47
N SER D 259 22.15 -44.84 -28.85
CA SER D 259 21.84 -45.98 -28.00
C SER D 259 22.91 -46.07 -26.92
N PHE D 260 23.02 -47.24 -26.30
CA PHE D 260 24.01 -47.43 -25.25
C PHE D 260 25.42 -47.58 -25.79
N ASP D 261 25.57 -47.84 -27.10
CA ASP D 261 26.89 -47.98 -27.69
C ASP D 261 27.58 -46.63 -27.93
N ASP D 262 26.96 -45.52 -27.57
CA ASP D 262 27.53 -44.20 -27.74
C ASP D 262 27.81 -43.50 -26.43
N TYR D 263 27.45 -44.10 -25.30
CA TYR D 263 27.72 -43.54 -23.98
C TYR D 263 28.79 -44.35 -23.27
N LEU D 264 29.53 -43.68 -22.40
CA LEU D 264 30.59 -44.30 -21.60
C LEU D 264 30.34 -43.97 -20.13
N VAL D 265 29.57 -44.82 -19.46
CA VAL D 265 29.23 -44.63 -18.05
C VAL D 265 30.49 -44.90 -17.24
N SER D 266 31.21 -43.83 -16.87
CA SER D 266 32.44 -43.95 -16.10
C SER D 266 32.08 -44.26 -14.65
N VAL D 267 32.33 -45.49 -14.21
CA VAL D 267 32.06 -45.92 -12.85
C VAL D 267 33.40 -46.29 -12.22
N ASP D 268 33.89 -45.42 -11.34
CA ASP D 268 35.18 -45.61 -10.65
C ASP D 268 34.92 -45.56 -9.15
N ASP D 269 34.49 -46.68 -8.59
CA ASP D 269 34.23 -46.79 -7.16
C ASP D 269 35.55 -46.98 -6.43
N LYS D 270 36.18 -45.86 -6.08
CA LYS D 270 37.48 -45.88 -5.41
C LYS D 270 37.45 -45.18 -4.06
N ASN D 271 36.89 -43.99 -3.97
CA ASN D 271 36.86 -43.22 -2.74
C ASN D 271 35.56 -43.37 -1.96
N LEU D 272 34.62 -44.16 -2.46
CA LEU D 272 33.34 -44.38 -1.79
C LEU D 272 33.33 -45.67 -0.98
N GLU D 273 34.50 -46.23 -0.68
CA GLU D 273 34.61 -47.47 0.08
C GLU D 273 34.97 -47.23 1.54
N GLU D 274 34.72 -46.02 2.05
CA GLU D 274 35.01 -45.70 3.44
C GLU D 274 34.00 -46.38 4.37
N THR D 275 32.78 -45.85 4.41
CA THR D 275 31.71 -46.39 5.24
C THR D 275 30.42 -46.53 4.43
N LYS D 276 30.55 -46.81 3.13
CA LYS D 276 29.40 -46.94 2.25
C LYS D 276 29.52 -48.21 1.43
N LEU D 277 28.40 -48.63 0.87
CA LEU D 277 28.30 -49.84 0.07
C LEU D 277 27.91 -49.48 -1.37
N LEU D 278 27.80 -50.50 -2.21
CA LEU D 278 27.44 -50.30 -3.60
C LEU D 278 26.79 -51.57 -4.14
N ARG D 279 25.69 -51.42 -4.87
CA ARG D 279 24.98 -52.55 -5.45
C ARG D 279 24.46 -52.14 -6.82
N LYS D 280 24.27 -53.14 -7.68
CA LYS D 280 23.77 -52.94 -9.04
C LYS D 280 22.54 -53.80 -9.23
N LEU D 281 21.40 -53.16 -9.47
CA LEU D 281 20.13 -53.84 -9.68
C LEU D 281 19.63 -53.77 -11.11
N GLY D 282 19.74 -52.61 -11.76
CA GLY D 282 19.29 -52.46 -13.13
C GLY D 282 20.41 -52.60 -14.14
N GLY D 283 21.62 -52.24 -13.74
CA GLY D 283 22.78 -52.33 -14.62
C GLY D 283 23.90 -53.20 -14.07
N THR E 1 -9.71 -63.17 -20.49
CA THR E 1 -8.62 -62.27 -20.13
C THR E 1 -7.28 -63.00 -20.10
N ILE E 2 -6.28 -62.41 -20.74
CA ILE E 2 -4.95 -63.01 -20.77
C ILE E 2 -4.26 -62.83 -19.42
N GLU E 3 -3.29 -63.70 -19.16
CA GLU E 3 -2.53 -63.67 -17.91
C GLU E 3 -1.03 -63.67 -18.09
N LYS E 4 -0.52 -63.79 -19.32
CA LYS E 4 0.90 -63.83 -19.59
C LYS E 4 1.35 -62.53 -20.25
N ARG E 5 2.64 -62.23 -20.09
CA ARG E 5 3.24 -61.05 -20.70
C ARG E 5 3.92 -61.44 -22.00
N TYR E 6 3.67 -60.65 -23.05
CA TYR E 6 4.19 -60.92 -24.39
C TYR E 6 5.05 -59.76 -24.85
N ASP E 7 6.30 -60.04 -25.17
CA ASP E 7 7.26 -59.05 -25.67
C ASP E 7 7.65 -59.45 -27.08
N PHE E 8 6.82 -59.06 -28.05
CA PHE E 8 7.05 -59.43 -29.43
C PHE E 8 8.05 -58.50 -30.10
N VAL E 9 8.89 -59.06 -30.96
CA VAL E 9 9.88 -58.30 -31.72
C VAL E 9 9.44 -58.25 -33.18
N PHE E 10 8.53 -57.33 -33.50
CA PHE E 10 8.02 -57.23 -34.85
C PHE E 10 9.09 -56.71 -35.79
N LEU E 11 9.27 -57.40 -36.93
CA LEU E 11 10.25 -57.02 -37.94
C LEU E 11 9.55 -56.95 -39.28
N PHE E 12 9.64 -55.79 -39.94
CA PHE E 12 9.01 -55.60 -41.23
C PHE E 12 9.82 -54.60 -42.04
N ASP E 13 9.83 -54.79 -43.35
CA ASP E 13 10.57 -53.90 -44.25
C ASP E 13 9.66 -53.30 -45.31
N VAL E 14 10.25 -52.72 -46.35
CA VAL E 14 9.50 -52.10 -47.43
C VAL E 14 10.30 -52.26 -48.72
N GLN E 15 9.65 -52.76 -49.78
CA GLN E 15 10.34 -52.99 -51.03
C GLN E 15 10.57 -51.67 -51.78
N ASP E 16 9.49 -50.99 -52.16
CA ASP E 16 9.61 -49.73 -52.90
C ASP E 16 8.34 -48.93 -52.66
N GLY E 17 8.45 -47.84 -51.90
CA GLY E 17 7.31 -47.00 -51.62
C GLY E 17 7.53 -46.17 -50.38
N ASN E 18 6.47 -45.46 -49.99
CA ASN E 18 6.49 -44.61 -48.81
C ASN E 18 5.71 -45.27 -47.70
N PRO E 19 6.36 -45.91 -46.72
CA PRO E 19 5.61 -46.59 -45.65
C PRO E 19 4.89 -45.61 -44.72
N ASN E 20 5.56 -45.22 -43.64
CA ASN E 20 5.00 -44.27 -42.67
C ASN E 20 5.55 -42.90 -43.00
N GLY E 21 4.82 -42.17 -43.85
CA GLY E 21 5.27 -40.86 -44.28
C GLY E 21 4.90 -39.76 -43.31
N ASP E 22 5.66 -38.67 -43.37
CA ASP E 22 5.55 -37.60 -42.40
C ASP E 22 4.70 -36.47 -42.95
N PRO E 23 3.56 -36.17 -42.33
CA PRO E 23 2.77 -35.01 -42.77
C PRO E 23 3.52 -33.69 -42.63
N ASP E 24 4.30 -33.54 -41.56
CA ASP E 24 5.06 -32.31 -41.36
C ASP E 24 6.23 -32.18 -42.33
N ALA E 25 6.53 -33.22 -43.11
CA ALA E 25 7.67 -33.20 -44.00
C ALA E 25 7.28 -33.47 -45.44
N GLY E 26 6.19 -32.86 -45.91
CA GLY E 26 5.80 -32.99 -47.30
C GLY E 26 5.25 -34.36 -47.64
N ASN E 27 6.14 -35.30 -47.95
CA ASN E 27 5.72 -36.66 -48.30
C ASN E 27 6.87 -37.64 -48.14
N LEU E 28 7.78 -37.38 -47.20
CA LEU E 28 8.90 -38.29 -46.98
C LEU E 28 8.68 -39.10 -45.71
N PRO E 29 9.15 -40.34 -45.68
CA PRO E 29 9.00 -41.16 -44.46
C PRO E 29 9.86 -40.63 -43.32
N ARG E 30 9.46 -40.97 -42.11
CA ARG E 30 10.19 -40.53 -40.92
C ARG E 30 11.55 -41.21 -40.85
N ILE E 31 12.62 -40.41 -40.92
CA ILE E 31 13.98 -40.93 -40.88
C ILE E 31 14.75 -40.20 -39.79
N ASP E 32 15.78 -40.86 -39.27
CA ASP E 32 16.60 -40.27 -38.23
C ASP E 32 17.48 -39.17 -38.82
N PRO E 33 17.42 -37.95 -38.30
CA PRO E 33 18.25 -36.88 -38.88
C PRO E 33 19.73 -37.05 -38.61
N GLN E 34 20.11 -37.46 -37.40
CA GLN E 34 21.52 -37.52 -37.05
C GLN E 34 22.21 -38.72 -37.70
N THR E 35 21.49 -39.81 -37.94
CA THR E 35 22.04 -40.98 -38.60
C THR E 35 21.41 -41.21 -39.96
N GLY E 36 20.20 -41.77 -40.02
CA GLY E 36 19.54 -42.01 -41.29
C GLY E 36 18.63 -43.22 -41.26
N GLU E 37 18.37 -43.74 -40.06
CA GLU E 37 17.51 -44.90 -39.90
C GLU E 37 16.05 -44.52 -40.06
N GLY E 38 15.31 -45.32 -40.83
CA GLY E 38 13.91 -45.04 -41.05
C GLY E 38 13.09 -45.38 -39.82
N LEU E 39 12.05 -44.58 -39.58
CA LEU E 39 11.16 -44.75 -38.45
C LEU E 39 9.73 -44.89 -38.93
N VAL E 40 8.99 -45.79 -38.29
CA VAL E 40 7.60 -46.06 -38.63
C VAL E 40 6.77 -46.02 -37.35
N THR E 41 5.71 -45.20 -37.35
CA THR E 41 4.87 -45.08 -36.18
C THR E 41 4.01 -46.33 -35.99
N ASP E 42 3.55 -46.53 -34.76
CA ASP E 42 2.72 -47.69 -34.46
C ASP E 42 1.28 -47.52 -34.93
N VAL E 43 0.85 -46.29 -35.20
CA VAL E 43 -0.53 -46.08 -35.64
C VAL E 43 -0.75 -46.66 -37.02
N CYS E 44 0.30 -46.74 -37.86
CA CYS E 44 0.16 -47.37 -39.16
C CYS E 44 -0.13 -48.86 -39.01
N LEU E 45 0.61 -49.53 -38.12
CA LEU E 45 0.35 -50.95 -37.86
C LEU E 45 -1.02 -51.14 -37.23
N LYS E 46 -1.43 -50.22 -36.35
CA LYS E 46 -2.75 -50.31 -35.75
C LYS E 46 -3.85 -50.19 -36.79
N ARG E 47 -3.69 -49.25 -37.73
CA ARG E 47 -4.69 -49.10 -38.79
C ARG E 47 -4.70 -50.30 -39.73
N LYS E 48 -3.52 -50.88 -40.00
CA LYS E 48 -3.48 -52.10 -40.81
C LYS E 48 -4.20 -53.25 -40.12
N VAL E 49 -4.01 -53.38 -38.80
CA VAL E 49 -4.72 -54.40 -38.04
C VAL E 49 -6.22 -54.14 -38.08
N ARG E 50 -6.62 -52.88 -37.94
CA ARG E 50 -8.04 -52.53 -37.99
C ARG E 50 -8.64 -52.88 -39.35
N ASN E 51 -7.92 -52.60 -40.44
CA ASN E 51 -8.42 -52.92 -41.76
C ASN E 51 -8.52 -54.44 -41.96
N PHE E 52 -7.52 -55.18 -41.45
CA PHE E 52 -7.58 -56.64 -41.54
C PHE E 52 -8.78 -57.19 -40.78
N ILE E 53 -9.07 -56.62 -39.61
CA ILE E 53 -10.23 -57.06 -38.83
C ILE E 53 -11.53 -56.70 -39.56
N GLN E 54 -11.56 -55.51 -40.17
CA GLN E 54 -12.77 -55.10 -40.88
C GLN E 54 -13.04 -55.99 -42.09
N MET E 55 -11.98 -56.47 -42.74
CA MET E 55 -12.15 -57.33 -43.91
C MET E 55 -12.21 -58.81 -43.57
N THR E 56 -11.92 -59.20 -42.34
CA THR E 56 -11.94 -60.60 -41.94
C THR E 56 -12.72 -60.80 -40.65
N GLN E 57 -13.95 -60.27 -40.61
CA GLN E 57 -14.83 -60.46 -39.46
C GLN E 57 -16.27 -60.17 -39.81
N ASN E 58 -16.67 -58.90 -39.77
CA ASN E 58 -18.04 -58.46 -40.03
C ASN E 58 -19.03 -59.15 -39.09
N ASP E 59 -18.94 -58.75 -37.82
CA ASP E 59 -19.80 -59.30 -36.77
C ASP E 59 -19.86 -58.30 -35.63
N GLU E 60 -20.70 -58.61 -34.65
CA GLU E 60 -20.90 -57.79 -33.47
C GLU E 60 -19.89 -58.18 -32.38
N HIS E 61 -19.85 -57.39 -31.30
CA HIS E 61 -18.96 -57.57 -30.17
C HIS E 61 -17.49 -57.39 -30.54
N HIS E 62 -17.20 -56.86 -31.74
CA HIS E 62 -15.85 -56.62 -32.22
C HIS E 62 -15.90 -55.45 -33.20
N ASP E 63 -16.29 -54.28 -32.67
CA ASP E 63 -16.37 -53.09 -33.50
C ASP E 63 -14.99 -52.70 -34.02
N ILE E 64 -14.96 -52.15 -35.23
CA ILE E 64 -13.72 -51.93 -35.96
C ILE E 64 -13.38 -50.45 -36.09
N PHE E 65 -14.18 -49.55 -35.50
CA PHE E 65 -13.97 -48.12 -35.58
C PHE E 65 -14.03 -47.65 -37.04
N ILE E 66 -15.20 -47.20 -37.49
CA ILE E 66 -15.44 -46.88 -38.89
C ILE E 66 -14.54 -45.74 -39.35
N ARG E 67 -14.44 -45.56 -40.68
CA ARG E 67 -13.45 -44.69 -41.30
C ARG E 67 -13.84 -43.22 -41.17
N GLU E 68 -14.12 -42.58 -42.31
CA GLU E 68 -14.36 -41.14 -42.33
C GLU E 68 -15.79 -40.81 -41.90
N LYS E 69 -16.76 -41.62 -42.32
CA LYS E 69 -18.15 -41.39 -41.95
C LYS E 69 -18.43 -41.92 -40.56
N GLY E 70 -17.57 -41.60 -39.60
CA GLY E 70 -17.76 -42.06 -38.24
C GLY E 70 -17.42 -41.02 -37.20
N ILE E 71 -18.42 -40.21 -36.82
CA ILE E 71 -18.23 -39.21 -35.78
C ILE E 71 -18.11 -39.91 -34.43
N LEU E 72 -17.05 -39.59 -33.68
CA LEU E 72 -16.84 -40.23 -32.38
C LEU E 72 -17.93 -39.84 -31.39
N ASN E 73 -18.41 -38.60 -31.46
CA ASN E 73 -19.48 -38.18 -30.56
C ASN E 73 -20.77 -38.95 -30.83
N ASN E 74 -21.07 -39.19 -32.11
CA ASN E 74 -22.26 -39.95 -32.45
C ASN E 74 -22.16 -41.39 -31.96
N LEU E 75 -20.99 -42.01 -32.12
CA LEU E 75 -20.81 -43.37 -31.63
C LEU E 75 -20.88 -43.44 -30.11
N ILE E 76 -20.33 -42.43 -29.42
CA ILE E 76 -20.41 -42.41 -27.98
C ILE E 76 -21.85 -42.24 -27.51
N ASP E 77 -22.62 -41.37 -28.18
CA ASP E 77 -24.02 -41.19 -27.83
C ASP E 77 -24.83 -42.45 -28.11
N GLU E 78 -24.49 -43.17 -29.18
CA GLU E 78 -25.18 -44.42 -29.48
C GLU E 78 -24.85 -45.49 -28.46
N ALA E 79 -23.60 -45.55 -28.01
CA ALA E 79 -23.22 -46.52 -26.99
C ALA E 79 -23.73 -46.15 -25.61
N HIS E 80 -24.06 -44.87 -25.39
CA HIS E 80 -24.57 -44.45 -24.09
C HIS E 80 -26.03 -44.85 -23.91
N GLU E 81 -26.81 -44.87 -24.99
CA GLU E 81 -28.23 -45.21 -24.92
C GLU E 81 -28.41 -46.74 -25.01
N GLN E 82 -27.85 -47.43 -24.03
CA GLN E 82 -27.93 -48.89 -23.98
C GLN E 82 -28.47 -49.36 -22.63
N GLU E 83 -27.58 -49.81 -21.76
CA GLU E 83 -27.97 -50.29 -20.44
C GLU E 83 -27.85 -49.24 -19.35
N ASN E 84 -26.96 -48.27 -19.50
CA ASN E 84 -26.76 -47.20 -18.53
C ASN E 84 -27.09 -45.86 -19.17
N VAL E 85 -28.38 -45.59 -19.32
CA VAL E 85 -28.82 -44.35 -19.94
C VAL E 85 -28.64 -43.18 -18.97
N LYS E 86 -29.14 -43.33 -17.74
CA LYS E 86 -29.05 -42.27 -16.75
C LYS E 86 -29.08 -42.83 -15.33
N GLY E 87 -29.73 -43.98 -15.16
CA GLY E 87 -29.85 -44.59 -13.84
C GLY E 87 -28.59 -45.31 -13.39
N LYS E 88 -27.49 -44.58 -13.25
CA LYS E 88 -26.24 -45.19 -12.80
C LYS E 88 -25.34 -44.23 -12.04
N GLU E 89 -25.75 -42.99 -11.79
CA GLU E 89 -25.00 -42.01 -10.99
C GLU E 89 -23.63 -41.73 -11.61
N LYS E 90 -23.67 -41.04 -12.76
CA LYS E 90 -22.52 -40.51 -13.51
C LYS E 90 -21.19 -41.23 -13.28
N GLY E 91 -20.70 -41.22 -12.03
CA GLY E 91 -19.41 -41.80 -11.70
C GLY E 91 -19.20 -43.22 -12.19
N GLU E 92 -19.89 -44.18 -11.60
CA GLU E 92 -19.80 -45.55 -12.07
C GLU E 92 -20.50 -45.75 -13.41
N LYS E 93 -21.33 -44.80 -13.84
CA LYS E 93 -21.92 -44.87 -15.17
C LYS E 93 -20.84 -44.80 -16.25
N THR E 94 -19.83 -43.94 -16.04
CA THR E 94 -18.73 -43.86 -16.99
C THR E 94 -17.96 -45.16 -17.07
N GLU E 95 -17.71 -45.80 -15.92
CA GLU E 95 -17.00 -47.07 -15.91
C GLU E 95 -17.82 -48.17 -16.58
N ALA E 96 -19.15 -48.17 -16.34
CA ALA E 96 -20.00 -49.16 -16.99
C ALA E 96 -20.03 -48.97 -18.50
N ALA E 97 -20.10 -47.73 -18.96
CA ALA E 97 -20.07 -47.48 -20.39
C ALA E 97 -18.72 -47.86 -20.99
N ARG E 98 -17.63 -47.62 -20.25
CA ARG E 98 -16.31 -48.01 -20.73
C ARG E 98 -16.20 -49.52 -20.85
N GLN E 99 -16.72 -50.26 -19.86
CA GLN E 99 -16.69 -51.71 -19.92
C GLN E 99 -17.56 -52.23 -21.06
N TYR E 100 -18.72 -51.61 -21.29
CA TYR E 100 -19.58 -52.02 -22.40
C TYR E 100 -18.89 -51.78 -23.74
N MET E 101 -18.22 -50.63 -23.89
CA MET E 101 -17.51 -50.36 -25.13
C MET E 101 -16.32 -51.28 -25.32
N CYS E 102 -15.64 -51.66 -24.23
CA CYS E 102 -14.55 -52.61 -24.33
C CYS E 102 -15.06 -53.99 -24.75
N SER E 103 -16.21 -54.41 -24.21
CA SER E 103 -16.80 -55.68 -24.61
C SER E 103 -17.38 -55.62 -26.02
N ARG E 104 -17.68 -54.43 -26.53
CA ARG E 104 -18.25 -54.27 -27.86
C ARG E 104 -17.21 -53.90 -28.91
N TYR E 105 -16.26 -53.03 -28.58
CA TYR E 105 -15.26 -52.59 -29.54
C TYR E 105 -13.99 -53.43 -29.41
N TYR E 106 -13.34 -53.68 -30.55
CA TYR E 106 -12.06 -54.39 -30.57
C TYR E 106 -10.85 -53.47 -30.59
N ASP E 107 -10.96 -52.31 -31.22
CA ASP E 107 -9.86 -51.36 -31.24
C ASP E 107 -9.57 -50.82 -29.84
N ILE E 108 -10.63 -50.50 -29.08
CA ILE E 108 -10.43 -50.00 -27.73
C ILE E 108 -10.02 -51.13 -26.80
N ARG E 109 -10.37 -52.38 -27.13
CA ARG E 109 -9.99 -53.51 -26.29
C ARG E 109 -8.51 -53.85 -26.47
N THR E 110 -8.04 -53.84 -27.72
CA THR E 110 -6.64 -54.14 -27.98
C THR E 110 -5.75 -52.93 -27.72
N PHE E 111 -6.11 -51.79 -28.30
CA PHE E 111 -5.35 -50.56 -28.12
C PHE E 111 -6.19 -49.63 -27.26
N GLY E 112 -6.82 -48.61 -27.84
CA GLY E 112 -7.63 -47.69 -27.06
C GLY E 112 -8.18 -46.60 -27.94
N ALA E 113 -9.04 -45.77 -27.33
CA ALA E 113 -9.66 -44.67 -28.04
C ALA E 113 -10.07 -43.61 -27.03
N VAL E 114 -10.34 -42.41 -27.54
CA VAL E 114 -10.75 -41.29 -26.69
C VAL E 114 -12.27 -41.30 -26.57
N MET E 115 -12.76 -41.49 -25.35
CA MET E 115 -14.20 -41.54 -25.06
C MET E 115 -14.57 -40.47 -24.05
N THR E 116 -13.87 -39.35 -24.05
CA THR E 116 -14.08 -38.26 -23.10
C THR E 116 -14.56 -37.00 -23.81
N THR E 117 -15.41 -37.16 -24.82
CA THR E 117 -15.93 -36.02 -25.58
C THR E 117 -17.07 -35.36 -24.82
N GLY E 118 -18.23 -35.25 -25.47
CA GLY E 118 -19.40 -34.68 -24.83
C GLY E 118 -19.89 -35.52 -23.67
N LYS E 119 -20.56 -36.63 -23.97
CA LYS E 119 -20.98 -37.57 -22.94
C LYS E 119 -19.79 -38.42 -22.50
N ASN E 120 -19.10 -37.99 -21.45
CA ASN E 120 -17.89 -38.67 -21.01
C ASN E 120 -18.21 -40.07 -20.49
N ALA E 121 -17.27 -40.99 -20.74
CA ALA E 121 -17.44 -42.39 -20.32
C ALA E 121 -16.10 -42.97 -19.91
N GLY E 122 -15.23 -42.14 -19.36
CA GLY E 122 -13.92 -42.60 -18.94
C GLY E 122 -12.97 -42.80 -20.11
N GLN E 123 -11.83 -43.40 -19.80
CA GLN E 123 -10.80 -43.68 -20.79
C GLN E 123 -10.19 -45.05 -20.51
N VAL E 124 -9.66 -45.66 -21.57
CA VAL E 124 -9.08 -47.00 -21.50
C VAL E 124 -7.56 -46.88 -21.53
N ARG E 125 -6.90 -47.43 -20.52
CA ARG E 125 -5.45 -47.40 -20.47
C ARG E 125 -4.85 -48.20 -21.62
N GLY E 126 -5.44 -49.34 -21.95
CA GLY E 126 -4.97 -50.16 -23.04
C GLY E 126 -3.92 -51.16 -22.64
N PRO E 127 -4.15 -52.44 -22.96
CA PRO E 127 -3.15 -53.47 -22.63
C PRO E 127 -2.01 -53.50 -23.62
N VAL E 128 -2.30 -53.88 -24.86
CA VAL E 128 -1.28 -53.93 -25.91
C VAL E 128 -0.94 -52.51 -26.33
N GLN E 129 0.33 -52.14 -26.22
CA GLN E 129 0.80 -50.79 -26.57
C GLN E 129 2.06 -50.93 -27.42
N LEU E 130 1.92 -50.80 -28.73
CA LEU E 130 3.06 -50.87 -29.62
C LEU E 130 3.89 -49.60 -29.53
N THR E 131 5.10 -49.66 -30.07
CA THR E 131 6.05 -48.56 -30.06
C THR E 131 6.38 -48.13 -31.48
N PHE E 132 7.22 -47.10 -31.60
CA PHE E 132 7.63 -46.60 -32.89
C PHE E 132 8.75 -47.47 -33.45
N SER E 133 8.64 -47.83 -34.73
CA SER E 133 9.64 -48.68 -35.35
C SER E 133 10.90 -47.89 -35.66
N ARG E 134 12.00 -48.62 -35.87
CA ARG E 134 13.28 -48.01 -36.19
C ARG E 134 14.15 -49.04 -36.88
N SER E 135 14.73 -48.66 -38.02
CA SER E 135 15.61 -49.55 -38.76
C SER E 135 17.03 -49.49 -38.17
N ILE E 136 17.90 -50.35 -38.69
CA ILE E 136 19.28 -50.43 -38.25
C ILE E 136 20.23 -49.75 -39.25
N ASP E 137 20.19 -50.17 -40.50
CA ASP E 137 21.05 -49.57 -41.52
C ASP E 137 20.49 -48.21 -41.92
N PRO E 138 21.33 -47.17 -42.02
CA PRO E 138 20.83 -45.85 -42.43
C PRO E 138 20.24 -45.87 -43.84
N ILE E 139 18.91 -45.83 -43.94
CA ILE E 139 18.27 -45.88 -45.24
C ILE E 139 18.43 -44.54 -45.95
N MET E 140 18.21 -44.55 -47.26
CA MET E 140 18.32 -43.36 -48.10
C MET E 140 16.97 -43.09 -48.75
N THR E 141 16.68 -41.81 -48.99
CA THR E 141 15.42 -41.42 -49.61
C THR E 141 15.61 -41.27 -51.11
N LEU E 142 14.81 -42.02 -51.87
CA LEU E 142 14.94 -42.04 -53.34
C LEU E 142 14.26 -40.84 -53.99
N GLU E 143 13.07 -40.48 -53.51
CA GLU E 143 12.28 -39.37 -54.08
C GLU E 143 12.02 -39.59 -55.56
N HIS E 144 10.98 -40.36 -55.87
CA HIS E 144 10.62 -40.68 -57.26
C HIS E 144 9.53 -39.71 -57.70
N SER E 145 9.96 -38.56 -58.19
CA SER E 145 9.01 -37.55 -58.66
C SER E 145 8.36 -38.01 -59.96
N ILE E 146 7.03 -38.04 -59.97
CA ILE E 146 6.27 -38.47 -61.13
C ILE E 146 5.29 -37.35 -61.52
N THR E 147 4.72 -37.48 -62.72
CA THR E 147 3.89 -36.44 -63.31
C THR E 147 2.47 -36.95 -63.51
N ARG E 148 1.62 -36.04 -64.00
CA ARG E 148 0.24 -36.34 -64.33
C ARG E 148 -0.18 -35.51 -65.53
N MET E 149 -0.87 -36.14 -66.49
CA MET E 149 -1.32 -35.47 -67.70
C MET E 149 -2.74 -34.94 -67.57
N ALA E 150 -3.15 -34.55 -66.37
CA ALA E 150 -4.49 -34.02 -66.14
C ALA E 150 -4.45 -33.08 -64.95
N VAL E 151 -4.82 -31.83 -65.18
CA VAL E 151 -4.85 -30.85 -64.09
C VAL E 151 -6.04 -31.11 -63.19
N THR E 152 -5.96 -30.61 -61.95
CA THR E 152 -7.03 -30.81 -60.98
C THR E 152 -8.02 -29.65 -61.01
N ASN E 153 -7.68 -28.55 -60.36
CA ASN E 153 -8.52 -27.36 -60.32
C ASN E 153 -8.10 -26.39 -61.42
N GLU E 154 -8.68 -25.19 -61.39
CA GLU E 154 -8.36 -24.15 -62.39
C GLU E 154 -7.25 -23.26 -61.85
N LYS E 155 -6.03 -23.82 -61.85
CA LYS E 155 -4.87 -23.10 -61.38
C LYS E 155 -4.33 -22.19 -62.47
N ASP E 156 -3.23 -21.49 -62.17
CA ASP E 156 -2.61 -20.56 -63.10
C ASP E 156 -1.83 -21.26 -64.21
N ALA E 157 -1.69 -22.58 -64.16
CA ALA E 157 -0.95 -23.32 -65.19
C ALA E 157 -1.87 -24.31 -65.89
N SER E 158 -2.95 -23.83 -66.48
CA SER E 158 -3.91 -24.66 -67.20
C SER E 158 -4.32 -23.96 -68.49
N GLU E 159 -3.36 -23.73 -69.37
CA GLU E 159 -3.61 -23.07 -70.64
C GLU E 159 -3.70 -24.07 -71.78
N THR E 160 -3.40 -23.63 -73.00
CA THR E 160 -3.44 -24.50 -74.16
C THR E 160 -2.19 -25.36 -74.33
N GLY E 161 -1.20 -25.19 -73.45
CA GLY E 161 0.01 -25.99 -73.53
C GLY E 161 -0.25 -27.46 -73.25
N ASP E 162 -0.24 -27.85 -71.99
CA ASP E 162 -0.53 -29.22 -71.60
C ASP E 162 -0.85 -29.23 -70.11
N ASN E 163 -2.11 -29.47 -69.78
CA ASN E 163 -2.55 -29.46 -68.38
C ASN E 163 -1.85 -30.56 -67.59
N ARG E 164 -0.81 -30.19 -66.84
CA ARG E 164 -0.02 -31.15 -66.09
C ARG E 164 0.09 -30.73 -64.62
N THR E 165 0.15 -31.73 -63.74
CA THR E 165 0.34 -31.52 -62.31
C THR E 165 1.29 -32.61 -61.82
N MET E 166 2.58 -32.31 -61.75
CA MET E 166 3.48 -33.38 -61.36
C MET E 166 3.53 -33.56 -59.84
N GLY E 167 4.57 -33.07 -59.18
CA GLY E 167 4.72 -33.40 -57.78
C GLY E 167 5.79 -34.44 -57.55
N ARG E 168 5.76 -35.03 -56.36
CA ARG E 168 6.73 -36.04 -55.96
C ARG E 168 6.02 -37.20 -55.28
N LYS E 169 6.57 -38.39 -55.50
CA LYS E 169 6.07 -39.62 -54.87
C LYS E 169 7.29 -40.35 -54.29
N PHE E 170 7.54 -40.15 -53.01
CA PHE E 170 8.76 -40.65 -52.39
C PHE E 170 8.73 -42.17 -52.30
N THR E 171 9.92 -42.78 -52.37
CA THR E 171 10.06 -44.22 -52.31
C THR E 171 11.24 -44.57 -51.40
N VAL E 172 11.26 -45.82 -50.96
CA VAL E 172 12.31 -46.31 -50.06
C VAL E 172 12.84 -47.63 -50.62
N PRO E 173 14.16 -47.79 -50.76
CA PRO E 173 14.67 -49.05 -51.33
C PRO E 173 14.61 -50.20 -50.35
N TYR E 174 15.01 -50.00 -49.10
CA TYR E 174 14.95 -51.04 -48.10
C TYR E 174 15.02 -50.41 -46.71
N GLY E 175 14.85 -51.25 -45.69
CA GLY E 175 14.89 -50.78 -44.32
C GLY E 175 14.05 -51.62 -43.39
N LEU E 176 14.65 -52.65 -42.79
CA LEU E 176 13.95 -53.52 -41.84
C LEU E 176 13.64 -52.74 -40.58
N TYR E 177 12.41 -52.25 -40.47
CA TYR E 177 11.99 -51.46 -39.32
C TYR E 177 11.84 -52.37 -38.11
N ARG E 178 12.86 -52.39 -37.25
CA ARG E 178 12.83 -53.21 -36.04
C ARG E 178 11.82 -52.65 -35.04
N CYS E 179 10.57 -53.09 -35.16
CA CYS E 179 9.50 -52.60 -34.29
C CYS E 179 9.58 -53.28 -32.93
N HIS E 180 8.99 -52.63 -31.93
CA HIS E 180 8.95 -53.14 -30.58
C HIS E 180 7.55 -52.96 -30.01
N GLY E 181 7.28 -53.69 -28.93
CA GLY E 181 5.98 -53.62 -28.29
C GLY E 181 5.86 -54.53 -27.07
N PHE E 182 5.04 -54.11 -26.10
CA PHE E 182 4.84 -54.86 -24.88
C PHE E 182 3.35 -54.99 -24.59
N ILE E 183 2.97 -56.11 -23.97
CA ILE E 183 1.58 -56.41 -23.65
C ILE E 183 1.48 -56.61 -22.15
N SER E 184 0.54 -55.92 -21.51
CA SER E 184 0.32 -56.02 -20.08
C SER E 184 -0.87 -56.95 -19.80
N THR E 185 -1.12 -57.18 -18.51
CA THR E 185 -2.20 -58.06 -18.08
C THR E 185 -3.21 -57.38 -17.17
N HIS E 186 -2.79 -56.41 -16.36
CA HIS E 186 -3.72 -55.75 -15.45
C HIS E 186 -4.80 -55.00 -16.21
N PHE E 187 -4.41 -54.22 -17.22
CA PHE E 187 -5.39 -53.51 -18.04
C PHE E 187 -6.16 -54.47 -18.93
N ALA E 188 -5.53 -55.59 -19.33
CA ALA E 188 -6.23 -56.58 -20.13
C ALA E 188 -7.34 -57.26 -19.36
N LYS E 189 -7.16 -57.43 -18.04
CA LYS E 189 -8.21 -58.03 -17.23
C LYS E 189 -9.40 -57.09 -17.07
N GLN E 190 -9.17 -55.78 -17.17
CA GLN E 190 -10.27 -54.82 -17.05
C GLN E 190 -10.98 -54.61 -18.38
N THR E 191 -10.21 -54.54 -19.48
CA THR E 191 -10.78 -54.33 -20.80
C THR E 191 -11.36 -55.61 -21.40
N GLY E 192 -11.08 -56.77 -20.81
CA GLY E 192 -11.60 -58.01 -21.34
C GLY E 192 -10.82 -58.58 -22.50
N PHE E 193 -9.51 -58.30 -22.58
CA PHE E 193 -8.68 -58.81 -23.65
C PHE E 193 -8.41 -60.29 -23.45
N SER E 194 -9.27 -61.15 -24.00
CA SER E 194 -9.14 -62.59 -23.84
C SER E 194 -8.03 -63.12 -24.76
N GLU E 195 -7.80 -64.44 -24.68
CA GLU E 195 -6.77 -65.06 -25.50
C GLU E 195 -7.19 -65.14 -26.96
N ASN E 196 -8.49 -65.23 -27.24
CA ASN E 196 -8.96 -65.24 -28.62
C ASN E 196 -8.66 -63.90 -29.30
N ASP E 197 -8.89 -62.79 -28.59
CA ASP E 197 -8.53 -61.49 -29.13
C ASP E 197 -7.03 -61.36 -29.33
N LEU E 198 -6.24 -61.95 -28.44
CA LEU E 198 -4.78 -61.93 -28.62
C LEU E 198 -4.36 -62.71 -29.86
N GLU E 199 -4.97 -63.87 -30.08
CA GLU E 199 -4.65 -64.65 -31.28
C GLU E 199 -5.09 -63.91 -32.54
N LEU E 200 -6.25 -63.25 -32.50
CA LEU E 200 -6.69 -62.46 -33.64
C LEU E 200 -5.74 -61.31 -33.90
N PHE E 201 -5.24 -60.66 -32.84
CA PHE E 201 -4.28 -59.57 -33.01
C PHE E 201 -2.97 -60.08 -33.60
N TRP E 202 -2.53 -61.27 -33.17
CA TRP E 202 -1.32 -61.86 -33.74
C TRP E 202 -1.50 -62.17 -35.22
N GLN E 203 -2.65 -62.76 -35.57
CA GLN E 203 -2.93 -63.06 -36.98
C GLN E 203 -2.98 -61.78 -37.81
N ALA E 204 -3.54 -60.72 -37.24
CA ALA E 204 -3.60 -59.44 -37.96
C ALA E 204 -2.20 -58.88 -38.16
N LEU E 205 -1.38 -58.86 -37.10
CA LEU E 205 -0.01 -58.38 -37.22
C LEU E 205 0.78 -59.20 -38.23
N VAL E 206 0.46 -60.48 -38.37
CA VAL E 206 1.17 -61.34 -39.31
C VAL E 206 0.73 -61.07 -40.74
N ASN E 207 -0.58 -61.00 -40.97
CA ASN E 207 -1.14 -60.93 -42.32
C ASN E 207 -1.81 -59.59 -42.61
N MET E 208 -1.23 -58.49 -42.13
CA MET E 208 -1.73 -57.17 -42.50
C MET E 208 -1.01 -56.58 -43.69
N PHE E 209 0.21 -57.01 -43.98
CA PHE E 209 0.99 -56.50 -45.10
C PHE E 209 0.66 -57.20 -46.41
N ASP E 210 -0.38 -58.04 -46.43
CA ASP E 210 -0.80 -58.72 -47.65
C ASP E 210 -2.07 -58.13 -48.26
N HIS E 211 -2.87 -57.40 -47.49
CA HIS E 211 -4.10 -56.78 -47.97
C HIS E 211 -4.04 -55.27 -47.96
N ASP E 212 -3.62 -54.67 -46.84
CA ASP E 212 -3.51 -53.22 -46.75
C ASP E 212 -2.36 -52.71 -47.60
N HIS E 213 -2.62 -52.42 -48.87
CA HIS E 213 -1.61 -51.94 -49.79
C HIS E 213 -2.16 -50.76 -50.59
N SER E 214 -1.24 -49.95 -51.12
CA SER E 214 -1.58 -48.78 -51.90
C SER E 214 -0.46 -48.48 -52.87
N ALA E 215 -0.61 -47.39 -53.61
CA ALA E 215 0.42 -46.99 -54.57
C ALA E 215 1.54 -46.21 -53.91
N ALA E 216 1.24 -45.45 -52.86
CA ALA E 216 2.28 -44.68 -52.17
C ALA E 216 3.17 -45.57 -51.32
N ARG E 217 2.57 -46.51 -50.58
CA ARG E 217 3.34 -47.42 -49.75
C ARG E 217 4.06 -48.48 -50.58
N GLY E 218 3.53 -48.83 -51.75
CA GLY E 218 4.13 -49.85 -52.56
C GLY E 218 3.94 -51.25 -52.03
N GLN E 219 5.03 -52.01 -51.90
CA GLN E 219 5.00 -53.38 -51.41
C GLN E 219 5.72 -53.45 -50.08
N MET E 220 4.99 -53.86 -49.04
CA MET E 220 5.55 -54.05 -47.72
C MET E 220 5.24 -55.45 -47.21
N ASN E 221 6.17 -56.01 -46.46
CA ASN E 221 6.03 -57.36 -45.92
C ASN E 221 6.59 -57.40 -44.50
N ALA E 222 6.13 -58.39 -43.74
CA ALA E 222 6.58 -58.61 -42.37
C ALA E 222 7.59 -59.75 -42.37
N ARG E 223 8.78 -59.49 -41.80
CA ARG E 223 9.83 -60.48 -41.74
C ARG E 223 9.51 -61.56 -40.71
N GLY E 224 9.80 -61.29 -39.44
CA GLY E 224 9.54 -62.25 -38.39
C GLY E 224 8.84 -61.60 -37.22
N LEU E 225 8.30 -62.46 -36.35
CA LEU E 225 7.59 -62.02 -35.15
C LEU E 225 7.92 -62.98 -34.02
N TYR E 226 8.89 -62.61 -33.19
CA TYR E 226 9.35 -63.44 -32.07
C TYR E 226 8.70 -62.91 -30.80
N VAL E 227 7.65 -63.60 -30.35
CA VAL E 227 6.91 -63.21 -29.16
C VAL E 227 7.56 -63.85 -27.94
N PHE E 228 7.83 -63.03 -26.92
CA PHE E 228 8.44 -63.51 -25.67
C PHE E 228 7.33 -63.70 -24.65
N GLU E 229 6.76 -64.90 -24.62
CA GLU E 229 5.68 -65.23 -23.70
C GLU E 229 6.26 -65.52 -22.31
N HIS E 230 5.83 -64.75 -21.31
CA HIS E 230 6.32 -64.92 -19.95
C HIS E 230 5.54 -66.01 -19.23
N SER E 231 5.69 -66.09 -17.91
CA SER E 231 5.02 -67.08 -17.10
C SER E 231 4.06 -66.49 -16.08
N ASN E 232 4.33 -65.27 -15.61
CA ASN E 232 3.46 -64.62 -14.62
C ASN E 232 3.27 -63.15 -14.95
N ASN E 233 2.71 -62.39 -14.02
CA ASN E 233 2.47 -60.97 -14.20
C ASN E 233 3.56 -60.10 -13.59
N LEU E 234 4.62 -60.72 -13.05
CA LEU E 234 5.72 -59.99 -12.44
C LEU E 234 6.80 -59.70 -13.47
N GLY E 235 7.89 -59.09 -12.99
CA GLY E 235 9.00 -58.77 -13.86
C GLY E 235 10.24 -59.62 -13.61
N ASP E 236 10.58 -60.49 -14.56
CA ASP E 236 11.73 -61.37 -14.39
C ASP E 236 13.03 -60.63 -14.70
N ALA E 237 13.23 -60.27 -15.96
CA ALA E 237 14.42 -59.57 -16.41
C ALA E 237 14.03 -58.33 -17.20
N PRO E 238 14.86 -57.29 -17.18
CA PRO E 238 14.56 -56.10 -17.98
C PRO E 238 14.39 -56.45 -19.45
N ALA E 239 13.43 -55.79 -20.09
CA ALA E 239 13.12 -56.05 -21.49
C ALA E 239 14.18 -55.51 -22.43
N ASP E 240 15.08 -54.65 -21.95
CA ASP E 240 16.11 -54.10 -22.83
C ASP E 240 17.02 -55.19 -23.36
N SER E 241 17.63 -55.97 -22.47
CA SER E 241 18.48 -57.08 -22.92
C SER E 241 17.66 -58.15 -23.62
N LEU E 242 16.40 -58.33 -23.24
CA LEU E 242 15.54 -59.31 -23.91
C LEU E 242 15.36 -58.97 -25.38
N PHE E 243 15.10 -57.70 -25.68
CA PHE E 243 14.98 -57.27 -27.07
C PHE E 243 16.34 -57.12 -27.75
N LYS E 244 17.41 -56.97 -26.98
CA LYS E 244 18.75 -56.89 -27.56
C LYS E 244 19.30 -58.26 -27.94
N ARG E 245 18.73 -59.34 -27.41
CA ARG E 245 19.21 -60.67 -27.77
C ARG E 245 18.96 -60.98 -29.23
N ILE E 246 17.90 -60.43 -29.82
CA ILE E 246 17.60 -60.64 -31.22
C ILE E 246 18.12 -59.45 -32.02
N GLN E 247 19.45 -59.36 -32.15
CA GLN E 247 20.07 -58.26 -32.87
C GLN E 247 20.02 -58.49 -34.36
N VAL E 248 19.93 -57.39 -35.12
CA VAL E 248 19.90 -57.42 -36.57
C VAL E 248 20.95 -56.44 -37.07
N VAL E 249 22.05 -56.97 -37.61
CA VAL E 249 23.14 -56.13 -38.11
C VAL E 249 23.42 -56.48 -39.57
N LYS E 250 24.53 -55.96 -40.09
CA LYS E 250 24.90 -56.23 -41.47
C LYS E 250 25.49 -57.64 -41.60
N LYS E 251 25.54 -58.11 -42.84
CA LYS E 251 26.07 -59.45 -43.13
C LYS E 251 27.59 -59.40 -43.31
N ASP E 252 28.05 -59.64 -44.54
CA ASP E 252 29.47 -59.62 -44.83
C ASP E 252 29.94 -58.24 -45.25
N GLY E 253 30.88 -58.17 -46.19
CA GLY E 253 31.39 -56.91 -46.65
C GLY E 253 30.48 -56.21 -47.64
N VAL E 254 29.41 -55.61 -47.13
CA VAL E 254 28.44 -54.89 -47.95
C VAL E 254 28.21 -53.51 -47.35
N GLU E 255 27.91 -52.55 -48.23
CA GLU E 255 27.66 -51.17 -47.79
C GLU E 255 26.22 -50.98 -47.32
N VAL E 256 25.25 -51.34 -48.16
CA VAL E 256 23.85 -51.21 -47.81
C VAL E 256 23.19 -52.58 -47.89
N VAL E 257 21.85 -52.60 -47.87
CA VAL E 257 21.08 -53.85 -47.93
C VAL E 257 19.95 -53.66 -48.92
N ARG E 258 19.62 -54.72 -49.65
CA ARG E 258 18.58 -54.69 -50.67
C ARG E 258 17.42 -55.63 -50.40
N SER E 259 17.66 -56.79 -49.82
CA SER E 259 16.60 -57.76 -49.54
C SER E 259 16.99 -58.55 -48.29
N PHE E 260 16.37 -59.71 -48.10
CA PHE E 260 16.66 -60.54 -46.94
C PHE E 260 18.00 -61.27 -47.08
N ASP E 261 18.55 -61.34 -48.29
CA ASP E 261 19.82 -62.02 -48.49
C ASP E 261 21.01 -61.18 -48.05
N ASP E 262 20.79 -59.98 -47.53
CA ASP E 262 21.86 -59.11 -47.08
C ASP E 262 21.83 -58.88 -45.57
N TYR E 263 20.83 -59.39 -44.86
CA TYR E 263 20.72 -59.27 -43.42
C TYR E 263 20.98 -60.62 -42.75
N LEU E 264 21.49 -60.56 -41.53
CA LEU E 264 21.79 -61.74 -40.72
C LEU E 264 21.11 -61.58 -39.37
N VAL E 265 19.86 -62.03 -39.28
CA VAL E 265 19.08 -61.93 -38.05
C VAL E 265 19.67 -62.93 -37.05
N SER E 266 20.53 -62.44 -36.16
CA SER E 266 21.16 -63.28 -35.15
C SER E 266 20.15 -63.60 -34.07
N VAL E 267 19.69 -64.85 -34.02
CA VAL E 267 18.73 -65.31 -33.03
C VAL E 267 19.43 -66.39 -32.20
N ASP E 268 19.80 -66.05 -30.98
CA ASP E 268 20.50 -66.96 -30.07
C ASP E 268 19.69 -67.03 -28.77
N ASP E 269 18.66 -67.88 -28.77
CA ASP E 269 17.80 -68.06 -27.61
C ASP E 269 18.51 -69.01 -26.65
N LYS E 270 19.33 -68.43 -25.76
CA LYS E 270 20.11 -69.19 -24.80
C LYS E 270 19.82 -68.82 -23.36
N ASN E 271 19.78 -67.53 -23.05
CA ASN E 271 19.56 -67.07 -21.67
C ASN E 271 18.11 -66.69 -21.40
N LEU E 272 17.22 -66.80 -22.39
CA LEU E 272 15.82 -66.47 -22.23
C LEU E 272 14.96 -67.70 -21.96
N GLU E 273 15.58 -68.80 -21.54
CA GLU E 273 14.86 -70.04 -21.25
C GLU E 273 14.64 -70.25 -19.76
N GLU E 274 14.70 -69.19 -18.96
CA GLU E 274 14.50 -69.30 -17.53
C GLU E 274 13.03 -69.52 -17.20
N THR E 275 12.21 -68.47 -17.34
CA THR E 275 10.78 -68.54 -17.10
C THR E 275 10.01 -67.89 -18.23
N LYS E 276 10.54 -67.97 -19.45
CA LYS E 276 9.91 -67.36 -20.62
C LYS E 276 9.82 -68.39 -21.74
N LEU E 277 8.98 -68.08 -22.73
CA LEU E 277 8.76 -68.93 -23.88
C LEU E 277 9.17 -68.19 -25.15
N LEU E 278 9.03 -68.87 -26.29
CA LEU E 278 9.39 -68.29 -27.57
C LEU E 278 8.58 -68.96 -28.67
N ARG E 279 8.03 -68.15 -29.58
CA ARG E 279 7.24 -68.66 -30.69
C ARG E 279 7.54 -67.83 -31.93
N LYS E 280 7.35 -68.45 -33.10
CA LYS E 280 7.58 -67.81 -34.38
C LYS E 280 6.31 -67.90 -35.20
N LEU E 281 5.73 -66.74 -35.53
CA LEU E 281 4.50 -66.66 -36.31
C LEU E 281 4.72 -66.12 -37.72
N GLY E 282 5.53 -65.07 -37.86
CA GLY E 282 5.79 -64.49 -39.17
C GLY E 282 7.07 -65.00 -39.79
N GLY E 283 8.04 -65.37 -38.96
CA GLY E 283 9.32 -65.86 -39.45
C GLY E 283 9.65 -67.25 -38.94
N THR F 1 -19.13 -57.99 -57.78
CA THR F 1 -18.04 -57.81 -56.83
C THR F 1 -17.22 -59.09 -56.67
N ILE F 2 -15.90 -58.98 -56.75
CA ILE F 2 -15.04 -60.14 -56.61
C ILE F 2 -14.96 -60.54 -55.14
N GLU F 3 -14.59 -61.81 -54.91
CA GLU F 3 -14.49 -62.35 -53.57
C GLU F 3 -13.18 -63.09 -53.30
N LYS F 4 -12.30 -63.22 -54.29
CA LYS F 4 -11.03 -63.90 -54.14
C LYS F 4 -9.89 -62.90 -54.15
N ARG F 5 -8.77 -63.30 -53.55
CA ARG F 5 -7.56 -62.49 -53.51
C ARG F 5 -6.62 -62.93 -54.62
N TYR F 6 -6.08 -61.97 -55.35
CA TYR F 6 -5.21 -62.23 -56.49
C TYR F 6 -3.86 -61.58 -56.25
N ASP F 7 -2.80 -62.39 -56.28
CA ASP F 7 -1.42 -61.93 -56.10
C ASP F 7 -0.67 -62.22 -57.40
N PHE F 8 -0.80 -61.31 -58.37
CA PHE F 8 -0.18 -61.52 -59.67
C PHE F 8 1.28 -61.10 -59.65
N VAL F 9 2.11 -61.86 -60.37
CA VAL F 9 3.52 -61.55 -60.51
C VAL F 9 3.79 -61.06 -61.92
N PHE F 10 3.54 -59.77 -62.16
CA PHE F 10 3.72 -59.21 -63.49
C PHE F 10 5.20 -59.13 -63.84
N LEU F 11 5.55 -59.63 -65.03
CA LEU F 11 6.91 -59.62 -65.53
C LEU F 11 6.93 -58.99 -66.91
N PHE F 12 7.72 -57.93 -67.08
CA PHE F 12 7.81 -57.25 -68.36
C PHE F 12 9.21 -56.65 -68.50
N ASP F 13 9.69 -56.60 -69.74
CA ASP F 13 11.00 -56.06 -70.02
C ASP F 13 10.93 -54.92 -71.03
N VAL F 14 12.07 -54.53 -71.60
CA VAL F 14 12.15 -53.46 -72.58
C VAL F 14 13.28 -53.78 -73.55
N GLN F 15 12.99 -53.70 -74.85
CA GLN F 15 13.99 -54.02 -75.86
C GLN F 15 15.00 -52.89 -76.02
N ASP F 16 14.53 -51.70 -76.45
CA ASP F 16 15.43 -50.57 -76.63
C ASP F 16 14.61 -49.29 -76.52
N GLY F 17 14.81 -48.56 -75.43
CA GLY F 17 14.08 -47.32 -75.23
C GLY F 17 14.07 -46.93 -73.77
N ASN F 18 13.31 -45.87 -73.48
CA ASN F 18 13.18 -45.34 -72.14
C ASN F 18 11.80 -45.71 -71.58
N PRO F 19 11.69 -46.74 -70.74
CA PRO F 19 10.37 -47.13 -70.22
C PRO F 19 9.78 -46.10 -69.28
N ASN F 20 10.03 -46.27 -67.98
CA ASN F 20 9.54 -45.35 -66.95
C ASN F 20 10.66 -44.38 -66.63
N GLY F 21 10.70 -43.26 -67.35
CA GLY F 21 11.75 -42.29 -67.16
C GLY F 21 11.48 -41.33 -66.02
N ASP F 22 12.57 -40.71 -65.57
CA ASP F 22 12.57 -39.37 -65.00
C ASP F 22 12.06 -39.30 -63.57
N PRO F 23 12.97 -39.30 -62.58
CA PRO F 23 12.64 -38.69 -61.29
C PRO F 23 13.02 -37.22 -61.32
N ASP F 24 12.85 -36.61 -62.51
CA ASP F 24 13.34 -35.27 -62.81
C ASP F 24 14.84 -35.17 -62.63
N ALA F 25 15.55 -36.19 -63.11
CA ALA F 25 16.99 -36.12 -63.33
C ALA F 25 17.33 -35.81 -64.78
N GLY F 26 16.33 -35.63 -65.62
CA GLY F 26 16.52 -35.33 -67.03
C GLY F 26 15.68 -36.17 -67.95
N ASN F 27 16.18 -37.36 -68.31
CA ASN F 27 15.45 -38.25 -69.20
C ASN F 27 15.93 -39.69 -69.07
N LEU F 28 16.39 -40.06 -67.87
CA LEU F 28 16.87 -41.41 -67.65
C LEU F 28 15.85 -42.22 -66.85
N PRO F 29 15.73 -43.52 -67.12
CA PRO F 29 14.79 -44.35 -66.34
C PRO F 29 15.23 -44.50 -64.90
N ARG F 30 14.27 -44.80 -64.03
CA ARG F 30 14.54 -44.99 -62.62
C ARG F 30 15.37 -46.24 -62.39
N ILE F 31 16.58 -46.08 -61.87
CA ILE F 31 17.49 -47.19 -61.62
C ILE F 31 17.96 -47.12 -60.17
N ASP F 32 18.33 -48.29 -59.64
CA ASP F 32 18.80 -48.35 -58.26
C ASP F 32 20.20 -47.75 -58.16
N PRO F 33 20.41 -46.76 -57.30
CA PRO F 33 21.75 -46.15 -57.22
C PRO F 33 22.79 -47.07 -56.60
N GLN F 34 22.44 -47.79 -55.54
CA GLN F 34 23.42 -48.62 -54.85
C GLN F 34 23.81 -49.83 -55.67
N THR F 35 22.87 -50.40 -56.44
CA THR F 35 23.15 -51.58 -57.26
C THR F 35 23.10 -51.22 -58.74
N GLY F 36 21.92 -51.09 -59.33
CA GLY F 36 21.81 -50.77 -60.74
C GLY F 36 20.57 -51.36 -61.39
N GLU F 37 19.66 -51.88 -60.57
CA GLU F 37 18.43 -52.48 -61.07
C GLU F 37 17.45 -51.41 -61.51
N GLY F 38 16.85 -51.61 -62.68
CA GLY F 38 15.89 -50.64 -63.19
C GLY F 38 14.57 -50.73 -62.44
N LEU F 39 13.94 -49.58 -62.26
CA LEU F 39 12.67 -49.48 -61.55
C LEU F 39 11.63 -48.81 -62.45
N VAL F 40 10.41 -49.33 -62.40
CA VAL F 40 9.30 -48.81 -63.19
C VAL F 40 8.11 -48.58 -62.27
N THR F 41 7.56 -47.37 -62.30
CA THR F 41 6.42 -47.05 -61.46
C THR F 41 5.15 -47.72 -61.96
N ASP F 42 4.18 -47.87 -61.06
CA ASP F 42 2.93 -48.52 -61.42
C ASP F 42 2.00 -47.59 -62.21
N VAL F 43 2.24 -46.28 -62.16
CA VAL F 43 1.38 -45.35 -62.87
C VAL F 43 1.53 -45.51 -64.38
N CYS F 44 2.71 -45.94 -64.85
CA CYS F 44 2.89 -46.21 -66.27
C CYS F 44 2.01 -47.37 -66.72
N LEU F 45 1.99 -48.45 -65.94
CA LEU F 45 1.11 -49.57 -66.27
C LEU F 45 -0.35 -49.17 -66.17
N LYS F 46 -0.68 -48.33 -65.18
CA LYS F 46 -2.06 -47.86 -65.05
C LYS F 46 -2.49 -47.04 -66.26
N ARG F 47 -1.60 -46.16 -66.74
CA ARG F 47 -1.92 -45.36 -67.93
C ARG F 47 -1.99 -46.23 -69.19
N LYS F 48 -1.15 -47.26 -69.28
CA LYS F 48 -1.26 -48.19 -70.40
C LYS F 48 -2.59 -48.93 -70.39
N VAL F 49 -3.02 -49.36 -69.20
CA VAL F 49 -4.32 -50.01 -69.07
C VAL F 49 -5.45 -49.05 -69.44
N ARG F 50 -5.34 -47.79 -69.01
CA ARG F 50 -6.35 -46.79 -69.35
C ARG F 50 -6.41 -46.57 -70.86
N ASN F 51 -5.25 -46.50 -71.52
CA ASN F 51 -5.25 -46.32 -72.97
C ASN F 51 -5.84 -47.53 -73.68
N PHE F 52 -5.52 -48.74 -73.20
CA PHE F 52 -6.11 -49.94 -73.79
C PHE F 52 -7.62 -49.94 -73.64
N ILE F 53 -8.12 -49.51 -72.48
CA ILE F 53 -9.56 -49.46 -72.28
C ILE F 53 -10.19 -48.39 -73.18
N GLN F 54 -9.50 -47.25 -73.33
CA GLN F 54 -10.04 -46.19 -74.18
C GLN F 54 -10.11 -46.62 -75.63
N MET F 55 -9.15 -47.44 -76.07
CA MET F 55 -9.14 -47.89 -77.46
C MET F 55 -9.92 -49.18 -77.68
N THR F 56 -10.33 -49.87 -76.63
CA THR F 56 -11.07 -51.13 -76.76
C THR F 56 -12.32 -51.11 -75.88
N GLN F 57 -13.15 -50.07 -76.04
CA GLN F 57 -14.41 -49.99 -75.31
C GLN F 57 -15.35 -48.98 -75.96
N ASN F 58 -15.20 -47.71 -75.60
CA ASN F 58 -16.04 -46.62 -76.08
C ASN F 58 -17.51 -46.88 -75.76
N ASP F 59 -17.81 -46.79 -74.46
CA ASP F 59 -19.16 -47.01 -73.97
C ASP F 59 -19.29 -46.31 -72.61
N GLU F 60 -20.52 -46.34 -72.08
CA GLU F 60 -20.80 -45.72 -70.80
C GLU F 60 -20.57 -46.74 -69.68
N HIS F 61 -20.73 -46.27 -68.43
CA HIS F 61 -20.53 -47.05 -67.22
C HIS F 61 -19.09 -47.55 -67.06
N HIS F 62 -18.15 -47.03 -67.87
CA HIS F 62 -16.76 -47.42 -67.84
C HIS F 62 -15.94 -46.22 -68.32
N ASP F 63 -16.01 -45.12 -67.57
CA ASP F 63 -15.27 -43.92 -67.93
C ASP F 63 -13.76 -44.18 -67.86
N ILE F 64 -13.03 -43.52 -68.76
CA ILE F 64 -11.62 -43.82 -68.98
C ILE F 64 -10.71 -42.71 -68.48
N PHE F 65 -11.27 -41.64 -67.88
CA PHE F 65 -10.50 -40.50 -67.41
C PHE F 65 -9.75 -39.84 -68.57
N ILE F 66 -10.35 -38.80 -69.15
CA ILE F 66 -9.84 -38.17 -70.36
C ILE F 66 -8.47 -37.58 -70.14
N ARG F 67 -7.78 -37.23 -71.23
CA ARG F 67 -6.39 -36.80 -71.18
C ARG F 67 -6.25 -35.37 -70.67
N GLU F 68 -5.45 -34.56 -71.35
CA GLU F 68 -5.17 -33.21 -70.90
C GLU F 68 -6.38 -32.28 -71.03
N LYS F 69 -7.32 -32.61 -71.92
CA LYS F 69 -8.54 -31.84 -72.05
C LYS F 69 -9.62 -32.34 -71.09
N GLY F 70 -9.23 -32.49 -69.83
CA GLY F 70 -10.13 -33.03 -68.82
C GLY F 70 -9.89 -32.47 -67.44
N ILE F 71 -10.56 -31.36 -67.11
CA ILE F 71 -10.43 -30.77 -65.79
C ILE F 71 -11.17 -31.65 -64.78
N LEU F 72 -10.48 -32.02 -63.70
CA LEU F 72 -11.09 -32.88 -62.70
C LEU F 72 -12.24 -32.18 -61.99
N ASN F 73 -12.13 -30.87 -61.76
CA ASN F 73 -13.22 -30.13 -61.12
C ASN F 73 -14.46 -30.12 -62.00
N ASN F 74 -14.28 -29.96 -63.32
CA ASN F 74 -15.41 -29.97 -64.23
C ASN F 74 -16.10 -31.34 -64.25
N LEU F 75 -15.31 -32.42 -64.26
CA LEU F 75 -15.89 -33.75 -64.24
C LEU F 75 -16.61 -34.03 -62.92
N ILE F 76 -16.05 -33.54 -61.81
CA ILE F 76 -16.70 -33.72 -60.51
C ILE F 76 -18.01 -32.95 -60.47
N ASP F 77 -18.02 -31.72 -60.99
CA ASP F 77 -19.25 -30.94 -61.02
C ASP F 77 -20.30 -31.59 -61.93
N GLU F 78 -19.86 -32.18 -63.04
CA GLU F 78 -20.79 -32.86 -63.93
C GLU F 78 -21.37 -34.11 -63.29
N ALA F 79 -20.55 -34.86 -62.54
CA ALA F 79 -21.03 -36.04 -61.85
C ALA F 79 -21.87 -35.69 -60.63
N HIS F 80 -21.74 -34.48 -60.10
CA HIS F 80 -22.53 -34.08 -58.95
C HIS F 80 -23.96 -33.74 -59.34
N GLU F 81 -24.16 -33.18 -60.53
CA GLU F 81 -25.49 -32.81 -61.02
C GLU F 81 -26.18 -34.01 -61.67
N GLN F 82 -26.42 -35.03 -60.86
CA GLN F 82 -27.08 -36.25 -61.32
C GLN F 82 -28.26 -36.61 -60.43
N GLU F 83 -28.07 -37.57 -59.54
CA GLU F 83 -29.12 -38.02 -58.64
C GLU F 83 -29.06 -37.36 -57.27
N ASN F 84 -27.88 -36.95 -56.83
CA ASN F 84 -27.71 -36.29 -55.53
C ASN F 84 -27.19 -34.88 -55.75
N VAL F 85 -28.09 -33.98 -56.16
CA VAL F 85 -27.71 -32.60 -56.42
C VAL F 85 -27.51 -31.85 -55.10
N LYS F 86 -28.48 -31.95 -54.20
CA LYS F 86 -28.39 -31.26 -52.92
C LYS F 86 -29.22 -31.96 -51.86
N GLY F 87 -30.29 -32.64 -52.28
CA GLY F 87 -31.17 -33.32 -51.34
C GLY F 87 -30.61 -34.63 -50.82
N LYS F 88 -29.48 -34.57 -50.13
CA LYS F 88 -28.88 -35.77 -49.57
C LYS F 88 -28.07 -35.52 -48.30
N GLU F 89 -28.03 -34.29 -47.79
CA GLU F 89 -27.36 -33.96 -46.52
C GLU F 89 -25.86 -34.28 -46.58
N LYS F 90 -25.15 -33.49 -47.38
CA LYS F 90 -23.69 -33.48 -47.54
C LYS F 90 -22.98 -34.78 -47.19
N GLY F 91 -23.09 -35.22 -45.94
CA GLY F 91 -22.39 -36.40 -45.46
C GLY F 91 -22.56 -37.64 -46.32
N GLU F 92 -23.76 -38.21 -46.32
CA GLU F 92 -24.05 -39.35 -47.18
C GLU F 92 -24.11 -38.96 -48.65
N LYS F 93 -24.26 -37.67 -48.95
CA LYS F 93 -24.20 -37.22 -50.34
C LYS F 93 -22.85 -37.52 -50.96
N THR F 94 -21.78 -37.31 -50.20
CA THR F 94 -20.44 -37.62 -50.70
C THR F 94 -20.29 -39.11 -51.00
N GLU F 95 -20.81 -39.96 -50.10
CA GLU F 95 -20.73 -41.40 -50.33
C GLU F 95 -21.55 -41.83 -51.53
N ALA F 96 -22.74 -41.21 -51.71
CA ALA F 96 -23.56 -41.53 -52.87
C ALA F 96 -22.88 -41.11 -54.16
N ALA F 97 -22.27 -39.93 -54.18
CA ALA F 97 -21.54 -39.49 -55.36
C ALA F 97 -20.34 -40.38 -55.64
N ARG F 98 -19.65 -40.83 -54.58
CA ARG F 98 -18.53 -41.74 -54.76
C ARG F 98 -18.99 -43.07 -55.34
N GLN F 99 -20.10 -43.60 -54.86
CA GLN F 99 -20.63 -44.85 -55.41
C GLN F 99 -21.06 -44.68 -56.86
N TYR F 100 -21.68 -43.54 -57.18
CA TYR F 100 -22.08 -43.28 -58.56
C TYR F 100 -20.87 -43.19 -59.47
N MET F 101 -19.81 -42.52 -59.02
CA MET F 101 -18.60 -42.42 -59.84
C MET F 101 -17.91 -43.78 -59.98
N CYS F 102 -17.95 -44.60 -58.94
CA CYS F 102 -17.38 -45.95 -59.04
C CYS F 102 -18.17 -46.79 -60.02
N SER F 103 -19.49 -46.68 -60.01
CA SER F 103 -20.31 -47.41 -60.98
C SER F 103 -20.19 -46.84 -62.39
N ARG F 104 -19.76 -45.59 -62.52
CA ARG F 104 -19.61 -44.95 -63.82
C ARG F 104 -18.17 -44.97 -64.34
N TYR F 105 -17.19 -44.75 -63.48
CA TYR F 105 -15.80 -44.71 -63.89
C TYR F 105 -15.14 -46.07 -63.70
N TYR F 106 -14.23 -46.41 -64.61
CA TYR F 106 -13.46 -47.64 -64.51
C TYR F 106 -12.09 -47.44 -63.85
N ASP F 107 -11.46 -46.29 -64.07
CA ASP F 107 -10.17 -46.03 -63.43
C ASP F 107 -10.31 -45.93 -61.92
N ILE F 108 -11.37 -45.27 -61.44
CA ILE F 108 -11.58 -45.16 -60.00
C ILE F 108 -12.06 -46.48 -59.42
N ARG F 109 -12.70 -47.32 -60.24
CA ARG F 109 -13.18 -48.62 -59.78
C ARG F 109 -12.02 -49.60 -59.63
N THR F 110 -11.11 -49.62 -60.60
CA THR F 110 -9.97 -50.54 -60.53
C THR F 110 -8.87 -49.97 -59.63
N PHE F 111 -8.48 -48.71 -59.86
CA PHE F 111 -7.45 -48.06 -59.06
C PHE F 111 -8.13 -47.00 -58.23
N GLY F 112 -8.01 -45.72 -58.57
CA GLY F 112 -8.65 -44.67 -57.79
C GLY F 112 -8.31 -43.32 -58.37
N ALA F 113 -8.93 -42.29 -57.80
CA ALA F 113 -8.72 -40.92 -58.24
C ALA F 113 -9.07 -39.99 -57.09
N VAL F 114 -8.61 -38.74 -57.21
CA VAL F 114 -8.86 -37.73 -56.20
C VAL F 114 -10.17 -37.01 -56.53
N MET F 115 -11.15 -37.13 -55.65
CA MET F 115 -12.46 -36.51 -55.82
C MET F 115 -12.79 -35.59 -54.66
N THR F 116 -11.76 -34.97 -54.07
CA THR F 116 -11.90 -34.10 -52.92
C THR F 116 -11.50 -32.67 -53.27
N THR F 117 -11.85 -32.22 -54.47
CA THR F 117 -11.52 -30.87 -54.91
C THR F 117 -12.52 -29.86 -54.34
N GLY F 118 -13.16 -29.09 -55.22
CA GLY F 118 -14.16 -28.14 -54.79
C GLY F 118 -15.37 -28.81 -54.18
N LYS F 119 -16.23 -29.38 -55.02
CA LYS F 119 -17.36 -30.15 -54.55
C LYS F 119 -16.90 -31.53 -54.09
N ASN F 120 -16.61 -31.68 -52.80
CA ASN F 120 -16.06 -32.92 -52.29
C ASN F 120 -17.07 -34.05 -52.40
N ALA F 121 -16.57 -35.26 -52.66
CA ALA F 121 -17.43 -36.44 -52.80
C ALA F 121 -16.73 -37.67 -52.24
N GLY F 122 -15.91 -37.47 -51.22
CA GLY F 122 -15.19 -38.58 -50.61
C GLY F 122 -14.00 -39.02 -51.47
N GLN F 123 -13.42 -40.15 -51.05
CA GLN F 123 -12.28 -40.72 -51.74
C GLN F 123 -12.43 -42.23 -51.78
N VAL F 124 -11.79 -42.84 -52.78
CA VAL F 124 -11.87 -44.28 -53.01
C VAL F 124 -10.56 -44.92 -52.56
N ARG F 125 -10.66 -45.90 -51.65
CA ARG F 125 -9.46 -46.58 -51.18
C ARG F 125 -8.81 -47.38 -52.30
N GLY F 126 -9.61 -48.01 -53.16
CA GLY F 126 -9.09 -48.75 -54.28
C GLY F 126 -8.78 -50.20 -53.95
N PRO F 127 -9.34 -51.12 -54.74
CA PRO F 127 -9.06 -52.54 -54.51
C PRO F 127 -7.71 -52.97 -55.08
N VAL F 128 -7.59 -52.95 -56.40
CA VAL F 128 -6.34 -53.32 -57.05
C VAL F 128 -5.33 -52.19 -56.86
N GLN F 129 -4.19 -52.52 -56.26
CA GLN F 129 -3.13 -51.54 -55.98
C GLN F 129 -1.80 -52.14 -56.42
N LEU F 130 -1.32 -51.73 -57.59
CA LEU F 130 -0.04 -52.21 -58.08
C LEU F 130 1.11 -51.55 -57.32
N THR F 131 2.30 -52.10 -57.49
CA THR F 131 3.50 -51.62 -56.81
C THR F 131 4.53 -51.18 -57.85
N PHE F 132 5.66 -50.68 -57.36
CA PHE F 132 6.75 -50.26 -58.23
C PHE F 132 7.55 -51.45 -58.71
N SER F 133 7.85 -51.49 -60.00
CA SER F 133 8.60 -52.61 -60.56
C SER F 133 10.07 -52.49 -60.21
N ARG F 134 10.77 -53.62 -60.32
CA ARG F 134 12.21 -53.68 -60.03
C ARG F 134 12.80 -54.88 -60.75
N SER F 135 13.89 -54.64 -61.46
CA SER F 135 14.58 -55.72 -62.17
C SER F 135 15.51 -56.46 -61.23
N ILE F 136 16.13 -57.53 -61.73
CA ILE F 136 17.05 -58.36 -60.96
C ILE F 136 18.50 -58.06 -61.35
N ASP F 137 18.82 -58.21 -62.62
CA ASP F 137 20.18 -57.94 -63.08
C ASP F 137 20.42 -56.43 -63.14
N PRO F 138 21.55 -55.94 -62.63
CA PRO F 138 21.83 -54.49 -62.69
C PRO F 138 21.93 -53.99 -64.12
N ILE F 139 20.89 -53.30 -64.60
CA ILE F 139 20.89 -52.80 -65.97
C ILE F 139 21.84 -51.61 -66.09
N MET F 140 22.19 -51.30 -67.33
CA MET F 140 23.09 -50.20 -67.65
C MET F 140 22.36 -49.19 -68.53
N THR F 141 22.72 -47.92 -68.39
CA THR F 141 22.09 -46.87 -69.18
C THR F 141 22.93 -46.58 -70.42
N LEU F 142 22.30 -46.71 -71.59
CA LEU F 142 23.01 -46.53 -72.86
C LEU F 142 23.18 -45.07 -73.24
N GLU F 143 22.15 -44.25 -73.03
CA GLU F 143 22.18 -42.83 -73.39
C GLU F 143 22.47 -42.63 -74.87
N HIS F 144 21.45 -42.74 -75.71
CA HIS F 144 21.60 -42.60 -77.17
C HIS F 144 21.27 -41.16 -77.54
N SER F 145 22.28 -40.30 -77.46
CA SER F 145 22.09 -38.89 -77.82
C SER F 145 21.91 -38.76 -79.32
N ILE F 146 20.81 -38.13 -79.74
CA ILE F 146 20.50 -37.93 -81.14
C ILE F 146 20.29 -36.44 -81.39
N THR F 147 20.28 -36.06 -82.67
CA THR F 147 20.24 -34.68 -83.09
C THR F 147 18.96 -34.37 -83.84
N ARG F 148 18.81 -33.10 -84.21
CA ARG F 148 17.70 -32.62 -85.02
C ARG F 148 18.18 -31.51 -85.93
N MET F 149 17.77 -31.55 -87.20
CA MET F 149 18.16 -30.55 -88.19
C MET F 149 17.14 -29.42 -88.31
N ALA F 150 16.46 -29.09 -87.21
CA ALA F 150 15.47 -28.02 -87.22
C ALA F 150 15.37 -27.43 -85.83
N VAL F 151 15.65 -26.14 -85.70
CA VAL F 151 15.56 -25.47 -84.40
C VAL F 151 14.11 -25.25 -84.03
N ARG F 164 20.27 -26.43 -85.48
CA ARG F 164 20.24 -27.77 -84.89
C ARG F 164 19.89 -27.70 -83.42
N THR F 165 19.19 -28.73 -82.95
CA THR F 165 18.83 -28.88 -81.54
C THR F 165 18.98 -30.36 -81.20
N MET F 166 20.14 -30.72 -80.64
CA MET F 166 20.46 -32.12 -80.37
C MET F 166 19.70 -32.64 -79.16
N GLY F 167 20.40 -32.81 -78.05
CA GLY F 167 19.83 -33.40 -76.86
C GLY F 167 20.20 -34.85 -76.70
N ARG F 168 19.45 -35.52 -75.83
CA ARG F 168 19.68 -36.93 -75.53
C ARG F 168 18.36 -37.69 -75.56
N LYS F 169 18.44 -38.96 -75.99
CA LYS F 169 17.29 -39.87 -75.98
C LYS F 169 17.77 -41.18 -75.36
N PHE F 170 17.52 -41.34 -74.06
CA PHE F 170 18.07 -42.48 -73.34
C PHE F 170 17.41 -43.77 -73.78
N THR F 171 18.19 -44.86 -73.70
CA THR F 171 17.72 -46.18 -74.09
C THR F 171 18.17 -47.21 -73.06
N VAL F 172 17.52 -48.36 -73.08
CA VAL F 172 17.81 -49.44 -72.15
C VAL F 172 17.97 -50.74 -72.94
N PRO F 173 19.05 -51.50 -72.74
CA PRO F 173 19.22 -52.73 -73.53
C PRO F 173 18.31 -53.86 -73.06
N TYR F 174 18.19 -54.08 -71.76
CA TYR F 174 17.33 -55.12 -71.23
C TYR F 174 17.05 -54.83 -69.76
N GLY F 175 16.16 -55.64 -69.18
CA GLY F 175 15.81 -55.49 -67.78
C GLY F 175 14.39 -55.95 -67.48
N LEU F 176 14.25 -57.22 -67.11
CA LEU F 176 12.94 -57.78 -66.77
C LEU F 176 12.47 -57.18 -65.46
N TYR F 177 11.61 -56.17 -65.55
CA TYR F 177 11.09 -55.48 -64.37
C TYR F 177 10.11 -56.40 -63.64
N ARG F 178 10.58 -57.04 -62.58
CA ARG F 178 9.73 -57.93 -61.79
C ARG F 178 8.70 -57.13 -61.01
N CYS F 179 7.56 -56.86 -61.63
CA CYS F 179 6.52 -56.08 -60.98
C CYS F 179 5.75 -56.92 -59.98
N HIS F 180 5.10 -56.24 -59.04
CA HIS F 180 4.31 -56.89 -58.00
C HIS F 180 2.99 -56.14 -57.85
N GLY F 181 2.03 -56.80 -57.20
CA GLY F 181 0.73 -56.22 -56.97
C GLY F 181 -0.22 -57.12 -56.24
N PHE F 182 -1.14 -56.53 -55.46
CA PHE F 182 -2.10 -57.29 -54.68
C PHE F 182 -3.50 -56.71 -54.90
N ILE F 183 -4.50 -57.59 -54.83
CA ILE F 183 -5.90 -57.21 -55.04
C ILE F 183 -6.68 -57.59 -53.80
N SER F 184 -7.45 -56.64 -53.27
CA SER F 184 -8.26 -56.86 -52.09
C SER F 184 -9.71 -57.12 -52.50
N THR F 185 -10.54 -57.41 -51.50
CA THR F 185 -11.95 -57.70 -51.73
C THR F 185 -12.90 -56.78 -50.96
N HIS F 186 -12.51 -56.29 -49.79
CA HIS F 186 -13.39 -55.41 -49.02
C HIS F 186 -13.66 -54.12 -49.77
N PHE F 187 -12.62 -53.47 -50.28
CA PHE F 187 -12.81 -52.25 -51.06
C PHE F 187 -13.45 -52.54 -52.41
N ALA F 188 -13.21 -53.74 -52.96
CA ALA F 188 -13.83 -54.10 -54.22
C ALA F 188 -15.34 -54.27 -54.07
N LYS F 189 -15.80 -54.74 -52.90
CA LYS F 189 -17.24 -54.87 -52.69
C LYS F 189 -17.91 -53.51 -52.57
N GLN F 190 -17.17 -52.48 -52.15
CA GLN F 190 -17.75 -51.14 -52.03
C GLN F 190 -17.69 -50.39 -53.36
N THR F 191 -16.58 -50.52 -54.09
CA THR F 191 -16.43 -49.85 -55.37
C THR F 191 -17.14 -50.56 -56.51
N GLY F 192 -17.62 -51.78 -56.29
CA GLY F 192 -18.31 -52.51 -57.34
C GLY F 192 -17.41 -53.18 -58.34
N PHE F 193 -16.20 -53.57 -57.94
CA PHE F 193 -15.27 -54.24 -58.83
C PHE F 193 -15.70 -55.67 -59.08
N SER F 194 -16.52 -55.88 -60.12
CA SER F 194 -17.03 -57.21 -60.43
C SER F 194 -15.96 -58.05 -61.10
N GLU F 195 -16.32 -59.30 -61.42
CA GLU F 195 -15.38 -60.21 -62.06
C GLU F 195 -15.14 -59.83 -63.52
N ASN F 196 -16.14 -59.22 -64.17
CA ASN F 196 -15.95 -58.77 -65.55
C ASN F 196 -14.90 -57.66 -65.61
N ASP F 197 -14.95 -56.71 -64.67
CA ASP F 197 -13.92 -55.68 -64.61
C ASP F 197 -12.56 -56.28 -64.31
N LEU F 198 -12.50 -57.33 -63.48
CA LEU F 198 -11.23 -57.98 -63.21
C LEU F 198 -10.67 -58.65 -64.46
N GLU F 199 -11.53 -59.31 -65.23
CA GLU F 199 -11.08 -59.93 -66.48
C GLU F 199 -10.63 -58.88 -67.49
N LEU F 200 -11.34 -57.75 -67.55
CA LEU F 200 -10.92 -56.67 -68.43
C LEU F 200 -9.56 -56.10 -68.01
N PHE F 201 -9.36 -55.97 -66.70
CA PHE F 201 -8.07 -55.48 -66.20
C PHE F 201 -6.95 -56.47 -66.51
N TRP F 202 -7.22 -57.77 -66.41
CA TRP F 202 -6.23 -58.77 -66.77
C TRP F 202 -5.89 -58.70 -68.26
N GLN F 203 -6.92 -58.58 -69.10
CA GLN F 203 -6.67 -58.48 -70.54
C GLN F 203 -5.88 -57.22 -70.87
N ALA F 204 -6.15 -56.12 -70.17
CA ALA F 204 -5.41 -54.89 -70.38
C ALA F 204 -3.95 -55.06 -69.96
N LEU F 205 -3.72 -55.62 -68.78
CA LEU F 205 -2.35 -55.86 -68.33
C LEU F 205 -1.60 -56.79 -69.27
N VAL F 206 -2.31 -57.70 -69.94
CA VAL F 206 -1.67 -58.63 -70.86
C VAL F 206 -1.33 -57.94 -72.18
N ASN F 207 -2.29 -57.20 -72.73
CA ASN F 207 -2.16 -56.64 -74.08
C ASN F 207 -2.07 -55.11 -74.09
N MET F 208 -1.37 -54.53 -73.11
CA MET F 208 -1.11 -53.10 -73.13
C MET F 208 0.22 -52.75 -73.80
N PHE F 209 1.17 -53.68 -73.83
CA PHE F 209 2.47 -53.43 -74.45
C PHE F 209 2.46 -53.66 -75.95
N ASP F 210 1.29 -53.85 -76.56
CA ASP F 210 1.19 -54.02 -78.00
C ASP F 210 0.62 -52.80 -78.72
N HIS F 211 -0.07 -51.92 -78.00
CA HIS F 211 -0.63 -50.71 -78.58
C HIS F 211 0.00 -49.43 -78.04
N ASP F 212 0.12 -49.31 -76.72
CA ASP F 212 0.74 -48.14 -76.11
C ASP F 212 2.24 -48.13 -76.36
N HIS F 213 2.66 -47.54 -77.47
CA HIS F 213 4.06 -47.48 -77.85
C HIS F 213 4.40 -46.06 -78.31
N SER F 214 5.69 -45.74 -78.24
CA SER F 214 6.19 -44.43 -78.64
C SER F 214 7.63 -44.57 -79.09
N ALA F 215 8.24 -43.44 -79.43
CA ALA F 215 9.64 -43.44 -79.84
C ALA F 215 10.60 -43.44 -78.66
N ALA F 216 10.21 -42.81 -77.55
CA ALA F 216 11.09 -42.78 -76.38
C ALA F 216 11.10 -44.12 -75.67
N ARG F 217 9.94 -44.76 -75.52
CA ARG F 217 9.87 -46.05 -74.84
C ARG F 217 10.40 -47.17 -75.72
N GLY F 218 10.30 -47.01 -77.05
CA GLY F 218 10.75 -48.05 -77.96
C GLY F 218 9.82 -49.24 -78.01
N GLN F 219 10.37 -50.43 -77.83
CA GLN F 219 9.60 -51.67 -77.88
C GLN F 219 9.60 -52.31 -76.49
N MET F 220 8.42 -52.49 -75.93
CA MET F 220 8.26 -53.13 -74.63
C MET F 220 7.25 -54.27 -74.75
N ASN F 221 7.48 -55.33 -73.99
CA ASN F 221 6.62 -56.51 -74.02
C ASN F 221 6.47 -57.05 -72.60
N ALA F 222 5.39 -57.80 -72.39
CA ALA F 222 5.11 -58.43 -71.11
C ALA F 222 5.49 -59.91 -71.19
N ARG F 223 6.33 -60.35 -70.25
CA ARG F 223 6.78 -61.74 -70.24
C ARG F 223 5.67 -62.68 -69.78
N GLY F 224 5.50 -62.80 -68.46
CA GLY F 224 4.48 -63.66 -67.92
C GLY F 224 3.66 -62.95 -66.86
N LEU F 225 2.52 -63.57 -66.52
CA LEU F 225 1.62 -63.04 -65.51
C LEU F 225 1.04 -64.23 -64.73
N TYR F 226 1.65 -64.52 -63.58
CA TYR F 226 1.23 -65.64 -62.73
C TYR F 226 0.37 -65.08 -61.60
N VAL F 227 -0.94 -65.23 -61.74
CA VAL F 227 -1.89 -64.73 -60.75
C VAL F 227 -2.11 -65.79 -59.68
N PHE F 228 -2.00 -65.40 -58.42
CA PHE F 228 -2.20 -66.31 -57.30
C PHE F 228 -3.60 -66.10 -56.76
N GLU F 229 -4.56 -66.86 -57.31
CA GLU F 229 -5.95 -66.76 -56.90
C GLU F 229 -6.15 -67.52 -55.59
N HIS F 230 -6.63 -66.81 -54.57
CA HIS F 230 -6.85 -67.43 -53.26
C HIS F 230 -8.22 -68.10 -53.21
N SER F 231 -8.68 -68.46 -52.01
CA SER F 231 -9.96 -69.12 -51.81
C SER F 231 -10.93 -68.31 -50.98
N ASN F 232 -10.43 -67.48 -50.06
CA ASN F 232 -11.30 -66.66 -49.22
C ASN F 232 -10.74 -65.26 -49.07
N ASN F 233 -11.29 -64.48 -48.14
CA ASN F 233 -10.86 -63.12 -47.88
C ASN F 233 -9.87 -63.02 -46.72
N LEU F 234 -9.46 -64.15 -46.15
CA LEU F 234 -8.54 -64.18 -45.03
C LEU F 234 -7.11 -64.28 -45.54
N GLY F 235 -6.17 -64.38 -44.60
CA GLY F 235 -4.76 -64.51 -44.95
C GLY F 235 -4.20 -65.88 -44.64
N ASP F 236 -3.86 -66.63 -45.70
CA ASP F 236 -3.32 -67.97 -45.51
C ASP F 236 -1.84 -67.92 -45.17
N ALA F 237 -1.01 -67.50 -46.11
CA ALA F 237 0.43 -67.43 -45.92
C ALA F 237 0.91 -66.04 -46.32
N PRO F 238 2.00 -65.56 -45.71
CA PRO F 238 2.55 -64.27 -46.11
C PRO F 238 2.89 -64.23 -47.60
N ALA F 239 2.60 -63.09 -48.23
CA ALA F 239 2.84 -62.93 -49.66
C ALA F 239 4.32 -62.82 -50.01
N ASP F 240 5.19 -62.61 -49.03
CA ASP F 240 6.61 -62.50 -49.32
C ASP F 240 7.16 -63.79 -49.91
N SER F 241 6.98 -64.91 -49.20
CA SER F 241 7.43 -66.20 -49.73
C SER F 241 6.63 -66.59 -50.97
N LEU F 242 5.36 -66.19 -51.05
CA LEU F 242 4.56 -66.50 -52.23
C LEU F 242 5.15 -65.88 -53.48
N PHE F 243 5.56 -64.61 -53.40
CA PHE F 243 6.20 -63.96 -54.52
C PHE F 243 7.66 -64.38 -54.69
N LYS F 244 8.29 -64.90 -53.63
CA LYS F 244 9.66 -65.40 -53.74
C LYS F 244 9.72 -66.77 -54.40
N ARG F 245 8.62 -67.51 -54.44
CA ARG F 245 8.64 -68.83 -55.08
C ARG F 245 8.92 -68.72 -56.57
N ILE F 246 8.51 -67.63 -57.21
CA ILE F 246 8.76 -67.42 -58.63
C ILE F 246 9.99 -66.54 -58.79
N GLN F 247 11.16 -67.09 -58.49
CA GLN F 247 12.40 -66.34 -58.57
C GLN F 247 12.92 -66.27 -59.99
N VAL F 248 13.55 -65.15 -60.34
CA VAL F 248 14.13 -64.92 -61.66
C VAL F 248 15.58 -64.52 -61.46
N VAL F 249 16.49 -65.41 -61.81
CA VAL F 249 17.93 -65.15 -61.65
C VAL F 249 18.63 -65.34 -63.00
N LYS F 250 19.95 -65.35 -62.97
CA LYS F 250 20.72 -65.54 -64.19
C LYS F 250 20.72 -67.01 -64.62
N LYS F 251 21.08 -67.24 -65.88
CA LYS F 251 21.12 -68.59 -66.42
C LYS F 251 22.47 -69.25 -66.14
N ASP F 252 23.25 -69.49 -67.18
CA ASP F 252 24.55 -70.12 -67.03
C ASP F 252 25.65 -69.09 -66.80
N GLY F 253 26.84 -69.34 -67.34
CA GLY F 253 27.96 -68.43 -67.17
C GLY F 253 27.88 -67.23 -68.08
N VAL F 254 27.03 -66.27 -67.73
CA VAL F 254 26.86 -65.05 -68.52
C VAL F 254 26.96 -63.85 -67.58
N GLU F 255 27.44 -62.73 -68.11
CA GLU F 255 27.59 -61.51 -67.33
C GLU F 255 26.29 -60.72 -67.26
N VAL F 256 25.70 -60.41 -68.41
CA VAL F 256 24.44 -59.67 -68.47
C VAL F 256 23.40 -60.51 -69.18
N VAL F 257 22.29 -59.88 -69.57
CA VAL F 257 21.20 -60.55 -70.27
C VAL F 257 20.74 -59.66 -71.42
N ARG F 258 20.36 -60.30 -72.53
CA ARG F 258 19.94 -59.59 -73.73
C ARG F 258 18.50 -59.87 -74.14
N SER F 259 18.01 -61.08 -73.94
CA SER F 259 16.65 -61.43 -74.33
C SER F 259 16.15 -62.51 -73.37
N PHE F 260 15.10 -63.21 -73.77
CA PHE F 260 14.53 -64.27 -72.94
C PHE F 260 15.41 -65.53 -72.92
N ASP F 261 16.33 -65.66 -73.86
CA ASP F 261 17.20 -66.83 -73.91
C ASP F 261 18.33 -66.77 -72.89
N ASP F 262 18.39 -65.71 -72.08
CA ASP F 262 19.43 -65.58 -71.06
C ASP F 262 18.87 -65.62 -69.65
N TYR F 263 17.55 -65.68 -69.48
CA TYR F 263 16.92 -65.76 -68.18
C TYR F 263 16.32 -67.15 -67.96
N LEU F 264 16.26 -67.55 -66.70
CA LEU F 264 15.71 -68.85 -66.30
C LEU F 264 14.65 -68.60 -65.22
N VAL F 265 13.40 -68.39 -65.66
CA VAL F 265 12.30 -68.12 -64.75
C VAL F 265 11.98 -69.43 -64.02
N SER F 266 12.51 -69.58 -62.81
CA SER F 266 12.29 -70.78 -62.01
C SER F 266 10.87 -70.74 -61.44
N VAL F 267 9.99 -71.59 -61.95
CA VAL F 267 8.61 -71.68 -61.50
C VAL F 267 8.42 -73.08 -60.93
N ASP F 268 8.36 -73.18 -59.61
CA ASP F 268 8.19 -74.45 -58.90
C ASP F 268 6.97 -74.33 -58.01
N ASP F 269 5.79 -74.55 -58.59
CA ASP F 269 4.52 -74.49 -57.86
C ASP F 269 4.35 -75.80 -57.11
N LYS F 270 4.88 -75.84 -55.89
CA LYS F 270 4.83 -77.05 -55.06
C LYS F 270 4.12 -76.82 -53.73
N ASN F 271 4.47 -75.76 -53.02
CA ASN F 271 3.90 -75.48 -51.70
C ASN F 271 2.75 -74.49 -51.75
N LEU F 272 2.39 -73.98 -52.93
CA LEU F 272 1.30 -73.04 -53.08
C LEU F 272 -0.01 -73.71 -53.51
N GLU F 273 -0.11 -75.03 -53.33
CA GLU F 273 -1.30 -75.79 -53.70
C GLU F 273 -2.18 -76.12 -52.49
N GLU F 274 -2.07 -75.35 -51.41
CA GLU F 274 -2.86 -75.63 -50.22
C GLU F 274 -4.30 -75.12 -50.38
N THR F 275 -4.48 -73.80 -50.43
CA THR F 275 -5.79 -73.20 -50.65
C THR F 275 -5.70 -72.06 -51.67
N LYS F 276 -4.79 -72.19 -52.62
CA LYS F 276 -4.58 -71.18 -53.64
C LYS F 276 -4.64 -71.83 -55.02
N LEU F 277 -4.75 -70.98 -56.04
CA LEU F 277 -4.79 -71.41 -57.44
C LEU F 277 -3.63 -70.77 -58.20
N LEU F 278 -3.54 -71.09 -59.49
CA LEU F 278 -2.49 -70.55 -60.34
C LEU F 278 -2.97 -70.55 -61.78
N ARG F 279 -2.72 -69.44 -62.48
CA ARG F 279 -3.11 -69.30 -63.88
C ARG F 279 -2.03 -68.53 -64.62
N LYS F 280 -1.94 -68.78 -65.93
CA LYS F 280 -0.97 -68.12 -66.80
C LYS F 280 -1.71 -67.43 -67.93
N LEU F 281 -1.60 -66.11 -67.99
CA LEU F 281 -2.25 -65.31 -69.02
C LEU F 281 -1.29 -64.72 -70.03
N GLY F 282 -0.14 -64.20 -69.57
CA GLY F 282 0.83 -63.61 -70.47
C GLY F 282 1.95 -64.56 -70.83
N GLY F 283 2.26 -65.50 -69.94
CA GLY F 283 3.31 -66.46 -70.17
C GLY F 283 2.84 -67.90 -70.08
N GLY G 1 15.10 -4.74 -40.27
CA GLY G 1 15.20 -5.74 -39.22
C GLY G 1 15.65 -7.09 -39.73
N LEU G 2 16.92 -7.17 -40.14
CA LEU G 2 17.49 -8.41 -40.65
C LEU G 2 18.99 -8.34 -40.54
N ASP G 3 19.59 -9.35 -39.92
CA ASP G 3 21.04 -9.43 -39.74
C ASP G 3 21.59 -10.45 -40.73
N ARG G 4 22.30 -9.96 -41.75
CA ARG G 4 22.88 -10.82 -42.77
C ARG G 4 24.30 -11.28 -42.44
N ASN G 5 24.89 -10.79 -41.35
CA ASN G 5 26.23 -11.15 -40.94
C ASN G 5 26.23 -11.77 -39.55
N ARG G 6 25.14 -12.47 -39.21
CA ARG G 6 25.05 -13.11 -37.90
C ARG G 6 25.87 -14.39 -37.81
N GLN G 7 26.19 -15.01 -38.94
CA GLN G 7 26.96 -16.26 -38.99
C GLN G 7 26.29 -17.37 -38.20
N ASP G 8 24.97 -17.36 -38.15
CA ASP G 8 24.19 -18.40 -37.47
C ASP G 8 23.57 -19.33 -38.50
N ILE G 9 23.59 -20.63 -38.19
CA ILE G 9 23.08 -21.62 -39.14
C ILE G 9 21.56 -21.53 -39.24
N GLY G 10 20.89 -21.35 -38.11
CA GLY G 10 19.43 -21.24 -38.13
C GLY G 10 18.96 -20.00 -38.88
N TYR G 11 19.70 -18.89 -38.71
CA TYR G 11 19.34 -17.66 -39.40
C TYR G 11 19.35 -17.83 -40.92
N VAL G 12 20.45 -18.35 -41.45
CA VAL G 12 20.57 -18.52 -42.89
C VAL G 12 19.62 -19.60 -43.40
N LEU G 13 19.40 -20.65 -42.60
CA LEU G 13 18.44 -21.68 -43.00
C LEU G 13 17.04 -21.10 -43.12
N GLY G 14 16.62 -20.31 -42.13
CA GLY G 14 15.31 -19.69 -42.21
C GLY G 14 15.20 -18.71 -43.35
N ARG G 15 16.25 -17.93 -43.60
CA ARG G 15 16.23 -16.99 -44.72
C ARG G 15 16.12 -17.72 -46.05
N LEU G 16 16.80 -18.87 -46.16
CA LEU G 16 16.70 -19.67 -47.38
C LEU G 16 15.29 -20.23 -47.57
N PHE G 17 14.70 -20.75 -46.50
CA PHE G 17 13.32 -21.22 -46.62
C PHE G 17 12.37 -20.08 -46.96
N ALA G 18 12.62 -18.89 -46.42
CA ALA G 18 11.76 -17.75 -46.69
C ALA G 18 11.84 -17.32 -48.15
N VAL G 19 13.05 -17.25 -48.70
CA VAL G 19 13.17 -16.87 -50.10
C VAL G 19 12.62 -17.98 -51.00
N LEU G 20 12.73 -19.24 -50.58
CA LEU G 20 12.11 -20.32 -51.35
C LEU G 20 10.59 -20.16 -51.38
N GLU G 21 9.98 -19.86 -50.23
CA GLU G 21 8.54 -19.66 -50.19
C GLU G 21 8.13 -18.44 -51.00
N LYS G 22 8.94 -17.38 -50.96
CA LYS G 22 8.66 -16.19 -51.76
C LYS G 22 8.70 -16.51 -53.26
N ILE G 23 9.68 -17.32 -53.67
CA ILE G 23 9.78 -17.71 -55.08
C ILE G 23 8.58 -18.55 -55.49
N GLN G 24 8.17 -19.50 -54.63
CA GLN G 24 7.01 -20.32 -54.96
C GLN G 24 5.74 -19.48 -55.04
N ALA G 25 5.61 -18.48 -54.18
CA ALA G 25 4.44 -17.60 -54.22
C ALA G 25 4.45 -16.72 -55.46
N GLU G 26 5.63 -16.24 -55.86
CA GLU G 26 5.74 -15.42 -57.06
C GLU G 26 5.56 -16.24 -58.33
N ALA G 27 5.78 -17.55 -58.28
CA ALA G 27 5.61 -18.39 -59.46
C ALA G 27 4.16 -18.42 -59.91
N ASN G 28 3.21 -18.37 -58.98
CA ASN G 28 1.79 -18.38 -59.30
C ASN G 28 0.99 -17.76 -58.17
N PRO G 29 0.27 -16.66 -58.43
CA PRO G 29 -0.53 -16.04 -57.36
C PRO G 29 -1.66 -16.92 -56.87
N GLY G 30 -2.27 -17.72 -57.74
CA GLY G 30 -3.35 -18.60 -57.34
C GLY G 30 -2.86 -19.91 -56.78
N LEU G 31 -2.00 -19.85 -55.77
CA LEU G 31 -1.44 -21.03 -55.13
C LEU G 31 -2.26 -21.37 -53.89
N ASN G 32 -2.68 -22.62 -53.78
CA ASN G 32 -3.47 -23.06 -52.62
C ASN G 32 -2.54 -23.53 -51.50
N ALA G 33 -1.81 -24.61 -51.74
CA ALA G 33 -0.90 -25.19 -50.75
C ALA G 33 0.53 -24.92 -51.17
N THR G 34 1.20 -24.03 -50.45
CA THR G 34 2.60 -23.70 -50.73
C THR G 34 3.51 -24.70 -50.02
N ILE G 35 4.82 -24.43 -50.06
CA ILE G 35 5.76 -25.31 -49.38
C ILE G 35 5.66 -25.12 -47.87
N ALA G 36 5.37 -23.90 -47.41
CA ALA G 36 5.27 -23.66 -45.98
C ALA G 36 4.12 -24.47 -45.36
N ASP G 37 3.12 -24.82 -46.15
CA ASP G 37 2.01 -25.64 -45.69
C ASP G 37 2.35 -27.12 -45.62
N ARG G 38 3.61 -27.50 -45.84
CA ARG G 38 4.01 -28.91 -45.80
C ARG G 38 5.49 -29.06 -45.50
N TYR G 39 6.33 -28.23 -46.11
CA TYR G 39 7.78 -28.38 -45.93
C TYR G 39 8.26 -27.77 -44.62
N PHE G 40 7.59 -26.73 -44.13
CA PHE G 40 8.06 -26.04 -42.93
C PHE G 40 7.86 -26.85 -41.66
N GLY G 41 6.99 -27.87 -41.69
CA GLY G 41 6.74 -28.67 -40.51
C GLY G 41 7.95 -29.44 -40.02
N SER G 42 8.91 -29.71 -40.90
CA SER G 42 10.15 -30.39 -40.52
C SER G 42 11.38 -29.69 -41.09
N ALA G 43 11.30 -28.39 -41.38
CA ALA G 43 12.43 -27.70 -41.99
C ALA G 43 13.48 -27.35 -40.96
N SER G 44 13.07 -27.02 -39.73
CA SER G 44 14.01 -26.67 -38.68
C SER G 44 14.56 -27.88 -37.94
N SER G 45 13.97 -29.06 -38.13
CA SER G 45 14.42 -30.28 -37.48
C SER G 45 15.20 -31.20 -38.41
N THR G 46 14.66 -31.49 -39.59
CA THR G 46 15.31 -32.32 -40.60
C THR G 46 15.49 -31.48 -41.85
N PRO G 47 16.47 -30.55 -41.85
CA PRO G 47 16.63 -29.71 -43.04
C PRO G 47 17.24 -30.44 -44.23
N ILE G 48 18.04 -31.48 -43.98
CA ILE G 48 18.68 -32.19 -45.08
C ILE G 48 17.70 -33.02 -45.88
N ALA G 49 16.48 -33.22 -45.39
CA ALA G 49 15.49 -33.98 -46.12
C ALA G 49 14.54 -33.11 -46.93
N VAL G 50 14.30 -31.88 -46.47
CA VAL G 50 13.38 -30.98 -47.16
C VAL G 50 14.13 -30.02 -48.09
N PHE G 51 15.29 -29.53 -47.67
CA PHE G 51 16.03 -28.56 -48.48
C PHE G 51 16.62 -29.19 -49.73
N GLY G 52 16.77 -30.51 -49.77
CA GLY G 52 17.18 -31.17 -51.00
C GLY G 52 16.13 -31.04 -52.09
N THR G 53 14.90 -31.45 -51.77
CA THR G 53 13.80 -31.26 -52.71
C THR G 53 13.53 -29.79 -52.96
N LEU G 54 13.80 -28.93 -51.97
CA LEU G 54 13.63 -27.49 -52.16
C LEU G 54 14.60 -26.98 -53.23
N MET G 55 15.87 -27.35 -53.14
CA MET G 55 16.83 -26.94 -54.15
C MET G 55 16.57 -27.63 -55.48
N ARG G 56 15.96 -28.81 -55.46
CA ARG G 56 15.59 -29.47 -56.72
C ARG G 56 14.47 -28.72 -57.43
N LEU G 57 13.48 -28.24 -56.68
CA LEU G 57 12.35 -27.53 -57.24
C LEU G 57 12.62 -26.05 -57.45
N LEU G 58 13.70 -25.52 -56.90
CA LEU G 58 14.01 -24.09 -57.06
C LEU G 58 14.22 -23.67 -58.50
N PRO G 59 15.00 -24.39 -59.34
CA PRO G 59 15.18 -23.91 -60.72
C PRO G 59 13.90 -23.90 -61.53
N HIS G 60 13.03 -24.88 -61.32
CA HIS G 60 11.75 -24.89 -62.03
C HIS G 60 10.86 -23.74 -61.56
N HIS G 61 10.90 -23.42 -60.27
CA HIS G 61 10.14 -22.27 -59.77
C HIS G 61 10.68 -20.97 -60.35
N LEU G 62 12.01 -20.88 -60.51
CA LEU G 62 12.59 -19.67 -61.10
C LEU G 62 12.24 -19.57 -62.58
N ASN G 63 12.21 -20.69 -63.29
CA ASN G 63 11.83 -20.67 -64.71
C ASN G 63 10.34 -20.38 -64.88
N LYS G 64 9.53 -20.74 -63.89
CA LYS G 64 8.10 -20.46 -63.96
C LYS G 64 7.80 -18.96 -63.86
N LEU G 65 8.73 -18.17 -63.33
CA LEU G 65 8.51 -16.74 -63.19
C LEU G 65 8.42 -16.08 -64.56
N GLU G 66 7.55 -15.08 -64.67
CA GLU G 66 7.39 -14.36 -65.92
C GLU G 66 8.58 -13.45 -66.23
N PHE G 67 9.32 -13.02 -65.22
CA PHE G 67 10.48 -12.15 -65.39
C PHE G 67 11.74 -12.95 -65.07
N GLU G 68 12.72 -12.89 -65.97
CA GLU G 68 13.96 -13.63 -65.77
C GLU G 68 14.91 -12.90 -64.83
N GLY G 69 14.89 -11.57 -64.82
CA GLY G 69 15.73 -10.83 -63.90
C GLY G 69 15.33 -11.01 -62.45
N ARG G 70 14.03 -11.21 -62.20
CA ARG G 70 13.58 -11.50 -60.84
C ARG G 70 14.19 -12.79 -60.32
N ALA G 71 14.24 -13.83 -61.17
CA ALA G 71 14.86 -15.08 -60.76
C ALA G 71 16.35 -14.90 -60.50
N VAL G 72 17.00 -14.03 -61.29
CA VAL G 72 18.43 -13.77 -61.08
C VAL G 72 18.65 -13.10 -59.73
N GLN G 73 17.82 -12.09 -59.42
CA GLN G 73 17.92 -11.42 -58.13
C GLN G 73 17.65 -12.39 -56.98
N LEU G 74 16.66 -13.28 -57.15
CA LEU G 74 16.33 -14.24 -56.10
C LEU G 74 17.47 -15.22 -55.87
N GLN G 75 18.08 -15.71 -56.95
CA GLN G 75 19.23 -16.60 -56.80
C GLN G 75 20.40 -15.87 -56.15
N TRP G 76 20.59 -14.59 -56.50
CA TRP G 76 21.66 -13.80 -55.91
C TRP G 76 21.48 -13.66 -54.41
N GLU G 77 20.27 -13.34 -53.96
CA GLU G 77 20.04 -13.23 -52.53
C GLU G 77 20.08 -14.60 -51.84
N ILE G 78 19.66 -15.66 -52.55
CA ILE G 78 19.79 -17.01 -52.01
C ILE G 78 21.25 -17.30 -51.69
N ARG G 79 22.14 -17.00 -52.63
CA ARG G 79 23.56 -17.28 -52.42
C ARG G 79 24.18 -16.34 -51.39
N GLN G 80 23.74 -15.08 -51.36
CA GLN G 80 24.21 -14.16 -50.31
C GLN G 80 23.80 -14.65 -48.93
N ILE G 81 22.65 -15.30 -48.82
CA ILE G 81 22.24 -15.89 -47.55
C ILE G 81 23.09 -17.13 -47.24
N LEU G 82 23.19 -18.04 -48.20
CA LEU G 82 23.90 -19.29 -47.99
C LEU G 82 25.40 -19.13 -47.87
N GLU G 83 25.93 -17.93 -48.10
CA GLU G 83 27.35 -17.66 -47.86
C GLU G 83 27.77 -18.12 -46.47
N HIS G 84 26.99 -17.74 -45.45
CA HIS G 84 27.30 -18.12 -44.08
C HIS G 84 26.88 -19.55 -43.74
N CYS G 85 26.21 -20.23 -44.67
CA CYS G 85 25.76 -21.61 -44.45
C CYS G 85 26.81 -22.56 -45.00
N GLN G 86 27.77 -22.92 -44.15
CA GLN G 86 28.87 -23.77 -44.60
C GLN G 86 28.45 -25.22 -44.82
N ARG G 87 27.36 -25.66 -44.19
CA ARG G 87 26.89 -27.02 -44.33
C ARG G 87 25.46 -27.12 -43.81
N PHE G 88 24.71 -28.07 -44.37
CA PHE G 88 23.36 -28.34 -43.91
C PHE G 88 23.42 -29.33 -42.75
N PRO G 89 23.03 -28.92 -41.55
CA PRO G 89 23.16 -29.79 -40.38
C PRO G 89 22.09 -30.87 -40.37
N ASN G 90 22.31 -31.87 -39.50
CA ASN G 90 21.35 -32.94 -39.35
C ASN G 90 20.11 -32.48 -38.59
N HIS G 91 20.31 -31.88 -37.42
CA HIS G 91 19.22 -31.38 -36.59
C HIS G 91 19.67 -30.11 -35.90
N LEU G 92 18.77 -29.14 -35.81
CA LEU G 92 19.09 -27.86 -35.21
C LEU G 92 18.81 -27.87 -33.71
N ASN G 93 19.64 -27.15 -32.97
CA ASN G 93 19.44 -26.99 -31.54
C ASN G 93 18.22 -26.11 -31.28
N LEU G 94 17.81 -26.05 -30.01
CA LEU G 94 16.65 -25.25 -29.63
C LEU G 94 16.86 -23.78 -29.97
N GLU G 95 18.03 -23.24 -29.62
CA GLU G 95 18.36 -21.89 -30.03
C GLU G 95 18.36 -21.76 -31.56
N GLN G 96 18.95 -22.74 -32.25
CA GLN G 96 18.89 -22.75 -33.71
C GLN G 96 17.48 -22.99 -34.22
N GLN G 97 16.68 -23.78 -33.48
CA GLN G 97 15.29 -23.98 -33.86
C GLN G 97 14.53 -22.66 -33.87
N GLY G 98 14.77 -21.81 -32.87
CA GLY G 98 14.14 -20.50 -32.85
C GLY G 98 14.72 -19.56 -33.89
N LEU G 99 16.04 -19.58 -34.06
CA LEU G 99 16.68 -18.73 -35.05
C LEU G 99 16.21 -19.07 -36.47
N PHE G 100 15.81 -20.32 -36.70
CA PHE G 100 15.24 -20.70 -37.98
C PHE G 100 14.04 -19.82 -38.33
N ALA G 101 13.02 -19.84 -37.47
CA ALA G 101 11.84 -19.02 -37.72
C ALA G 101 12.15 -17.54 -37.66
N ILE G 102 13.10 -17.14 -36.81
CA ILE G 102 13.51 -15.73 -36.74
C ILE G 102 13.99 -15.26 -38.10
N GLY G 103 15.00 -15.95 -38.66
CA GLY G 103 15.50 -15.59 -39.96
C GLY G 103 14.48 -15.76 -41.06
N TYR G 104 13.60 -16.76 -40.94
CA TYR G 104 12.55 -16.95 -41.93
C TYR G 104 11.66 -15.72 -42.04
N TYR G 105 11.10 -15.28 -40.92
CA TYR G 105 10.20 -14.13 -40.99
C TYR G 105 10.95 -12.83 -41.25
N HIS G 106 12.21 -12.74 -40.81
CA HIS G 106 13.01 -11.55 -41.11
C HIS G 106 13.24 -11.43 -42.61
N GLU G 107 13.63 -12.52 -43.26
CA GLU G 107 13.85 -12.50 -44.70
C GLU G 107 12.53 -12.29 -45.46
N THR G 108 11.43 -12.84 -44.95
CA THR G 108 10.14 -12.61 -45.59
C THR G 108 9.77 -11.13 -45.55
N GLN G 109 10.00 -10.48 -44.40
CA GLN G 109 9.73 -9.05 -44.29
C GLN G 109 10.66 -8.25 -45.19
N PHE G 110 11.93 -8.64 -45.26
CA PHE G 110 12.88 -7.93 -46.12
C PHE G 110 12.53 -8.09 -47.59
N LEU G 111 11.95 -9.23 -47.98
CA LEU G 111 11.60 -9.45 -49.37
C LEU G 111 10.32 -8.73 -49.76
N PHE G 112 9.27 -8.84 -48.92
CA PHE G 112 8.03 -8.15 -49.22
C PHE G 112 8.16 -6.66 -48.94
N THR G 113 8.95 -5.96 -49.74
CA THR G 113 9.18 -4.53 -49.57
C THR G 113 9.21 -3.86 -50.95
N LYS G 114 9.16 -2.54 -50.93
CA LYS G 114 9.18 -1.75 -52.16
C LYS G 114 10.57 -1.77 -52.79
N ASP G 115 11.47 -0.96 -52.26
CA ASP G 115 12.84 -0.86 -52.77
C ASP G 115 13.80 -1.28 -51.65
N ALA G 116 14.24 -2.53 -51.70
CA ALA G 116 15.16 -3.05 -50.69
C ALA G 116 16.02 -4.16 -51.27
N LEU G 117 15.37 -5.22 -51.77
CA LEU G 117 16.11 -6.34 -52.37
C LEU G 117 16.84 -5.89 -53.63
N LYS G 118 16.16 -5.11 -54.48
CA LYS G 118 16.80 -4.61 -55.70
C LYS G 118 17.91 -3.62 -55.35
N ASN G 119 17.71 -2.83 -54.30
CA ASN G 119 18.75 -1.88 -53.87
C ASN G 119 19.99 -2.62 -53.38
N LEU G 120 19.80 -3.71 -52.64
CA LEU G 120 20.95 -4.50 -52.18
C LEU G 120 21.59 -5.25 -53.34
N PHE G 121 20.80 -5.66 -54.34
CA PHE G 121 21.36 -6.35 -55.50
C PHE G 121 22.15 -5.40 -56.39
N ASN G 122 21.77 -4.12 -56.42
CA ASN G 122 22.48 -3.16 -57.26
C ASN G 122 23.90 -2.92 -56.77
N GLU G 123 24.16 -3.09 -55.47
CA GLU G 123 25.49 -2.92 -54.91
C GLU G 123 26.21 -4.26 -54.80
N ALA G 124 26.37 -4.90 -55.96
CA ALA G 124 27.03 -6.20 -56.03
C ALA G 124 27.71 -6.39 -57.38
N MET H 1 -33.23 45.10 33.86
CA MET H 1 -33.60 43.72 34.13
C MET H 1 -32.48 42.98 34.85
N ILE H 2 -31.28 43.56 34.82
CA ILE H 2 -30.13 42.93 35.46
C ILE H 2 -30.31 42.91 36.98
N LEU H 3 -30.59 44.08 37.56
CA LEU H 3 -30.78 44.18 39.01
C LEU H 3 -32.25 44.14 39.42
N HIS H 4 -33.17 44.43 38.50
CA HIS H 4 -34.60 44.33 38.83
C HIS H 4 -34.99 42.90 39.13
N ALA H 5 -34.41 41.94 38.40
CA ALA H 5 -34.69 40.53 38.67
C ALA H 5 -34.17 40.11 40.04
N LEU H 6 -33.13 40.78 40.53
CA LEU H 6 -32.60 40.45 41.85
C LEU H 6 -33.55 40.92 42.95
N THR H 7 -34.00 42.17 42.86
CA THR H 7 -34.96 42.68 43.84
C THR H 7 -36.28 41.90 43.76
N GLN H 8 -36.68 41.51 42.55
CA GLN H 8 -37.96 40.81 42.40
C GLN H 8 -37.95 39.46 43.11
N TYR H 9 -36.83 38.74 43.06
CA TYR H 9 -36.79 37.45 43.75
C TYR H 9 -36.35 37.58 45.20
N TYR H 10 -35.70 38.68 45.57
CA TYR H 10 -35.48 38.95 46.99
C TYR H 10 -36.80 39.23 47.69
N GLN H 11 -37.72 39.94 47.03
CA GLN H 11 -39.05 40.16 47.58
C GLN H 11 -39.84 38.87 47.69
N ARG H 12 -39.50 37.84 46.90
CA ARG H 12 -40.18 36.56 46.99
C ARG H 12 -39.55 35.69 48.09
N LYS H 13 -38.22 35.72 48.20
CA LYS H 13 -37.56 34.92 49.23
C LYS H 13 -37.83 35.46 50.62
N ALA H 14 -37.94 36.79 50.76
CA ALA H 14 -38.23 37.37 52.07
C ALA H 14 -39.67 37.16 52.50
N GLU H 15 -40.57 36.86 51.56
CA GLU H 15 -41.97 36.62 51.86
C GLU H 15 -42.32 35.14 51.95
N SER H 16 -41.46 34.26 51.46
CA SER H 16 -41.69 32.82 51.49
C SER H 16 -40.96 32.13 52.63
N ASP H 17 -40.36 32.90 53.54
CA ASP H 17 -39.62 32.38 54.68
C ASP H 17 -38.49 31.43 54.23
N GLY H 18 -37.49 32.04 53.63
CA GLY H 18 -36.34 31.30 53.14
C GLY H 18 -35.06 31.60 53.90
N GLY H 19 -35.19 32.31 55.02
CA GLY H 19 -34.04 32.67 55.82
C GLY H 19 -33.12 33.66 55.13
N ILE H 20 -33.49 34.93 55.15
CA ILE H 20 -32.73 35.98 54.49
C ILE H 20 -32.79 37.25 55.35
N ALA H 21 -31.95 38.22 55.01
CA ALA H 21 -31.87 39.46 55.77
C ALA H 21 -33.21 40.20 55.75
N GLN H 22 -33.40 41.05 56.76
CA GLN H 22 -34.62 41.83 56.93
C GLN H 22 -34.26 43.26 57.29
N GLU H 23 -34.05 44.09 56.26
CA GLU H 23 -33.79 45.51 56.42
C GLU H 23 -32.55 45.79 57.26
N GLY H 24 -31.38 45.82 56.62
CA GLY H 24 -30.15 46.18 57.28
C GLY H 24 -29.32 45.04 57.82
N PHE H 25 -29.61 43.80 57.44
CA PHE H 25 -28.88 42.64 57.91
C PHE H 25 -28.11 42.00 56.75
N GLU H 26 -27.36 40.95 57.07
CA GLU H 26 -26.57 40.23 56.07
C GLU H 26 -26.14 38.91 56.66
N ASN H 27 -26.27 37.83 55.87
CA ASN H 27 -25.84 36.50 56.29
C ASN H 27 -24.32 36.40 56.17
N LYS H 28 -23.63 37.12 57.05
CA LYS H 28 -22.18 37.16 57.04
C LYS H 28 -21.61 35.93 57.72
N GLU H 29 -20.61 35.32 57.07
CA GLU H 29 -19.94 34.15 57.61
C GLU H 29 -19.03 34.58 58.74
N ILE H 30 -19.47 34.37 59.98
CA ILE H 30 -18.73 34.74 61.18
C ILE H 30 -18.07 33.50 61.74
N PRO H 31 -16.74 33.46 61.87
CA PRO H 31 -16.09 32.25 62.41
C PRO H 31 -16.27 32.10 63.90
N PHE H 32 -15.29 32.56 64.68
CA PHE H 32 -15.33 32.40 66.13
C PHE H 32 -16.30 33.40 66.75
N ILE H 33 -17.02 32.94 67.77
CA ILE H 33 -18.00 33.76 68.47
C ILE H 33 -17.47 34.08 69.86
N ILE H 34 -18.04 35.12 70.47
CA ILE H 34 -17.65 35.59 71.79
C ILE H 34 -18.86 35.44 72.72
N VAL H 35 -18.67 34.77 73.85
CA VAL H 35 -19.72 34.51 74.82
C VAL H 35 -19.46 35.35 76.06
N ILE H 36 -20.47 36.08 76.51
CA ILE H 36 -20.41 36.90 77.71
C ILE H 36 -21.68 36.63 78.53
N ASP H 37 -21.80 37.35 79.64
CA ASP H 37 -22.95 37.22 80.55
C ASP H 37 -23.76 38.51 80.48
N LYS H 38 -24.10 39.13 81.60
CA LYS H 38 -24.90 40.35 81.61
C LYS H 38 -24.09 41.59 81.99
N GLN H 39 -22.78 41.46 82.18
CA GLN H 39 -21.95 42.61 82.54
C GLN H 39 -20.51 42.44 82.07
N GLY H 40 -20.31 41.74 80.95
CA GLY H 40 -18.97 41.51 80.44
C GLY H 40 -18.47 40.10 80.74
N ASN H 41 -17.20 40.00 81.16
CA ASN H 41 -16.59 38.74 81.55
C ASN H 41 -16.62 37.71 80.42
N PHE H 42 -15.52 37.61 79.68
CA PHE H 42 -15.44 36.65 78.59
C PHE H 42 -15.57 35.23 79.10
N ILE H 43 -16.35 34.41 78.39
CA ILE H 43 -16.61 33.04 78.81
C ILE H 43 -15.85 32.07 77.92
N GLN H 44 -16.39 31.80 76.73
CA GLN H 44 -15.80 30.84 75.81
C GLN H 44 -15.82 31.40 74.40
N LEU H 45 -14.76 31.08 73.63
CA LEU H 45 -14.65 31.50 72.24
C LEU H 45 -15.07 30.33 71.34
N GLU H 46 -16.38 30.12 71.26
CA GLU H 46 -16.91 29.01 70.47
C GLU H 46 -16.77 29.29 68.98
N ASP H 47 -16.50 28.23 68.21
CA ASP H 47 -16.36 28.31 66.77
C ASP H 47 -17.44 27.47 66.11
N THR H 48 -18.10 28.04 65.10
CA THR H 48 -19.16 27.37 64.37
C THR H 48 -18.74 27.04 62.94
N ARG H 49 -17.51 26.54 62.78
CA ARG H 49 -16.99 26.19 61.46
C ARG H 49 -17.37 24.76 61.11
N GLU H 50 -16.36 23.87 61.05
CA GLU H 50 -16.48 22.46 60.69
C GLU H 50 -17.57 22.20 59.65
N LEU H 51 -17.27 22.50 58.38
CA LEU H 51 -18.24 22.29 57.31
C LEU H 51 -17.62 21.52 56.16
N LYS H 52 -16.90 22.23 55.28
CA LYS H 52 -16.30 21.61 54.11
C LYS H 52 -14.84 21.24 54.41
N VAL H 53 -14.20 20.58 53.44
CA VAL H 53 -12.80 20.19 53.61
C VAL H 53 -11.91 21.42 53.78
N LYS H 54 -12.32 22.55 53.18
CA LYS H 54 -11.66 23.83 53.40
C LYS H 54 -12.44 24.59 54.45
N LYS H 55 -11.89 24.64 55.67
CA LYS H 55 -12.59 25.25 56.80
C LYS H 55 -12.92 26.71 56.54
N LYS H 56 -14.17 27.00 56.24
CA LYS H 56 -14.61 28.37 56.00
C LYS H 56 -14.67 29.15 57.32
N VAL H 57 -15.04 30.42 57.23
CA VAL H 57 -15.10 31.29 58.40
C VAL H 57 -16.44 31.13 59.11
N GLY H 58 -16.69 29.93 59.64
CA GLY H 58 -17.86 29.71 60.48
C GLY H 58 -19.17 29.64 59.70
N ARG H 59 -20.25 29.86 60.44
CA ARG H 59 -21.60 29.81 59.90
C ARG H 59 -22.07 31.20 59.53
N THR H 60 -22.93 31.27 58.51
CA THR H 60 -23.49 32.54 58.04
C THR H 60 -24.56 32.98 59.04
N PHE H 61 -24.20 33.90 59.92
CA PHE H 61 -25.14 34.43 60.91
C PHE H 61 -25.88 35.62 60.33
N LEU H 62 -27.15 35.76 60.71
CA LEU H 62 -27.98 36.89 60.28
C LEU H 62 -27.64 38.10 61.14
N VAL H 63 -26.51 38.72 60.80
CA VAL H 63 -25.99 39.87 61.55
C VAL H 63 -26.21 41.12 60.72
N PRO H 64 -26.15 42.33 61.31
CA PRO H 64 -26.32 43.55 60.51
C PRO H 64 -25.30 43.64 59.39
N LYS H 65 -25.71 44.28 58.29
CA LYS H 65 -24.87 44.38 57.12
C LYS H 65 -23.69 45.31 57.37
N GLY H 66 -22.56 45.00 56.73
CA GLY H 66 -21.39 45.83 56.88
C GLY H 66 -21.56 47.15 56.14
N LEU H 67 -21.13 48.24 56.79
CA LEU H 67 -21.26 49.57 56.22
C LEU H 67 -20.25 49.86 55.12
N GLY H 68 -19.34 48.93 54.84
CA GLY H 68 -18.34 49.15 53.82
C GLY H 68 -17.28 50.15 54.24
N ARG H 69 -16.28 49.69 54.99
CA ARG H 69 -15.22 50.56 55.46
C ARG H 69 -14.27 50.91 54.31
N SER H 70 -13.12 50.23 54.25
CA SER H 70 -12.16 50.36 53.16
C SER H 70 -11.59 51.76 53.04
N GLY H 71 -10.39 51.96 53.56
CA GLY H 71 -9.73 53.26 53.49
C GLY H 71 -8.55 53.33 54.43
N SER H 72 -7.78 54.40 54.27
CA SER H 72 -6.63 54.61 55.15
C SER H 72 -7.08 54.80 56.60
N LYS H 73 -8.14 55.58 56.81
CA LYS H 73 -8.76 55.73 58.13
C LYS H 73 -9.97 54.81 58.25
N SER H 74 -9.80 53.53 57.91
CA SER H 74 -10.88 52.57 58.00
C SER H 74 -11.36 52.34 59.43
N TYR H 75 -10.62 52.82 60.43
CA TYR H 75 -11.06 52.65 61.81
C TYR H 75 -12.26 53.53 62.13
N GLU H 76 -12.37 54.70 61.50
CA GLU H 76 -13.46 55.61 61.79
C GLU H 76 -14.81 55.06 61.37
N VAL H 77 -14.85 54.07 60.49
CA VAL H 77 -16.10 53.47 60.05
C VAL H 77 -16.66 52.61 61.16
N SER H 78 -16.21 51.35 61.24
CA SER H 78 -16.61 50.38 62.26
C SER H 78 -18.07 49.99 62.13
N ASN H 79 -18.35 48.68 62.15
CA ASN H 79 -19.71 48.19 62.02
C ASN H 79 -20.44 48.26 63.36
N LEU H 80 -21.54 47.51 63.50
CA LEU H 80 -22.33 47.52 64.71
C LEU H 80 -21.66 46.71 65.82
N LEU H 81 -22.01 45.43 65.92
CA LEU H 81 -21.46 44.55 66.94
C LEU H 81 -20.51 43.50 66.41
N TRP H 82 -20.65 43.11 65.15
CA TRP H 82 -19.72 42.19 64.50
C TRP H 82 -18.73 42.99 63.66
N ASP H 83 -17.47 42.57 63.67
CA ASP H 83 -16.44 43.31 62.94
C ASP H 83 -15.20 42.45 62.67
N HIS H 84 -14.06 42.86 63.22
CA HIS H 84 -12.79 42.21 63.01
C HIS H 84 -12.19 41.81 64.34
N TYR H 85 -11.17 40.95 64.29
CA TYR H 85 -10.46 40.59 65.51
C TYR H 85 -9.56 41.71 66.02
N GLY H 86 -9.24 42.68 65.16
CA GLY H 86 -8.52 43.86 65.59
C GLY H 86 -9.45 44.97 66.02
N TYR H 87 -10.73 44.84 65.67
CA TYR H 87 -11.75 45.79 66.07
C TYR H 87 -12.33 45.49 67.45
N VAL H 88 -12.16 44.27 67.95
CA VAL H 88 -12.72 43.86 69.23
C VAL H 88 -11.66 43.76 70.31
N LEU H 89 -10.56 43.05 70.02
CA LEU H 89 -9.50 42.85 71.00
C LEU H 89 -8.29 43.74 70.76
N ALA H 90 -8.34 44.61 69.75
CA ALA H 90 -7.22 45.50 69.40
C ALA H 90 -5.94 44.72 69.13
N TYR H 91 -6.07 43.52 68.59
CA TYR H 91 -4.94 42.67 68.26
C TYR H 91 -4.84 42.50 66.75
N ALA H 92 -3.67 42.77 66.19
CA ALA H 92 -3.43 42.66 64.75
C ALA H 92 -2.35 41.62 64.50
N GLY H 93 -2.60 40.75 63.53
CA GLY H 93 -1.65 39.72 63.17
C GLY H 93 -0.58 40.22 62.22
N GLU H 94 -1.00 40.95 61.18
CA GLU H 94 -0.07 41.47 60.19
C GLU H 94 -0.31 42.96 59.93
N LYS H 95 -1.02 43.66 60.83
CA LYS H 95 -1.29 45.07 60.67
C LYS H 95 -0.60 45.95 61.70
N GLY H 96 -0.19 45.40 62.84
CA GLY H 96 0.50 46.16 63.86
C GLY H 96 -0.47 46.94 64.74
N GLN H 97 0.10 47.60 65.75
CA GLN H 97 -0.67 48.39 66.69
C GLN H 97 -1.07 49.72 66.03
N GLU H 98 -1.63 50.61 66.84
CA GLU H 98 -2.09 51.94 66.39
C GLU H 98 -3.14 51.83 65.29
N GLN H 99 -2.76 51.24 64.15
CA GLN H 99 -3.73 51.05 63.06
C GLN H 99 -4.90 50.19 63.52
N ALA H 100 -4.62 49.14 64.28
CA ALA H 100 -5.67 48.30 64.84
C ALA H 100 -6.19 48.80 66.18
N ASP H 101 -5.40 49.62 66.89
CA ASP H 101 -5.85 50.17 68.15
C ASP H 101 -6.96 51.20 67.94
N LYS H 102 -6.84 52.02 66.90
CA LYS H 102 -7.89 52.98 66.58
C LYS H 102 -9.16 52.27 66.14
N GLN H 103 -9.04 51.10 65.52
CA GLN H 103 -10.22 50.32 65.14
C GLN H 103 -11.02 49.95 66.38
N HIS H 104 -10.36 49.39 67.40
CA HIS H 104 -11.04 49.06 68.64
C HIS H 104 -11.53 50.31 69.37
N ALA H 105 -10.76 51.40 69.30
CA ALA H 105 -11.18 52.64 69.96
C ALA H 105 -12.48 53.18 69.37
N SER H 106 -12.61 53.10 68.04
CA SER H 106 -13.85 53.55 67.41
C SER H 106 -14.97 52.53 67.58
N PHE H 107 -14.65 51.25 67.64
CA PHE H 107 -15.68 50.25 67.90
C PHE H 107 -16.26 50.43 69.30
N THR H 108 -15.43 50.79 70.27
CA THR H 108 -15.92 51.08 71.61
C THR H 108 -16.87 52.28 71.61
N ALA H 109 -16.53 53.32 70.86
CA ALA H 109 -17.39 54.48 70.77
C ALA H 109 -18.71 54.15 70.09
N LYS H 110 -18.67 53.30 69.05
CA LYS H 110 -19.89 52.89 68.37
C LYS H 110 -20.78 52.07 69.31
N VAL H 111 -20.18 51.15 70.07
CA VAL H 111 -20.95 50.36 71.02
C VAL H 111 -21.54 51.26 72.10
N ASN H 112 -20.78 52.25 72.55
CA ASN H 112 -21.27 53.16 73.58
C ASN H 112 -22.43 54.00 73.07
N GLU H 113 -22.33 54.51 71.84
CA GLU H 113 -23.43 55.30 71.30
C GLU H 113 -24.65 54.43 71.01
N LEU H 114 -24.45 53.16 70.66
CA LEU H 114 -25.59 52.26 70.47
C LEU H 114 -26.26 51.96 71.81
N LYS H 115 -25.47 51.82 72.88
CA LYS H 115 -26.04 51.60 74.20
C LYS H 115 -26.78 52.84 74.70
N GLN H 116 -26.23 54.02 74.41
CA GLN H 116 -26.90 55.26 74.82
C GLN H 116 -28.19 55.46 74.03
N ALA H 117 -28.19 55.10 72.75
CA ALA H 117 -29.39 55.19 71.92
C ALA H 117 -30.36 54.04 72.16
N LEU H 118 -29.99 53.06 72.98
CA LEU H 118 -30.84 51.90 73.26
C LEU H 118 -30.47 51.34 74.62
N PRO H 119 -31.07 51.85 75.69
CA PRO H 119 -30.78 51.34 77.03
C PRO H 119 -31.78 50.26 77.45
N ASP H 120 -31.50 49.68 78.62
CA ASP H 120 -32.33 48.64 79.22
C ASP H 120 -32.54 47.47 78.25
N ASP H 121 -31.45 46.72 78.08
CA ASP H 121 -31.43 45.59 77.17
C ASP H 121 -30.81 44.33 77.75
N ALA H 122 -29.95 44.43 78.77
CA ALA H 122 -29.24 43.31 79.37
C ALA H 122 -28.38 42.56 78.36
N GLY H 123 -28.05 43.20 77.25
CA GLY H 123 -27.21 42.59 76.24
C GLY H 123 -26.20 43.58 75.67
N VAL H 124 -26.63 44.83 75.48
CA VAL H 124 -25.71 45.86 75.02
C VAL H 124 -24.90 46.43 76.18
N THR H 125 -25.45 46.39 77.40
CA THR H 125 -24.69 46.84 78.56
C THR H 125 -23.55 45.87 78.87
N ALA H 126 -23.75 44.58 78.64
CA ALA H 126 -22.68 43.60 78.85
C ALA H 126 -21.52 43.85 77.90
N VAL H 127 -21.83 44.11 76.62
CA VAL H 127 -20.76 44.35 75.66
C VAL H 127 -20.18 45.75 75.84
N ALA H 128 -20.94 46.66 76.45
CA ALA H 128 -20.38 47.98 76.76
C ALA H 128 -19.38 47.89 77.90
N ALA H 129 -19.70 47.13 78.94
CA ALA H 129 -18.78 46.93 80.05
C ALA H 129 -17.63 45.99 79.70
N PHE H 130 -17.81 45.14 78.69
CA PHE H 130 -16.73 44.24 78.26
C PHE H 130 -15.69 44.95 77.42
N LEU H 131 -16.10 45.94 76.63
CA LEU H 131 -15.16 46.69 75.81
C LEU H 131 -14.49 47.83 76.59
N SER H 132 -15.02 48.18 77.76
CA SER H 132 -14.46 49.25 78.58
C SER H 132 -13.83 48.70 79.86
N SER H 133 -13.19 47.54 79.76
CA SER H 133 -12.55 46.89 80.89
C SER H 133 -11.05 46.71 80.73
N ALA H 134 -10.56 46.50 79.50
CA ALA H 134 -9.13 46.30 79.23
C ALA H 134 -8.55 45.14 80.04
N GLU H 135 -9.34 44.10 80.26
CA GLU H 135 -8.89 42.94 81.01
C GLU H 135 -9.48 41.66 80.45
N GLU H 136 -10.80 41.64 80.27
CA GLU H 136 -11.45 40.46 79.70
C GLU H 136 -11.10 40.29 78.23
N LYS H 137 -10.95 41.41 77.51
CA LYS H 137 -10.52 41.32 76.12
C LYS H 137 -9.14 40.71 76.00
N SER H 138 -8.26 40.98 76.96
CA SER H 138 -6.96 40.30 77.00
C SER H 138 -7.11 38.84 77.39
N LYS H 139 -8.14 38.51 78.17
CA LYS H 139 -8.41 37.12 78.50
C LYS H 139 -8.91 36.35 77.30
N VAL H 140 -9.55 37.02 76.35
CA VAL H 140 -9.96 36.37 75.11
C VAL H 140 -8.74 35.83 74.35
N MET H 141 -7.62 36.55 74.42
CA MET H 141 -6.40 36.10 73.76
C MET H 141 -5.85 34.82 74.36
N GLN H 142 -6.16 34.55 75.63
CA GLN H 142 -5.69 33.35 76.32
C GLN H 142 -6.78 32.28 76.39
N ALA H 143 -7.61 32.17 75.35
CA ALA H 143 -8.67 31.18 75.33
C ALA H 143 -8.13 29.81 74.96
N ALA H 144 -9.02 28.82 74.92
CA ALA H 144 -8.62 27.46 74.59
C ALA H 144 -8.47 27.24 73.09
N ASN H 145 -9.11 28.07 72.26
CA ASN H 145 -9.02 27.94 70.81
C ASN H 145 -8.69 29.28 70.16
N TRP H 146 -7.97 30.14 70.87
CA TRP H 146 -7.59 31.44 70.30
C TRP H 146 -6.48 31.29 69.27
N ALA H 147 -5.67 30.23 69.37
CA ALA H 147 -4.60 30.04 68.41
C ALA H 147 -5.11 29.77 67.01
N GLU H 148 -6.32 29.21 66.89
CA GLU H 148 -6.90 28.96 65.58
C GLU H 148 -7.50 30.22 64.96
N CYS H 149 -7.92 31.17 65.78
CA CYS H 149 -8.50 32.40 65.25
C CYS H 149 -7.42 33.31 64.65
N ALA H 150 -6.22 33.30 65.23
CA ALA H 150 -5.13 34.13 64.71
C ALA H 150 -4.54 33.58 63.42
N LYS H 151 -4.76 32.29 63.12
CA LYS H 151 -4.23 31.71 61.89
C LYS H 151 -5.01 32.21 60.68
N VAL H 152 -6.32 32.01 60.67
CA VAL H 152 -7.16 32.46 59.57
C VAL H 152 -7.35 33.96 59.69
N LYS H 153 -6.89 34.70 58.69
CA LYS H 153 -7.02 36.15 58.70
C LYS H 153 -8.47 36.56 58.44
N GLY H 154 -8.88 37.66 59.07
CA GLY H 154 -10.24 38.13 58.93
C GLY H 154 -11.23 37.48 59.87
N CYS H 155 -10.79 37.03 61.02
CA CYS H 155 -11.66 36.35 61.99
C CYS H 155 -12.65 37.36 62.56
N ASN H 156 -13.90 37.30 62.08
CA ASN H 156 -14.95 38.18 62.56
C ASN H 156 -15.44 37.67 63.91
N LEU H 157 -15.33 38.51 64.94
CA LEU H 157 -15.74 38.15 66.29
C LEU H 157 -17.09 38.81 66.60
N SER H 158 -18.08 38.00 66.92
CA SER H 158 -19.42 38.47 67.28
C SER H 158 -19.71 38.13 68.73
N PHE H 159 -20.43 39.03 69.40
CA PHE H 159 -20.76 38.86 70.80
C PHE H 159 -22.10 38.15 70.96
N ARG H 160 -22.16 37.23 71.92
CA ARG H 160 -23.38 36.47 72.20
C ARG H 160 -23.49 36.29 73.70
N LEU H 161 -24.43 37.01 74.32
CA LEU H 161 -24.58 36.96 75.77
C LEU H 161 -25.15 35.61 76.21
N VAL H 162 -25.05 35.36 77.51
CA VAL H 162 -25.54 34.11 78.10
C VAL H 162 -27.05 34.19 78.26
N ASP H 163 -27.68 33.06 78.60
CA ASP H 163 -29.12 32.96 78.79
C ASP H 163 -29.89 33.32 77.51
N GLU H 164 -29.31 33.00 76.35
CA GLU H 164 -29.98 33.25 75.08
C GLU H 164 -29.72 32.17 74.04
N ALA H 165 -29.00 31.10 74.39
CA ALA H 165 -28.72 29.99 73.49
C ALA H 165 -28.04 30.47 72.20
N VAL H 166 -28.77 30.40 71.08
CA VAL H 166 -28.22 30.79 69.79
C VAL H 166 -28.53 32.24 69.44
N ASP H 167 -29.28 32.95 70.27
CA ASP H 167 -29.62 34.34 69.99
C ASP H 167 -28.39 35.22 70.21
N LEU H 168 -27.95 35.90 69.15
CA LEU H 168 -26.79 36.77 69.25
C LEU H 168 -27.16 38.05 69.98
N VAL H 169 -26.13 38.84 70.31
CA VAL H 169 -26.36 40.14 70.92
C VAL H 169 -27.06 41.08 69.95
N CYS H 170 -26.59 41.13 68.71
CA CYS H 170 -27.23 41.92 67.67
C CYS H 170 -28.52 41.30 67.16
N GLN H 171 -28.83 40.06 67.55
CA GLN H 171 -30.03 39.38 67.12
C GLN H 171 -31.18 39.51 68.12
N SER H 172 -31.05 40.40 69.10
CA SER H 172 -32.10 40.59 70.09
C SER H 172 -33.28 41.33 69.47
N LYS H 173 -34.38 41.38 70.23
CA LYS H 173 -35.59 42.06 69.76
C LYS H 173 -35.40 43.57 69.68
N ALA H 174 -34.59 44.14 70.59
CA ALA H 174 -34.38 45.58 70.57
C ALA H 174 -33.34 45.99 69.55
N VAL H 175 -32.26 45.20 69.42
CA VAL H 175 -31.22 45.54 68.46
C VAL H 175 -31.74 45.36 67.03
N ARG H 176 -32.66 44.42 66.82
CA ARG H 176 -33.28 44.29 65.50
C ARG H 176 -34.05 45.54 65.12
N GLU H 177 -34.78 46.12 66.07
CA GLU H 177 -35.48 47.37 65.82
C GLU H 177 -34.51 48.50 65.55
N TYR H 178 -33.37 48.51 66.25
CA TYR H 178 -32.36 49.54 66.02
C TYR H 178 -31.78 49.41 64.61
N VAL H 179 -31.54 48.19 64.15
CA VAL H 179 -31.03 47.99 62.80
C VAL H 179 -32.07 48.39 61.76
N SER H 180 -33.33 48.05 62.00
CA SER H 180 -34.39 48.44 61.08
C SER H 180 -34.57 49.96 61.03
N GLN H 181 -34.33 50.63 62.15
CA GLN H 181 -34.43 52.09 62.18
C GLN H 181 -33.22 52.76 61.53
N ALA H 182 -32.03 52.15 61.68
CA ALA H 182 -30.84 52.73 61.07
C ALA H 182 -30.95 52.77 59.56
N ASN H 183 -31.50 51.71 58.95
CA ASN H 183 -31.72 51.71 57.52
C ASN H 183 -32.90 52.57 57.11
N GLN H 184 -33.62 53.15 58.06
CA GLN H 184 -34.76 54.01 57.77
C GLN H 184 -34.56 55.44 58.26
N THR H 185 -33.44 55.75 58.91
CA THR H 185 -33.19 57.10 59.42
C THR H 185 -31.88 57.65 58.85
N GLN H 186 -30.73 57.14 59.29
CA GLN H 186 -29.46 57.65 58.78
C GLN H 186 -29.22 57.26 57.32
N SER H 187 -29.90 56.21 56.84
CA SER H 187 -29.81 55.80 55.45
C SER H 187 -30.92 56.39 54.59
N ASP H 188 -31.87 57.11 55.19
CA ASP H 188 -32.97 57.72 54.47
C ASP H 188 -32.81 59.23 54.34
N ASN H 189 -31.59 59.74 54.48
CA ASN H 189 -31.31 61.17 54.41
C ASN H 189 -30.13 61.45 53.49
N ALA H 190 -30.16 60.88 52.29
CA ALA H 190 -29.13 61.06 51.27
C ALA H 190 -29.74 61.81 50.09
N GLN H 191 -29.29 61.49 48.88
CA GLN H 191 -29.85 62.11 47.68
C GLN H 191 -31.28 61.66 47.48
N LYS H 192 -32.03 62.44 46.70
CA LYS H 192 -33.44 62.14 46.46
C LYS H 192 -33.59 61.00 45.44
N GLY H 193 -34.09 61.33 44.25
CA GLY H 193 -34.27 60.35 43.20
C GLY H 193 -33.12 60.34 42.21
N ILE H 194 -33.25 59.47 41.21
CA ILE H 194 -34.37 58.57 41.00
C ILE H 194 -33.84 57.14 40.94
N CYS H 195 -34.52 56.22 41.62
CA CYS H 195 -34.07 54.83 41.68
C CYS H 195 -33.97 54.23 40.28
N LEU H 196 -33.11 53.23 40.15
CA LEU H 196 -32.86 52.53 38.90
C LEU H 196 -33.38 51.10 38.89
N VAL H 197 -33.29 50.40 40.02
CA VAL H 197 -33.80 49.04 40.12
C VAL H 197 -35.32 49.09 40.24
N THR H 198 -35.81 49.63 41.35
CA THR H 198 -37.25 49.74 41.57
C THR H 198 -37.84 50.92 40.80
N GLY H 199 -37.11 52.03 40.72
CA GLY H 199 -37.55 53.17 39.96
C GLY H 199 -38.53 54.09 40.67
N LYS H 200 -38.88 53.80 41.93
CA LYS H 200 -39.81 54.64 42.66
C LYS H 200 -39.09 55.78 43.36
N ALA H 201 -39.51 56.11 44.58
CA ALA H 201 -38.87 57.16 45.36
C ALA H 201 -37.55 56.67 45.94
N ALA H 202 -37.47 56.61 47.28
CA ALA H 202 -36.34 56.09 48.04
C ALA H 202 -35.09 56.95 47.87
N PRO H 203 -34.26 57.06 48.91
CA PRO H 203 -33.03 57.85 48.77
C PRO H 203 -31.95 57.09 48.01
N ILE H 204 -31.16 57.83 47.24
CA ILE H 204 -30.09 57.21 46.46
C ILE H 204 -29.05 56.65 47.43
N ALA H 205 -28.72 55.37 47.26
CA ALA H 205 -27.83 54.66 48.18
C ALA H 205 -26.40 54.78 47.68
N ARG H 206 -25.65 55.72 48.25
CA ARG H 206 -24.21 55.77 48.01
C ARG H 206 -23.53 54.63 48.77
N LEU H 207 -22.35 54.24 48.28
CA LEU H 207 -21.57 53.17 48.88
C LEU H 207 -22.36 51.86 48.88
N HIS H 208 -22.35 51.15 47.75
CA HIS H 208 -23.06 49.89 47.66
C HIS H 208 -22.36 48.82 48.51
N ASN H 209 -23.15 47.97 49.14
CA ASN H 209 -22.61 46.95 50.02
C ASN H 209 -21.85 45.90 49.23
N ALA H 210 -20.93 45.22 49.91
CA ALA H 210 -20.08 44.23 49.28
C ALA H 210 -20.84 42.93 49.05
N VAL H 211 -20.40 42.16 48.06
CA VAL H 211 -20.99 40.88 47.71
C VAL H 211 -19.91 39.82 47.82
N LYS H 212 -20.12 38.86 48.71
CA LYS H 212 -19.13 37.82 48.99
C LYS H 212 -19.42 36.58 48.14
N GLY H 213 -18.36 36.02 47.55
CA GLY H 213 -18.49 34.82 46.76
C GLY H 213 -18.05 34.99 45.32
N VAL H 214 -17.34 36.09 45.03
CA VAL H 214 -16.91 36.38 43.67
C VAL H 214 -15.39 36.39 43.61
N ASN H 215 -14.78 37.51 43.98
CA ASN H 215 -13.33 37.67 43.85
C ASN H 215 -12.60 37.23 45.12
N ALA H 216 -11.48 37.88 45.42
CA ALA H 216 -10.70 37.52 46.60
C ALA H 216 -11.38 37.89 47.90
N LYS H 217 -12.37 38.78 47.85
CA LYS H 217 -13.05 39.25 49.06
C LYS H 217 -14.43 39.73 48.66
N PRO H 218 -15.34 39.91 49.63
CA PRO H 218 -16.64 40.51 49.31
C PRO H 218 -16.50 41.86 48.63
N ALA H 219 -16.93 41.94 47.37
CA ALA H 219 -16.84 43.15 46.58
C ALA H 219 -18.20 43.56 46.05
N PRO H 220 -18.53 44.85 46.05
CA PRO H 220 -19.85 45.28 45.58
C PRO H 220 -20.03 45.02 44.09
N PHE H 221 -21.28 44.74 43.71
CA PHE H 221 -21.65 44.55 42.31
C PHE H 221 -21.46 45.85 41.54
N ALA H 222 -22.47 46.71 41.55
CA ALA H 222 -22.37 48.04 40.96
C ALA H 222 -21.44 48.89 41.83
N SER H 223 -20.16 48.97 41.44
CA SER H 223 -19.14 49.63 42.26
C SER H 223 -18.24 50.46 41.34
N VAL H 224 -18.71 51.65 40.99
CA VAL H 224 -17.91 52.61 40.23
C VAL H 224 -17.14 53.47 41.21
N ASN H 225 -15.81 53.49 41.07
CA ASN H 225 -14.98 54.21 42.02
C ASN H 225 -13.60 54.54 41.43
N LEU H 226 -13.55 55.50 40.52
CA LEU H 226 -12.28 55.94 39.95
C LEU H 226 -12.48 57.32 39.35
N SER H 227 -11.35 57.99 39.09
CA SER H 227 -11.40 59.34 38.55
C SER H 227 -11.95 59.38 37.13
N ALA H 228 -11.94 58.25 36.42
CA ALA H 228 -12.46 58.17 35.07
C ALA H 228 -13.73 57.34 34.94
N PHE H 229 -14.13 56.62 35.99
CA PHE H 229 -15.31 55.78 35.93
C PHE H 229 -16.60 56.54 36.24
N GLU H 230 -16.50 57.75 36.80
CA GLU H 230 -17.69 58.51 37.15
C GLU H 230 -18.44 58.94 35.89
N SER H 231 -19.76 59.06 36.03
CA SER H 231 -20.61 59.48 34.91
C SER H 231 -20.56 60.98 34.75
N TYR H 232 -21.72 61.64 34.84
CA TYR H 232 -21.81 63.09 34.66
C TYR H 232 -21.53 63.79 35.99
N GLY H 233 -20.28 63.66 36.44
CA GLY H 233 -19.87 64.29 37.69
C GLY H 233 -20.58 63.77 38.91
N LYS H 234 -20.99 62.49 38.90
CA LYS H 234 -21.72 61.94 40.04
C LYS H 234 -20.79 61.54 41.18
N GLU H 235 -19.56 61.12 40.86
CA GLU H 235 -18.52 60.82 41.83
C GLU H 235 -18.96 59.68 42.77
N GLN H 236 -18.92 58.47 42.20
CA GLN H 236 -19.11 57.21 42.92
C GLN H 236 -20.53 57.04 43.44
N GLY H 237 -21.16 55.90 43.12
CA GLY H 237 -22.47 55.59 43.65
C GLY H 237 -23.61 56.29 42.93
N PHE H 238 -23.53 57.62 42.85
CA PHE H 238 -24.58 58.40 42.21
C PHE H 238 -24.63 58.20 40.69
N ALA H 239 -23.60 57.62 40.10
CA ALA H 239 -23.64 57.30 38.68
C ALA H 239 -24.75 56.29 38.38
N PHE H 240 -25.01 55.38 39.32
CA PHE H 240 -26.14 54.46 39.26
C PHE H 240 -27.08 54.80 40.40
N PRO H 241 -27.99 55.77 40.21
CA PRO H 241 -28.90 56.15 41.30
C PRO H 241 -29.80 55.01 41.73
N ILE H 242 -29.35 54.24 42.72
CA ILE H 242 -30.08 53.09 43.23
C ILE H 242 -30.39 53.33 44.70
N GLY H 243 -31.61 52.99 45.11
CA GLY H 243 -32.02 53.20 46.49
C GLY H 243 -31.50 52.13 47.44
N GLU H 244 -31.58 52.45 48.73
CA GLU H 244 -31.16 51.49 49.75
C GLU H 244 -32.04 50.24 49.73
N GLN H 245 -33.36 50.44 49.59
CA GLN H 245 -34.32 49.35 49.58
C GLN H 245 -34.20 48.50 48.32
N ALA H 246 -33.22 48.81 47.48
CA ALA H 246 -32.85 47.98 46.35
C ALA H 246 -31.39 47.55 46.40
N MET H 247 -30.49 48.46 46.75
CA MET H 247 -29.08 48.12 46.89
C MET H 247 -28.87 47.04 47.93
N PHE H 248 -29.35 47.29 49.16
CA PHE H 248 -29.21 46.30 50.23
C PHE H 248 -29.88 44.99 49.86
N GLU H 249 -31.06 45.08 49.24
CA GLU H 249 -31.81 43.87 48.87
C GLU H 249 -31.01 43.00 47.90
N TYR H 250 -30.54 43.59 46.81
CA TYR H 250 -29.84 42.79 45.81
C TYR H 250 -28.47 42.34 46.30
N THR H 251 -27.81 43.14 47.15
CA THR H 251 -26.53 42.71 47.70
C THR H 251 -26.72 41.52 48.63
N THR H 252 -27.74 41.55 49.48
CA THR H 252 -28.03 40.40 50.33
C THR H 252 -28.46 39.19 49.52
N ALA H 253 -29.18 39.41 48.42
CA ALA H 253 -29.57 38.30 47.55
C ALA H 253 -28.33 37.64 46.94
N LEU H 254 -27.39 38.45 46.45
CA LEU H 254 -26.16 37.92 45.89
C LEU H 254 -25.35 37.20 46.96
N ASN H 255 -25.31 37.75 48.18
CA ASN H 255 -24.56 37.09 49.25
C ASN H 255 -25.19 35.77 49.65
N THR H 256 -26.52 35.66 49.60
CA THR H 256 -27.18 34.42 49.97
C THR H 256 -27.09 33.37 48.87
N LEU H 257 -27.14 33.78 47.60
CA LEU H 257 -27.08 32.79 46.52
C LEU H 257 -25.65 32.36 46.21
N LEU H 258 -24.65 33.13 46.63
CA LEU H 258 -23.26 32.77 46.45
C LEU H 258 -22.69 31.99 47.63
N ALA H 259 -23.56 31.42 48.48
CA ALA H 259 -23.10 30.65 49.63
C ALA H 259 -24.00 29.45 49.91
N GLY H 260 -24.95 29.13 49.03
CA GLY H 260 -25.84 28.01 49.25
C GLY H 260 -25.79 26.98 48.13
N GLU H 261 -26.95 26.53 47.68
CA GLU H 261 -27.04 25.54 46.62
C GLU H 261 -27.17 26.16 45.23
N ASN H 262 -27.42 27.46 45.14
CA ASN H 262 -27.56 28.11 43.84
C ASN H 262 -26.22 28.36 43.16
N ARG H 263 -25.11 28.32 43.91
CA ARG H 263 -23.80 28.60 43.35
C ARG H 263 -23.26 27.36 42.64
N PHE H 264 -23.09 27.46 41.33
CA PHE H 264 -22.53 26.37 40.54
C PHE H 264 -21.74 26.97 39.38
N ARG H 265 -20.65 26.30 39.01
CA ARG H 265 -19.73 26.81 38.00
C ARG H 265 -20.07 26.23 36.63
N ILE H 266 -20.16 27.11 35.64
CA ILE H 266 -20.37 26.71 34.26
C ILE H 266 -19.04 26.21 33.69
N GLY H 267 -18.29 27.11 33.07
CA GLY H 267 -16.96 26.80 32.59
C GLY H 267 -15.93 27.76 33.14
N ASP H 268 -15.36 27.42 34.30
CA ASP H 268 -14.43 28.30 35.01
C ASP H 268 -15.08 29.65 35.33
N VAL H 269 -16.35 29.61 35.69
CA VAL H 269 -17.11 30.81 36.02
C VAL H 269 -18.25 30.46 36.97
N THR H 270 -18.24 31.06 38.15
CA THR H 270 -19.23 30.75 39.19
C THR H 270 -20.51 31.54 38.90
N THR H 271 -21.56 30.83 38.49
CA THR H 271 -22.82 31.44 38.10
C THR H 271 -23.91 31.07 39.10
N VAL H 272 -24.66 32.08 39.55
CA VAL H 272 -25.80 31.87 40.45
C VAL H 272 -27.06 31.81 39.60
N CYS H 273 -27.96 30.89 39.95
CA CYS H 273 -29.21 30.71 39.24
C CYS H 273 -30.37 30.73 40.22
N TRP H 274 -31.51 31.26 39.77
CA TRP H 274 -32.71 31.31 40.58
C TRP H 274 -33.90 31.42 39.65
N GLY H 275 -35.02 30.84 40.08
CA GLY H 275 -36.22 30.85 39.26
C GLY H 275 -36.81 32.23 39.13
N ALA H 276 -37.44 32.47 37.98
CA ALA H 276 -38.09 33.75 37.71
C ALA H 276 -39.48 33.77 38.34
N LYS H 277 -40.31 34.72 37.94
CA LYS H 277 -41.68 34.79 38.42
C LYS H 277 -42.47 33.61 37.86
N ARG H 278 -42.76 32.64 38.72
CA ARG H 278 -43.45 31.43 38.30
C ARG H 278 -44.89 31.74 37.89
N THR H 279 -45.48 30.81 37.15
CA THR H 279 -46.85 30.94 36.71
C THR H 279 -47.79 30.89 37.91
N PRO H 280 -48.98 31.50 37.80
CA PRO H 280 -49.94 31.48 38.90
C PRO H 280 -50.47 30.09 39.24
N LEU H 281 -50.04 29.05 38.51
CA LEU H 281 -50.41 27.65 38.75
C LEU H 281 -51.90 27.41 38.47
N GLU H 282 -52.19 26.47 37.58
CA GLU H 282 -53.57 26.15 37.23
C GLU H 282 -54.27 25.47 38.41
N GLU H 283 -55.59 25.34 38.28
CA GLU H 283 -56.40 24.85 39.39
C GLU H 283 -56.13 23.39 39.70
N SER H 284 -56.04 22.55 38.65
CA SER H 284 -55.86 21.12 38.87
C SER H 284 -54.54 20.78 39.54
N LEU H 285 -53.55 21.67 39.47
CA LEU H 285 -52.27 21.46 40.13
C LEU H 285 -52.17 22.19 41.46
N ALA H 286 -52.78 23.37 41.59
CA ALA H 286 -52.74 24.12 42.83
C ALA H 286 -53.76 23.64 43.86
N SER H 287 -54.71 22.80 43.46
CA SER H 287 -55.69 22.29 44.41
C SER H 287 -55.07 21.31 45.39
N MET H 288 -54.08 20.53 44.96
CA MET H 288 -53.43 19.56 45.83
C MET H 288 -52.30 20.17 46.64
N ILE H 289 -51.86 21.37 46.29
CA ILE H 289 -50.76 22.05 47.00
C ILE H 289 -51.36 23.10 47.92
N ASN H 290 -51.19 22.89 49.23
CA ASN H 290 -51.68 23.87 50.20
C ASN H 290 -50.83 25.13 50.15
N GLY H 291 -51.50 26.29 50.23
CA GLY H 291 -50.81 27.55 50.15
C GLY H 291 -51.53 28.60 49.33
N GLY H 292 -51.59 28.43 48.02
CA GLY H 292 -51.08 27.29 47.29
C GLY H 292 -49.63 27.42 46.83
N GLY H 293 -49.44 27.49 45.52
CA GLY H 293 -48.12 27.56 44.94
C GLY H 293 -47.37 28.83 45.30
N LYS H 294 -46.39 28.70 46.19
CA LYS H 294 -45.56 29.83 46.61
C LYS H 294 -44.43 30.03 45.61
N ASP H 295 -44.26 31.28 45.15
CA ASP H 295 -43.22 31.62 44.18
C ASP H 295 -41.86 31.59 44.87
N ASN H 296 -41.34 30.38 45.05
CA ASN H 296 -40.04 30.22 45.69
C ASN H 296 -38.92 30.42 44.68
N PRO H 297 -37.90 31.22 45.00
CA PRO H 297 -36.81 31.44 44.03
C PRO H 297 -35.99 30.19 43.79
N ASP H 298 -35.38 29.66 44.85
CA ASP H 298 -34.55 28.45 44.76
C ASP H 298 -35.43 27.20 44.86
N ALA H 299 -36.26 27.00 43.84
CA ALA H 299 -37.16 25.85 43.79
C ALA H 299 -36.99 25.07 42.50
N HIS H 300 -37.40 25.62 41.36
CA HIS H 300 -37.29 24.95 40.08
C HIS H 300 -35.92 25.13 39.42
N ILE H 301 -34.95 25.66 40.15
CA ILE H 301 -33.59 25.79 39.64
C ILE H 301 -32.89 24.45 39.50
N ASP H 302 -33.45 23.39 40.10
CA ASP H 302 -32.82 22.08 40.05
C ASP H 302 -32.75 21.54 38.62
N ALA H 303 -33.71 21.92 37.77
CA ALA H 303 -33.67 21.46 36.39
C ALA H 303 -32.43 21.96 35.67
N VAL H 304 -32.21 23.28 35.69
CA VAL H 304 -31.04 23.84 35.02
C VAL H 304 -29.75 23.43 35.73
N LYS H 305 -29.81 23.25 37.05
CA LYS H 305 -28.63 22.79 37.78
C LYS H 305 -28.23 21.39 37.32
N ALA H 306 -29.20 20.48 37.24
CA ALA H 306 -28.92 19.14 36.75
C ALA H 306 -28.46 19.15 35.30
N LEU H 307 -29.05 20.01 34.47
CA LEU H 307 -28.64 20.12 33.08
C LEU H 307 -27.16 20.50 32.97
N TYR H 308 -26.78 21.59 33.65
CA TYR H 308 -25.36 21.96 33.68
C TYR H 308 -24.51 20.91 34.36
N LYS H 309 -25.11 20.06 35.20
CA LYS H 309 -24.42 18.92 35.79
C LYS H 309 -24.53 17.67 34.93
N SER H 310 -25.65 17.48 34.23
CA SER H 310 -25.77 16.34 33.33
C SER H 310 -24.82 16.44 32.15
N LEU H 311 -24.43 17.66 31.79
CA LEU H 311 -23.39 17.82 30.77
C LEU H 311 -22.11 17.12 31.20
N TYR H 312 -21.80 17.16 32.49
CA TYR H 312 -20.67 16.43 33.05
C TYR H 312 -21.03 15.04 33.53
N ASN H 313 -22.32 14.69 33.52
CA ASN H 313 -22.79 13.39 33.99
C ASN H 313 -23.42 12.53 32.90
N GLY H 314 -23.67 13.08 31.72
CA GLY H 314 -24.23 12.31 30.62
C GLY H 314 -25.72 12.08 30.69
N GLN H 315 -26.40 12.54 31.74
CA GLN H 315 -27.85 12.36 31.88
C GLN H 315 -28.63 13.50 31.25
N TYR H 316 -28.23 13.97 30.08
CA TYR H 316 -28.90 15.09 29.43
C TYR H 316 -30.14 14.62 28.71
N CYS H 317 -31.18 15.45 28.74
CA CYS H 317 -32.42 15.19 28.02
C CYS H 317 -32.98 16.51 27.50
N LYS H 318 -33.63 16.44 26.34
CA LYS H 318 -34.21 17.62 25.72
C LYS H 318 -35.32 18.19 26.60
N PRO H 319 -35.14 19.38 27.17
CA PRO H 319 -36.12 19.91 28.12
C PRO H 319 -37.14 20.82 27.47
N ASP H 320 -38.39 20.69 27.91
CA ASP H 320 -39.46 21.59 27.49
C ASP H 320 -39.45 22.80 28.42
N GLY H 321 -39.27 23.98 27.85
CA GLY H 321 -39.12 25.20 28.63
C GLY H 321 -40.38 25.70 29.27
N GLU H 322 -40.85 26.87 28.84
CA GLU H 322 -42.03 27.55 29.37
C GLU H 322 -41.89 27.90 30.85
N ASP H 323 -40.68 27.80 31.41
CA ASP H 323 -40.41 28.14 32.80
C ASP H 323 -39.10 28.94 32.84
N LYS H 324 -39.22 30.25 32.90
CA LYS H 324 -38.05 31.12 32.84
C LYS H 324 -37.18 30.93 34.07
N PHE H 325 -35.88 30.80 33.85
CA PHE H 325 -34.90 30.64 34.93
C PHE H 325 -33.80 31.69 34.74
N TYR H 326 -33.64 32.56 35.73
CA TYR H 326 -32.60 33.57 35.67
C TYR H 326 -31.23 32.92 35.85
N LEU H 327 -30.23 33.46 35.16
CA LEU H 327 -28.87 32.91 35.16
C LEU H 327 -27.88 34.08 35.08
N LEU H 328 -27.46 34.56 36.24
CA LEU H 328 -26.51 35.68 36.33
C LEU H 328 -25.10 35.09 36.36
N GLY H 329 -24.41 35.16 35.23
CA GLY H 329 -23.06 34.60 35.13
C GLY H 329 -21.98 35.55 35.58
N LEU H 330 -21.84 35.74 36.89
CA LEU H 330 -20.78 36.59 37.42
C LEU H 330 -19.44 35.85 37.37
N SER H 331 -18.37 36.64 37.26
CA SER H 331 -17.03 36.09 37.19
C SER H 331 -16.07 37.03 37.90
N PRO H 332 -15.03 36.50 38.55
CA PRO H 332 -14.09 37.37 39.26
C PRO H 332 -12.96 37.88 38.37
N ASN H 333 -12.80 39.20 38.33
CA ASN H 333 -11.66 39.81 37.64
C ASN H 333 -10.54 40.05 38.62
N SER H 334 -10.26 41.32 38.92
CA SER H 334 -9.36 41.68 40.01
C SER H 334 -10.11 41.78 41.34
N ALA H 335 -11.18 42.57 41.36
CA ALA H 335 -12.06 42.67 42.51
C ALA H 335 -13.39 43.28 42.10
N ARG H 336 -13.77 43.10 40.83
CA ARG H 336 -15.02 43.61 40.29
C ARG H 336 -15.84 42.45 39.74
N ILE H 337 -17.15 42.50 39.97
CA ILE H 337 -18.06 41.43 39.54
C ILE H 337 -18.27 41.53 38.03
N VAL H 338 -17.62 40.65 37.29
CA VAL H 338 -17.72 40.62 35.84
C VAL H 338 -18.88 39.71 35.44
N VAL H 339 -19.87 40.27 34.78
CA VAL H 339 -21.05 39.53 34.33
C VAL H 339 -20.73 38.92 32.97
N ARG H 340 -20.76 37.59 32.88
CA ARG H 340 -20.48 36.89 31.64
C ARG H 340 -21.72 36.32 30.97
N PHE H 341 -22.71 35.90 31.73
CA PHE H 341 -23.92 35.28 31.19
C PHE H 341 -25.15 35.86 31.85
N TRP H 342 -26.15 36.17 31.05
CA TRP H 342 -27.43 36.66 31.57
C TRP H 342 -28.51 36.38 30.52
N HIS H 343 -29.39 35.42 30.82
CA HIS H 343 -30.44 35.02 29.90
C HIS H 343 -31.73 34.83 30.68
N GLU H 344 -32.74 35.64 30.38
CA GLU H 344 -34.05 35.52 31.00
C GLU H 344 -34.86 34.36 30.45
N THR H 345 -34.45 33.79 29.33
CA THR H 345 -35.21 32.71 28.69
C THR H 345 -35.27 31.49 29.59
N THR H 346 -36.13 30.55 29.20
CA THR H 346 -36.35 29.33 29.98
C THR H 346 -35.16 28.38 29.82
N VAL H 347 -35.28 27.18 30.38
CA VAL H 347 -34.21 26.20 30.28
C VAL H 347 -34.08 25.65 28.86
N ALA H 348 -35.14 25.72 28.06
CA ALA H 348 -35.07 25.23 26.69
C ALA H 348 -34.11 26.05 25.85
N ALA H 349 -34.22 27.37 25.91
CA ALA H 349 -33.31 28.23 25.19
C ALA H 349 -31.96 28.33 25.88
N LEU H 350 -31.91 28.05 27.19
CA LEU H 350 -30.62 28.04 27.88
C LEU H 350 -29.81 26.78 27.57
N SER H 351 -30.49 25.71 27.17
CA SER H 351 -29.84 24.44 26.87
C SER H 351 -29.58 24.25 25.38
N GLU H 352 -29.66 25.32 24.58
CA GLU H 352 -29.42 25.17 23.15
C GLU H 352 -27.96 24.79 22.87
N SER H 353 -27.03 25.35 23.62
CA SER H 353 -25.62 25.00 23.44
C SER H 353 -25.36 23.55 23.81
N ILE H 354 -25.94 23.09 24.92
CA ILE H 354 -25.78 21.70 25.34
C ILE H 354 -26.41 20.77 24.31
N ALA H 355 -27.57 21.15 23.78
CA ALA H 355 -28.24 20.33 22.77
C ALA H 355 -27.40 20.22 21.50
N ALA H 356 -26.85 21.34 21.05
CA ALA H 356 -25.99 21.31 19.85
C ALA H 356 -24.72 20.50 20.11
N TRP H 357 -24.15 20.64 21.30
CA TRP H 357 -22.92 19.90 21.62
C TRP H 357 -23.18 18.40 21.68
N TYR H 358 -24.33 17.98 22.21
CA TYR H 358 -24.63 16.56 22.31
C TYR H 358 -25.14 15.98 20.99
N ASP H 359 -25.76 16.81 20.14
CA ASP H 359 -26.13 16.34 18.81
C ASP H 359 -24.91 16.19 17.92
N ASP H 360 -23.94 17.11 18.06
CA ASP H 360 -22.66 16.94 17.38
C ASP H 360 -21.85 15.81 17.97
N LEU H 361 -22.09 15.46 19.23
CA LEU H 361 -21.45 14.32 19.87
C LEU H 361 -22.24 13.02 19.70
N GLN H 362 -23.39 13.07 19.03
CA GLN H 362 -24.19 11.88 18.81
C GLN H 362 -23.46 10.93 17.87
N MET H 363 -23.07 9.77 18.38
CA MET H 363 -22.35 8.77 17.61
C MET H 363 -23.15 7.48 17.55
N VAL H 364 -22.71 6.58 16.67
CA VAL H 364 -23.37 5.29 16.51
C VAL H 364 -23.17 4.44 17.76
N ARG H 365 -24.23 3.74 18.17
CA ARG H 365 -24.19 2.88 19.34
C ARG H 365 -24.89 1.57 19.02
N GLY H 366 -24.31 0.46 19.47
CA GLY H 366 -24.88 -0.85 19.23
C GLY H 366 -25.89 -1.23 20.29
N GLU H 367 -26.43 -2.44 20.15
CA GLU H 367 -27.41 -2.94 21.10
C GLU H 367 -26.74 -3.35 22.40
N ASN H 368 -27.37 -2.98 23.53
CA ASN H 368 -26.86 -3.28 24.87
C ASN H 368 -25.45 -2.73 25.05
N SER H 369 -25.30 -1.42 24.77
CA SER H 369 -23.99 -0.77 24.90
C SER H 369 -23.84 -0.16 26.28
N PRO H 370 -22.70 -0.37 26.95
CA PRO H 370 -22.52 0.25 28.27
C PRO H 370 -22.41 1.76 28.21
N TYR H 371 -21.91 2.32 27.10
CA TYR H 371 -21.83 3.76 26.96
C TYR H 371 -23.24 4.34 26.75
N PRO H 372 -23.62 5.38 27.49
CA PRO H 372 -24.97 5.94 27.33
C PRO H 372 -25.10 6.69 26.02
N GLU H 373 -26.32 7.16 25.76
CA GLU H 373 -26.58 7.94 24.56
C GLU H 373 -25.81 9.25 24.59
N TYR H 374 -25.69 9.86 25.76
CA TYR H 374 -24.93 11.08 25.95
C TYR H 374 -23.80 10.81 26.93
N MET H 375 -22.57 11.09 26.51
CA MET H 375 -21.43 10.75 27.34
C MET H 375 -21.09 11.89 28.30
N PRO H 376 -20.76 11.58 29.55
CA PRO H 376 -20.31 12.63 30.48
C PRO H 376 -19.04 13.29 29.99
N LEU H 377 -18.87 14.56 30.36
CA LEU H 377 -17.71 15.30 29.88
C LEU H 377 -16.41 14.80 30.52
N PRO H 378 -16.33 14.55 31.83
CA PRO H 378 -15.10 13.92 32.36
C PRO H 378 -14.84 12.54 31.78
N ARG H 379 -15.88 11.73 31.61
CA ARG H 379 -15.70 10.42 30.99
C ARG H 379 -15.29 10.56 29.53
N LEU H 380 -15.75 11.62 28.86
CA LEU H 380 -15.34 11.86 27.47
C LEU H 380 -13.87 12.28 27.39
N LEU H 381 -13.44 13.12 28.34
CA LEU H 381 -12.04 13.55 28.36
C LEU H 381 -11.11 12.44 28.83
N GLY H 382 -11.62 11.48 29.60
CA GLY H 382 -10.80 10.36 30.03
C GLY H 382 -10.22 9.54 28.89
N ASN H 383 -10.85 9.59 27.73
CA ASN H 383 -10.29 8.94 26.53
C ASN H 383 -9.16 9.75 25.91
N LEU H 384 -8.93 10.99 26.37
CA LEU H 384 -7.86 11.82 25.86
C LEU H 384 -6.69 11.98 26.81
N VAL H 385 -6.85 11.59 28.08
CA VAL H 385 -5.80 11.75 29.07
C VAL H 385 -4.81 10.60 28.94
N LEU H 386 -3.83 10.55 29.86
CA LEU H 386 -2.83 9.49 29.83
C LEU H 386 -3.45 8.16 30.27
N ASP H 387 -4.00 8.11 31.48
CA ASP H 387 -4.64 6.91 31.99
C ASP H 387 -5.87 7.27 32.81
N GLY H 388 -5.70 8.13 33.80
CA GLY H 388 -6.80 8.60 34.63
C GLY H 388 -7.12 10.05 34.33
N LYS H 389 -8.40 10.40 34.44
CA LYS H 389 -8.87 11.76 34.14
C LYS H 389 -8.32 12.71 35.20
N MET H 390 -7.06 13.11 35.01
CA MET H 390 -6.39 14.02 35.92
C MET H 390 -5.18 14.67 35.25
N GLU H 391 -4.62 13.98 34.25
CA GLU H 391 -3.45 14.48 33.53
C GLU H 391 -3.82 15.37 32.36
N ASN H 392 -5.07 15.79 32.26
CA ASN H 392 -5.48 16.67 31.17
C ASN H 392 -4.91 18.08 31.37
N LEU H 393 -4.79 18.80 30.27
CA LEU H 393 -4.23 20.15 30.32
C LEU H 393 -5.23 21.12 30.91
N PRO H 394 -4.93 21.75 32.06
CA PRO H 394 -5.86 22.69 32.70
C PRO H 394 -5.82 24.10 32.10
N SER H 395 -5.91 24.19 30.78
CA SER H 395 -5.89 25.46 30.08
C SER H 395 -6.57 25.35 28.72
N ASP H 396 -6.43 24.19 28.08
CA ASP H 396 -7.03 23.95 26.79
C ASP H 396 -7.92 22.71 26.75
N LEU H 397 -7.92 21.90 27.81
CA LEU H 397 -8.73 20.69 27.83
C LEU H 397 -9.81 20.86 28.89
N ILE H 398 -9.55 20.54 30.15
CA ILE H 398 -10.58 20.65 31.18
C ILE H 398 -10.93 22.08 31.53
N ALA H 399 -10.26 23.06 30.92
CA ALA H 399 -10.53 24.47 31.19
C ALA H 399 -11.10 25.22 29.98
N GLN H 400 -11.04 24.64 28.79
CA GLN H 400 -11.55 25.27 27.58
C GLN H 400 -12.61 24.46 26.86
N ILE H 401 -12.55 23.12 26.93
CA ILE H 401 -13.54 22.30 26.24
C ILE H 401 -14.91 22.48 26.88
N THR H 402 -14.95 22.58 28.20
CA THR H 402 -16.22 22.80 28.89
C THR H 402 -16.81 24.16 28.50
N ASP H 403 -15.96 25.18 28.38
CA ASP H 403 -16.45 26.51 27.98
C ASP H 403 -16.94 26.50 26.54
N ALA H 404 -16.25 25.77 25.66
CA ALA H 404 -16.66 25.71 24.26
C ALA H 404 -17.93 24.88 24.10
N ALA H 405 -18.16 23.90 24.97
CA ALA H 405 -19.36 23.07 24.85
C ALA H 405 -20.57 23.73 25.48
N LEU H 406 -20.39 24.40 26.62
CA LEU H 406 -21.50 25.03 27.33
C LEU H 406 -21.93 26.35 26.71
N ASN H 407 -21.23 26.84 25.68
CA ASN H 407 -21.57 28.09 25.02
C ASN H 407 -21.67 27.94 23.51
N ASN H 408 -21.60 26.72 22.99
CA ASN H 408 -21.66 26.45 21.55
C ASN H 408 -20.56 27.20 20.79
N ARG H 409 -19.37 27.27 21.38
CA ARG H 409 -18.24 27.94 20.76
C ARG H 409 -17.55 26.96 19.80
N VAL H 410 -16.40 27.36 19.27
CA VAL H 410 -15.63 26.53 18.34
C VAL H 410 -14.69 25.64 19.14
N LEU H 411 -14.65 24.37 18.78
CA LEU H 411 -13.77 23.42 19.46
C LEU H 411 -12.34 23.61 18.98
N PRO H 412 -11.36 23.60 19.88
CA PRO H 412 -9.96 23.81 19.46
C PRO H 412 -9.40 22.59 18.76
N VAL H 413 -8.27 22.81 18.07
CA VAL H 413 -7.57 21.72 17.41
C VAL H 413 -6.86 20.82 18.41
N SER H 414 -6.71 21.28 19.65
CA SER H 414 -6.14 20.44 20.70
C SER H 414 -6.95 19.16 20.88
N LEU H 415 -8.27 19.25 20.71
CA LEU H 415 -9.11 18.05 20.77
C LEU H 415 -8.74 17.07 19.65
N LEU H 416 -8.62 17.58 18.42
CA LEU H 416 -8.15 16.75 17.32
C LEU H 416 -6.85 16.05 17.67
N GLN H 417 -5.85 16.81 18.11
CA GLN H 417 -4.52 16.23 18.31
C GLN H 417 -4.50 15.24 19.46
N ALA H 418 -5.18 15.56 20.57
CA ALA H 418 -5.21 14.64 21.70
C ALA H 418 -5.98 13.37 21.37
N ALA H 419 -7.13 13.48 20.70
CA ALA H 419 -7.89 12.30 20.33
C ALA H 419 -7.11 11.45 19.33
N LEU H 420 -6.37 12.08 18.41
CA LEU H 420 -5.54 11.34 17.48
C LEU H 420 -4.45 10.57 18.21
N ARG H 421 -3.75 11.25 19.13
CA ARG H 421 -2.67 10.62 19.87
C ARG H 421 -3.18 9.44 20.70
N ARG H 422 -4.32 9.62 21.37
CA ARG H 422 -4.87 8.56 22.18
C ARG H 422 -5.57 7.47 21.37
N ASN H 423 -5.94 7.75 20.12
CA ASN H 423 -6.51 6.72 19.26
C ASN H 423 -5.42 5.82 18.68
N LYS H 424 -4.35 6.43 18.18
CA LYS H 424 -3.24 5.62 17.66
C LYS H 424 -2.27 5.20 18.75
N ALA H 425 -2.50 5.59 20.00
CA ALA H 425 -1.69 5.13 21.13
C ALA H 425 -2.36 3.94 21.83
N GLU H 426 -3.61 4.12 22.24
CA GLU H 426 -4.38 3.02 22.83
C GLU H 426 -4.72 1.94 21.81
N GLN H 427 -4.49 2.19 20.52
CA GLN H 427 -4.70 1.22 19.45
C GLN H 427 -6.16 0.78 19.36
N LYS H 428 -7.07 1.64 19.79
CA LYS H 428 -8.49 1.37 19.70
C LYS H 428 -9.25 2.69 19.85
N ILE H 429 -10.41 2.76 19.22
CA ILE H 429 -11.25 3.95 19.25
C ILE H 429 -12.56 3.55 19.93
N THR H 430 -12.61 3.70 21.25
CA THR H 430 -13.84 3.43 21.99
C THR H 430 -14.77 4.65 21.90
N TYR H 431 -15.95 4.51 22.50
CA TYR H 431 -16.92 5.60 22.52
C TYR H 431 -16.38 6.73 23.38
N GLY H 432 -16.08 7.86 22.76
CA GLY H 432 -15.54 9.00 23.48
C GLY H 432 -14.64 9.88 22.64
N ARG H 433 -13.75 9.25 21.87
CA ARG H 433 -12.82 9.99 21.04
C ARG H 433 -13.38 10.26 19.64
N ALA H 434 -14.11 9.31 19.07
CA ALA H 434 -14.67 9.50 17.74
C ALA H 434 -15.83 10.50 17.77
N SER H 435 -16.66 10.44 18.80
CA SER H 435 -17.76 11.39 18.93
C SER H 435 -17.21 12.81 19.11
N LEU H 436 -16.11 12.96 19.85
CA LEU H 436 -15.50 14.26 20.01
C LEU H 436 -14.98 14.81 18.68
N LEU H 437 -14.37 13.95 17.86
CA LEU H 437 -13.88 14.39 16.57
C LEU H 437 -15.03 14.74 15.63
N LYS H 438 -16.13 13.98 15.70
CA LYS H 438 -17.31 14.31 14.91
C LYS H 438 -17.88 15.66 15.31
N ALA H 439 -17.96 15.92 16.62
CA ALA H 439 -18.43 17.21 17.10
C ALA H 439 -17.52 18.34 16.65
N TYR H 440 -16.21 18.12 16.72
CA TYR H 440 -15.26 19.13 16.26
C TYR H 440 -15.45 19.43 14.78
N ILE H 441 -15.60 18.38 13.96
CA ILE H 441 -15.73 18.59 12.52
C ILE H 441 -17.04 19.31 12.21
N ASN H 442 -18.12 18.93 12.89
CA ASN H 442 -19.40 19.60 12.66
C ASN H 442 -19.34 21.06 13.07
N ARG H 443 -18.70 21.37 14.19
CA ARG H 443 -18.61 22.75 14.64
C ARG H 443 -17.68 23.57 13.76
N ALA H 444 -16.63 22.94 13.20
CA ALA H 444 -15.75 23.65 12.29
C ALA H 444 -16.42 23.91 10.95
N ILE H 445 -17.27 23.00 10.49
CA ILE H 445 -18.06 23.26 9.29
C ILE H 445 -19.07 24.36 9.54
N ARG H 446 -19.71 24.35 10.72
CA ARG H 446 -20.71 25.36 11.05
C ARG H 446 -20.09 26.72 11.34
N ALA H 447 -18.79 26.78 11.64
CA ALA H 447 -18.11 28.03 11.97
C ALA H 447 -17.11 28.45 10.90
N GLY H 448 -17.18 27.85 9.72
CA GLY H 448 -16.32 28.24 8.62
C GLY H 448 -14.88 27.78 8.72
N ARG H 449 -14.51 27.05 9.77
CA ARG H 449 -13.16 26.53 9.92
C ARG H 449 -12.94 25.22 9.17
N LEU H 450 -13.79 24.92 8.20
CA LEU H 450 -13.69 23.68 7.44
C LEU H 450 -14.51 23.85 6.17
N LYS H 451 -13.86 23.70 5.01
CA LYS H 451 -14.45 24.11 3.74
C LYS H 451 -14.77 22.91 2.85
N ASN H 452 -13.75 22.17 2.39
CA ASN H 452 -13.98 21.14 1.39
C ASN H 452 -14.83 19.99 1.92
N MET H 453 -14.76 19.71 3.21
CA MET H 453 -15.51 18.62 3.80
C MET H 453 -16.93 19.09 4.13
N LYS H 454 -17.70 18.24 4.81
CA LYS H 454 -19.07 18.56 5.18
C LYS H 454 -19.36 18.02 6.57
N GLU H 455 -20.55 18.34 7.07
CA GLU H 455 -20.96 17.87 8.39
C GLU H 455 -21.26 16.37 8.36
N LEU H 456 -21.00 15.72 9.49
CA LEU H 456 -21.24 14.30 9.62
C LEU H 456 -22.61 14.06 10.27
N THR H 457 -23.17 12.88 10.01
CA THR H 457 -24.45 12.46 10.55
C THR H 457 -24.22 11.42 11.65
N MET H 458 -25.33 10.99 12.26
CA MET H 458 -25.25 9.98 13.31
C MET H 458 -24.80 8.63 12.75
N GLY H 459 -25.56 8.08 11.82
CA GLY H 459 -25.24 6.79 11.24
C GLY H 459 -24.06 6.88 10.30
N LEU H 460 -23.77 5.73 9.68
CA LEU H 460 -22.64 5.63 8.75
C LEU H 460 -22.96 6.37 7.46
N ASP H 461 -22.00 7.16 6.97
CA ASP H 461 -22.13 7.87 5.70
C ASP H 461 -21.47 7.04 4.62
N ARG H 462 -22.28 6.29 3.87
CA ARG H 462 -21.76 5.43 2.82
C ARG H 462 -21.30 6.19 1.58
N ASN H 463 -21.48 7.50 1.54
CA ASN H 463 -21.07 8.30 0.39
C ASN H 463 -19.87 9.13 0.81
N ARG H 464 -20.07 10.34 1.34
CA ARG H 464 -18.99 11.21 1.81
C ARG H 464 -18.01 11.59 0.69
N GLN H 465 -17.42 10.59 0.05
CA GLN H 465 -16.46 10.78 -1.05
C GLN H 465 -15.24 11.57 -0.58
N ASP H 466 -14.87 11.45 0.69
CA ASP H 466 -13.69 12.09 1.23
C ASP H 466 -12.54 11.09 1.31
N ILE H 467 -11.31 11.62 1.26
CA ILE H 467 -10.13 10.77 1.24
C ILE H 467 -9.77 10.19 2.59
N GLY H 468 -10.39 10.66 3.66
CA GLY H 468 -10.07 10.17 4.99
C GLY H 468 -11.18 9.34 5.62
N TYR H 469 -12.43 9.72 5.37
CA TYR H 469 -13.56 9.01 5.95
C TYR H 469 -13.66 7.59 5.40
N VAL H 470 -13.58 7.44 4.07
CA VAL H 470 -13.64 6.12 3.47
C VAL H 470 -12.42 5.29 3.89
N LEU H 471 -11.28 5.94 4.15
CA LEU H 471 -10.12 5.20 4.64
C LEU H 471 -10.35 4.68 6.05
N GLY H 472 -11.03 5.47 6.89
CA GLY H 472 -11.40 4.98 8.20
C GLY H 472 -12.37 3.82 8.14
N ARG H 473 -13.37 3.92 7.28
CA ARG H 473 -14.28 2.79 7.08
C ARG H 473 -13.54 1.57 6.58
N LEU H 474 -12.53 1.78 5.73
CA LEU H 474 -11.72 0.68 5.23
C LEU H 474 -10.96 -0.01 6.36
N PHE H 475 -10.30 0.78 7.20
CA PHE H 475 -9.59 0.20 8.35
C PHE H 475 -10.56 -0.53 9.27
N ALA H 476 -11.75 0.03 9.46
CA ALA H 476 -12.74 -0.60 10.34
C ALA H 476 -13.19 -1.94 9.81
N VAL H 477 -13.52 -2.01 8.52
CA VAL H 477 -13.96 -3.28 7.96
C VAL H 477 -12.81 -4.28 7.90
N LEU H 478 -11.58 -3.79 7.71
CA LEU H 478 -10.41 -4.68 7.76
C LEU H 478 -10.27 -5.30 9.14
N GLU H 479 -10.36 -4.49 10.19
CA GLU H 479 -10.27 -5.02 11.54
C GLU H 479 -11.43 -5.95 11.86
N LYS H 480 -12.63 -5.64 11.34
CA LYS H 480 -13.78 -6.52 11.58
C LYS H 480 -13.58 -7.87 10.91
N ILE H 481 -13.05 -7.89 9.69
CA ILE H 481 -12.78 -9.15 9.00
C ILE H 481 -11.70 -9.93 9.74
N GLN H 482 -10.66 -9.24 10.21
CA GLN H 482 -9.62 -9.92 10.97
C GLN H 482 -10.12 -10.49 12.28
N ALA H 483 -11.07 -9.80 12.92
CA ALA H 483 -11.64 -10.31 14.17
C ALA H 483 -12.57 -11.48 13.91
N GLU H 484 -13.34 -11.43 12.83
CA GLU H 484 -14.18 -12.57 12.46
C GLU H 484 -13.34 -13.77 12.08
N ALA H 485 -12.14 -13.55 11.55
CA ALA H 485 -11.24 -14.65 11.24
C ALA H 485 -10.69 -15.28 12.51
N ASN H 486 -10.04 -14.47 13.35
CA ASN H 486 -9.48 -14.95 14.61
C ASN H 486 -10.31 -14.41 15.77
N PRO H 487 -11.11 -15.25 16.43
CA PRO H 487 -11.91 -14.74 17.57
C PRO H 487 -11.05 -14.24 18.72
N GLY H 488 -10.18 -15.08 19.26
CA GLY H 488 -9.29 -14.68 20.33
C GLY H 488 -8.06 -13.95 19.80
N LEU H 489 -8.24 -12.69 19.42
CA LEU H 489 -7.16 -11.89 18.84
C LEU H 489 -6.43 -11.14 19.95
N ASN H 490 -5.10 -11.15 19.86
CA ASN H 490 -4.25 -10.44 20.82
C ASN H 490 -3.59 -9.22 20.19
N ALA H 491 -2.74 -9.43 19.19
CA ALA H 491 -2.07 -8.34 18.48
C ALA H 491 -2.73 -8.17 17.12
N THR H 492 -3.90 -7.53 17.12
CA THR H 492 -4.68 -7.35 15.90
C THR H 492 -3.93 -6.50 14.89
N ILE H 493 -4.44 -6.47 13.66
CA ILE H 493 -3.89 -5.57 12.66
C ILE H 493 -4.06 -4.12 13.09
N ALA H 494 -5.09 -3.84 13.90
CA ALA H 494 -5.27 -2.49 14.43
C ALA H 494 -4.09 -2.09 15.32
N ASP H 495 -3.83 -2.88 16.37
CA ASP H 495 -2.80 -2.54 17.35
C ASP H 495 -1.41 -2.44 16.75
N ARG H 496 -1.21 -2.89 15.52
CA ARG H 496 0.09 -2.81 14.86
C ARG H 496 0.11 -1.86 13.67
N TYR H 497 -1.04 -1.46 13.13
CA TYR H 497 -1.09 -0.66 11.92
C TYR H 497 -1.77 0.69 12.07
N PHE H 498 -2.63 0.86 13.07
CA PHE H 498 -3.38 2.11 13.20
C PHE H 498 -2.49 3.29 13.53
N GLY H 499 -1.26 3.06 14.00
CA GLY H 499 -0.36 4.15 14.28
C GLY H 499 -0.01 4.95 13.05
N SER H 500 0.15 4.28 11.90
CA SER H 500 0.44 4.96 10.65
C SER H 500 -0.74 4.97 9.69
N ALA H 501 -1.76 4.12 9.90
CA ALA H 501 -2.93 4.14 9.04
C ALA H 501 -3.64 5.50 9.11
N SER H 502 -3.68 6.09 10.29
CA SER H 502 -4.28 7.42 10.43
C SER H 502 -3.42 8.51 9.79
N SER H 503 -2.12 8.27 9.64
CA SER H 503 -1.21 9.26 9.07
C SER H 503 -0.82 8.89 7.64
N THR H 504 -0.04 7.82 7.46
CA THR H 504 0.42 7.43 6.14
C THR H 504 -0.44 6.27 5.62
N PRO H 505 -1.36 6.52 4.68
CA PRO H 505 -2.25 5.44 4.22
C PRO H 505 -1.56 4.47 3.28
N ILE H 506 -0.70 4.97 2.39
CA ILE H 506 -0.07 4.12 1.39
C ILE H 506 0.90 3.12 2.00
N ALA H 507 1.32 3.33 3.25
CA ALA H 507 2.21 2.38 3.89
C ALA H 507 1.44 1.25 4.58
N VAL H 508 0.36 1.60 5.29
CA VAL H 508 -0.39 0.60 6.03
C VAL H 508 -1.32 -0.18 5.11
N PHE H 509 -2.10 0.55 4.30
CA PHE H 509 -3.03 -0.12 3.39
C PHE H 509 -2.32 -0.86 2.27
N GLY H 510 -1.04 -0.57 2.03
CA GLY H 510 -0.27 -1.33 1.08
C GLY H 510 0.00 -2.76 1.51
N THR H 511 -0.15 -3.05 2.80
CA THR H 511 -0.03 -4.40 3.33
C THR H 511 -1.32 -4.95 3.92
N LEU H 512 -2.22 -4.07 4.36
CA LEU H 512 -3.51 -4.54 4.87
C LEU H 512 -4.35 -5.13 3.75
N MET H 513 -4.31 -4.54 2.56
CA MET H 513 -5.00 -5.13 1.41
C MET H 513 -4.38 -6.45 0.99
N ARG H 514 -3.11 -6.68 1.32
CA ARG H 514 -2.50 -7.99 1.09
C ARG H 514 -2.98 -9.00 2.13
N LEU H 515 -3.03 -8.60 3.40
CA LEU H 515 -3.48 -9.51 4.45
C LEU H 515 -4.98 -9.78 4.39
N LEU H 516 -5.75 -8.94 3.70
CA LEU H 516 -7.21 -9.09 3.71
C LEU H 516 -7.71 -10.35 3.02
N PRO H 517 -7.28 -10.71 1.80
CA PRO H 517 -7.81 -11.93 1.19
C PRO H 517 -7.55 -13.18 1.99
N HIS H 518 -6.42 -13.24 2.71
CA HIS H 518 -6.18 -14.38 3.58
C HIS H 518 -7.16 -14.42 4.74
N HIS H 519 -7.52 -13.25 5.29
CA HIS H 519 -8.53 -13.21 6.33
C HIS H 519 -9.90 -13.62 5.79
N LEU H 520 -10.20 -13.24 4.56
CA LEU H 520 -11.47 -13.63 3.95
C LEU H 520 -11.53 -15.13 3.69
N ASN H 521 -10.41 -15.72 3.26
CA ASN H 521 -10.34 -17.16 3.06
C ASN H 521 -10.39 -17.89 4.39
N LYS H 522 -9.88 -17.28 5.46
CA LYS H 522 -9.93 -17.89 6.79
C LYS H 522 -11.35 -17.98 7.34
N LEU H 523 -12.26 -17.15 6.85
CA LEU H 523 -13.63 -17.14 7.35
C LEU H 523 -14.32 -18.46 7.05
N GLU H 524 -14.93 -19.06 8.08
CA GLU H 524 -15.66 -20.31 7.88
C GLU H 524 -16.91 -20.11 7.04
N PHE H 525 -17.51 -18.92 7.10
CA PHE H 525 -18.69 -18.59 6.31
C PHE H 525 -18.23 -17.81 5.08
N GLU H 526 -18.31 -18.44 3.90
CA GLU H 526 -17.88 -17.78 2.68
C GLU H 526 -18.80 -16.64 2.29
N GLY H 527 -20.09 -16.75 2.62
CA GLY H 527 -21.01 -15.66 2.31
C GLY H 527 -20.72 -14.42 3.12
N ARG H 528 -20.28 -14.59 4.37
CA ARG H 528 -19.86 -13.43 5.16
C ARG H 528 -18.67 -12.74 4.53
N ALA H 529 -17.67 -13.50 4.07
CA ALA H 529 -16.53 -12.91 3.38
C ALA H 529 -16.97 -12.23 2.09
N VAL H 530 -17.96 -12.79 1.41
CA VAL H 530 -18.47 -12.18 0.18
C VAL H 530 -19.09 -10.82 0.50
N GLN H 531 -19.92 -10.77 1.53
CA GLN H 531 -20.55 -9.51 1.92
C GLN H 531 -19.50 -8.48 2.34
N LEU H 532 -18.49 -8.91 3.09
CA LEU H 532 -17.45 -7.99 3.53
C LEU H 532 -16.64 -7.48 2.35
N GLN H 533 -16.36 -8.33 1.36
CA GLN H 533 -15.66 -7.89 0.17
C GLN H 533 -16.49 -6.89 -0.62
N TRP H 534 -17.81 -7.15 -0.73
CA TRP H 534 -18.67 -6.22 -1.44
C TRP H 534 -18.72 -4.87 -0.74
N GLU H 535 -18.81 -4.86 0.60
CA GLU H 535 -18.89 -3.59 1.31
C GLU H 535 -17.55 -2.87 1.29
N ILE H 536 -16.43 -3.58 1.29
CA ILE H 536 -15.16 -2.88 1.18
C ILE H 536 -14.96 -2.35 -0.24
N ARG H 537 -15.54 -3.02 -1.24
CA ARG H 537 -15.56 -2.45 -2.59
C ARG H 537 -16.35 -1.15 -2.63
N GLN H 538 -17.55 -1.16 -2.02
CA GLN H 538 -18.35 0.04 -1.96
C GLN H 538 -17.65 1.15 -1.18
N ILE H 539 -16.83 0.79 -0.18
CA ILE H 539 -16.09 1.79 0.57
C ILE H 539 -14.97 2.38 -0.27
N LEU H 540 -14.14 1.53 -0.86
CA LEU H 540 -12.99 2.00 -1.65
C LEU H 540 -13.40 2.61 -2.97
N GLU H 541 -14.66 2.46 -3.39
CA GLU H 541 -15.10 3.08 -4.65
C GLU H 541 -15.02 4.60 -4.56
N HIS H 542 -15.31 5.17 -3.39
CA HIS H 542 -15.25 6.61 -3.21
C HIS H 542 -13.83 7.15 -3.16
N CYS H 543 -12.83 6.28 -2.99
CA CYS H 543 -11.43 6.69 -2.92
C CYS H 543 -10.78 6.43 -4.28
N GLN H 544 -10.43 7.52 -4.98
CA GLN H 544 -9.80 7.39 -6.29
C GLN H 544 -8.33 7.01 -6.21
N ARG H 545 -7.66 7.35 -5.10
CA ARG H 545 -6.25 6.99 -4.92
C ARG H 545 -5.90 7.15 -3.44
N PHE H 546 -5.03 6.28 -2.96
CA PHE H 546 -4.57 6.37 -1.59
C PHE H 546 -3.63 7.56 -1.43
N PRO H 547 -3.93 8.52 -0.56
CA PRO H 547 -3.08 9.70 -0.45
C PRO H 547 -1.76 9.39 0.22
N ASN H 548 -0.82 10.33 0.10
CA ASN H 548 0.50 10.16 0.70
C ASN H 548 0.43 10.28 2.22
N HIS H 549 -0.29 11.28 2.71
CA HIS H 549 -0.43 11.49 4.14
C HIS H 549 -1.77 12.15 4.43
N LEU H 550 -2.38 11.76 5.54
CA LEU H 550 -3.68 12.30 5.95
C LEU H 550 -3.46 13.53 6.83
N ASN H 551 -4.05 14.65 6.43
CA ASN H 551 -3.92 15.88 7.19
C ASN H 551 -4.63 15.74 8.55
N LEU H 552 -4.49 16.78 9.38
CA LEU H 552 -5.01 16.73 10.74
C LEU H 552 -6.52 16.50 10.74
N GLU H 553 -7.24 17.13 9.82
CA GLU H 553 -8.67 16.86 9.70
C GLU H 553 -8.92 15.50 9.06
N GLN H 554 -8.01 15.06 8.19
CA GLN H 554 -8.17 13.75 7.55
C GLN H 554 -8.03 12.62 8.56
N GLN H 555 -7.18 12.78 9.57
CA GLN H 555 -7.07 11.76 10.61
C GLN H 555 -8.34 11.71 11.47
N GLY H 556 -8.93 12.87 11.75
CA GLY H 556 -10.21 12.88 12.44
C GLY H 556 -11.30 12.20 11.63
N LEU H 557 -11.34 12.49 10.33
CA LEU H 557 -12.28 11.78 9.45
C LEU H 557 -12.02 10.28 9.44
N PHE H 558 -10.74 9.89 9.48
CA PHE H 558 -10.38 8.49 9.56
C PHE H 558 -10.97 7.84 10.81
N ALA H 559 -10.78 8.48 11.97
CA ALA H 559 -11.30 7.92 13.22
C ALA H 559 -12.83 7.86 13.19
N ILE H 560 -13.47 8.91 12.67
CA ILE H 560 -14.93 8.96 12.63
C ILE H 560 -15.48 7.85 11.75
N GLY H 561 -14.91 7.69 10.55
CA GLY H 561 -15.34 6.62 9.66
C GLY H 561 -15.06 5.25 10.22
N TYR H 562 -13.93 5.11 10.94
CA TYR H 562 -13.62 3.85 11.60
C TYR H 562 -14.71 3.46 12.59
N TYR H 563 -15.05 4.39 13.48
CA TYR H 563 -16.09 4.08 14.48
C TYR H 563 -17.44 3.85 13.80
N HIS H 564 -17.77 4.66 12.80
CA HIS H 564 -19.05 4.51 12.12
C HIS H 564 -19.17 3.14 11.48
N GLU H 565 -18.14 2.70 10.76
CA GLU H 565 -18.21 1.41 10.09
C GLU H 565 -18.14 0.25 11.10
N THR H 566 -17.33 0.39 12.15
CA THR H 566 -17.23 -0.69 13.13
C THR H 566 -18.49 -0.82 13.97
N GLN H 567 -19.32 0.22 14.04
CA GLN H 567 -20.62 0.08 14.70
C GLN H 567 -21.73 -0.28 13.72
N PHE H 568 -21.57 0.06 12.43
CA PHE H 568 -22.54 -0.37 11.43
C PHE H 568 -22.41 -1.86 11.15
N LEU H 569 -21.21 -2.41 11.27
CA LEU H 569 -21.03 -3.85 11.07
C LEU H 569 -21.47 -4.66 12.27
N PHE H 570 -21.41 -4.09 13.47
CA PHE H 570 -21.85 -4.77 14.69
C PHE H 570 -23.32 -4.52 15.00
N THR H 571 -24.10 -4.09 14.02
CA THR H 571 -25.53 -3.90 14.17
C THR H 571 -26.26 -5.22 13.86
N LYS H 572 -27.55 -5.24 14.19
CA LYS H 572 -28.37 -6.44 14.05
C LYS H 572 -28.32 -7.01 12.64
N ASP H 573 -29.07 -6.39 11.71
CA ASP H 573 -29.10 -6.82 10.31
C ASP H 573 -28.90 -5.60 9.42
N ALA H 574 -27.67 -5.09 9.40
CA ALA H 574 -27.32 -3.92 8.62
C ALA H 574 -26.46 -4.26 7.40
N LEU H 575 -25.34 -4.96 7.61
CA LEU H 575 -24.49 -5.34 6.49
C LEU H 575 -25.19 -6.30 5.54
N LYS H 576 -25.94 -7.26 6.09
CA LYS H 576 -26.68 -8.20 5.25
C LYS H 576 -27.75 -7.48 4.44
N ASN H 577 -28.46 -6.53 5.06
CA ASN H 577 -29.48 -5.79 4.34
C ASN H 577 -28.87 -4.90 3.27
N LEU H 578 -27.69 -4.34 3.54
CA LEU H 578 -27.01 -3.52 2.53
C LEU H 578 -26.53 -4.38 1.37
N PHE H 579 -26.00 -5.57 1.66
CA PHE H 579 -25.51 -6.46 0.61
C PHE H 579 -26.66 -7.01 -0.23
N ASN H 580 -27.82 -7.25 0.39
CA ASN H 580 -28.96 -7.78 -0.34
C ASN H 580 -29.56 -6.76 -1.30
N GLU H 581 -29.29 -5.47 -1.10
CA GLU H 581 -29.80 -4.41 -1.97
C GLU H 581 -28.81 -4.04 -3.06
N ALA H 582 -28.17 -5.01 -3.68
CA ALA H 582 -27.19 -4.75 -4.73
C ALA H 582 -27.41 -5.69 -5.92
N GLY I 1 -3.22 1.69 -27.76
CA GLY I 1 -2.34 1.26 -26.69
C GLY I 1 -1.41 0.12 -27.09
N LEU I 2 -0.46 0.42 -27.97
CA LEU I 2 0.49 -0.59 -28.43
C LEU I 2 1.72 0.13 -28.99
N ASP I 3 2.89 -0.26 -28.49
CA ASP I 3 4.16 0.32 -28.93
C ASP I 3 4.86 -0.67 -29.85
N ARG I 4 4.91 -0.34 -31.14
CA ARG I 4 5.53 -1.20 -32.14
C ARG I 4 7.00 -0.90 -32.35
N ASN I 5 7.53 0.14 -31.72
CA ASN I 5 8.93 0.53 -31.85
C ASN I 5 9.64 0.51 -30.50
N ARG I 6 9.20 -0.38 -29.61
CA ARG I 6 9.81 -0.50 -28.29
C ARG I 6 11.15 -1.20 -28.33
N GLN I 7 11.42 -2.02 -29.36
CA GLN I 7 12.66 -2.76 -29.49
C GLN I 7 12.91 -3.69 -28.31
N ASP I 8 11.84 -4.20 -27.70
CA ASP I 8 11.92 -5.13 -26.60
C ASP I 8 11.61 -6.54 -27.08
N ILE I 9 12.37 -7.51 -26.59
CA ILE I 9 12.19 -8.89 -27.04
C ILE I 9 10.90 -9.47 -26.51
N GLY I 10 10.57 -9.18 -25.25
CA GLY I 10 9.31 -9.68 -24.69
C GLY I 10 8.10 -9.09 -25.37
N TYR I 11 8.16 -7.81 -25.74
CA TYR I 11 7.05 -7.15 -26.42
C TYR I 11 6.74 -7.85 -27.74
N VAL I 12 7.76 -8.03 -28.59
CA VAL I 12 7.52 -8.65 -29.89
C VAL I 12 7.17 -10.13 -29.75
N LEU I 13 7.75 -10.81 -28.76
CA LEU I 13 7.38 -12.21 -28.52
C LEU I 13 5.90 -12.34 -28.15
N GLY I 14 5.44 -11.48 -27.24
CA GLY I 14 4.03 -11.50 -26.87
C GLY I 14 3.12 -11.14 -28.02
N ARG I 15 3.52 -10.14 -28.82
CA ARG I 15 2.70 -9.77 -29.98
C ARG I 15 2.62 -10.92 -30.98
N LEU I 16 3.72 -11.64 -31.16
CA LEU I 16 3.72 -12.79 -32.06
C LEU I 16 2.80 -13.89 -31.55
N PHE I 17 2.89 -14.20 -30.25
CA PHE I 17 1.97 -15.19 -29.69
C PHE I 17 0.52 -14.73 -29.80
N ALA I 18 0.27 -13.43 -29.65
CA ALA I 18 -1.09 -12.92 -29.73
C ALA I 18 -1.65 -13.06 -31.14
N VAL I 19 -0.85 -12.71 -32.16
CA VAL I 19 -1.34 -12.84 -33.52
C VAL I 19 -1.48 -14.32 -33.90
N LEU I 20 -0.63 -15.19 -33.34
CA LEU I 20 -0.80 -16.63 -33.56
C LEU I 20 -2.12 -17.11 -32.99
N GLU I 21 -2.45 -16.69 -31.76
CA GLU I 21 -3.71 -17.09 -31.16
C GLU I 21 -4.89 -16.52 -31.93
N LYS I 22 -4.77 -15.28 -32.43
CA LYS I 22 -5.83 -14.69 -33.24
C LYS I 22 -6.04 -15.48 -34.53
N ILE I 23 -4.95 -15.92 -35.16
CA ILE I 23 -5.06 -16.70 -36.39
C ILE I 23 -5.73 -18.05 -36.09
N GLN I 24 -5.34 -18.69 -35.00
CA GLN I 24 -5.95 -19.97 -34.65
C GLN I 24 -7.44 -19.81 -34.35
N ALA I 25 -7.82 -18.71 -33.70
CA ALA I 25 -9.22 -18.47 -33.41
C ALA I 25 -10.00 -18.16 -34.68
N GLU I 26 -9.40 -17.42 -35.61
CA GLU I 26 -10.07 -17.13 -36.88
C GLU I 26 -10.15 -18.35 -37.79
N ALA I 27 -9.28 -19.35 -37.59
CA ALA I 27 -9.33 -20.54 -38.42
C ALA I 27 -10.62 -21.32 -38.21
N ASN I 28 -11.16 -21.31 -36.99
CA ASN I 28 -12.40 -22.02 -36.69
C ASN I 28 -13.05 -21.41 -35.45
N PRO I 29 -14.27 -20.87 -35.59
CA PRO I 29 -14.93 -20.28 -34.42
C PRO I 29 -15.27 -21.31 -33.34
N GLY I 30 -15.60 -22.53 -33.72
CA GLY I 30 -15.93 -23.56 -32.75
C GLY I 30 -14.71 -24.28 -32.22
N LEU I 31 -13.76 -23.51 -31.69
CA LEU I 31 -12.52 -24.05 -31.15
C LEU I 31 -12.66 -24.21 -29.64
N ASN I 32 -12.34 -25.40 -29.14
CA ASN I 32 -12.43 -25.67 -27.70
C ASN I 32 -11.13 -25.29 -26.99
N ALA I 33 -10.04 -25.99 -27.33
CA ALA I 33 -8.74 -25.75 -26.71
C ALA I 33 -7.83 -25.10 -27.74
N THR I 34 -7.54 -23.81 -27.54
CA THR I 34 -6.64 -23.08 -28.42
C THR I 34 -5.19 -23.30 -28.00
N ILE I 35 -4.27 -22.56 -28.63
CA ILE I 35 -2.87 -22.67 -28.26
C ILE I 35 -2.62 -22.01 -26.91
N ALA I 36 -3.36 -20.93 -26.60
CA ALA I 36 -3.18 -20.26 -25.32
C ALA I 36 -3.52 -21.17 -24.15
N ASP I 37 -4.37 -22.17 -24.37
CA ASP I 37 -4.73 -23.13 -23.35
C ASP I 37 -3.68 -24.22 -23.15
N ARG I 38 -2.52 -24.11 -23.81
CA ARG I 38 -1.48 -25.11 -23.69
C ARG I 38 -0.10 -24.54 -24.01
N TYR I 39 0.00 -23.72 -25.05
CA TYR I 39 1.29 -23.20 -25.47
C TYR I 39 1.74 -22.02 -24.62
N PHE I 40 0.80 -21.23 -24.09
CA PHE I 40 1.16 -20.03 -23.34
C PHE I 40 1.77 -20.35 -21.98
N GLY I 41 1.56 -21.56 -21.46
CA GLY I 41 2.10 -21.91 -20.17
C GLY I 41 3.62 -21.91 -20.09
N SER I 42 4.29 -22.06 -21.22
CA SER I 42 5.75 -21.98 -21.28
C SER I 42 6.24 -21.11 -22.43
N ALA I 43 5.43 -20.16 -22.89
CA ALA I 43 5.82 -19.33 -24.03
C ALA I 43 6.81 -18.24 -23.61
N SER I 44 6.64 -17.69 -22.41
CA SER I 44 7.51 -16.63 -21.93
C SER I 44 8.78 -17.17 -21.28
N SER I 45 8.86 -18.47 -21.00
CA SER I 45 10.03 -19.07 -20.37
C SER I 45 10.87 -19.87 -21.36
N THR I 46 10.25 -20.76 -22.14
CA THR I 46 10.93 -21.55 -23.16
C THR I 46 10.29 -21.22 -24.50
N PRO I 47 10.61 -20.06 -25.08
CA PRO I 47 9.98 -19.69 -26.36
C PRO I 47 10.52 -20.50 -27.53
N ILE I 48 11.76 -20.97 -27.45
CA ILE I 48 12.36 -21.70 -28.57
C ILE I 48 11.75 -23.08 -28.74
N ALA I 49 11.00 -23.56 -27.75
CA ALA I 49 10.37 -24.87 -27.85
C ALA I 49 8.93 -24.81 -28.32
N VAL I 50 8.23 -23.71 -28.05
CA VAL I 50 6.83 -23.56 -28.44
C VAL I 50 6.70 -22.80 -29.75
N PHE I 51 7.51 -21.76 -29.95
CA PHE I 51 7.40 -20.94 -31.15
C PHE I 51 7.84 -21.69 -32.40
N GLY I 52 8.63 -22.75 -32.25
CA GLY I 52 8.96 -23.57 -33.41
C GLY I 52 7.73 -24.28 -33.95
N THR I 53 7.03 -25.02 -33.09
CA THR I 53 5.78 -25.64 -33.51
C THR I 53 4.74 -24.59 -33.88
N LEU I 54 4.80 -23.41 -33.27
CA LEU I 54 3.88 -22.33 -33.63
C LEU I 54 4.09 -21.89 -35.08
N MET I 55 5.35 -21.66 -35.45
CA MET I 55 5.65 -21.29 -36.83
C MET I 55 5.41 -22.46 -37.79
N ARG I 56 5.52 -23.69 -37.30
CA ARG I 56 5.21 -24.85 -38.15
C ARG I 56 3.72 -24.92 -38.45
N LEU I 57 2.88 -24.65 -37.45
CA LEU I 57 1.43 -24.71 -37.61
C LEU I 57 0.83 -23.43 -38.17
N LEU I 58 1.61 -22.35 -38.23
CA LEU I 58 1.09 -21.09 -38.76
C LEU I 58 0.64 -21.17 -40.21
N PRO I 59 1.41 -21.75 -41.14
CA PRO I 59 0.93 -21.77 -42.55
C PRO I 59 -0.35 -22.57 -42.73
N HIS I 60 -0.50 -23.68 -42.01
CA HIS I 60 -1.74 -24.45 -42.09
C HIS I 60 -2.91 -23.68 -41.52
N HIS I 61 -2.68 -22.93 -40.44
CA HIS I 61 -3.74 -22.08 -39.89
C HIS I 61 -4.13 -20.99 -40.86
N LEU I 62 -3.15 -20.43 -41.58
CA LEU I 62 -3.44 -19.39 -42.57
C LEU I 62 -4.21 -19.98 -43.75
N ASN I 63 -3.85 -21.19 -44.18
CA ASN I 63 -4.55 -21.83 -45.27
C ASN I 63 -5.96 -22.26 -44.87
N LYS I 64 -6.17 -22.53 -43.57
CA LYS I 64 -7.50 -22.89 -43.09
C LYS I 64 -8.47 -21.72 -43.15
N LEU I 65 -7.97 -20.49 -43.21
CA LEU I 65 -8.84 -19.32 -43.26
C LEU I 65 -9.64 -19.30 -44.56
N GLU I 66 -10.89 -18.84 -44.47
CA GLU I 66 -11.74 -18.75 -45.65
C GLU I 66 -11.31 -17.63 -46.58
N PHE I 67 -10.65 -16.60 -46.07
CA PHE I 67 -10.19 -15.47 -46.86
C PHE I 67 -8.67 -15.51 -46.96
N GLU I 68 -8.15 -15.38 -48.19
CA GLU I 68 -6.71 -15.43 -48.39
C GLU I 68 -6.04 -14.10 -48.08
N GLY I 69 -6.74 -12.99 -48.31
CA GLY I 69 -6.18 -11.69 -47.97
C GLY I 69 -6.02 -11.49 -46.47
N ARG I 70 -6.89 -12.09 -45.68
CA ARG I 70 -6.73 -12.03 -44.22
C ARG I 70 -5.43 -12.67 -43.79
N ALA I 71 -5.10 -13.83 -44.37
CA ALA I 71 -3.84 -14.49 -44.04
C ALA I 71 -2.64 -13.64 -44.47
N VAL I 72 -2.78 -12.93 -45.60
CA VAL I 72 -1.70 -12.07 -46.06
C VAL I 72 -1.49 -10.92 -45.05
N GLN I 73 -2.58 -10.30 -44.63
CA GLN I 73 -2.48 -9.23 -43.63
C GLN I 73 -1.89 -9.74 -42.32
N LEU I 74 -2.29 -10.95 -41.91
CA LEU I 74 -1.78 -11.51 -40.66
C LEU I 74 -0.28 -11.81 -40.75
N GLN I 75 0.16 -12.36 -41.88
CA GLN I 75 1.60 -12.58 -42.06
C GLN I 75 2.36 -11.25 -42.11
N TRP I 76 1.76 -10.23 -42.73
CA TRP I 76 2.39 -8.93 -42.79
C TRP I 76 2.60 -8.34 -41.40
N GLU I 77 1.57 -8.40 -40.55
CA GLU I 77 1.73 -7.88 -39.20
C GLU I 77 2.64 -8.77 -38.36
N ILE I 78 2.64 -10.08 -38.62
CA ILE I 78 3.59 -10.97 -37.95
C ILE I 78 5.02 -10.52 -38.23
N ARG I 79 5.33 -10.24 -39.49
CA ARG I 79 6.68 -9.83 -39.85
C ARG I 79 6.99 -8.41 -39.36
N GLN I 80 6.00 -7.52 -39.38
CA GLN I 80 6.21 -6.19 -38.81
C GLN I 80 6.52 -6.27 -37.32
N ILE I 81 5.93 -7.24 -36.62
CA ILE I 81 6.25 -7.44 -35.21
C ILE I 81 7.65 -8.02 -35.06
N LEU I 82 7.94 -9.10 -35.81
CA LEU I 82 9.21 -9.80 -35.69
C LEU I 82 10.39 -9.01 -36.23
N GLU I 83 10.14 -7.86 -36.87
CA GLU I 83 11.23 -6.99 -37.30
C GLU I 83 12.20 -6.69 -36.16
N HIS I 84 11.66 -6.33 -34.99
CA HIS I 84 12.48 -6.02 -33.83
C HIS I 84 12.95 -7.28 -33.10
N CYS I 85 12.50 -8.46 -33.51
CA CYS I 85 12.89 -9.71 -32.88
C CYS I 85 14.08 -10.29 -33.64
N GLN I 86 15.29 -9.90 -33.22
CA GLN I 86 16.49 -10.33 -33.92
C GLN I 86 16.82 -11.80 -33.68
N ARG I 87 16.33 -12.38 -32.59
CA ARG I 87 16.61 -13.77 -32.27
C ARG I 87 15.64 -14.24 -31.20
N PHE I 88 15.36 -15.55 -31.21
CA PHE I 88 14.52 -16.16 -30.18
C PHE I 88 15.39 -16.54 -28.99
N PRO I 89 15.20 -15.92 -27.84
CA PRO I 89 16.08 -16.19 -26.70
C PRO I 89 15.77 -17.52 -26.04
N ASN I 90 16.69 -17.95 -25.18
CA ASN I 90 16.50 -19.20 -24.45
C ASN I 90 15.47 -19.03 -23.34
N HIS I 91 15.65 -18.03 -22.49
CA HIS I 91 14.74 -17.74 -21.39
C HIS I 91 14.65 -16.24 -21.19
N LEU I 92 13.45 -15.76 -20.92
CA LEU I 92 13.22 -14.34 -20.75
C LEU I 92 13.42 -13.92 -19.29
N ASN I 93 13.94 -12.71 -19.11
CA ASN I 93 14.08 -12.15 -17.77
C ASN I 93 12.72 -11.81 -17.20
N LEU I 94 12.71 -11.46 -15.90
CA LEU I 94 11.46 -11.13 -15.23
C LEU I 94 10.79 -9.92 -15.89
N GLU I 95 11.56 -8.87 -16.16
CA GLU I 95 11.03 -7.74 -16.91
C GLU I 95 10.53 -8.19 -18.28
N GLN I 96 11.32 -9.02 -18.97
CA GLN I 96 10.87 -9.57 -20.25
C GLN I 96 9.71 -10.54 -20.07
N GLN I 97 9.67 -11.26 -18.94
CA GLN I 97 8.53 -12.12 -18.66
C GLN I 97 7.24 -11.32 -18.57
N GLY I 98 7.28 -10.15 -17.95
CA GLY I 98 6.10 -9.30 -17.91
C GLY I 98 5.79 -8.65 -19.24
N LEU I 99 6.84 -8.19 -19.94
CA LEU I 99 6.65 -7.58 -21.25
C LEU I 99 6.05 -8.55 -22.25
N PHE I 100 6.30 -9.86 -22.06
CA PHE I 100 5.67 -10.87 -22.90
C PHE I 100 4.15 -10.74 -22.86
N ALA I 101 3.56 -10.85 -21.67
CA ALA I 101 2.11 -10.73 -21.54
C ALA I 101 1.63 -9.34 -21.90
N ILE I 102 2.44 -8.31 -21.60
CA ILE I 102 2.07 -6.94 -21.97
C ILE I 102 1.84 -6.85 -23.47
N GLY I 103 2.85 -7.21 -24.26
CA GLY I 103 2.73 -7.18 -25.70
C GLY I 103 1.67 -8.13 -26.22
N TYR I 104 1.50 -9.28 -25.56
CA TYR I 104 0.47 -10.23 -25.96
C TYR I 104 -0.91 -9.58 -25.93
N TYR I 105 -1.29 -9.03 -24.77
CA TYR I 105 -2.63 -8.46 -24.66
C TYR I 105 -2.74 -7.15 -25.43
N HIS I 106 -1.64 -6.40 -25.59
CA HIS I 106 -1.68 -5.20 -26.40
C HIS I 106 -1.97 -5.53 -27.87
N GLU I 107 -1.28 -6.54 -28.41
CA GLU I 107 -1.52 -6.95 -29.79
C GLU I 107 -2.90 -7.57 -29.95
N THR I 108 -3.38 -8.31 -28.94
CA THR I 108 -4.72 -8.86 -29.02
C THR I 108 -5.77 -7.74 -29.08
N GLN I 109 -5.59 -6.70 -28.27
CA GLN I 109 -6.51 -5.56 -28.32
C GLN I 109 -6.41 -4.84 -29.65
N PHE I 110 -5.20 -4.68 -30.19
CA PHE I 110 -5.03 -4.01 -31.47
C PHE I 110 -5.65 -4.81 -32.61
N LEU I 111 -5.64 -6.14 -32.50
CA LEU I 111 -6.20 -6.98 -33.55
C LEU I 111 -7.71 -7.02 -33.49
N PHE I 112 -8.28 -7.23 -32.30
CA PHE I 112 -9.73 -7.27 -32.17
C PHE I 112 -10.31 -5.86 -32.23
N THR I 113 -10.24 -5.23 -33.41
CA THR I 113 -10.74 -3.89 -33.61
C THR I 113 -11.42 -3.79 -34.97
N LYS I 114 -12.15 -2.70 -35.18
CA LYS I 114 -12.87 -2.48 -36.42
C LYS I 114 -11.90 -2.17 -37.56
N ASP I 115 -11.43 -0.92 -37.61
CA ASP I 115 -10.51 -0.47 -38.66
C ASP I 115 -9.21 -0.04 -37.98
N ALA I 116 -8.22 -0.93 -37.97
CA ALA I 116 -6.93 -0.63 -37.38
C ALA I 116 -5.82 -1.43 -38.05
N LEU I 117 -5.95 -2.76 -38.03
CA LEU I 117 -4.94 -3.61 -38.67
C LEU I 117 -4.93 -3.39 -40.18
N LYS I 118 -6.12 -3.33 -40.79
CA LYS I 118 -6.19 -3.08 -42.23
C LYS I 118 -5.69 -1.67 -42.57
N ASN I 119 -5.97 -0.70 -41.69
CA ASN I 119 -5.49 0.66 -41.92
C ASN I 119 -3.97 0.71 -41.86
N LEU I 120 -3.35 -0.01 -40.92
CA LEU I 120 -1.90 -0.05 -40.86
C LEU I 120 -1.31 -0.83 -42.02
N PHE I 121 -2.02 -1.85 -42.51
CA PHE I 121 -1.54 -2.63 -43.65
C PHE I 121 -1.63 -1.83 -44.94
N ASN I 122 -2.59 -0.92 -45.04
CA ASN I 122 -2.74 -0.12 -46.26
C ASN I 122 -1.55 0.81 -46.46
N GLU I 123 -0.91 1.25 -45.38
CA GLU I 123 0.24 2.14 -45.47
C GLU I 123 1.54 1.33 -45.43
N ALA I 124 1.68 0.44 -46.41
CA ALA I 124 2.86 -0.41 -46.52
C ALA I 124 3.14 -0.78 -47.97
N GLY J 1 -17.78 4.19 -9.94
CA GLY J 1 -16.56 4.55 -9.27
C GLY J 1 -15.34 3.82 -9.81
N LEU J 2 -14.96 4.16 -11.05
CA LEU J 2 -13.81 3.54 -11.69
C LEU J 2 -13.32 4.45 -12.80
N ASP J 3 -12.03 4.77 -12.78
CA ASP J 3 -11.41 5.62 -13.79
C ASP J 3 -10.60 4.75 -14.74
N ARG J 4 -11.09 4.61 -15.97
CA ARG J 4 -10.43 3.78 -16.98
C ARG J 4 -9.44 4.57 -17.83
N ASN J 5 -9.35 5.88 -17.65
CA ASN J 5 -8.45 6.74 -18.41
C ASN J 5 -7.48 7.47 -17.48
N ARG J 6 -7.13 6.83 -16.37
CA ARG J 6 -6.21 7.44 -15.41
C ARG J 6 -4.76 7.38 -15.88
N GLN J 7 -4.43 6.44 -16.78
CA GLN J 7 -3.07 6.26 -17.29
C GLN J 7 -2.08 5.99 -16.17
N ASP J 8 -2.52 5.33 -15.11
CA ASP J 8 -1.67 4.94 -14.00
C ASP J 8 -1.35 3.46 -14.08
N ILE J 9 -0.09 3.11 -13.77
CA ILE J 9 0.33 1.73 -13.88
C ILE J 9 -0.29 0.89 -12.78
N GLY J 10 -0.35 1.42 -11.55
CA GLY J 10 -0.97 0.69 -10.46
C GLY J 10 -2.45 0.46 -10.67
N TYR J 11 -3.14 1.45 -11.24
CA TYR J 11 -4.57 1.31 -11.50
C TYR J 11 -4.85 0.14 -12.44
N VAL J 12 -4.17 0.11 -13.59
CA VAL J 12 -4.41 -0.94 -14.56
C VAL J 12 -3.91 -2.29 -14.03
N LEU J 13 -2.82 -2.29 -13.27
CA LEU J 13 -2.34 -3.55 -12.69
C LEU J 13 -3.38 -4.13 -11.72
N GLY J 14 -3.93 -3.28 -10.85
CA GLY J 14 -4.97 -3.75 -9.95
C GLY J 14 -6.22 -4.19 -10.65
N ARG J 15 -6.62 -3.47 -11.70
CA ARG J 15 -7.79 -3.88 -12.46
C ARG J 15 -7.57 -5.23 -13.14
N LEU J 16 -6.36 -5.46 -13.64
CA LEU J 16 -6.03 -6.75 -14.26
C LEU J 16 -6.08 -7.87 -13.23
N PHE J 17 -5.50 -7.66 -12.05
CA PHE J 17 -5.59 -8.67 -11.01
C PHE J 17 -7.03 -8.91 -10.59
N ALA J 18 -7.85 -7.87 -10.57
CA ALA J 18 -9.24 -8.01 -10.17
C ALA J 18 -10.02 -8.84 -11.17
N VAL J 19 -9.83 -8.56 -12.47
CA VAL J 19 -10.55 -9.34 -13.47
C VAL J 19 -10.03 -10.77 -13.50
N LEU J 20 -8.74 -10.97 -13.20
CA LEU J 20 -8.21 -12.33 -13.10
C LEU J 20 -8.88 -13.10 -11.96
N GLU J 21 -9.01 -12.45 -10.79
CA GLU J 21 -9.68 -13.09 -9.67
C GLU J 21 -11.14 -13.35 -9.98
N LYS J 22 -11.80 -12.42 -10.68
CA LYS J 22 -13.20 -12.63 -11.07
C LYS J 22 -13.34 -13.82 -12.00
N ILE J 23 -12.41 -13.97 -12.95
CA ILE J 23 -12.45 -15.10 -13.87
C ILE J 23 -12.22 -16.41 -13.11
N GLN J 24 -11.27 -16.43 -12.17
CA GLN J 24 -11.03 -17.64 -11.41
C GLN J 24 -12.25 -18.00 -10.55
N ALA J 25 -12.92 -17.00 -9.99
CA ALA J 25 -14.11 -17.26 -9.20
C ALA J 25 -15.26 -17.76 -10.07
N GLU J 26 -15.41 -17.21 -11.27
CA GLU J 26 -16.45 -17.66 -12.19
C GLU J 26 -16.17 -19.04 -12.75
N ALA J 27 -14.90 -19.46 -12.78
CA ALA J 27 -14.56 -20.78 -13.30
C ALA J 27 -15.16 -21.89 -12.46
N ASN J 28 -15.26 -21.69 -11.14
CA ASN J 28 -15.84 -22.68 -10.25
C ASN J 28 -16.34 -22.01 -8.97
N PRO J 29 -17.63 -22.09 -8.68
CA PRO J 29 -18.14 -21.47 -7.45
C PRO J 29 -17.60 -22.09 -6.18
N GLY J 30 -17.37 -23.40 -6.18
CA GLY J 30 -16.83 -24.07 -5.01
C GLY J 30 -15.32 -24.00 -4.91
N LEU J 31 -14.79 -22.78 -4.96
CA LEU J 31 -13.35 -22.56 -4.89
C LEU J 31 -12.96 -22.24 -3.45
N ASN J 32 -11.95 -22.95 -2.94
CA ASN J 32 -11.49 -22.71 -1.57
C ASN J 32 -10.42 -21.62 -1.54
N ALA J 33 -9.28 -21.89 -2.16
CA ALA J 33 -8.16 -20.94 -2.19
C ALA J 33 -8.03 -20.38 -3.60
N THR J 34 -8.39 -19.10 -3.75
CA THR J 34 -8.28 -18.42 -5.04
C THR J 34 -6.86 -17.87 -5.21
N ILE J 35 -6.66 -17.09 -6.27
CA ILE J 35 -5.36 -16.48 -6.49
C ILE J 35 -5.11 -15.36 -5.50
N ALA J 36 -6.16 -14.64 -5.10
CA ALA J 36 -5.99 -13.55 -4.13
C ALA J 36 -5.48 -14.07 -2.80
N ASP J 37 -5.74 -15.34 -2.48
CA ASP J 37 -5.26 -15.95 -1.25
C ASP J 37 -3.80 -16.37 -1.34
N ARG J 38 -3.10 -16.03 -2.43
CA ARG J 38 -1.70 -16.43 -2.57
C ARG J 38 -0.95 -15.49 -3.52
N TYR J 39 -1.59 -15.11 -4.63
CA TYR J 39 -0.91 -14.29 -5.63
C TYR J 39 -0.89 -12.82 -5.24
N PHE J 40 -1.91 -12.34 -4.51
CA PHE J 40 -2.01 -10.93 -4.19
C PHE J 40 -0.98 -10.48 -3.16
N GLY J 41 -0.37 -11.42 -2.42
CA GLY J 41 0.60 -11.05 -1.41
C GLY J 41 1.85 -10.41 -1.97
N SER J 42 2.16 -10.65 -3.25
CA SER J 42 3.29 -10.01 -3.90
C SER J 42 2.93 -9.46 -5.28
N ALA J 43 1.66 -9.14 -5.51
CA ALA J 43 1.25 -8.68 -6.84
C ALA J 43 1.61 -7.21 -7.05
N SER J 44 1.54 -6.41 -5.99
CA SER J 44 1.85 -4.99 -6.09
C SER J 44 3.34 -4.70 -5.94
N SER J 45 4.13 -5.68 -5.51
CA SER J 45 5.58 -5.50 -5.33
C SER J 45 6.38 -6.17 -6.43
N THR J 46 6.11 -7.44 -6.72
CA THR J 46 6.77 -8.19 -7.79
C THR J 46 5.72 -8.63 -8.79
N PRO J 47 5.22 -7.72 -9.63
CA PRO J 47 4.17 -8.10 -10.57
C PRO J 47 4.68 -8.97 -11.71
N ILE J 48 5.96 -8.83 -12.09
CA ILE J 48 6.49 -9.59 -13.21
C ILE J 48 6.65 -11.07 -12.88
N ALA J 49 6.56 -11.44 -11.60
CA ALA J 49 6.68 -12.84 -11.21
C ALA J 49 5.33 -13.53 -11.06
N VAL J 50 4.29 -12.79 -10.70
CA VAL J 50 2.96 -13.36 -10.50
C VAL J 50 2.10 -13.22 -11.75
N PHE J 51 2.18 -12.08 -12.44
CA PHE J 51 1.34 -11.85 -13.60
C PHE J 51 1.72 -12.71 -14.78
N GLY J 52 2.94 -13.25 -14.80
CA GLY J 52 3.30 -14.21 -15.83
C GLY J 52 2.51 -15.50 -15.70
N THR J 53 2.54 -16.11 -14.51
CA THR J 53 1.72 -17.28 -14.27
C THR J 53 0.23 -16.95 -14.35
N LEU J 54 -0.14 -15.71 -14.02
CA LEU J 54 -1.53 -15.30 -14.14
C LEU J 54 -1.98 -15.34 -15.60
N MET J 55 -1.18 -14.76 -16.50
CA MET J 55 -1.52 -14.80 -17.92
C MET J 55 -1.39 -16.20 -18.48
N ARG J 56 -0.54 -17.04 -17.88
CA ARG J 56 -0.45 -18.43 -18.33
C ARG J 56 -1.71 -19.20 -17.97
N LEU J 57 -2.26 -18.98 -16.78
CA LEU J 57 -3.45 -19.67 -16.31
C LEU J 57 -4.74 -19.02 -16.79
N LEU J 58 -4.67 -17.81 -17.33
CA LEU J 58 -5.88 -17.13 -17.80
C LEU J 58 -6.62 -17.88 -18.91
N PRO J 59 -5.96 -18.38 -19.96
CA PRO J 59 -6.73 -19.07 -21.01
C PRO J 59 -7.42 -20.33 -20.52
N HIS J 60 -6.77 -21.09 -19.63
CA HIS J 60 -7.42 -22.27 -19.06
C HIS J 60 -8.61 -21.90 -18.20
N HIS J 61 -8.50 -20.80 -17.45
CA HIS J 61 -9.63 -20.33 -16.66
C HIS J 61 -10.78 -19.88 -17.56
N LEU J 62 -10.46 -19.26 -18.69
CA LEU J 62 -11.50 -18.85 -19.62
C LEU J 62 -12.17 -20.05 -20.28
N ASN J 63 -11.39 -21.08 -20.61
CA ASN J 63 -11.94 -22.29 -21.20
C ASN J 63 -12.77 -23.08 -20.18
N LYS J 64 -12.44 -22.94 -18.89
CA LYS J 64 -13.21 -23.63 -17.85
C LYS J 64 -14.60 -23.05 -17.69
N LEU J 65 -14.83 -21.83 -18.16
CA LEU J 65 -16.14 -21.21 -18.04
C LEU J 65 -17.17 -21.96 -18.88
N GLU J 66 -18.40 -22.04 -18.36
CA GLU J 66 -19.46 -22.72 -19.09
C GLU J 66 -19.95 -21.91 -20.29
N PHE J 67 -19.78 -20.60 -20.26
CA PHE J 67 -20.20 -19.72 -21.35
C PHE J 67 -18.97 -19.17 -22.06
N GLU J 68 -18.95 -19.28 -23.39
CA GLU J 68 -17.81 -18.81 -24.16
C GLU J 68 -17.85 -17.30 -24.37
N GLY J 69 -19.05 -16.71 -24.47
CA GLY J 69 -19.14 -15.27 -24.62
C GLY J 69 -18.70 -14.52 -23.38
N ARG J 70 -18.88 -15.11 -22.21
CA ARG J 70 -18.38 -14.50 -20.98
C ARG J 70 -16.86 -14.37 -21.02
N ALA J 71 -16.18 -15.42 -21.48
CA ALA J 71 -14.72 -15.35 -21.60
C ALA J 71 -14.30 -14.30 -22.61
N VAL J 72 -15.07 -14.14 -23.69
CA VAL J 72 -14.76 -13.12 -24.69
C VAL J 72 -14.89 -11.73 -24.07
N GLN J 73 -15.97 -11.48 -23.33
CA GLN J 73 -16.14 -10.20 -22.66
C GLN J 73 -15.04 -9.94 -21.64
N LEU J 74 -14.64 -10.99 -20.91
CA LEU J 74 -13.59 -10.83 -19.91
C LEU J 74 -12.25 -10.51 -20.56
N GLN J 75 -11.92 -11.17 -21.66
CA GLN J 75 -10.69 -10.84 -22.38
C GLN J 75 -10.75 -9.44 -22.95
N TRP J 76 -11.93 -9.02 -23.43
CA TRP J 76 -12.09 -7.68 -23.97
C TRP J 76 -11.82 -6.63 -22.90
N GLU J 77 -12.40 -6.80 -21.70
CA GLU J 77 -12.15 -5.84 -20.64
C GLU J 77 -10.72 -5.93 -20.12
N ILE J 78 -10.12 -7.13 -20.13
CA ILE J 78 -8.71 -7.27 -19.79
C ILE J 78 -7.85 -6.40 -20.69
N ARG J 79 -8.11 -6.47 -22.01
CA ARG J 79 -7.30 -5.69 -22.94
C ARG J 79 -7.63 -4.20 -22.87
N GLN J 80 -8.89 -3.86 -22.62
CA GLN J 80 -9.23 -2.45 -22.42
C GLN J 80 -8.52 -1.88 -21.19
N ILE J 81 -8.32 -2.70 -20.16
CA ILE J 81 -7.55 -2.26 -19.00
C ILE J 81 -6.07 -2.13 -19.35
N LEU J 82 -5.51 -3.18 -19.95
CA LEU J 82 -4.08 -3.21 -20.25
C LEU J 82 -3.68 -2.26 -21.37
N GLU J 83 -4.64 -1.60 -22.03
CA GLU J 83 -4.31 -0.57 -23.00
C GLU J 83 -3.35 0.46 -22.41
N HIS J 84 -3.65 0.96 -21.21
CA HIS J 84 -2.79 1.94 -20.56
C HIS J 84 -1.57 1.33 -19.90
N CYS J 85 -1.47 0.00 -19.89
CA CYS J 85 -0.33 -0.69 -19.26
C CYS J 85 0.71 -0.96 -20.35
N GLN J 86 1.61 0.01 -20.54
CA GLN J 86 2.62 -0.11 -21.59
C GLN J 86 3.70 -1.15 -21.25
N ARG J 87 3.91 -1.45 -19.98
CA ARG J 87 4.92 -2.42 -19.58
C ARG J 87 4.67 -2.84 -18.14
N PHE J 88 5.10 -4.06 -17.82
CA PHE J 88 5.01 -4.57 -16.46
C PHE J 88 6.25 -4.14 -15.69
N PRO J 89 6.10 -3.29 -14.67
CA PRO J 89 7.28 -2.76 -13.96
C PRO J 89 7.88 -3.80 -13.04
N ASN J 90 9.09 -3.50 -12.57
CA ASN J 90 9.78 -4.37 -11.63
C ASN J 90 9.16 -4.28 -10.23
N HIS J 91 9.04 -3.05 -9.72
CA HIS J 91 8.47 -2.81 -8.41
C HIS J 91 7.69 -1.51 -8.44
N LEU J 92 6.54 -1.49 -7.77
CA LEU J 92 5.68 -0.32 -7.76
C LEU J 92 6.05 0.61 -6.62
N ASN J 93 5.90 1.92 -6.86
CA ASN J 93 6.13 2.90 -5.81
C ASN J 93 5.00 2.84 -4.79
N LEU J 94 5.18 3.57 -3.68
CA LEU J 94 4.18 3.58 -2.62
C LEU J 94 2.84 4.10 -3.13
N GLU J 95 2.87 5.21 -3.87
CA GLU J 95 1.65 5.70 -4.52
C GLU J 95 1.09 4.64 -5.47
N GLN J 96 1.95 4.02 -6.27
CA GLN J 96 1.50 2.94 -7.13
C GLN J 96 1.09 1.71 -6.34
N GLN J 97 1.74 1.47 -5.19
CA GLN J 97 1.33 0.37 -4.32
C GLN J 97 -0.11 0.55 -3.85
N GLY J 98 -0.49 1.78 -3.50
CA GLY J 98 -1.87 2.03 -3.12
C GLY J 98 -2.82 2.01 -4.30
N LEU J 99 -2.39 2.58 -5.43
CA LEU J 99 -3.23 2.57 -6.63
C LEU J 99 -3.51 1.16 -7.11
N PHE J 100 -2.59 0.22 -6.83
CA PHE J 100 -2.84 -1.18 -7.17
C PHE J 100 -4.13 -1.68 -6.53
N ALA J 101 -4.22 -1.60 -5.19
CA ALA J 101 -5.42 -2.05 -4.50
C ALA J 101 -6.62 -1.18 -4.85
N ILE J 102 -6.40 0.12 -5.09
CA ILE J 102 -7.49 1.00 -5.49
C ILE J 102 -8.15 0.48 -6.77
N GLY J 103 -7.36 0.32 -7.82
CA GLY J 103 -7.90 -0.21 -9.06
C GLY J 103 -8.41 -1.62 -8.95
N TYR J 104 -7.79 -2.44 -8.10
CA TYR J 104 -8.27 -3.80 -7.87
C TYR J 104 -9.71 -3.79 -7.37
N TYR J 105 -9.97 -3.09 -6.27
CA TYR J 105 -11.31 -3.11 -5.72
C TYR J 105 -12.29 -2.32 -6.59
N HIS J 106 -11.81 -1.29 -7.30
CA HIS J 106 -12.68 -0.56 -8.22
C HIS J 106 -13.16 -1.47 -9.34
N GLU J 107 -12.24 -2.22 -9.96
CA GLU J 107 -12.62 -3.14 -11.02
C GLU J 107 -13.48 -4.28 -10.50
N THR J 108 -13.20 -4.74 -9.27
CA THR J 108 -14.05 -5.79 -8.69
C THR J 108 -15.49 -5.29 -8.52
N GLN J 109 -15.65 -4.05 -8.03
CA GLN J 109 -16.97 -3.49 -7.89
C GLN J 109 -17.64 -3.28 -9.24
N PHE J 110 -16.87 -2.84 -10.24
CA PHE J 110 -17.44 -2.64 -11.57
C PHE J 110 -17.86 -3.96 -12.21
N LEU J 111 -17.15 -5.06 -11.89
CA LEU J 111 -17.48 -6.35 -12.48
C LEU J 111 -18.68 -6.98 -11.78
N PHE J 112 -18.69 -6.98 -10.44
CA PHE J 112 -19.82 -7.55 -9.72
C PHE J 112 -21.03 -6.62 -9.78
N THR J 113 -21.62 -6.46 -10.96
CA THR J 113 -22.77 -5.59 -11.16
C THR J 113 -23.75 -6.26 -12.12
N LYS J 114 -24.95 -5.70 -12.18
CA LYS J 114 -26.00 -6.23 -13.04
C LYS J 114 -25.70 -5.96 -14.51
N ASP J 115 -25.96 -4.73 -14.96
CA ASP J 115 -25.72 -4.33 -16.35
C ASP J 115 -24.69 -3.21 -16.34
N ALA J 116 -23.44 -3.56 -16.60
CA ALA J 116 -22.36 -2.57 -16.65
C ALA J 116 -21.24 -3.04 -17.57
N LEU J 117 -20.67 -4.20 -17.28
CA LEU J 117 -19.61 -4.74 -18.13
C LEU J 117 -20.13 -5.07 -19.52
N LYS J 118 -21.29 -5.71 -19.60
CA LYS J 118 -21.89 -6.01 -20.90
C LYS J 118 -22.29 -4.74 -21.63
N ASN J 119 -22.75 -3.72 -20.89
CA ASN J 119 -23.11 -2.46 -21.52
C ASN J 119 -21.89 -1.77 -22.11
N LEU J 120 -20.75 -1.81 -21.40
CA LEU J 120 -19.52 -1.23 -21.94
C LEU J 120 -18.97 -2.06 -23.09
N PHE J 121 -19.17 -3.38 -23.06
CA PHE J 121 -18.72 -4.23 -24.15
C PHE J 121 -19.55 -4.04 -25.41
N ASN J 122 -20.84 -3.69 -25.25
CA ASN J 122 -21.69 -3.49 -26.41
C ASN J 122 -21.26 -2.29 -27.24
N GLU J 123 -20.65 -1.28 -26.60
CA GLU J 123 -20.18 -0.10 -27.31
C GLU J 123 -18.70 -0.24 -27.67
N ALA J 124 -18.42 -1.27 -28.47
CA ALA J 124 -17.06 -1.55 -28.90
C ALA J 124 -17.05 -2.24 -30.26
N THR M 1 -7.48 73.27 11.50
CA THR M 1 -8.59 72.34 11.36
C THR M 1 -8.86 72.05 9.88
N ILE M 2 -9.42 70.86 9.61
CA ILE M 2 -9.74 70.47 8.25
C ILE M 2 -11.12 71.02 7.88
N GLU M 3 -11.64 70.61 6.72
CA GLU M 3 -12.94 71.07 6.28
C GLU M 3 -13.73 70.00 5.54
N LYS M 4 -13.27 68.75 5.54
CA LYS M 4 -13.94 67.66 4.86
C LYS M 4 -14.15 66.50 5.81
N ARG M 5 -15.12 65.65 5.47
CA ARG M 5 -15.41 64.44 6.24
C ARG M 5 -14.69 63.26 5.60
N TYR M 6 -14.05 62.45 6.43
CA TYR M 6 -13.25 61.32 5.96
C TYR M 6 -13.76 60.05 6.64
N ASP M 7 -14.40 59.19 5.85
CA ASP M 7 -14.92 57.90 6.33
C ASP M 7 -14.15 56.81 5.57
N PHE M 8 -13.04 56.37 6.14
CA PHE M 8 -12.18 55.39 5.49
C PHE M 8 -12.60 53.97 5.87
N VAL M 9 -12.19 53.01 5.02
CA VAL M 9 -12.40 51.60 5.29
C VAL M 9 -11.04 50.93 5.47
N PHE M 10 -10.52 50.98 6.70
CA PHE M 10 -9.20 50.43 6.98
C PHE M 10 -9.22 48.92 6.84
N LEU M 11 -8.15 48.38 6.24
CA LEU M 11 -7.99 46.94 6.04
C LEU M 11 -6.61 46.54 6.55
N PHE M 12 -6.58 45.74 7.61
CA PHE M 12 -5.34 45.21 8.14
C PHE M 12 -5.55 43.75 8.51
N ASP M 13 -4.47 42.97 8.42
CA ASP M 13 -4.55 41.53 8.63
C ASP M 13 -3.57 41.07 9.70
N VAL M 14 -3.34 39.76 9.77
CA VAL M 14 -2.37 39.19 10.69
C VAL M 14 -1.80 37.93 10.06
N GLN M 15 -0.50 37.95 9.74
CA GLN M 15 0.13 36.81 9.09
C GLN M 15 0.33 35.67 10.08
N ASP M 16 1.06 35.93 11.16
CA ASP M 16 1.35 34.90 12.16
C ASP M 16 1.57 35.59 13.50
N GLY M 17 0.56 35.57 14.35
CA GLY M 17 0.65 36.19 15.65
C GLY M 17 -0.72 36.42 16.25
N ASN M 18 -0.71 36.97 17.45
CA ASN M 18 -1.95 37.27 18.17
C ASN M 18 -2.37 38.69 17.87
N PRO M 19 -3.48 38.91 17.16
CA PRO M 19 -3.90 40.28 16.84
C PRO M 19 -4.42 41.01 18.08
N ASN M 20 -5.55 40.56 18.61
CA ASN M 20 -6.17 41.16 19.79
C ASN M 20 -6.76 40.03 20.63
N GLY M 21 -5.94 39.48 21.53
CA GLY M 21 -6.42 38.44 22.41
C GLY M 21 -7.45 38.93 23.39
N ASP M 22 -8.29 38.01 23.87
CA ASP M 22 -9.36 38.34 24.80
C ASP M 22 -8.98 37.91 26.20
N PRO M 23 -8.86 38.83 27.16
CA PRO M 23 -8.65 38.43 28.56
C PRO M 23 -9.82 37.70 29.18
N ASP M 24 -10.90 37.47 28.44
CA ASP M 24 -12.04 36.73 28.96
C ASP M 24 -11.66 35.30 29.30
N ALA M 25 -10.81 34.67 28.49
CA ALA M 25 -10.37 33.30 28.72
C ALA M 25 -8.87 33.19 28.52
N GLY M 26 -8.13 34.18 29.01
CA GLY M 26 -6.69 34.18 28.90
C GLY M 26 -6.15 35.17 27.90
N ASN M 27 -5.92 34.71 26.67
CA ASN M 27 -5.35 35.59 25.65
C ASN M 27 -5.77 35.21 24.23
N LEU M 28 -6.84 34.45 24.06
CA LEU M 28 -7.26 34.04 22.73
C LEU M 28 -7.88 35.22 21.98
N PRO M 29 -7.67 35.31 20.67
CA PRO M 29 -8.26 36.44 19.92
C PRO M 29 -9.77 36.46 20.04
N ARG M 30 -10.32 37.65 20.22
CA ARG M 30 -11.76 37.82 20.40
C ARG M 30 -12.53 37.42 19.15
N ILE M 31 -12.73 36.12 18.96
CA ILE M 31 -13.49 35.65 17.81
C ILE M 31 -14.99 35.88 18.06
N ASP M 32 -15.75 35.86 16.98
CA ASP M 32 -17.19 36.01 17.08
C ASP M 32 -17.78 34.75 17.70
N PRO M 33 -18.52 34.86 18.81
CA PRO M 33 -19.04 33.66 19.48
C PRO M 33 -20.17 32.98 18.73
N GLN M 34 -20.41 33.37 17.48
CA GLN M 34 -21.46 32.77 16.67
C GLN M 34 -21.08 32.49 15.23
N THR M 35 -20.19 33.26 14.61
CA THR M 35 -19.77 33.01 13.24
C THR M 35 -18.29 32.68 13.11
N GLY M 36 -17.49 32.88 14.16
CA GLY M 36 -16.09 32.53 14.15
C GLY M 36 -15.16 33.60 13.63
N GLU M 37 -15.68 34.76 13.25
CA GLU M 37 -14.83 35.83 12.74
C GLU M 37 -14.15 36.56 13.89
N GLY M 38 -12.87 36.91 13.68
CA GLY M 38 -12.14 37.63 14.70
C GLY M 38 -12.61 39.06 14.82
N LEU M 39 -12.76 39.52 16.06
CA LEU M 39 -13.24 40.86 16.37
C LEU M 39 -12.13 41.61 17.12
N VAL M 40 -11.27 42.27 16.37
CA VAL M 40 -10.21 43.08 16.96
C VAL M 40 -10.79 44.42 17.40
N THR M 41 -10.58 44.77 18.66
CA THR M 41 -11.09 46.03 19.18
C THR M 41 -10.38 47.21 18.51
N ASP M 42 -11.15 48.26 18.23
CA ASP M 42 -10.58 49.46 17.64
C ASP M 42 -9.60 50.15 18.58
N VAL M 43 -9.71 49.90 19.89
CA VAL M 43 -8.78 50.51 20.85
C VAL M 43 -7.36 50.03 20.59
N CYS M 44 -7.20 48.81 20.07
CA CYS M 44 -5.87 48.33 19.71
C CYS M 44 -5.29 49.15 18.56
N LEU M 45 -6.09 49.43 17.54
CA LEU M 45 -5.62 50.26 16.43
C LEU M 45 -5.32 51.68 16.90
N LYS M 46 -6.13 52.21 17.82
CA LYS M 46 -5.85 53.53 18.36
C LYS M 46 -4.55 53.55 19.15
N ARG M 47 -4.29 52.49 19.92
CA ARG M 47 -3.03 52.39 20.64
C ARG M 47 -1.85 52.28 19.68
N LYS M 48 -2.02 51.55 18.58
CA LYS M 48 -0.95 51.45 17.59
C LYS M 48 -0.68 52.81 16.94
N VAL M 49 -1.74 53.58 16.66
CA VAL M 49 -1.58 54.92 16.14
C VAL M 49 -0.81 55.79 17.13
N ARG M 50 -1.19 55.71 18.41
CA ARG M 50 -0.50 56.49 19.43
C ARG M 50 0.97 56.11 19.50
N ASN M 51 1.27 54.81 19.44
CA ASN M 51 2.66 54.36 19.51
C ASN M 51 3.46 54.84 18.30
N PHE M 52 2.86 54.79 17.11
CA PHE M 52 3.57 55.27 15.92
C PHE M 52 3.83 56.76 16.00
N ILE M 53 2.85 57.53 16.50
CA ILE M 53 3.05 58.97 16.62
C ILE M 53 4.10 59.27 17.67
N GLN M 54 4.16 58.48 18.74
CA GLN M 54 5.20 58.68 19.75
C GLN M 54 6.57 58.35 19.21
N MET M 55 6.66 57.33 18.34
CA MET M 55 7.96 56.95 17.79
C MET M 55 8.44 57.95 16.75
N THR M 56 7.53 58.46 15.90
CA THR M 56 7.93 59.30 14.78
C THR M 56 8.16 60.74 15.21
N GLN M 57 7.19 61.34 15.89
CA GLN M 57 7.25 62.76 16.24
C GLN M 57 8.33 63.05 17.26
N ASN M 58 8.10 62.64 18.52
CA ASN M 58 9.04 62.86 19.61
C ASN M 58 9.32 64.35 19.81
N ASP M 59 8.27 65.16 19.77
CA ASP M 59 8.39 66.60 19.94
C ASP M 59 7.08 67.14 20.47
N GLU M 60 7.02 68.46 20.65
CA GLU M 60 5.82 69.11 21.14
C GLU M 60 4.76 69.20 20.03
N HIS M 61 3.56 69.59 20.43
CA HIS M 61 2.41 69.71 19.53
C HIS M 61 2.07 68.40 18.83
N HIS M 62 2.56 67.28 19.36
CA HIS M 62 2.33 65.97 18.75
C HIS M 62 2.58 64.85 19.75
N ASP M 63 2.30 65.12 21.02
CA ASP M 63 2.52 64.11 22.07
C ASP M 63 1.33 63.15 22.11
N ILE M 64 1.27 62.32 23.15
CA ILE M 64 0.32 61.21 23.18
C ILE M 64 -0.59 61.29 24.39
N PHE M 65 -0.08 61.84 25.50
CA PHE M 65 -0.80 61.86 26.78
C PHE M 65 -1.08 60.45 27.25
N ILE M 66 -1.98 59.74 26.56
CA ILE M 66 -2.25 58.34 26.85
C ILE M 66 -1.09 57.51 26.31
N ARG M 67 0.07 57.61 26.94
CA ARG M 67 1.29 56.99 26.46
C ARG M 67 1.56 55.70 27.24
N GLU M 68 2.78 55.20 27.16
CA GLU M 68 3.17 53.96 27.80
C GLU M 68 4.37 54.19 28.70
N LYS M 69 4.59 53.26 29.62
CA LYS M 69 5.74 53.31 30.53
C LYS M 69 6.88 52.40 30.09
N GLY M 70 6.66 51.56 29.08
CA GLY M 70 7.70 50.67 28.60
C GLY M 70 8.11 50.96 27.16
N ILE M 71 7.26 51.70 26.44
CA ILE M 71 7.58 52.04 25.06
C ILE M 71 8.46 53.28 25.01
N LEU M 72 8.07 54.34 25.71
CA LEU M 72 8.84 55.58 25.77
C LEU M 72 9.06 55.93 27.24
N ASN M 73 10.28 55.76 27.71
CA ASN M 73 10.61 56.04 29.12
C ASN M 73 12.10 56.35 29.27
N LYS M 93 -10.14 80.27 30.76
CA LYS M 93 -10.22 79.56 32.02
C LYS M 93 -10.47 78.06 31.79
N THR M 94 -11.74 77.71 31.59
CA THR M 94 -12.08 76.31 31.34
C THR M 94 -11.64 75.88 29.95
N GLU M 95 -11.95 76.68 28.94
CA GLU M 95 -11.55 76.37 27.57
C GLU M 95 -10.07 76.65 27.31
N ALA M 96 -9.39 77.38 28.20
CA ALA M 96 -7.99 77.68 28.00
C ALA M 96 -7.14 76.41 28.14
N ALA M 97 -7.34 75.66 29.22
CA ALA M 97 -6.60 74.41 29.40
C ALA M 97 -6.96 73.40 28.33
N ARG M 98 -8.25 73.35 27.93
CA ARG M 98 -8.65 72.45 26.87
C ARG M 98 -7.99 72.81 25.55
N GLN M 99 -7.94 74.10 25.23
CA GLN M 99 -7.29 74.52 23.98
C GLN M 99 -5.79 74.26 24.03
N TYR M 100 -5.17 74.45 25.19
CA TYR M 100 -3.73 74.17 25.31
C TYR M 100 -3.45 72.68 25.13
N MET M 101 -4.29 71.82 25.72
CA MET M 101 -4.11 70.39 25.56
C MET M 101 -4.37 69.95 24.13
N CYS M 102 -5.31 70.61 23.45
CA CYS M 102 -5.54 70.32 22.03
C CYS M 102 -4.36 70.77 21.18
N SER M 103 -3.70 71.86 21.56
CA SER M 103 -2.61 72.39 20.76
C SER M 103 -1.33 71.58 20.94
N ARG M 104 -0.97 71.28 22.18
CA ARG M 104 0.32 70.64 22.46
C ARG M 104 0.24 69.11 22.56
N TYR M 105 -0.82 68.51 22.02
CA TYR M 105 -0.96 67.06 22.01
C TYR M 105 -1.61 66.62 20.71
N TYR M 106 -1.27 65.40 20.28
CA TYR M 106 -1.81 64.83 19.05
C TYR M 106 -3.01 63.92 19.31
N ASP M 107 -2.92 63.07 20.34
CA ASP M 107 -4.03 62.17 20.65
C ASP M 107 -5.27 62.95 21.07
N ILE M 108 -5.10 64.16 21.58
CA ILE M 108 -6.24 64.98 21.98
C ILE M 108 -7.05 65.40 20.76
N ARG M 109 -6.37 65.85 19.70
CA ARG M 109 -7.05 66.20 18.47
C ARG M 109 -7.51 64.96 17.69
N THR M 110 -6.83 63.83 17.89
CA THR M 110 -7.13 62.63 17.11
C THR M 110 -8.38 61.93 17.61
N PHE M 111 -8.25 61.12 18.64
CA PHE M 111 -9.38 60.30 19.11
C PHE M 111 -10.23 60.98 20.16
N GLY M 112 -9.72 62.00 20.83
CA GLY M 112 -10.50 62.76 21.79
C GLY M 112 -9.73 62.96 23.08
N ALA M 113 -10.41 63.56 24.06
CA ALA M 113 -9.83 63.86 25.35
C ALA M 113 -10.94 63.97 26.38
N VAL M 114 -10.55 64.14 27.65
CA VAL M 114 -11.47 64.25 28.77
C VAL M 114 -10.84 65.08 29.88
N MET M 115 -10.70 66.39 29.66
CA MET M 115 -10.20 67.26 30.71
C MET M 115 -11.17 67.30 31.87
N THR M 116 -10.67 67.01 33.08
CA THR M 116 -11.54 66.92 34.24
C THR M 116 -12.22 68.26 34.54
N THR M 117 -11.65 69.36 34.07
CA THR M 117 -12.22 70.69 34.24
C THR M 117 -12.60 71.23 32.86
N GLY M 118 -13.50 70.50 32.19
CA GLY M 118 -13.94 70.84 30.85
C GLY M 118 -15.35 71.37 30.85
N LYS M 119 -16.02 71.19 29.72
CA LYS M 119 -17.37 71.71 29.52
C LYS M 119 -18.43 70.65 29.80
N ASN M 120 -18.88 69.95 28.76
CA ASN M 120 -19.90 68.91 28.90
C ASN M 120 -19.40 67.78 29.79
N ALA M 121 -19.47 67.99 31.11
CA ALA M 121 -18.94 67.03 32.08
C ALA M 121 -17.47 66.72 31.81
N GLY M 122 -16.76 67.69 31.22
CA GLY M 122 -15.37 67.49 30.85
C GLY M 122 -15.19 66.46 29.77
N GLN M 123 -15.59 66.78 28.54
CA GLN M 123 -15.52 65.84 27.43
C GLN M 123 -14.91 66.49 26.21
N VAL M 124 -14.17 65.68 25.46
CA VAL M 124 -13.67 66.05 24.13
C VAL M 124 -13.86 64.84 23.23
N ARG M 125 -14.91 64.88 22.39
CA ARG M 125 -15.25 63.71 21.59
C ARG M 125 -14.17 63.41 20.55
N GLY M 126 -13.76 64.42 19.79
CA GLY M 126 -12.74 64.23 18.78
C GLY M 126 -13.31 63.70 17.48
N PRO M 127 -12.70 64.07 16.35
CA PRO M 127 -13.21 63.64 15.05
C PRO M 127 -13.10 62.14 14.84
N VAL M 128 -11.87 61.62 14.92
CA VAL M 128 -11.58 60.23 14.58
C VAL M 128 -12.37 59.28 15.46
N GLN M 129 -13.29 58.52 14.84
CA GLN M 129 -14.08 57.50 15.52
C GLN M 129 -13.88 56.19 14.79
N LEU M 130 -13.21 55.24 15.46
CA LEU M 130 -12.86 53.98 14.83
C LEU M 130 -13.99 52.96 15.01
N THR M 131 -13.74 51.72 14.62
CA THR M 131 -14.75 50.67 14.62
C THR M 131 -14.08 49.34 14.97
N PHE M 132 -14.81 48.50 15.72
CA PHE M 132 -14.35 47.16 16.04
C PHE M 132 -14.01 46.39 14.77
N SER M 133 -12.75 46.04 14.60
CA SER M 133 -12.28 45.38 13.38
C SER M 133 -12.82 43.96 13.33
N ARG M 134 -13.79 43.74 12.45
CA ARG M 134 -14.36 42.41 12.23
C ARG M 134 -13.69 41.75 11.04
N SER M 135 -13.22 40.52 11.23
CA SER M 135 -12.57 39.80 10.16
C SER M 135 -13.57 39.41 9.08
N ILE M 136 -13.09 39.34 7.83
CA ILE M 136 -13.95 38.96 6.72
C ILE M 136 -14.31 37.48 6.82
N ASP M 137 -13.30 36.62 6.84
CA ASP M 137 -13.50 35.18 6.96
C ASP M 137 -13.30 34.74 8.40
N PRO M 138 -14.03 33.71 8.85
CA PRO M 138 -13.85 33.22 10.23
C PRO M 138 -12.44 32.72 10.45
N ILE M 139 -11.74 33.39 11.38
CA ILE M 139 -10.35 33.05 11.69
C ILE M 139 -10.32 31.78 12.52
N MET M 140 -9.11 31.25 12.76
CA MET M 140 -8.92 30.01 13.50
C MET M 140 -7.97 30.28 14.65
N THR M 141 -8.50 30.28 15.88
CA THR M 141 -7.68 30.50 17.07
C THR M 141 -6.76 29.30 17.26
N LEU M 142 -5.49 29.47 16.90
CA LEU M 142 -4.49 28.40 17.04
C LEU M 142 -3.89 28.49 18.44
N GLU M 143 -4.37 27.62 19.34
CA GLU M 143 -3.87 27.58 20.71
C GLU M 143 -2.45 27.03 20.70
N HIS M 144 -1.50 27.93 20.44
CA HIS M 144 -0.09 27.55 20.32
C HIS M 144 0.59 27.78 21.66
N SER M 145 0.50 26.79 22.54
CA SER M 145 1.18 26.86 23.83
C SER M 145 2.69 26.72 23.62
N ILE M 146 3.45 27.54 24.34
CA ILE M 146 4.91 27.57 24.21
C ILE M 146 5.52 27.61 25.60
N THR M 147 6.34 26.60 25.91
CA THR M 147 6.88 26.42 27.26
C THR M 147 8.09 27.33 27.49
N ARG M 148 8.43 27.50 28.77
CA ARG M 148 9.61 28.25 29.17
C ARG M 148 10.48 27.36 30.05
N MET M 149 11.81 27.51 29.91
CA MET M 149 12.77 26.74 30.68
C MET M 149 13.21 27.44 31.96
N ALA M 150 12.47 28.46 32.40
CA ALA M 150 12.85 29.20 33.61
C ALA M 150 11.59 29.79 34.22
N VAL M 151 11.34 29.50 35.50
CA VAL M 151 10.19 30.05 36.18
C VAL M 151 10.52 31.44 36.73
N THR M 152 9.47 32.18 37.08
CA THR M 152 9.62 33.53 37.59
C THR M 152 9.78 33.52 39.10
N ASN M 153 8.67 33.59 39.83
CA ASN M 153 8.68 33.56 41.28
C ASN M 153 8.84 32.12 41.77
N GLU M 154 8.92 31.95 43.08
CA GLU M 154 9.02 30.62 43.68
C GLU M 154 7.71 29.88 43.52
N LYS M 155 7.55 29.18 42.40
CA LYS M 155 6.31 28.45 42.13
C LYS M 155 6.14 27.30 43.11
N ASP M 156 4.88 26.91 43.33
CA ASP M 156 4.59 25.81 44.24
C ASP M 156 5.01 24.47 43.68
N ALA M 157 5.27 24.37 42.38
CA ALA M 157 5.69 23.13 41.75
C ALA M 157 7.16 23.12 41.35
N SER M 158 7.83 24.27 41.33
CA SER M 158 9.24 24.35 41.00
C SER M 158 10.05 23.70 42.12
N GLU M 159 10.16 22.37 42.04
CA GLU M 159 10.83 21.61 43.09
C GLU M 159 12.34 21.56 42.86
N THR M 160 12.86 20.34 42.66
CA THR M 160 14.31 20.14 42.51
C THR M 160 14.74 19.97 41.06
N GLY M 161 13.84 19.51 40.19
CA GLY M 161 14.21 19.26 38.81
C GLY M 161 14.32 20.51 37.96
N ASP M 162 13.75 20.46 36.76
CA ASP M 162 13.80 21.57 35.81
C ASP M 162 12.67 22.55 36.12
N ASN M 163 13.03 23.79 36.43
CA ASN M 163 12.05 24.84 36.73
C ASN M 163 11.45 25.31 35.42
N ARG M 164 10.30 24.73 35.07
CA ARG M 164 9.60 25.06 33.84
C ARG M 164 8.19 25.55 34.16
N THR M 165 7.62 26.31 33.23
CA THR M 165 6.25 26.81 33.35
C THR M 165 5.60 26.75 31.98
N MET M 166 4.46 26.07 31.89
CA MET M 166 3.77 25.91 30.62
C MET M 166 3.16 27.24 30.19
N GLY M 167 3.45 27.64 28.95
CA GLY M 167 2.95 28.87 28.40
C GLY M 167 1.73 28.67 27.50
N ARG M 168 1.28 29.79 26.93
CA ARG M 168 0.13 29.77 26.05
C ARG M 168 0.10 31.09 25.29
N LYS M 169 0.32 31.02 23.97
CA LYS M 169 0.31 32.20 23.10
C LYS M 169 -0.48 31.85 21.85
N PHE M 170 -1.74 32.25 21.82
CA PHE M 170 -2.60 31.96 20.68
C PHE M 170 -2.12 32.70 19.44
N THR M 171 -2.29 32.06 18.29
CA THR M 171 -1.88 32.63 17.01
C THR M 171 -3.03 32.53 16.02
N VAL M 172 -2.91 33.26 14.92
CA VAL M 172 -3.93 33.28 13.88
C VAL M 172 -3.27 33.04 12.53
N PRO M 173 -3.75 32.07 11.74
CA PRO M 173 -3.15 31.85 10.41
C PRO M 173 -3.37 33.02 9.48
N TYR M 174 -4.58 33.55 9.45
CA TYR M 174 -4.89 34.73 8.66
C TYR M 174 -6.24 35.28 9.10
N GLY M 175 -6.47 36.56 8.82
CA GLY M 175 -7.71 37.21 9.17
C GLY M 175 -7.71 38.69 8.83
N LEU M 176 -8.17 39.03 7.62
CA LEU M 176 -8.22 40.42 7.19
C LEU M 176 -9.29 41.17 7.96
N TYR M 177 -8.90 41.83 9.05
CA TYR M 177 -9.85 42.57 9.86
C TYR M 177 -10.27 43.86 9.17
N ARG M 178 -11.56 44.16 9.23
CA ARG M 178 -12.15 45.31 8.55
C ARG M 178 -12.41 46.40 9.58
N CYS M 179 -11.56 47.42 9.58
CA CYS M 179 -11.71 48.57 10.46
C CYS M 179 -12.32 49.74 9.70
N HIS M 180 -13.14 50.52 10.41
CA HIS M 180 -13.83 51.66 9.82
C HIS M 180 -13.58 52.90 10.65
N GLY M 181 -13.54 54.05 9.99
CA GLY M 181 -13.32 55.31 10.66
C GLY M 181 -14.29 56.37 10.17
N PHE M 182 -14.43 57.43 10.98
CA PHE M 182 -15.36 58.51 10.68
C PHE M 182 -14.74 59.82 11.19
N ILE M 183 -13.90 60.42 10.35
CA ILE M 183 -13.29 61.70 10.68
C ILE M 183 -14.23 62.82 10.22
N SER M 184 -14.64 63.67 11.16
CA SER M 184 -15.54 64.78 10.88
C SER M 184 -14.84 66.09 11.21
N THR M 185 -14.86 67.02 10.27
CA THR M 185 -14.25 68.33 10.48
C THR M 185 -14.98 69.14 11.55
N HIS M 186 -16.21 68.76 11.89
CA HIS M 186 -16.96 69.48 12.92
C HIS M 186 -16.22 69.43 14.26
N PHE M 187 -15.78 68.23 14.66
CA PHE M 187 -14.98 68.11 15.87
C PHE M 187 -13.55 68.58 15.68
N ALA M 188 -13.05 68.58 14.44
CA ALA M 188 -11.72 69.11 14.18
C ALA M 188 -11.66 70.62 14.39
N LYS M 189 -12.78 71.31 14.16
CA LYS M 189 -12.82 72.75 14.39
C LYS M 189 -12.66 73.09 15.87
N GLN M 190 -12.95 72.16 16.77
CA GLN M 190 -12.79 72.38 18.20
C GLN M 190 -11.55 71.73 18.78
N THR M 191 -11.09 70.62 18.21
CA THR M 191 -9.91 69.93 18.71
C THR M 191 -8.63 70.36 18.00
N GLY M 192 -8.72 71.06 16.88
CA GLY M 192 -7.53 71.49 16.17
C GLY M 192 -6.93 70.47 15.23
N PHE M 193 -7.69 69.46 14.84
CA PHE M 193 -7.20 68.44 13.92
C PHE M 193 -7.03 69.02 12.52
N SER M 194 -5.84 69.54 12.23
CA SER M 194 -5.57 70.19 10.96
C SER M 194 -5.25 69.14 9.89
N GLU M 195 -4.89 69.60 8.69
CA GLU M 195 -4.56 68.66 7.62
C GLU M 195 -3.25 67.94 7.88
N ASN M 196 -2.32 68.58 8.59
CA ASN M 196 -1.07 67.90 8.93
C ASN M 196 -1.31 66.73 9.86
N ASP M 197 -2.20 66.91 10.86
CA ASP M 197 -2.54 65.80 11.74
C ASP M 197 -3.23 64.68 10.98
N LEU M 198 -4.05 65.03 9.98
CA LEU M 198 -4.71 64.01 9.18
C LEU M 198 -3.70 63.24 8.33
N GLU M 199 -2.72 63.94 7.75
CA GLU M 199 -1.69 63.26 6.98
C GLU M 199 -0.84 62.37 7.88
N LEU M 200 -0.56 62.81 9.11
CA LEU M 200 0.16 61.97 10.05
C LEU M 200 -0.66 60.74 10.44
N PHE M 201 -1.98 60.90 10.59
CA PHE M 201 -2.83 59.76 10.88
C PHE M 201 -2.82 58.76 9.74
N TRP M 202 -2.82 59.25 8.49
CA TRP M 202 -2.76 58.35 7.33
C TRP M 202 -1.41 57.64 7.29
N GLN M 203 -0.31 58.38 7.49
CA GLN M 203 1.01 57.77 7.51
C GLN M 203 1.13 56.73 8.63
N ALA M 204 0.44 56.96 9.74
CA ALA M 204 0.38 55.96 10.80
C ALA M 204 -0.35 54.71 10.32
N LEU M 205 -1.61 54.88 9.90
CA LEU M 205 -2.39 53.75 9.42
C LEU M 205 -1.71 52.99 8.28
N VAL M 206 -0.75 53.62 7.61
CA VAL M 206 0.01 52.94 6.56
C VAL M 206 1.26 52.27 7.11
N ASN M 207 1.94 52.90 8.07
CA ASN M 207 3.25 52.43 8.50
C ASN M 207 3.34 52.15 10.00
N MET M 208 2.21 52.00 10.69
CA MET M 208 2.25 51.64 12.10
C MET M 208 2.40 50.15 12.33
N PHE M 209 2.09 49.33 11.32
CA PHE M 209 2.24 47.89 11.44
C PHE M 209 3.64 47.40 11.11
N ASP M 210 4.56 48.30 10.76
CA ASP M 210 5.95 47.95 10.53
C ASP M 210 6.84 48.27 11.72
N HIS M 211 6.35 49.01 12.70
CA HIS M 211 7.10 49.35 13.91
C HIS M 211 6.51 48.73 15.16
N ASP M 212 5.18 48.64 15.26
CA ASP M 212 4.52 48.04 16.41
C ASP M 212 4.51 46.53 16.24
N HIS M 213 5.62 45.89 16.59
CA HIS M 213 5.78 44.46 16.45
C HIS M 213 6.31 43.88 17.76
N SER M 214 6.07 42.59 17.94
CA SER M 214 6.52 41.88 19.14
C SER M 214 6.46 40.38 18.87
N ALA M 215 6.77 39.60 19.90
CA ALA M 215 6.72 38.14 19.78
C ALA M 215 5.31 37.59 19.86
N ALA M 216 4.37 38.33 20.44
CA ALA M 216 2.99 37.89 20.53
C ALA M 216 2.14 38.41 19.37
N ARG M 217 2.30 39.69 19.02
CA ARG M 217 1.53 40.25 17.91
C ARG M 217 1.98 39.66 16.57
N GLY M 218 3.26 39.31 16.45
CA GLY M 218 3.75 38.71 15.22
C GLY M 218 3.96 39.70 14.10
N GLN M 219 3.57 39.32 12.89
CA GLN M 219 3.73 40.15 11.70
C GLN M 219 2.36 40.62 11.22
N MET M 220 2.14 41.94 11.24
CA MET M 220 0.93 42.55 10.72
C MET M 220 1.32 43.62 9.71
N ASN M 221 0.43 43.84 8.74
CA ASN M 221 0.67 44.80 7.68
C ASN M 221 -0.62 45.51 7.33
N ALA M 222 -0.48 46.69 6.73
CA ALA M 222 -1.62 47.47 6.27
C ALA M 222 -1.94 47.10 4.83
N ARG M 223 -3.23 46.91 4.55
CA ARG M 223 -3.65 46.48 3.22
C ARG M 223 -4.17 47.67 2.40
N GLY M 224 -5.43 48.03 2.59
CA GLY M 224 -6.02 49.10 1.83
C GLY M 224 -6.59 50.22 2.67
N LEU M 225 -6.00 51.41 2.57
CA LEU M 225 -6.51 52.59 3.27
C LEU M 225 -7.35 53.42 2.30
N TYR M 226 -8.55 52.89 2.03
CA TYR M 226 -9.48 53.51 1.09
C TYR M 226 -10.23 54.61 1.82
N VAL M 227 -9.71 55.82 1.72
CA VAL M 227 -10.31 56.99 2.36
C VAL M 227 -11.36 57.60 1.44
N PHE M 228 -12.52 57.90 2.00
CA PHE M 228 -13.63 58.51 1.26
C PHE M 228 -13.73 59.97 1.70
N GLU M 229 -13.07 60.84 0.94
CA GLU M 229 -13.09 62.27 1.23
C GLU M 229 -14.35 62.89 0.62
N HIS M 230 -15.20 63.45 1.49
CA HIS M 230 -16.43 64.08 1.07
C HIS M 230 -16.23 65.59 0.94
N SER M 231 -16.82 66.16 -0.12
CA SER M 231 -16.65 67.59 -0.37
C SER M 231 -17.34 68.43 0.70
N ASN M 232 -18.51 67.99 1.14
CA ASN M 232 -19.26 68.73 2.15
C ASN M 232 -18.72 68.44 3.55
N ASN M 233 -18.88 69.40 4.45
CA ASN M 233 -18.45 69.22 5.83
C ASN M 233 -19.31 68.20 6.56
N LEU M 234 -20.54 67.95 6.08
CA LEU M 234 -21.42 66.97 6.70
C LEU M 234 -21.24 65.57 6.12
N GLY M 235 -20.66 65.46 4.93
CA GLY M 235 -20.45 64.16 4.32
C GLY M 235 -21.66 63.67 3.54
N ASP M 236 -21.64 63.86 2.23
CA ASP M 236 -22.77 63.47 1.39
C ASP M 236 -22.68 62.00 0.98
N ALA M 237 -22.55 61.11 1.96
CA ALA M 237 -22.44 59.69 1.68
C ALA M 237 -22.75 58.90 2.95
N PRO M 238 -23.52 57.82 2.87
CA PRO M 238 -23.79 57.03 4.07
C PRO M 238 -22.67 56.04 4.35
N ALA M 239 -22.51 55.71 5.63
CA ALA M 239 -21.42 54.83 6.04
C ALA M 239 -21.59 53.43 5.46
N ASP M 240 -22.80 52.89 5.53
CA ASP M 240 -23.05 51.53 5.04
C ASP M 240 -22.77 51.43 3.53
N SER M 241 -23.17 52.46 2.78
CA SER M 241 -22.93 52.44 1.34
C SER M 241 -21.43 52.49 1.04
N LEU M 242 -20.69 53.35 1.73
CA LEU M 242 -19.25 53.44 1.51
C LEU M 242 -18.54 52.15 1.91
N PHE M 243 -19.06 51.45 2.92
CA PHE M 243 -18.46 50.18 3.32
C PHE M 243 -18.78 49.08 2.32
N LYS M 244 -20.00 49.07 1.78
CA LYS M 244 -20.38 48.09 0.77
C LYS M 244 -19.67 48.35 -0.56
N ARG M 245 -19.26 49.59 -0.82
CA ARG M 245 -18.51 49.90 -2.03
C ARG M 245 -17.11 49.29 -2.02
N ILE M 246 -16.62 48.86 -0.87
CA ILE M 246 -15.33 48.17 -0.79
C ILE M 246 -15.57 46.72 -0.43
N GLN M 247 -15.87 45.90 -1.44
CA GLN M 247 -16.19 44.49 -1.21
C GLN M 247 -14.92 43.70 -0.98
N VAL M 248 -14.79 43.12 0.22
CA VAL M 248 -13.67 42.27 0.58
C VAL M 248 -14.21 40.86 0.78
N VAL M 249 -13.90 39.98 -0.17
CA VAL M 249 -14.37 38.60 -0.16
C VAL M 249 -13.20 37.69 -0.54
N LYS M 250 -13.45 36.39 -0.49
CA LYS M 250 -12.45 35.40 -0.83
C LYS M 250 -12.30 35.27 -2.34
N LYS M 251 -11.19 34.70 -2.76
CA LYS M 251 -10.91 34.50 -4.18
C LYS M 251 -11.69 33.31 -4.71
N ASP M 252 -11.50 33.01 -5.99
CA ASP M 252 -12.21 31.92 -6.64
C ASP M 252 -11.64 30.57 -6.25
N GLY M 253 -10.48 30.21 -6.80
CA GLY M 253 -9.87 28.92 -6.52
C GLY M 253 -9.28 28.79 -5.13
N VAL M 254 -9.26 29.87 -4.35
CA VAL M 254 -8.71 29.83 -3.00
C VAL M 254 -9.75 29.20 -2.08
N GLU M 255 -9.36 28.12 -1.40
CA GLU M 255 -10.26 27.47 -0.45
C GLU M 255 -10.26 28.15 0.91
N VAL M 256 -9.12 28.71 1.31
CA VAL M 256 -9.00 29.39 2.60
C VAL M 256 -7.93 30.46 2.46
N VAL M 257 -8.20 31.64 3.02
CA VAL M 257 -7.30 32.78 2.87
C VAL M 257 -6.03 32.56 3.67
N ARG M 258 -4.89 32.90 3.06
CA ARG M 258 -3.60 32.80 3.73
C ARG M 258 -2.71 34.03 3.55
N SER M 259 -2.91 34.83 2.51
CA SER M 259 -2.15 36.06 2.31
C SER M 259 -3.03 37.01 1.52
N PHE M 260 -2.43 38.05 0.95
CA PHE M 260 -3.19 39.01 0.16
C PHE M 260 -3.56 38.46 -1.22
N ASP M 261 -2.82 37.48 -1.72
CA ASP M 261 -3.15 36.85 -2.99
C ASP M 261 -4.34 35.89 -2.88
N ASP M 262 -4.94 35.77 -1.70
CA ASP M 262 -6.11 34.94 -1.50
C ASP M 262 -7.41 35.73 -1.34
N TYR M 263 -7.32 37.06 -1.19
CA TYR M 263 -8.49 37.91 -1.07
C TYR M 263 -8.79 38.60 -2.39
N LEU M 264 -9.95 39.26 -2.44
CA LEU M 264 -10.40 39.98 -3.64
C LEU M 264 -11.03 41.30 -3.17
N VAL M 265 -10.18 42.26 -2.85
CA VAL M 265 -10.64 43.58 -2.42
C VAL M 265 -10.98 44.40 -3.65
N SER M 266 -12.15 44.14 -4.23
CA SER M 266 -12.60 44.82 -5.44
C SER M 266 -13.29 46.12 -5.03
N VAL M 267 -12.65 47.25 -5.31
CA VAL M 267 -13.21 48.55 -5.00
C VAL M 267 -14.25 48.92 -6.05
N ASP M 268 -15.25 49.70 -5.65
CA ASP M 268 -16.33 50.14 -6.53
C ASP M 268 -16.35 51.66 -6.51
N ASP M 269 -15.56 52.27 -7.40
CA ASP M 269 -15.49 53.73 -7.53
C ASP M 269 -16.25 54.20 -8.76
N LYS M 270 -17.49 53.74 -8.92
CA LYS M 270 -18.32 54.08 -10.07
C LYS M 270 -19.50 54.98 -9.73
N ASN M 271 -19.96 54.98 -8.49
CA ASN M 271 -21.09 55.80 -8.07
C ASN M 271 -20.69 56.96 -7.17
N LEU M 272 -19.40 57.10 -6.86
CA LEU M 272 -18.92 58.18 -6.00
C LEU M 272 -18.15 59.23 -6.77
N GLU M 273 -18.23 59.23 -8.10
CA GLU M 273 -17.49 60.15 -8.95
C GLU M 273 -18.18 61.51 -9.11
N GLU M 274 -19.10 61.87 -8.22
CA GLU M 274 -19.78 63.16 -8.29
C GLU M 274 -19.16 64.19 -7.34
N THR M 275 -18.97 63.83 -6.08
CA THR M 275 -18.32 64.71 -5.11
C THR M 275 -17.36 64.01 -4.17
N LYS M 276 -17.45 62.70 -3.99
CA LYS M 276 -16.56 61.98 -3.09
C LYS M 276 -15.21 61.72 -3.77
N LEU M 277 -14.22 61.34 -2.95
CA LEU M 277 -12.88 61.06 -3.43
C LEU M 277 -12.39 59.80 -2.74
N LEU M 278 -12.19 58.72 -3.51
CA LEU M 278 -11.72 57.45 -2.97
C LEU M 278 -10.19 57.49 -2.94
N ARG M 279 -9.65 58.00 -1.84
CA ARG M 279 -8.20 58.12 -1.68
C ARG M 279 -7.63 56.75 -1.34
N LYS M 280 -6.83 56.19 -2.26
CA LYS M 280 -6.18 54.90 -2.05
C LYS M 280 -4.79 55.14 -1.48
N LEU M 281 -4.75 55.44 -0.19
CA LEU M 281 -3.50 55.73 0.50
C LEU M 281 -2.79 54.47 1.01
N GLY M 282 -3.46 53.33 0.99
CA GLY M 282 -2.84 52.09 1.45
C GLY M 282 -2.78 51.03 0.38
N GLY M 283 -3.86 50.84 -0.36
CA GLY M 283 -3.91 49.85 -1.42
C GLY M 283 -4.71 50.30 -2.62
N ARG N 1 -42.89 63.04 12.91
CA ARG N 1 -42.16 61.87 13.35
C ARG N 1 -41.21 61.36 12.27
N PHE N 2 -40.10 60.77 12.69
CA PHE N 2 -39.09 60.25 11.77
C PHE N 2 -38.80 58.80 12.14
N ILE N 3 -38.95 57.90 11.18
CA ILE N 3 -38.67 56.48 11.38
C ILE N 3 -37.26 56.18 10.88
N LEU N 4 -36.27 56.54 11.68
CA LEU N 4 -34.87 56.33 11.32
C LEU N 4 -34.39 54.99 11.87
N GLU N 5 -33.91 54.13 10.98
CA GLU N 5 -33.44 52.81 11.36
C GLU N 5 -31.96 52.85 11.71
N ILE N 6 -31.63 52.36 12.90
CA ILE N 6 -30.25 52.29 13.38
C ILE N 6 -29.83 50.82 13.36
N SER N 7 -28.80 50.50 12.58
CA SER N 7 -28.29 49.15 12.46
C SER N 7 -26.79 49.14 12.67
N GLY N 8 -26.27 48.00 13.13
CA GLY N 8 -24.86 47.86 13.37
C GLY N 8 -24.51 46.45 13.75
N ASP N 9 -23.21 46.15 13.72
CA ASP N 9 -22.74 44.81 14.06
C ASP N 9 -22.79 44.60 15.57
N LEU N 10 -22.04 45.40 16.32
CA LEU N 10 -21.96 45.29 17.76
C LEU N 10 -22.46 46.58 18.42
N ALA N 11 -22.90 46.45 19.67
CA ALA N 11 -23.45 47.58 20.42
C ALA N 11 -22.94 47.54 21.85
N CYS N 12 -23.13 48.64 22.56
CA CYS N 12 -22.70 48.74 23.95
C CYS N 12 -23.46 49.82 24.70
N PHE N 13 -24.78 49.69 24.81
CA PHE N 13 -25.58 50.59 25.62
C PHE N 13 -25.29 50.30 27.09
N THR N 14 -24.16 50.83 27.56
CA THR N 14 -23.67 50.52 28.90
C THR N 14 -24.67 50.96 29.95
N ARG N 15 -25.09 50.00 30.79
CA ARG N 15 -26.02 50.31 31.86
C ARG N 15 -25.35 51.22 32.89
N SER N 16 -26.17 52.05 33.53
CA SER N 16 -25.66 52.93 34.58
C SER N 16 -25.16 52.15 35.78
N GLU N 17 -25.71 50.96 36.03
CA GLU N 17 -25.27 50.16 37.17
C GLU N 17 -23.97 49.44 36.90
N LEU N 18 -23.82 48.87 35.70
CA LEU N 18 -22.64 48.11 35.34
C LEU N 18 -21.79 48.92 34.37
N LYS N 19 -21.18 49.99 34.90
CA LYS N 19 -20.24 50.78 34.13
C LYS N 19 -18.82 50.27 34.24
N VAL N 20 -18.46 49.68 35.39
CA VAL N 20 -17.15 49.06 35.53
C VAL N 20 -17.04 47.83 34.65
N GLU N 21 -18.15 47.10 34.46
CA GLU N 21 -18.23 45.99 33.53
C GLU N 21 -19.34 46.35 32.54
N ARG N 22 -18.96 46.95 31.41
CA ARG N 22 -19.91 47.51 30.46
C ARG N 22 -20.91 46.50 29.94
N VAL N 23 -21.83 46.07 30.81
CA VAL N 23 -22.93 45.20 30.39
C VAL N 23 -23.94 46.06 29.65
N SER N 24 -24.14 45.77 28.37
CA SER N 24 -25.01 46.60 27.53
C SER N 24 -26.46 46.46 27.97
N TYR N 25 -27.25 47.48 27.62
CA TYR N 25 -28.68 47.45 27.89
C TYR N 25 -29.35 46.41 27.00
N PRO N 26 -30.53 45.92 27.39
CA PRO N 26 -31.23 44.96 26.52
C PRO N 26 -31.53 45.51 25.14
N VAL N 27 -32.05 46.73 25.05
CA VAL N 27 -32.30 47.38 23.77
C VAL N 27 -31.52 48.68 23.71
N ILE N 28 -31.70 49.46 22.64
CA ILE N 28 -31.01 50.73 22.52
C ILE N 28 -31.56 51.71 23.54
N THR N 29 -30.66 52.42 24.21
CA THR N 29 -31.07 53.39 25.22
C THR N 29 -31.81 54.55 24.56
N PRO N 30 -32.95 54.98 25.09
CA PRO N 30 -33.60 56.18 24.55
C PRO N 30 -32.71 57.40 24.60
N SER N 31 -31.90 57.54 25.65
CA SER N 31 -30.90 58.60 25.68
C SER N 31 -29.88 58.42 24.55
N ALA N 32 -29.48 57.18 24.29
CA ALA N 32 -28.56 56.92 23.19
C ALA N 32 -29.21 57.23 21.84
N ALA N 33 -30.50 56.93 21.70
CA ALA N 33 -31.20 57.26 20.46
C ALA N 33 -31.28 58.78 20.26
N ARG N 34 -31.56 59.52 21.34
CA ARG N 34 -31.59 60.98 21.23
C ARG N 34 -30.20 61.52 20.91
N ASN N 35 -29.16 60.94 21.49
CA ASN N 35 -27.80 61.37 21.17
C ASN N 35 -27.46 61.08 19.71
N ILE N 36 -27.95 59.95 19.19
CA ILE N 36 -27.75 59.63 17.77
C ILE N 36 -28.44 60.66 16.90
N LEU N 37 -29.69 60.99 17.22
CA LEU N 37 -30.44 61.98 16.45
C LEU N 37 -29.77 63.35 16.52
N MET N 38 -29.16 63.69 17.65
CA MET N 38 -28.47 64.97 17.77
C MET N 38 -27.16 64.96 17.00
N ALA N 39 -26.43 63.83 17.02
CA ALA N 39 -25.20 63.74 16.25
C ALA N 39 -25.46 63.76 14.76
N ILE N 40 -26.66 63.33 14.34
CA ILE N 40 -27.04 63.47 12.93
C ILE N 40 -27.31 64.94 12.61
N LEU N 41 -28.07 65.62 13.47
CA LEU N 41 -28.34 67.04 13.32
C LEU N 41 -28.81 67.60 14.64
N TRP N 42 -28.22 68.71 15.06
CA TRP N 42 -28.64 69.38 16.29
C TRP N 42 -28.27 70.86 16.20
N LYS N 43 -28.85 71.64 17.10
CA LYS N 43 -28.67 73.08 17.14
C LYS N 43 -29.23 73.57 18.48
N PRO N 44 -28.79 74.74 18.96
CA PRO N 44 -29.34 75.27 20.22
C PRO N 44 -30.83 75.63 20.13
N ALA N 45 -31.46 75.35 18.99
CA ALA N 45 -32.88 75.57 18.79
C ALA N 45 -33.70 74.29 18.78
N ILE N 46 -33.16 73.21 18.22
CA ILE N 46 -33.87 71.94 18.11
C ILE N 46 -33.58 71.10 19.34
N ARG N 47 -34.63 70.52 19.93
CA ARG N 47 -34.52 69.63 21.08
C ARG N 47 -35.11 68.28 20.70
N TRP N 48 -34.25 67.28 20.54
CA TRP N 48 -34.70 65.96 20.12
C TRP N 48 -35.42 65.26 21.27
N LYS N 49 -36.40 64.43 20.91
CA LYS N 49 -37.18 63.68 21.89
C LYS N 49 -37.56 62.34 21.29
N VAL N 50 -37.18 61.26 21.95
CA VAL N 50 -37.45 59.91 21.45
C VAL N 50 -38.87 59.53 21.83
N LEU N 51 -39.60 58.93 20.88
CA LEU N 51 -41.00 58.56 21.08
C LEU N 51 -41.21 57.06 21.18
N LYS N 52 -40.58 56.27 20.29
CA LYS N 52 -40.81 54.83 20.27
C LYS N 52 -39.60 54.14 19.66
N ILE N 53 -39.20 53.03 20.29
CA ILE N 53 -38.12 52.18 19.79
C ILE N 53 -38.72 50.85 19.33
N GLU N 54 -38.43 50.48 18.09
CA GLU N 54 -38.89 49.22 17.51
C GLU N 54 -37.67 48.35 17.20
N ILE N 55 -37.55 47.23 17.91
CA ILE N 55 -36.42 46.34 17.75
C ILE N 55 -36.59 45.54 16.46
N LEU N 56 -35.50 45.40 15.71
CA LEU N 56 -35.51 44.67 14.45
C LEU N 56 -34.53 43.50 14.41
N LYS N 57 -33.80 43.24 15.50
CA LYS N 57 -32.87 42.13 15.56
C LYS N 57 -32.87 41.55 16.97
N PRO N 58 -32.74 40.23 17.09
CA PRO N 58 -32.83 39.62 18.42
C PRO N 58 -31.66 40.00 19.31
N ILE N 59 -31.92 39.98 20.62
CA ILE N 59 -30.89 40.31 21.60
C ILE N 59 -29.87 39.18 21.64
N GLN N 60 -28.60 39.53 21.42
CA GLN N 60 -27.52 38.55 21.38
C GLN N 60 -26.35 39.10 22.18
N TRP N 61 -26.11 38.54 23.36
CA TRP N 61 -25.04 39.01 24.22
C TRP N 61 -23.71 38.39 23.81
N THR N 62 -22.67 39.23 23.75
CA THR N 62 -21.33 38.79 23.41
C THR N 62 -20.35 39.48 24.35
N ASN N 63 -19.71 38.71 25.23
CA ASN N 63 -18.79 39.27 26.20
C ASN N 63 -17.43 39.52 25.56
N ILE N 64 -16.96 40.76 25.65
CA ILE N 64 -15.66 41.16 25.12
C ILE N 64 -14.96 41.93 26.23
N ARG N 65 -14.10 41.24 26.99
CA ARG N 65 -13.38 41.86 28.09
C ARG N 65 -12.30 42.76 27.52
N ARG N 66 -12.55 44.07 27.52
CA ARG N 66 -11.60 45.03 27.00
C ARG N 66 -10.74 45.58 28.13
N ASN N 67 -9.59 46.15 27.75
CA ASN N 67 -8.65 46.74 28.70
C ASN N 67 -8.76 48.25 28.58
N GLU N 68 -9.28 48.89 29.63
CA GLU N 68 -9.59 50.30 29.63
C GLU N 68 -8.65 51.05 30.58
N VAL N 69 -8.81 52.38 30.62
CA VAL N 69 -8.08 53.22 31.55
C VAL N 69 -9.04 53.64 32.65
N GLY N 70 -8.49 53.95 33.82
CA GLY N 70 -9.32 54.30 34.96
C GLY N 70 -9.01 55.64 35.60
N THR N 71 -8.16 56.43 34.94
CA THR N 71 -7.78 57.74 35.44
C THR N 71 -7.95 58.77 34.33
N LYS N 72 -8.61 59.88 34.64
CA LYS N 72 -8.91 60.91 33.65
C LYS N 72 -7.68 61.76 33.36
N MET N 73 -7.82 62.62 32.35
CA MET N 73 -6.78 63.57 31.99
C MET N 73 -7.13 64.95 32.53
N SER N 74 -6.09 65.76 32.75
CA SER N 74 -6.25 67.12 33.27
C SER N 74 -4.94 67.87 33.03
N GLU N 75 -4.88 69.09 33.53
CA GLU N 75 -3.68 69.90 33.44
C GLU N 75 -2.62 69.49 34.45
N ARG N 76 -3.00 68.74 35.48
CA ARG N 76 -2.05 68.30 36.50
C ARG N 76 -1.03 67.33 35.92
N SER N 77 -1.41 66.06 35.80
CA SER N 77 -0.51 65.05 35.27
C SER N 77 -0.39 65.20 33.76
N GLY N 78 0.83 65.46 33.29
CA GLY N 78 1.06 65.62 31.87
C GLY N 78 1.02 64.32 31.07
N SER N 79 0.97 63.18 31.75
CA SER N 79 0.93 61.88 31.09
C SER N 79 0.00 60.96 31.88
N LEU N 80 -0.22 59.77 31.33
CA LEU N 80 -1.11 58.79 31.95
C LEU N 80 -0.41 57.50 32.32
N TYR N 81 0.31 56.89 31.38
CA TYR N 81 0.97 55.59 31.59
C TYR N 81 -0.05 54.54 31.97
N ILE N 82 -0.62 53.86 30.98
CA ILE N 82 -1.67 52.88 31.24
C ILE N 82 -1.14 51.66 31.98
N GLU N 83 0.17 51.47 32.02
CA GLU N 83 0.74 50.35 32.77
C GLU N 83 0.51 50.48 34.28
N ASP N 84 0.18 51.68 34.75
CA ASP N 84 -0.13 51.90 36.15
C ASP N 84 -1.61 52.22 36.38
N ASN N 85 -2.41 52.32 35.33
CA ASN N 85 -3.83 52.63 35.43
C ASN N 85 -4.63 51.77 34.46
N ARG N 86 -4.29 50.49 34.38
CA ARG N 86 -5.00 49.57 33.51
C ARG N 86 -6.32 49.14 34.14
N GLN N 87 -7.35 48.96 33.31
CA GLN N 87 -8.66 48.54 33.80
C GLN N 87 -9.23 47.50 32.83
N GLN N 88 -9.37 46.27 33.31
CA GLN N 88 -9.94 45.19 32.51
C GLN N 88 -11.47 45.21 32.64
N ARG N 89 -12.06 46.26 32.05
CA ARG N 89 -13.50 46.44 32.09
C ARG N 89 -14.16 45.51 31.08
N ALA N 90 -15.00 44.60 31.58
CA ALA N 90 -15.75 43.71 30.70
C ALA N 90 -16.79 44.50 29.91
N SER N 91 -17.22 43.91 28.79
CA SER N 91 -18.18 44.56 27.91
C SER N 91 -19.06 43.49 27.28
N MET N 92 -20.23 43.25 27.87
CA MET N 92 -21.21 42.31 27.32
C MET N 92 -21.89 43.00 26.14
N LEU N 93 -21.21 42.96 24.99
CA LEU N 93 -21.68 43.66 23.81
C LEU N 93 -22.88 42.96 23.19
N LEU N 94 -23.63 43.71 22.39
CA LEU N 94 -24.83 43.23 21.73
C LEU N 94 -24.51 42.99 20.25
N LYS N 95 -24.33 41.73 19.89
CA LYS N 95 -24.00 41.37 18.51
C LYS N 95 -25.26 41.35 17.66
N ASP N 96 -25.15 41.93 16.45
CA ASP N 96 -26.24 41.98 15.49
C ASP N 96 -27.47 42.65 16.07
N VAL N 97 -27.55 43.98 15.98
CA VAL N 97 -28.66 44.75 16.51
C VAL N 97 -29.20 45.67 15.42
N ALA N 98 -30.49 45.96 15.50
CA ALA N 98 -31.14 46.85 14.54
C ALA N 98 -32.39 47.43 15.18
N TYR N 99 -32.52 48.75 15.15
CA TYR N 99 -33.67 49.43 15.73
C TYR N 99 -34.08 50.59 14.85
N ARG N 100 -35.39 50.78 14.67
CA ARG N 100 -35.95 51.92 13.96
C ARG N 100 -36.58 52.84 14.99
N ILE N 101 -35.84 53.88 15.39
CA ILE N 101 -36.28 54.77 16.46
C ILE N 101 -37.24 55.79 15.87
N HIS N 102 -38.52 55.70 16.26
CA HIS N 102 -39.51 56.70 15.90
C HIS N 102 -39.39 57.87 16.88
N ALA N 103 -39.07 59.05 16.36
CA ALA N 103 -38.85 60.20 17.23
C ALA N 103 -39.09 61.48 16.46
N ASP N 104 -39.37 62.56 17.22
CA ASP N 104 -39.53 63.89 16.67
C ASP N 104 -38.72 64.88 17.49
N PHE N 105 -38.93 66.18 17.27
CA PHE N 105 -38.20 67.21 18.00
C PHE N 105 -39.10 68.40 18.21
N ASP N 106 -38.73 69.22 19.20
CA ASP N 106 -39.48 70.43 19.53
C ASP N 106 -38.61 71.67 19.36
N MET N 107 -38.73 72.63 20.28
CA MET N 107 -37.95 73.86 20.22
C MET N 107 -37.54 74.26 21.62
N THR N 108 -36.30 74.72 21.76
CA THR N 108 -35.78 75.15 23.04
C THR N 108 -36.16 76.61 23.31
N SER N 109 -35.74 77.12 24.47
CA SER N 109 -36.00 78.52 24.79
C SER N 109 -35.10 79.45 23.99
N GLU N 110 -33.87 79.02 23.70
CA GLU N 110 -32.94 79.81 22.90
C GLU N 110 -33.04 79.43 21.42
N ALA N 111 -34.24 79.49 20.87
CA ALA N 111 -34.44 79.11 19.47
C ALA N 111 -33.85 80.13 18.52
N GLY N 112 -33.73 81.39 18.93
CA GLY N 112 -33.17 82.42 18.07
C GLY N 112 -34.17 82.90 17.04
N GLU N 113 -33.65 83.23 15.86
CA GLU N 113 -34.48 83.73 14.77
C GLU N 113 -35.03 82.61 13.90
N SER N 114 -34.15 81.73 13.40
CA SER N 114 -34.56 80.61 12.54
C SER N 114 -35.07 79.48 13.42
N ASP N 115 -36.32 79.62 13.86
CA ASP N 115 -36.98 78.63 14.70
C ASP N 115 -38.02 77.83 13.93
N ASN N 116 -37.84 77.67 12.62
CA ASN N 116 -38.80 76.95 11.80
C ASN N 116 -38.68 75.45 12.04
N TYR N 117 -39.80 74.81 12.39
CA TYR N 117 -39.80 73.36 12.58
C TYR N 117 -39.61 72.63 11.27
N VAL N 118 -40.25 73.12 10.20
CA VAL N 118 -40.15 72.46 8.89
C VAL N 118 -38.73 72.53 8.35
N LYS N 119 -38.01 73.62 8.61
CA LYS N 119 -36.65 73.75 8.13
C LYS N 119 -35.74 72.68 8.75
N PHE N 120 -35.78 72.56 10.07
CA PHE N 120 -34.98 71.54 10.74
C PHE N 120 -35.44 70.13 10.38
N ALA N 121 -36.75 69.93 10.18
CA ALA N 121 -37.23 68.62 9.77
C ALA N 121 -36.69 68.23 8.41
N GLU N 122 -36.71 69.16 7.45
CA GLU N 122 -36.19 68.87 6.12
C GLU N 122 -34.68 68.68 6.15
N MET N 123 -33.98 69.47 6.99
CA MET N 123 -32.53 69.29 7.11
C MET N 123 -32.19 67.91 7.66
N PHE N 124 -32.93 67.46 8.69
CA PHE N 124 -32.69 66.12 9.23
C PHE N 124 -33.04 65.04 8.22
N LYS N 125 -34.12 65.23 7.46
CA LYS N 125 -34.48 64.27 6.44
C LYS N 125 -33.40 64.15 5.38
N ARG N 126 -32.87 65.29 4.93
CA ARG N 126 -31.80 65.26 3.93
C ARG N 126 -30.53 64.62 4.49
N ARG N 127 -30.18 64.95 5.73
CA ARG N 127 -28.97 64.39 6.33
C ARG N 127 -29.12 62.88 6.55
N ALA N 128 -30.33 62.40 6.80
CA ALA N 128 -30.53 60.97 7.00
C ALA N 128 -30.63 60.21 5.69
N LYS N 129 -31.17 60.84 4.64
CA LYS N 129 -31.30 60.16 3.36
C LYS N 129 -29.98 60.14 2.60
N LYS N 130 -29.23 61.25 2.61
CA LYS N 130 -27.96 61.31 1.90
C LYS N 130 -26.86 60.61 2.69
N GLY N 131 -26.89 60.72 4.02
CA GLY N 131 -25.88 60.11 4.85
C GLY N 131 -25.00 61.11 5.57
N GLN N 132 -25.54 62.30 5.82
CA GLN N 132 -24.79 63.37 6.47
C GLN N 132 -25.06 63.36 7.97
N TYR N 133 -24.04 63.70 8.75
CA TYR N 133 -24.19 63.74 10.20
C TYR N 133 -23.09 64.62 10.79
N PHE N 134 -23.44 65.36 11.83
CA PHE N 134 -22.44 66.14 12.57
C PHE N 134 -21.43 65.22 13.25
N HIS N 135 -21.87 64.04 13.70
CA HIS N 135 -21.01 63.06 14.32
C HIS N 135 -21.57 61.68 14.03
N GLN N 136 -20.68 60.71 13.82
CA GLN N 136 -21.10 59.35 13.54
C GLN N 136 -21.91 58.79 14.70
N PRO N 137 -23.13 58.31 14.46
CA PRO N 137 -23.92 57.74 15.56
C PRO N 137 -23.22 56.54 16.19
N TYR N 138 -23.48 56.35 17.48
CA TYR N 138 -22.85 55.29 18.27
C TYR N 138 -23.91 54.42 18.92
N LEU N 139 -23.65 53.11 18.91
CA LEU N 139 -24.58 52.14 19.53
C LEU N 139 -24.20 51.95 21.00
N GLY N 140 -24.46 53.01 21.77
CA GLY N 140 -24.11 53.03 23.18
C GLY N 140 -22.67 53.38 23.47
N CYS N 141 -21.75 53.15 22.52
CA CYS N 141 -20.36 53.50 22.68
C CYS N 141 -19.81 53.89 21.32
N ARG N 142 -18.92 54.90 21.30
CA ARG N 142 -18.35 55.39 20.05
C ARG N 142 -17.45 54.37 19.37
N GLU N 143 -17.06 53.30 20.06
CA GLU N 143 -16.29 52.23 19.43
C GLU N 143 -17.12 51.40 18.48
N PHE N 144 -18.43 51.68 18.36
CA PHE N 144 -19.32 50.96 17.45
C PHE N 144 -20.18 51.97 16.71
N PRO N 145 -20.23 51.91 15.39
CA PRO N 145 -21.01 52.90 14.63
C PRO N 145 -22.46 52.50 14.48
N CYS N 146 -23.17 53.17 13.56
CA CYS N 146 -24.57 52.88 13.29
C CYS N 146 -24.79 53.02 11.79
N ASP N 147 -25.12 51.90 11.12
CA ASP N 147 -25.45 51.92 9.70
C ASP N 147 -26.88 52.45 9.56
N PHE N 148 -27.01 53.76 9.75
CA PHE N 148 -28.32 54.39 9.76
C PHE N 148 -28.92 54.45 8.35
N ARG N 149 -30.25 54.40 8.29
CA ARG N 149 -30.96 54.48 7.02
C ARG N 149 -32.37 54.96 7.30
N LEU N 150 -32.73 56.13 6.77
CA LEU N 150 -34.05 56.69 7.01
C LEU N 150 -35.12 55.86 6.31
N LEU N 151 -36.09 55.38 7.07
CA LEU N 151 -37.18 54.57 6.55
C LEU N 151 -38.47 55.37 6.58
N GLU N 152 -39.30 55.19 5.54
CA GLU N 152 -40.58 55.89 5.48
C GLU N 152 -41.66 55.19 6.27
N LYS N 153 -41.56 53.86 6.44
CA LYS N 153 -42.53 53.11 7.22
C LYS N 153 -41.89 51.89 7.85
N ALA N 154 -41.64 50.86 7.05
CA ALA N 154 -41.02 49.63 7.54
C ALA N 154 -40.33 48.93 6.39
N GLU N 155 -39.02 48.72 6.50
CA GLU N 155 -38.23 48.07 5.47
C GLU N 155 -37.35 46.97 6.04
N ASP N 156 -37.77 46.37 7.16
CA ASP N 156 -37.00 45.31 7.79
C ASP N 156 -37.94 44.47 8.65
N GLY N 157 -37.49 43.27 8.97
CA GLY N 157 -38.26 42.34 9.79
C GLY N 157 -37.87 42.42 11.25
N LEU N 158 -38.85 42.19 12.12
CA LEU N 158 -38.62 42.23 13.56
C LEU N 158 -38.81 40.84 14.17
N PRO N 159 -37.96 40.45 15.12
CA PRO N 159 -38.10 39.12 15.73
C PRO N 159 -39.11 39.11 16.88
N LEU N 160 -39.19 40.21 17.62
CA LEU N 160 -40.09 40.31 18.76
C LEU N 160 -41.50 40.61 18.24
N GLU N 161 -42.17 39.54 17.80
CA GLU N 161 -43.51 39.68 17.26
C GLU N 161 -44.57 39.58 18.35
N ASP N 162 -44.54 38.49 19.12
CA ASP N 162 -45.51 38.26 20.17
C ASP N 162 -45.05 38.95 21.45
N ILE N 163 -45.72 38.63 22.57
CA ILE N 163 -45.35 39.22 23.86
C ILE N 163 -44.02 38.63 24.31
N THR N 164 -43.05 39.50 24.55
CA THR N 164 -41.70 39.05 24.92
C THR N 164 -41.42 39.32 26.39
N GLN N 165 -40.18 39.72 26.70
CA GLN N 165 -39.74 39.93 28.06
C GLN N 165 -39.61 41.42 28.36
N ASP N 166 -40.08 41.82 29.53
CA ASP N 166 -39.93 43.20 29.98
C ASP N 166 -38.55 43.40 30.59
N PHE N 167 -37.94 44.54 30.27
CA PHE N 167 -36.57 44.84 30.68
C PHE N 167 -36.51 45.77 31.90
N GLY N 168 -37.66 46.06 32.52
CA GLY N 168 -37.68 46.89 33.71
C GLY N 168 -37.32 48.35 33.44
N PHE N 169 -36.94 49.04 34.51
CA PHE N 169 -36.52 50.43 34.42
C PHE N 169 -35.19 50.52 33.68
N MET N 170 -35.19 51.26 32.57
CA MET N 170 -34.00 51.61 31.81
C MET N 170 -33.83 53.12 31.82
N LEU N 171 -32.60 53.56 31.61
CA LEU N 171 -32.28 54.99 31.61
C LEU N 171 -32.96 55.66 30.42
N TYR N 172 -34.02 56.42 30.69
CA TYR N 172 -34.71 57.17 29.64
C TYR N 172 -33.81 58.26 29.08
N ASP N 173 -33.65 59.34 29.84
CA ASP N 173 -32.82 60.47 29.43
C ASP N 173 -32.51 61.29 30.67
N MET N 174 -31.22 61.56 30.89
CA MET N 174 -30.80 62.32 32.06
C MET N 174 -31.37 63.73 31.99
N ASP N 175 -31.70 64.28 33.17
CA ASP N 175 -32.31 65.59 33.27
C ASP N 175 -31.21 66.65 33.26
N PHE N 176 -31.17 67.45 32.19
CA PHE N 176 -30.19 68.52 32.05
C PHE N 176 -30.85 69.91 32.11
N SER N 177 -32.04 69.99 32.70
CA SER N 177 -32.72 71.28 32.81
C SER N 177 -32.03 72.17 33.84
N LYS N 178 -31.50 71.58 34.91
CA LYS N 178 -30.78 72.32 35.94
C LYS N 178 -29.33 72.60 35.56
N SER N 179 -28.93 72.32 34.32
CA SER N 179 -27.55 72.50 33.89
C SER N 179 -27.41 73.80 33.11
N ASP N 180 -26.27 74.46 33.30
CA ASP N 180 -25.93 75.65 32.53
C ASP N 180 -25.58 75.25 31.11
N PRO N 181 -25.38 76.22 30.21
CA PRO N 181 -24.79 75.91 28.91
C PRO N 181 -23.54 75.04 29.06
N ARG N 182 -23.47 73.99 28.24
CA ARG N 182 -22.51 72.91 28.41
C ARG N 182 -22.75 72.23 29.76
N ASP N 183 -23.41 71.07 29.73
CA ASP N 183 -23.91 70.45 30.94
C ASP N 183 -22.79 70.07 31.89
N SER N 184 -23.13 70.02 33.19
CA SER N 184 -22.19 69.63 34.22
C SER N 184 -22.89 68.84 35.31
N ASN N 185 -23.87 69.45 35.96
CA ASN N 185 -24.67 68.81 37.00
C ASN N 185 -26.02 68.39 36.43
N ASN N 186 -26.40 67.14 36.66
CA ASN N 186 -27.62 66.59 36.08
C ASN N 186 -28.23 65.58 37.04
N ALA N 187 -29.34 64.97 36.61
CA ALA N 187 -30.01 63.93 37.38
C ALA N 187 -30.15 62.71 36.48
N GLU N 188 -31.01 61.77 36.87
CA GLU N 188 -31.22 60.53 36.12
C GLU N 188 -32.66 60.08 36.28
N PRO N 189 -33.59 60.65 35.51
CA PRO N 189 -34.97 60.15 35.50
C PRO N 189 -35.12 58.99 34.52
N MET N 190 -35.73 57.91 34.98
CA MET N 190 -35.85 56.69 34.20
C MET N 190 -37.31 56.31 34.02
N PHE N 191 -37.54 55.22 33.30
CA PHE N 191 -38.89 54.83 32.93
C PHE N 191 -38.96 53.32 32.70
N TYR N 192 -40.19 52.80 32.80
CA TYR N 192 -40.46 51.39 32.57
C TYR N 192 -40.58 51.09 31.08
N GLN N 193 -40.29 49.84 30.72
CA GLN N 193 -40.47 49.36 29.37
C GLN N 193 -41.92 49.07 29.03
N CYS N 194 -42.80 49.10 30.03
CA CYS N 194 -44.18 48.64 29.88
C CYS N 194 -44.19 47.19 29.42
N LYS N 195 -44.10 46.97 28.11
CA LYS N 195 -44.07 45.61 27.58
C LYS N 195 -43.53 45.65 26.16
N ALA N 196 -42.52 44.82 25.88
CA ALA N 196 -41.87 44.78 24.57
C ALA N 196 -42.69 43.89 23.63
N VAL N 197 -43.85 44.42 23.23
CA VAL N 197 -44.76 43.67 22.38
C VAL N 197 -44.21 43.56 20.96
N ASN N 198 -43.79 44.69 20.40
CA ASN N 198 -43.22 44.72 19.06
C ASN N 198 -42.35 45.96 18.91
N GLY N 199 -42.81 47.08 19.46
CA GLY N 199 -42.08 48.33 19.44
C GLY N 199 -42.36 49.16 20.68
N VAL N 200 -41.41 49.17 21.61
CA VAL N 200 -41.63 49.82 22.90
C VAL N 200 -41.66 51.32 22.72
N ILE N 201 -42.54 51.99 23.47
CA ILE N 201 -42.68 53.44 23.40
C ILE N 201 -42.06 54.07 24.65
N THR N 202 -41.70 55.34 24.53
CA THR N 202 -41.13 56.10 25.63
C THR N 202 -42.14 57.08 26.19
N VAL N 203 -41.96 57.43 27.47
CA VAL N 203 -42.81 58.37 28.17
C VAL N 203 -42.12 59.72 28.18
N PRO N 204 -42.60 60.71 27.43
CA PRO N 204 -41.94 62.03 27.43
C PRO N 204 -42.16 62.75 28.73
N PRO N 205 -41.16 63.50 29.22
CA PRO N 205 -41.25 64.26 30.48
C PRO N 205 -42.33 65.33 30.44
#